data_8YIG
#
_entry.id   8YIG
#
_cell.length_a   1.00
_cell.length_b   1.00
_cell.length_c   1.00
_cell.angle_alpha   90.00
_cell.angle_beta   90.00
_cell.angle_gamma   90.00
#
_symmetry.space_group_name_H-M   'P 1'
#
loop_
_entity.id
_entity.type
_entity.pdbx_description
1 polymer 'Dicer-2, isoform A'
2 polymer 'Isoform PD of Protein Loquacious'
3 polymer slm2
#
loop_
_entity_poly.entity_id
_entity_poly.type
_entity_poly.pdbx_seq_one_letter_code
_entity_poly.pdbx_strand_id
1 'polypeptide(L)'
;EDVEIKPRGYQLRLVDHLTKSNGIVYLPTGSGKTFVAILVLKRFSQDFDKPIESGGKRALFMCNTVELARQQAMAVRRCT
NFKVGFYVGEQGVDDWTRGMWSDEIKKNQVLVGTAQVFLDMVTQTYVALSSLSVVIIDECHHGTGHHPFREFMRLFTIAN
QTKLPRVVGLTGVLIKGNEITNVATKLKELEITYRGNIITVSDTKEMENVMLYATKPTEVMVSFPHQEQVLTVTRLISAE
IEKFYVSLDLMNIGVQPIRRSKSLQCLRDPSKKSFVKQLFNDFLYQMKEYGIYAASIAIISLIVEFDIKRRQAETLSVKL
MHRTALTLCEKIRHLLVQKLQDMTYDDDDDNVNTEEVIMNFSTPKVQRFLMSLKVSFADKDPKDICCLVFVERRYTCKCI
YGLLLNYIQSTPELRNVLTPQFMVGRNNISPDFESVLERKWQKSAIQQFRDGNANLMICSSVLEEGIDVQACNHVFILDP
VKTFNMYVQSKGRARTTEAKFVLFTADKEREKTIQQIYQYRKAHNDIAEYLKDRVLEKTEPELYEIKGHFQDDIDPFTNE
NGAVLLPNNALAILHRYCQTIPTDAFGFVIPWFHVLQEDERDRIFGVSAKGKHVISINMPVNCMLRDTIYSDPMDNVKTA
KISAAFKACKVLYSLGELNERFVPKTLKERVASIADVHFEHWNKYGDSVTATVNKADKSKDRTYKTECPLEFYDALPRVG
EICYAYEIFLEPQFESCEYTEHMYLNLQTPRNYAILLRNKLPRLAEMPLFSNQGKLHVRVANAPLEVIIQNSEQLELLHQ
FHGMVFRDILKIWHPFFVLDRRSKENSYLVVPLILGAGEQKCFDWELMTNFRRLPQSHGSNVQQREQQPAPRPEDFEGKI
VTQWYANYDKPMLVTKVHRELTPLSYMEKNQQDKTYYEFTMSKYGNRIGDVVHKDKFMIEVRDLTEQLTFYVHNRGKFNA
KSKAKMKVILIPELCFNFNFPGDLWLKLIFLPSILNRMYFLLHAEALRKRFNTYLNLHLLPFNGTDYMPRPLEIDYSLKR
NVDPLGNVIPTEDIEEPKSLLEPMPTKSIEASVANLEITEFENPWQKYMEPVDLSRNLLSTYPVELDYYYHFSVGNVCEM
NEMDFEDKEYWAKNQFHMPTGNIYGNRTPAKTNANVPALMPSKPTVRGKVKPLLILQKTVSKEHITPAEQGEFLAAITAS
SAADVFDMERLEILGNSFLKLSATLYLASKYSDWNEGTLTEVKSKLVSNRNLLFCLIDADIPKTLNTIQFTPRYTWLPPG
ISLPHNVLALWRENPEFAKIIGPHNLRDLALGDEESLVKGNCSDINYNRFVEGCRANGQSFYAGADFSSEVNFCVGLVTI
PNKVIADTLEALLGVIVKNYGLQHAFKMLEYFKICRADIDKPLTQLLNLELGGKKMRANVNTTEIDGFLINHYYLEKNLG
YTFKDRRYLLQALTHPSYPTNRITGSYQELEFIGNAILDFLISAYIFENNTKMNPGALTDLRSALVNNTTLACICVRHRL
HFFILAENAKLSEIISKFVNFQESQGHRVTNYVRILLEEADVQPTPLDLDDELDMTELPHANKCISQEAEKGVPPKGEFN
MSTNVDVPKALGDVLEALIAAVYLDCRDLQRTWEVIFNLFEPELQEFTRKVPINHIRQLVEHKHAKPVFSSPIVEGETVM
VSCQFTCMEKTIKVYGFGSNKDQAKLSAAKHALQQLSKCDA
;
A,E
2 'polypeptide(L)'
;MDQENFHGSSLPQQLQNLHIQPQQASPNPVQTGFAPRRHYNNLVGLGNGNAVSGSPVKGAPLGQRHVKLKKEKISAQVAQ
LSQPGQLQLSDVGDPALAGGSGLQGGVGLMGVILPSDEALKFVSETDANGLAMKTPVSILQELLSRRGITPGYELVQIEG
AIHEPTFRFRVSFKDKDTPFTAMGAGRSKKEAKHAAARALIDKLIGAQLPESPSSSAGPSVTGLTVAGSGGDGNANATGG
GDASDKTVGNPIGWLQEMCMQRRWPPPSYETETEVGLPHERLFTIACSILNYREMGKGKSKKIAKRLAAHRMWMRLQETP
IDSGKISDSICGELEGEVSIIQDIDRYEQVSKDFEFIKI
;
B,F
3 'polyribonucleotide'
;GGUUAGCUCCCGGCGCUUCACAGGCGCUGGAAAAUCUUAACCGCCGGAAGUCACUUCCGCUGGCUUUGAUUUUCCAGCGU
CUGUCGAGCGGAAGGAGGGACCUU
;
D,C
#
loop_
_chem_comp.id
_chem_comp.type
_chem_comp.name
_chem_comp.formula
A RNA linking ADENOSINE-5'-MONOPHOSPHATE 'C10 H14 N5 O7 P'
C RNA linking CYTIDINE-5'-MONOPHOSPHATE 'C9 H14 N3 O8 P'
G RNA linking GUANOSINE-5'-MONOPHOSPHATE 'C10 H14 N5 O8 P'
U RNA linking URIDINE-5'-MONOPHOSPHATE 'C9 H13 N2 O9 P'
#
# COMPACT_ATOMS: atom_id res chain seq x y z
N GLU A 1 36.98 -2.35 34.38
CA GLU A 1 36.97 -1.39 33.29
C GLU A 1 36.48 -2.03 32.00
N ASP A 2 35.34 -2.71 32.08
CA ASP A 2 34.75 -3.35 30.92
C ASP A 2 33.23 -3.32 31.05
N VAL A 3 32.56 -3.40 29.90
CA VAL A 3 31.10 -3.34 29.87
C VAL A 3 30.48 -4.72 30.02
N GLU A 4 31.00 -5.71 29.29
CA GLU A 4 30.43 -7.05 29.35
C GLU A 4 30.61 -7.63 30.74
N ILE A 5 29.56 -8.27 31.23
CA ILE A 5 29.55 -8.83 32.57
C ILE A 5 30.17 -10.22 32.56
N LYS A 6 31.14 -10.43 33.44
CA LYS A 6 31.69 -11.77 33.48
C LYS A 6 31.02 -12.59 34.57
N PRO A 7 30.84 -13.89 34.35
CA PRO A 7 30.25 -14.73 35.39
C PRO A 7 31.12 -14.76 36.64
N ARG A 8 30.46 -14.80 37.79
CA ARG A 8 31.14 -14.77 39.07
C ARG A 8 31.47 -16.18 39.54
N GLY A 9 32.33 -16.27 40.56
CA GLY A 9 32.78 -17.58 41.01
C GLY A 9 31.67 -18.45 41.54
N TYR A 10 30.74 -17.86 42.30
CA TYR A 10 29.61 -18.64 42.80
C TYR A 10 28.72 -19.10 41.66
N GLN A 11 28.55 -18.26 40.63
CA GLN A 11 27.78 -18.67 39.47
C GLN A 11 28.42 -19.84 38.74
N LEU A 12 29.75 -19.80 38.59
CA LEU A 12 30.46 -20.93 37.99
C LEU A 12 30.30 -22.18 38.83
N ARG A 13 30.39 -22.05 40.16
CA ARG A 13 30.20 -23.22 41.02
C ARG A 13 28.81 -23.79 40.88
N LEU A 14 27.80 -22.92 40.84
CA LEU A 14 26.42 -23.39 40.68
C LEU A 14 26.22 -24.10 39.36
N VAL A 15 26.76 -23.54 38.27
CA VAL A 15 26.58 -24.17 36.96
C VAL A 15 27.33 -25.49 36.90
N ASP A 16 28.51 -25.55 37.52
CA ASP A 16 29.26 -26.81 37.56
C ASP A 16 28.51 -27.87 38.34
N HIS A 17 27.87 -27.48 39.45
CA HIS A 17 27.05 -28.42 40.19
C HIS A 17 25.83 -28.86 39.39
N LEU A 18 25.26 -27.94 38.62
CA LEU A 18 24.02 -28.23 37.91
C LEU A 18 24.26 -29.14 36.72
N THR A 19 25.34 -28.92 35.98
CA THR A 19 25.60 -29.70 34.77
C THR A 19 25.84 -31.17 35.07
N LYS A 20 26.24 -31.52 36.29
CA LYS A 20 26.45 -32.91 36.65
C LYS A 20 25.26 -33.48 37.41
N SER A 21 24.50 -32.65 38.11
CA SER A 21 23.35 -33.09 38.87
C SER A 21 22.30 -32.00 38.89
N ASN A 22 21.06 -32.37 38.56
CA ASN A 22 19.96 -31.41 38.57
C ASN A 22 19.60 -31.01 40.00
N GLY A 23 18.90 -29.89 40.12
CA GLY A 23 18.56 -29.38 41.43
C GLY A 23 17.86 -28.04 41.35
N ILE A 24 17.83 -27.35 42.48
CA ILE A 24 17.16 -26.06 42.60
C ILE A 24 18.17 -25.04 43.11
N VAL A 25 18.20 -23.87 42.46
CA VAL A 25 19.07 -22.77 42.87
C VAL A 25 18.21 -21.73 43.58
N TYR A 26 18.62 -21.37 44.80
CA TYR A 26 17.88 -20.44 45.66
C TYR A 26 18.75 -19.21 45.89
N LEU A 27 18.47 -18.15 45.14
CA LEU A 27 19.21 -16.91 45.21
C LEU A 27 18.25 -15.74 45.30
N PRO A 28 18.67 -14.63 45.89
CA PRO A 28 17.81 -13.44 45.94
C PRO A 28 17.49 -12.94 44.54
N THR A 29 16.29 -12.39 44.39
CA THR A 29 15.83 -11.92 43.10
C THR A 29 16.72 -10.82 42.56
N GLY A 30 17.04 -10.88 41.28
CA GLY A 30 17.86 -9.85 40.65
C GLY A 30 18.58 -10.41 39.44
N SER A 31 19.72 -9.78 39.13
CA SER A 31 20.46 -10.13 37.93
C SER A 31 21.17 -11.48 38.05
N GLY A 32 21.60 -11.84 39.26
CA GLY A 32 22.29 -13.11 39.41
C GLY A 32 21.41 -14.31 39.12
N LYS A 33 20.15 -14.25 39.55
CA LYS A 33 19.26 -15.39 39.40
C LYS A 33 18.91 -15.65 37.94
N THR A 34 18.89 -14.61 37.11
CA THR A 34 18.68 -14.83 35.68
C THR A 34 19.98 -15.09 34.94
N PHE A 35 21.11 -14.58 35.44
CA PHE A 35 22.38 -14.88 34.80
C PHE A 35 22.77 -16.34 34.99
N VAL A 36 22.46 -16.92 36.14
CA VAL A 36 22.74 -18.34 36.32
C VAL A 36 21.88 -19.17 35.38
N ALA A 37 20.64 -18.74 35.16
CA ALA A 37 19.78 -19.41 34.19
C ALA A 37 20.37 -19.30 32.78
N ILE A 38 20.87 -18.12 32.42
CA ILE A 38 21.49 -17.94 31.11
C ILE A 38 22.70 -18.86 30.97
N LEU A 39 23.51 -18.95 32.03
CA LEU A 39 24.71 -19.78 31.97
C LEU A 39 24.36 -21.25 31.85
N VAL A 40 23.38 -21.73 32.62
CA VAL A 40 23.02 -23.14 32.54
C VAL A 40 22.37 -23.45 31.20
N LEU A 41 21.64 -22.48 30.63
CA LEU A 41 21.10 -22.66 29.29
C LEU A 41 22.21 -22.78 28.27
N LYS A 42 23.25 -21.95 28.39
CA LYS A 42 24.38 -22.03 27.47
C LYS A 42 25.14 -23.33 27.65
N ARG A 43 25.13 -23.89 28.86
CA ARG A 43 25.88 -25.12 29.12
C ARG A 43 25.29 -26.29 28.36
N PHE A 44 23.97 -26.34 28.24
CA PHE A 44 23.28 -27.47 27.62
C PHE A 44 22.88 -27.19 26.17
N SER A 45 23.72 -26.47 25.42
CA SER A 45 23.41 -26.10 24.05
C SER A 45 24.20 -26.93 23.04
N GLN A 46 24.72 -28.09 23.45
CA GLN A 46 25.53 -28.91 22.56
C GLN A 46 24.76 -29.41 21.35
N ASP A 47 23.52 -29.87 21.56
CA ASP A 47 22.72 -30.46 20.49
C ASP A 47 21.60 -29.55 20.03
N PHE A 48 21.82 -28.23 20.05
CA PHE A 48 20.77 -27.29 19.62
C PHE A 48 20.62 -27.30 18.11
N ASP A 49 21.74 -27.34 17.39
CA ASP A 49 21.71 -27.23 15.93
C ASP A 49 21.14 -28.46 15.25
N LYS A 50 21.50 -29.65 15.75
CA LYS A 50 21.06 -30.88 15.11
C LYS A 50 19.54 -31.03 15.24
N PRO A 51 18.84 -31.40 14.17
CA PRO A 51 17.40 -31.60 14.27
C PRO A 51 17.06 -32.81 15.13
N ILE A 52 15.80 -32.86 15.56
CA ILE A 52 15.36 -33.91 16.48
C ILE A 52 15.49 -35.28 15.85
N GLU A 53 15.11 -35.40 14.57
CA GLU A 53 15.20 -36.69 13.89
C GLU A 53 16.64 -37.17 13.76
N SER A 54 17.62 -36.27 13.90
CA SER A 54 19.03 -36.62 13.84
C SER A 54 19.68 -36.68 15.22
N GLY A 55 18.89 -36.94 16.26
CA GLY A 55 19.42 -37.01 17.60
C GLY A 55 19.59 -35.67 18.29
N GLY A 56 18.99 -34.61 17.76
CA GLY A 56 19.10 -33.30 18.37
C GLY A 56 18.22 -33.16 19.60
N LYS A 57 18.45 -32.05 20.31
CA LYS A 57 17.71 -31.77 21.53
C LYS A 57 17.40 -30.27 21.57
N ARG A 58 16.59 -29.88 22.55
CA ARG A 58 16.18 -28.49 22.71
C ARG A 58 16.20 -28.11 24.19
N ALA A 59 15.93 -26.84 24.45
CA ALA A 59 15.82 -26.33 25.81
C ALA A 59 14.45 -25.68 25.98
N LEU A 60 13.91 -25.78 27.20
CA LEU A 60 12.56 -25.33 27.49
C LEU A 60 12.61 -24.33 28.63
N PHE A 61 12.10 -23.13 28.39
CA PHE A 61 12.03 -22.09 29.41
C PHE A 61 10.56 -21.97 29.83
N MET A 62 10.20 -22.69 30.88
CA MET A 62 8.82 -22.72 31.37
C MET A 62 8.67 -21.70 32.49
N CYS A 63 7.76 -20.75 32.28
CA CYS A 63 7.52 -19.67 33.24
C CYS A 63 6.13 -19.81 33.86
N ASN A 64 5.85 -18.93 34.82
CA ASN A 64 4.59 -18.99 35.54
C ASN A 64 3.53 -18.11 34.89
N THR A 65 3.90 -16.89 34.51
CA THR A 65 2.98 -15.93 33.92
C THR A 65 3.45 -15.54 32.52
N VAL A 66 2.52 -14.99 31.74
CA VAL A 66 2.84 -14.63 30.36
C VAL A 66 3.84 -13.49 30.32
N GLU A 67 3.77 -12.56 31.28
CA GLU A 67 4.64 -11.39 31.23
C GLU A 67 6.07 -11.75 31.57
N LEU A 68 6.28 -12.56 32.61
CA LEU A 68 7.63 -13.04 32.89
C LEU A 68 8.13 -13.93 31.76
N ALA A 69 7.23 -14.67 31.12
CA ALA A 69 7.65 -15.45 29.96
C ALA A 69 8.19 -14.55 28.86
N ARG A 70 7.50 -13.44 28.59
CA ARG A 70 7.97 -12.49 27.59
C ARG A 70 9.29 -11.87 28.01
N GLN A 71 9.41 -11.48 29.29
CA GLN A 71 10.64 -10.86 29.76
C GLN A 71 11.83 -11.80 29.65
N GLN A 72 11.65 -13.06 30.08
CA GLN A 72 12.75 -14.01 30.00
C GLN A 72 13.08 -14.37 28.56
N ALA A 73 12.06 -14.45 27.69
CA ALA A 73 12.34 -14.67 26.28
C ALA A 73 13.18 -13.54 25.71
N MET A 74 12.83 -12.29 26.03
CA MET A 74 13.60 -11.15 25.53
C MET A 74 15.02 -11.17 26.10
N ALA A 75 15.15 -11.49 27.39
CA ALA A 75 16.48 -11.52 28.01
C ALA A 75 17.35 -12.59 27.38
N VAL A 76 16.80 -13.78 27.15
CA VAL A 76 17.58 -14.84 26.54
C VAL A 76 17.93 -14.48 25.11
N ARG A 77 17.00 -13.86 24.38
CA ARG A 77 17.27 -13.46 23.01
C ARG A 77 18.39 -12.43 22.94
N ARG A 78 18.39 -11.47 23.85
CA ARG A 78 19.35 -10.37 23.82
C ARG A 78 20.66 -10.69 24.53
N CYS A 79 20.73 -11.78 25.29
CA CYS A 79 21.96 -12.13 25.99
C CYS A 79 22.69 -13.32 25.41
N THR A 80 22.06 -14.08 24.51
CA THR A 80 22.69 -15.24 23.89
C THR A 80 22.52 -15.16 22.38
N ASN A 81 23.32 -15.97 21.69
CA ASN A 81 23.27 -16.04 20.23
C ASN A 81 22.19 -16.98 19.73
N PHE A 82 21.46 -17.64 20.62
CA PHE A 82 20.39 -18.53 20.22
C PHE A 82 19.18 -17.74 19.75
N LYS A 83 18.27 -18.43 19.08
CA LYS A 83 16.98 -17.86 18.67
C LYS A 83 15.89 -18.55 19.48
N VAL A 84 14.97 -17.76 20.02
CA VAL A 84 13.99 -18.26 20.97
C VAL A 84 12.59 -17.98 20.45
N GLY A 85 11.64 -18.81 20.87
CA GLY A 85 10.24 -18.66 20.49
C GLY A 85 9.40 -18.35 21.71
N PHE A 86 8.35 -17.57 21.51
CA PHE A 86 7.42 -17.19 22.56
C PHE A 86 6.09 -17.88 22.32
N TYR A 87 5.73 -18.82 23.20
CA TYR A 87 4.57 -19.67 23.02
C TYR A 87 3.66 -19.54 24.24
N VAL A 88 2.55 -18.82 24.06
CA VAL A 88 1.56 -18.62 25.11
C VAL A 88 0.17 -18.80 24.51
N GLY A 89 -0.83 -18.85 25.38
CA GLY A 89 -2.20 -19.07 24.94
C GLY A 89 -2.74 -17.96 24.06
N GLU A 90 -2.17 -16.75 24.15
CA GLU A 90 -2.56 -15.66 23.26
C GLU A 90 -2.26 -15.99 21.80
N GLN A 91 -1.25 -16.82 21.55
CA GLN A 91 -0.85 -17.16 20.19
C GLN A 91 -1.83 -18.10 19.50
N GLY A 92 -2.86 -18.57 20.19
CA GLY A 92 -3.73 -19.59 19.62
C GLY A 92 -3.04 -20.91 19.43
N VAL A 93 -2.28 -21.36 20.42
CA VAL A 93 -1.50 -22.59 20.31
C VAL A 93 -2.39 -23.83 20.21
N ASP A 94 -3.61 -23.78 20.75
CA ASP A 94 -4.45 -24.98 20.82
C ASP A 94 -4.74 -25.54 19.44
N ASP A 95 -4.96 -24.68 18.44
CA ASP A 95 -5.25 -25.11 17.08
C ASP A 95 -3.99 -25.34 16.25
N TRP A 96 -2.86 -25.63 16.90
CA TRP A 96 -1.63 -25.91 16.16
C TRP A 96 -1.55 -27.40 15.83
N THR A 97 -1.23 -27.70 14.57
CA THR A 97 -1.17 -29.07 14.09
C THR A 97 0.22 -29.66 14.34
N ARG A 98 0.38 -30.94 13.95
CA ARG A 98 1.66 -31.61 14.10
C ARG A 98 2.75 -30.98 13.23
N GLY A 99 2.43 -30.68 11.97
CA GLY A 99 3.47 -30.18 11.07
C GLY A 99 3.99 -28.81 11.46
N MET A 100 3.09 -27.87 11.78
CA MET A 100 3.54 -26.51 12.02
C MET A 100 3.97 -26.32 13.48
N TRP A 101 3.65 -27.27 14.36
CA TRP A 101 4.42 -27.39 15.59
C TRP A 101 5.83 -27.90 15.32
N SER A 102 5.95 -28.97 14.54
CA SER A 102 7.24 -29.63 14.34
C SER A 102 8.24 -28.68 13.72
N ASP A 103 7.83 -27.93 12.69
CA ASP A 103 8.75 -26.94 12.14
C ASP A 103 9.02 -25.82 13.13
N GLU A 104 8.14 -25.61 14.11
CA GLU A 104 8.40 -24.60 15.14
C GLU A 104 9.53 -25.04 16.06
N ILE A 105 9.52 -26.31 16.49
CA ILE A 105 10.70 -26.79 17.22
C ILE A 105 11.92 -26.81 16.30
N LYS A 106 11.72 -27.12 15.02
CA LYS A 106 12.83 -27.12 14.07
C LYS A 106 13.48 -25.75 13.96
N LYS A 107 12.70 -24.68 14.08
CA LYS A 107 13.22 -23.34 13.88
C LYS A 107 13.95 -22.83 15.12
N ASN A 108 13.30 -22.87 16.28
CA ASN A 108 13.82 -22.25 17.49
C ASN A 108 14.59 -23.26 18.33
N GLN A 109 15.73 -22.83 18.88
CA GLN A 109 16.51 -23.71 19.75
C GLN A 109 15.99 -23.70 21.18
N VAL A 110 15.53 -22.56 21.66
CA VAL A 110 15.04 -22.41 23.03
C VAL A 110 13.57 -22.00 22.97
N LEU A 111 12.73 -22.70 23.71
CA LEU A 111 11.31 -22.44 23.75
C LEU A 111 10.95 -21.81 25.09
N VAL A 112 10.31 -20.65 25.05
CA VAL A 112 9.92 -19.91 26.25
C VAL A 112 8.41 -19.73 26.24
N GLY A 113 7.77 -20.05 27.35
CA GLY A 113 6.32 -19.92 27.42
C GLY A 113 5.82 -20.31 28.79
N THR A 114 4.49 -20.24 28.93
CA THR A 114 3.85 -20.58 30.19
C THR A 114 3.85 -22.08 30.42
N ALA A 115 3.53 -22.47 31.66
CA ALA A 115 3.58 -23.88 32.02
C ALA A 115 2.52 -24.69 31.29
N GLN A 116 1.32 -24.14 31.15
CA GLN A 116 0.22 -24.90 30.56
C GLN A 116 0.50 -25.21 29.08
N VAL A 117 1.12 -24.27 28.37
CA VAL A 117 1.40 -24.49 26.95
C VAL A 117 2.37 -25.66 26.78
N PHE A 118 3.46 -25.66 27.54
CA PHE A 118 4.40 -26.77 27.43
C PHE A 118 3.79 -28.07 27.96
N LEU A 119 2.91 -27.98 28.95
CA LEU A 119 2.24 -29.18 29.46
C LEU A 119 1.40 -29.82 28.37
N ASP A 120 0.57 -29.04 27.68
CA ASP A 120 -0.27 -29.62 26.65
C ASP A 120 0.56 -30.02 25.43
N MET A 121 1.68 -29.32 25.20
CA MET A 121 2.60 -29.74 24.15
C MET A 121 3.16 -31.13 24.40
N VAL A 122 3.63 -31.37 25.63
CA VAL A 122 4.22 -32.67 25.95
C VAL A 122 3.14 -33.75 25.98
N THR A 123 1.99 -33.46 26.58
CA THR A 123 0.96 -34.48 26.73
C THR A 123 0.35 -34.90 25.40
N GLN A 124 0.51 -34.08 24.35
CA GLN A 124 -0.02 -34.40 23.03
C GLN A 124 1.06 -34.94 22.09
N THR A 125 2.21 -35.33 22.62
CA THR A 125 3.29 -35.96 21.85
C THR A 125 3.82 -35.06 20.75
N TYR A 126 3.62 -33.74 20.88
CA TYR A 126 4.28 -32.82 19.97
C TYR A 126 5.79 -32.84 20.16
N VAL A 127 6.25 -32.94 21.41
CA VAL A 127 7.65 -33.16 21.73
C VAL A 127 7.72 -34.25 22.79
N ALA A 128 8.91 -34.81 22.94
CA ALA A 128 9.18 -35.84 23.93
C ALA A 128 10.21 -35.34 24.93
N LEU A 129 10.19 -35.92 26.12
CA LEU A 129 11.17 -35.55 27.14
C LEU A 129 12.58 -35.84 26.68
N SER A 130 12.78 -36.88 25.86
CA SER A 130 14.08 -37.16 25.28
C SER A 130 14.53 -36.08 24.30
N SER A 131 13.61 -35.24 23.84
CA SER A 131 13.93 -34.19 22.87
C SER A 131 14.32 -32.88 23.53
N LEU A 132 14.28 -32.80 24.86
CA LEU A 132 14.69 -31.60 25.58
C LEU A 132 15.96 -31.88 26.36
N SER A 133 16.99 -31.08 26.13
CA SER A 133 18.26 -31.28 26.84
C SER A 133 18.18 -30.82 28.28
N VAL A 134 17.55 -29.67 28.53
CA VAL A 134 17.44 -29.10 29.87
C VAL A 134 16.16 -28.29 29.93
N VAL A 135 15.56 -28.24 31.11
CA VAL A 135 14.37 -27.42 31.36
C VAL A 135 14.68 -26.47 32.52
N ILE A 136 14.21 -25.23 32.39
CA ILE A 136 14.38 -24.19 33.40
C ILE A 136 13.01 -23.73 33.84
N ILE A 137 12.75 -23.83 35.14
CA ILE A 137 11.46 -23.49 35.71
C ILE A 137 11.69 -22.40 36.76
N ASP A 138 11.24 -21.19 36.46
CA ASP A 138 11.39 -20.08 37.38
C ASP A 138 10.19 -20.06 38.33
N GLU A 139 10.34 -19.34 39.43
CA GLU A 139 9.45 -19.47 40.59
C GLU A 139 9.04 -20.93 40.79
N CYS A 140 10.04 -21.75 41.10
CA CYS A 140 9.77 -23.17 41.30
C CYS A 140 8.90 -23.41 42.54
N HIS A 141 8.79 -22.43 43.44
CA HIS A 141 7.95 -22.57 44.61
C HIS A 141 6.47 -22.61 44.30
N HIS A 142 6.07 -22.27 43.08
CA HIS A 142 4.67 -22.39 42.67
C HIS A 142 4.25 -23.84 42.45
N GLY A 143 5.20 -24.76 42.28
CA GLY A 143 4.87 -26.14 41.99
C GLY A 143 4.41 -26.94 43.19
N THR A 144 3.22 -26.63 43.68
CA THR A 144 2.62 -27.37 44.79
C THR A 144 1.18 -27.69 44.44
N GLY A 145 0.68 -28.78 45.01
CA GLY A 145 -0.68 -29.21 44.72
C GLY A 145 -0.83 -29.58 43.26
N HIS A 146 -1.87 -29.06 42.62
CA HIS A 146 -2.15 -29.33 41.21
C HIS A 146 -1.70 -28.19 40.31
N HIS A 147 -0.67 -27.45 40.69
CA HIS A 147 -0.14 -26.42 39.82
C HIS A 147 0.47 -27.05 38.57
N PRO A 148 0.44 -26.37 37.43
CA PRO A 148 0.99 -26.98 36.20
C PRO A 148 2.44 -27.39 36.32
N PHE A 149 3.25 -26.73 37.15
CA PHE A 149 4.62 -27.18 37.36
C PHE A 149 4.65 -28.59 37.93
N ARG A 150 3.79 -28.87 38.91
CA ARG A 150 3.78 -30.20 39.50
C ARG A 150 3.29 -31.25 38.51
N GLU A 151 2.33 -30.89 37.65
CA GLU A 151 1.89 -31.83 36.61
C GLU A 151 3.02 -32.09 35.61
N PHE A 152 3.77 -31.05 35.25
CA PHE A 152 4.90 -31.24 34.35
C PHE A 152 5.92 -32.17 34.98
N MET A 153 6.19 -32.01 36.28
CA MET A 153 7.10 -32.93 36.95
C MET A 153 6.52 -34.34 37.05
N ARG A 154 5.20 -34.44 37.18
CA ARG A 154 4.54 -35.74 37.19
C ARG A 154 4.75 -36.47 35.87
N LEU A 155 4.77 -35.73 34.77
CA LEU A 155 5.07 -36.36 33.48
C LEU A 155 6.41 -37.05 33.45
N PHE A 156 7.34 -36.68 34.33
CA PHE A 156 8.64 -37.34 34.37
C PHE A 156 8.55 -38.76 34.90
N THR A 157 7.51 -39.09 35.67
CA THR A 157 7.35 -40.41 36.23
C THR A 157 6.78 -41.42 35.24
N ILE A 158 6.39 -40.97 34.04
CA ILE A 158 5.81 -41.85 33.05
C ILE A 158 6.78 -42.11 31.90
N ALA A 159 7.53 -41.10 31.48
CA ALA A 159 8.44 -41.25 30.36
C ALA A 159 9.66 -42.09 30.76
N ASN A 160 10.49 -42.38 29.77
CA ASN A 160 11.68 -43.21 30.01
C ASN A 160 12.63 -42.51 30.97
N GLN A 161 13.23 -43.29 31.86
CA GLN A 161 14.11 -42.73 32.88
C GLN A 161 15.50 -42.41 32.37
N THR A 162 15.96 -43.11 31.33
CA THR A 162 17.32 -42.93 30.83
C THR A 162 17.45 -41.75 29.87
N LYS A 163 16.34 -41.17 29.42
CA LYS A 163 16.37 -40.05 28.49
C LYS A 163 15.73 -38.80 29.08
N LEU A 164 15.72 -38.67 30.40
CA LEU A 164 15.09 -37.53 31.04
C LEU A 164 15.99 -36.30 30.94
N PRO A 165 15.42 -35.11 30.85
CA PRO A 165 16.22 -33.88 30.80
C PRO A 165 16.74 -33.51 32.18
N ARG A 166 17.50 -32.41 32.22
CA ARG A 166 17.94 -31.83 33.48
C ARG A 166 16.92 -30.80 33.93
N VAL A 167 16.44 -30.93 35.17
CA VAL A 167 15.46 -30.02 35.73
C VAL A 167 16.18 -29.12 36.74
N VAL A 168 16.05 -27.81 36.54
CA VAL A 168 16.63 -26.83 37.43
C VAL A 168 15.64 -25.68 37.60
N GLY A 169 15.55 -25.17 38.83
CA GLY A 169 14.52 -24.22 39.19
C GLY A 169 15.03 -22.96 39.84
N LEU A 170 14.60 -21.81 39.32
CA LEU A 170 14.95 -20.52 39.87
C LEU A 170 13.89 -20.09 40.89
N THR A 171 14.34 -19.47 41.97
CA THR A 171 13.44 -19.08 43.04
C THR A 171 14.12 -18.07 43.95
N GLY A 172 13.36 -17.05 44.34
CA GLY A 172 13.82 -16.10 45.32
C GLY A 172 13.29 -16.42 46.69
N VAL A 173 12.18 -17.16 46.74
CA VAL A 173 11.56 -17.60 47.98
C VAL A 173 11.23 -19.07 47.84
N LEU A 174 11.44 -19.83 48.92
CA LEU A 174 11.29 -21.28 48.85
C LEU A 174 9.96 -21.76 49.39
N ILE A 175 9.38 -21.08 50.36
CA ILE A 175 8.05 -21.39 50.85
C ILE A 175 7.06 -20.48 50.14
N LYS A 176 5.80 -20.90 50.11
CA LYS A 176 4.76 -20.16 49.41
C LYS A 176 3.74 -19.54 50.35
N GLY A 177 3.28 -20.28 51.35
CA GLY A 177 2.28 -19.82 52.28
C GLY A 177 2.86 -19.50 53.64
N ASN A 178 2.13 -19.90 54.69
CA ASN A 178 2.52 -19.61 56.06
C ASN A 178 2.97 -20.86 56.81
N GLU A 179 3.34 -21.93 56.10
CA GLU A 179 3.83 -23.14 56.76
C GLU A 179 5.32 -22.97 57.08
N ILE A 180 5.63 -21.86 57.74
CA ILE A 180 7.01 -21.54 58.07
C ILE A 180 7.57 -22.45 59.15
N THR A 181 6.73 -22.95 60.05
CA THR A 181 7.18 -23.90 61.06
C THR A 181 7.54 -25.23 60.41
N ASN A 182 8.58 -25.87 60.95
CA ASN A 182 9.05 -27.17 60.48
C ASN A 182 9.39 -27.10 58.99
N VAL A 183 10.42 -26.29 58.70
CA VAL A 183 10.80 -26.04 57.31
C VAL A 183 11.31 -27.31 56.65
N ALA A 184 12.06 -28.13 57.40
CA ALA A 184 12.81 -29.24 56.80
C ALA A 184 11.92 -30.12 55.94
N THR A 185 10.73 -30.47 56.43
CA THR A 185 9.83 -31.33 55.66
C THR A 185 9.32 -30.62 54.41
N LYS A 186 9.01 -29.33 54.53
CA LYS A 186 8.56 -28.57 53.35
C LYS A 186 9.65 -28.52 52.29
N LEU A 187 10.89 -28.27 52.69
CA LEU A 187 12.00 -28.23 51.75
C LEU A 187 12.24 -29.60 51.13
N LYS A 188 12.14 -30.66 51.93
CA LYS A 188 12.32 -32.00 51.41
C LYS A 188 11.24 -32.31 50.38
N GLU A 189 10.00 -31.92 50.67
CA GLU A 189 8.90 -32.13 49.73
C GLU A 189 9.14 -31.37 48.44
N LEU A 190 9.59 -30.12 48.53
CA LEU A 190 9.85 -29.35 47.32
C LEU A 190 10.97 -29.98 46.49
N GLU A 191 12.01 -30.49 47.17
CA GLU A 191 13.07 -31.19 46.46
C GLU A 191 12.57 -32.47 45.81
N ILE A 192 11.60 -33.15 46.44
CA ILE A 192 11.02 -34.34 45.84
C ILE A 192 10.17 -33.99 44.62
N THR A 193 9.50 -32.83 44.65
CA THR A 193 8.66 -32.44 43.52
C THR A 193 9.50 -32.33 42.25
N TYR A 194 10.68 -31.75 42.33
CA TYR A 194 11.65 -31.81 41.26
C TYR A 194 12.56 -33.01 41.53
N ARG A 195 13.66 -33.12 40.80
CA ARG A 195 14.50 -34.31 40.90
C ARG A 195 15.90 -33.97 41.42
N GLY A 196 16.03 -32.86 42.15
CA GLY A 196 17.32 -32.49 42.71
C GLY A 196 17.17 -31.72 44.00
N ASN A 197 18.28 -31.59 44.71
CA ASN A 197 18.33 -30.86 45.97
C ASN A 197 18.56 -29.38 45.71
N ILE A 198 18.38 -28.58 46.75
CA ILE A 198 18.54 -27.14 46.66
C ILE A 198 19.97 -26.75 46.98
N ILE A 199 20.53 -25.87 46.15
CA ILE A 199 21.89 -25.38 46.31
C ILE A 199 21.83 -23.86 46.48
N THR A 200 22.75 -23.33 47.28
CA THR A 200 22.78 -21.90 47.54
C THR A 200 24.20 -21.50 47.96
N VAL A 201 24.46 -20.20 47.91
CA VAL A 201 25.80 -19.69 48.24
C VAL A 201 26.05 -19.82 49.73
N SER A 202 27.26 -20.25 50.08
CA SER A 202 27.65 -20.44 51.47
C SER A 202 28.91 -19.71 51.88
N ASP A 203 29.90 -19.58 50.99
CA ASP A 203 31.15 -18.94 51.35
C ASP A 203 30.95 -17.45 51.61
N THR A 204 31.75 -16.90 52.53
CA THR A 204 31.66 -15.48 52.83
C THR A 204 31.98 -14.64 51.60
N LYS A 205 32.99 -15.04 50.83
CA LYS A 205 33.30 -14.33 49.58
C LYS A 205 32.15 -14.44 48.60
N GLU A 206 31.55 -15.63 48.48
CA GLU A 206 30.40 -15.80 47.60
C GLU A 206 29.22 -14.95 48.06
N MET A 207 28.98 -14.92 49.37
CA MET A 207 27.89 -14.11 49.89
C MET A 207 28.13 -12.63 49.61
N GLU A 208 29.36 -12.17 49.81
CA GLU A 208 29.70 -10.78 49.51
C GLU A 208 29.53 -10.47 48.04
N ASN A 209 29.95 -11.38 47.16
CA ASN A 209 29.80 -11.17 45.73
C ASN A 209 28.33 -11.11 45.34
N VAL A 210 27.50 -11.95 45.97
CA VAL A 210 26.06 -11.90 45.74
C VAL A 210 25.50 -10.57 46.21
N MET A 211 26.07 -10.04 47.30
CA MET A 211 25.58 -8.79 47.88
C MET A 211 25.67 -7.61 46.91
N LEU A 212 26.46 -7.72 45.84
CA LEU A 212 26.62 -6.63 44.88
C LEU A 212 25.35 -6.35 44.08
N TYR A 213 24.52 -7.36 43.84
CA TYR A 213 23.26 -7.15 43.12
C TYR A 213 22.03 -7.23 44.00
N ALA A 214 22.12 -7.89 45.15
CA ALA A 214 21.04 -7.92 46.12
C ALA A 214 21.26 -6.83 47.17
N THR A 215 20.22 -6.55 47.94
CA THR A 215 20.31 -5.55 49.00
C THR A 215 19.38 -5.95 50.13
N LYS A 216 19.80 -5.66 51.37
CA LYS A 216 18.94 -5.83 52.53
C LYS A 216 18.45 -4.46 52.97
N PRO A 217 17.34 -3.97 52.41
CA PRO A 217 16.89 -2.62 52.77
C PRO A 217 16.43 -2.56 54.21
N THR A 218 16.59 -1.37 54.81
CA THR A 218 16.15 -1.17 56.18
C THR A 218 14.63 -1.20 56.24
N GLU A 219 14.10 -2.08 57.07
CA GLU A 219 12.65 -2.26 57.23
C GLU A 219 12.21 -1.48 58.46
N VAL A 220 11.18 -0.64 58.29
CA VAL A 220 10.79 0.29 59.33
C VAL A 220 9.28 0.27 59.46
N MET A 221 8.80 0.74 60.61
CA MET A 221 7.40 0.63 61.02
C MET A 221 6.83 2.02 61.26
N VAL A 222 5.60 2.25 60.79
CA VAL A 222 4.92 3.54 60.95
C VAL A 222 3.57 3.25 61.60
N SER A 223 3.53 3.35 62.93
CA SER A 223 2.29 3.12 63.66
C SER A 223 1.33 4.29 63.48
N PHE A 224 0.04 3.97 63.40
CA PHE A 224 -1.01 4.98 63.38
C PHE A 224 -2.11 4.55 64.34
N PRO A 225 -2.81 5.50 64.96
CA PRO A 225 -3.85 5.12 65.93
C PRO A 225 -5.08 4.57 65.23
N HIS A 226 -5.61 3.47 65.78
CA HIS A 226 -6.79 2.84 65.23
C HIS A 226 -8.02 3.22 66.02
N GLN A 227 -9.06 3.65 65.30
CA GLN A 227 -10.33 4.02 65.91
C GLN A 227 -11.44 3.18 65.31
N GLU A 228 -12.42 2.84 66.15
CA GLU A 228 -13.48 1.93 65.76
C GLU A 228 -14.79 2.62 65.38
N GLN A 229 -15.04 3.83 65.87
CA GLN A 229 -16.29 4.50 65.60
C GLN A 229 -16.39 4.90 64.14
N VAL A 230 -17.62 5.17 63.69
CA VAL A 230 -17.88 5.50 62.29
C VAL A 230 -18.87 6.66 62.23
N LEU A 231 -18.91 7.31 61.08
CA LEU A 231 -19.72 8.50 60.89
C LEU A 231 -21.16 8.14 60.52
N THR A 232 -22.04 9.15 60.59
CA THR A 232 -23.46 8.94 60.33
C THR A 232 -23.75 8.71 58.85
N VAL A 233 -23.03 9.39 57.96
CA VAL A 233 -23.25 9.19 56.53
C VAL A 233 -22.95 7.75 56.15
N THR A 234 -21.97 7.14 56.79
CA THR A 234 -21.69 5.73 56.56
C THR A 234 -22.86 4.85 56.97
N ARG A 235 -23.51 5.17 58.11
CA ARG A 235 -24.70 4.44 58.51
C ARG A 235 -25.80 4.60 57.47
N LEU A 236 -26.00 5.81 56.97
CA LEU A 236 -27.00 6.04 55.93
C LEU A 236 -26.72 5.22 54.69
N ILE A 237 -25.46 5.21 54.25
CA ILE A 237 -25.10 4.48 53.04
C ILE A 237 -25.27 2.97 53.24
N SER A 238 -24.90 2.48 54.42
CA SER A 238 -25.07 1.06 54.71
C SER A 238 -26.54 0.66 54.68
N ALA A 239 -27.40 1.47 55.30
CA ALA A 239 -28.84 1.19 55.27
C ALA A 239 -29.37 1.22 53.84
N GLU A 240 -28.93 2.21 53.05
CA GLU A 240 -29.37 2.30 51.67
C GLU A 240 -28.93 1.08 50.86
N ILE A 241 -27.70 0.62 51.09
CA ILE A 241 -27.20 -0.54 50.36
C ILE A 241 -27.95 -1.80 50.77
N GLU A 242 -28.28 -1.93 52.07
CA GLU A 242 -29.10 -3.06 52.50
C GLU A 242 -30.46 -3.03 51.83
N LYS A 243 -31.08 -1.85 51.74
CA LYS A 243 -32.35 -1.74 51.04
C LYS A 243 -32.22 -2.14 49.58
N PHE A 244 -31.13 -1.72 48.94
CA PHE A 244 -30.89 -2.08 47.55
C PHE A 244 -30.70 -3.58 47.39
N TYR A 245 -30.01 -4.22 48.32
CA TYR A 245 -29.86 -5.67 48.27
C TYR A 245 -31.20 -6.37 48.40
N VAL A 246 -32.05 -5.87 49.31
CA VAL A 246 -33.38 -6.44 49.45
C VAL A 246 -34.15 -6.31 48.15
N SER A 247 -34.06 -5.14 47.51
CA SER A 247 -34.73 -4.95 46.21
C SER A 247 -34.16 -5.86 45.14
N LEU A 248 -32.83 -6.02 45.13
CA LEU A 248 -32.17 -6.77 44.06
C LEU A 248 -32.41 -8.27 44.19
N ASP A 249 -32.60 -8.77 45.40
CA ASP A 249 -32.91 -10.18 45.57
C ASP A 249 -34.19 -10.58 44.83
N LEU A 250 -35.09 -9.63 44.58
CA LEU A 250 -36.29 -9.85 43.79
C LEU A 250 -36.24 -9.11 42.46
N MET A 251 -35.05 -8.98 41.89
CA MET A 251 -34.90 -8.26 40.63
C MET A 251 -35.61 -8.95 39.49
N ASN A 252 -35.58 -10.28 39.46
CA ASN A 252 -36.28 -11.09 38.44
C ASN A 252 -35.75 -10.78 37.04
N ILE A 253 -34.44 -10.96 36.87
CA ILE A 253 -33.83 -10.94 35.54
C ILE A 253 -34.12 -12.27 34.87
N GLY A 254 -33.81 -12.38 33.59
CA GLY A 254 -34.07 -13.60 32.84
C GLY A 254 -33.42 -14.81 33.47
N VAL A 255 -33.82 -15.98 32.97
CA VAL A 255 -33.32 -17.23 33.51
C VAL A 255 -31.81 -17.30 33.34
N GLN A 256 -31.13 -17.72 34.40
CA GLN A 256 -29.68 -17.69 34.46
C GLN A 256 -29.12 -19.08 34.78
N PRO A 257 -27.88 -19.36 34.40
CA PRO A 257 -27.27 -20.63 34.78
C PRO A 257 -27.20 -20.79 36.28
N ILE A 258 -27.38 -22.02 36.74
CA ILE A 258 -27.39 -22.30 38.17
C ILE A 258 -25.96 -22.27 38.68
N ARG A 259 -25.73 -21.48 39.73
CA ARG A 259 -24.42 -21.36 40.36
C ARG A 259 -24.47 -22.00 41.74
N ARG A 260 -23.57 -22.93 42.00
CA ARG A 260 -23.49 -23.62 43.28
C ARG A 260 -22.11 -23.41 43.87
N SER A 261 -21.98 -23.82 45.14
CA SER A 261 -20.74 -23.63 45.87
C SER A 261 -19.65 -24.55 45.30
N LYS A 262 -18.46 -24.47 45.90
CA LYS A 262 -17.31 -25.22 45.40
C LYS A 262 -17.56 -26.72 45.50
N SER A 263 -18.19 -27.17 46.59
CA SER A 263 -18.47 -28.59 46.80
C SER A 263 -19.86 -28.99 46.29
N LEU A 264 -20.61 -28.05 45.72
CA LEU A 264 -21.87 -28.27 45.04
C LEU A 264 -22.98 -28.76 45.96
N GLN A 265 -23.03 -28.30 47.22
CA GLN A 265 -24.16 -28.67 48.07
C GLN A 265 -24.98 -27.44 48.46
N CYS A 266 -24.40 -26.25 48.33
CA CYS A 266 -25.07 -25.01 48.68
C CYS A 266 -25.29 -24.18 47.42
N LEU A 267 -26.46 -23.58 47.30
CA LEU A 267 -26.80 -22.77 46.15
C LEU A 267 -26.15 -21.40 46.26
N ARG A 268 -26.10 -20.68 45.14
CA ARG A 268 -25.50 -19.35 45.09
C ARG A 268 -26.35 -18.46 44.20
N ASP A 269 -26.21 -17.16 44.41
CA ASP A 269 -26.91 -16.19 43.58
C ASP A 269 -26.33 -16.19 42.17
N PRO A 270 -27.09 -15.73 41.19
CA PRO A 270 -26.57 -15.64 39.82
C PRO A 270 -25.36 -14.73 39.76
N SER A 271 -24.44 -15.05 38.83
CA SER A 271 -23.18 -14.33 38.74
C SER A 271 -23.40 -12.83 38.49
N LYS A 272 -24.44 -12.49 37.72
CA LYS A 272 -24.70 -11.07 37.45
C LYS A 272 -25.06 -10.31 38.72
N LYS A 273 -25.88 -10.92 39.59
CA LYS A 273 -26.20 -10.30 40.86
C LYS A 273 -25.02 -10.34 41.82
N SER A 274 -24.24 -11.43 41.80
CA SER A 274 -23.07 -11.53 42.67
C SER A 274 -22.05 -10.46 42.32
N PHE A 275 -21.95 -10.09 41.05
CA PHE A 275 -21.02 -9.03 40.66
C PHE A 275 -21.39 -7.70 41.31
N VAL A 276 -22.67 -7.34 41.25
CA VAL A 276 -23.12 -6.08 41.84
C VAL A 276 -22.94 -6.12 43.36
N LYS A 277 -23.31 -7.24 43.98
CA LYS A 277 -23.16 -7.35 45.43
C LYS A 277 -21.70 -7.26 45.84
N GLN A 278 -20.81 -7.90 45.07
CA GLN A 278 -19.38 -7.84 45.36
C GLN A 278 -18.85 -6.41 45.23
N LEU A 279 -19.25 -5.70 44.18
CA LEU A 279 -18.79 -4.32 44.01
C LEU A 279 -19.24 -3.45 45.17
N PHE A 280 -20.50 -3.59 45.59
CA PHE A 280 -20.99 -2.75 46.66
C PHE A 280 -20.37 -3.11 48.00
N ASN A 281 -20.12 -4.40 48.25
CA ASN A 281 -19.44 -4.78 49.48
C ASN A 281 -18.01 -4.26 49.49
N ASP A 282 -17.33 -4.28 48.34
CA ASP A 282 -15.99 -3.71 48.25
C ASP A 282 -16.02 -2.21 48.53
N PHE A 283 -17.00 -1.51 47.98
CA PHE A 283 -17.13 -0.08 48.24
C PHE A 283 -17.38 0.19 49.71
N LEU A 284 -18.21 -0.62 50.36
CA LEU A 284 -18.43 -0.46 51.80
C LEU A 284 -17.14 -0.71 52.58
N TYR A 285 -16.32 -1.66 52.12
CA TYR A 285 -15.05 -1.88 52.78
C TYR A 285 -14.14 -0.67 52.65
N GLN A 286 -14.14 -0.03 51.47
CA GLN A 286 -13.37 1.20 51.30
C GLN A 286 -13.89 2.30 52.22
N MET A 287 -15.21 2.44 52.31
CA MET A 287 -15.82 3.29 53.31
C MET A 287 -15.23 3.07 54.68
N LYS A 288 -15.27 1.82 55.16
CA LYS A 288 -14.89 1.56 56.53
C LYS A 288 -13.38 1.71 56.74
N GLU A 289 -12.58 1.45 55.71
CA GLU A 289 -11.14 1.36 55.90
C GLU A 289 -10.40 2.66 55.63
N TYR A 290 -10.72 3.38 54.55
CA TYR A 290 -9.87 4.49 54.13
C TYR A 290 -10.48 5.88 54.29
N GLY A 291 -11.78 5.99 54.46
CA GLY A 291 -12.39 7.27 54.77
C GLY A 291 -13.35 7.74 53.69
N ILE A 292 -13.88 8.95 53.92
CA ILE A 292 -14.96 9.46 53.08
C ILE A 292 -14.42 9.92 51.72
N TYR A 293 -13.27 10.59 51.71
CA TYR A 293 -12.70 11.01 50.42
C TYR A 293 -12.33 9.82 49.55
N ALA A 294 -11.73 8.80 50.18
CA ALA A 294 -11.45 7.56 49.46
C ALA A 294 -12.72 6.93 48.93
N ALA A 295 -13.79 6.96 49.72
CA ALA A 295 -15.06 6.46 49.24
C ALA A 295 -15.61 7.28 48.08
N SER A 296 -15.35 8.59 48.08
CA SER A 296 -15.78 9.45 46.98
C SER A 296 -15.07 9.06 45.69
N ILE A 297 -13.80 8.69 45.79
CA ILE A 297 -13.10 8.18 44.60
C ILE A 297 -13.65 6.81 44.20
N ALA A 298 -13.89 5.95 45.19
CA ALA A 298 -14.32 4.58 44.91
C ALA A 298 -15.71 4.56 44.27
N ILE A 299 -16.58 5.48 44.67
CA ILE A 299 -17.92 5.52 44.08
C ILE A 299 -17.84 5.94 42.63
N ILE A 300 -16.89 6.80 42.29
CA ILE A 300 -16.67 7.14 40.88
C ILE A 300 -16.18 5.91 40.11
N SER A 301 -15.28 5.14 40.73
CA SER A 301 -14.84 3.90 40.09
C SER A 301 -16.01 2.96 39.85
N LEU A 302 -16.91 2.84 40.84
CA LEU A 302 -18.10 2.01 40.69
C LEU A 302 -19.01 2.55 39.59
N ILE A 303 -19.16 3.87 39.50
CA ILE A 303 -19.93 4.47 38.42
C ILE A 303 -19.41 4.02 37.08
N VAL A 304 -18.08 4.10 36.91
CA VAL A 304 -17.49 3.71 35.62
C VAL A 304 -17.72 2.23 35.35
N GLU A 305 -17.50 1.39 36.36
CA GLU A 305 -17.65 -0.05 36.17
C GLU A 305 -19.09 -0.42 35.82
N PHE A 306 -20.06 0.15 36.53
CA PHE A 306 -21.46 -0.16 36.26
C PHE A 306 -21.90 0.38 34.91
N ASP A 307 -21.41 1.55 34.51
CA ASP A 307 -21.71 2.04 33.17
C ASP A 307 -21.16 1.11 32.10
N ILE A 308 -19.94 0.61 32.31
CA ILE A 308 -19.36 -0.33 31.35
C ILE A 308 -20.21 -1.61 31.28
N LYS A 309 -20.62 -2.12 32.44
CA LYS A 309 -21.43 -3.34 32.45
C LYS A 309 -22.78 -3.11 31.77
N ARG A 310 -23.40 -1.96 32.01
CA ARG A 310 -24.66 -1.64 31.35
C ARG A 310 -24.49 -1.55 29.84
N ARG A 311 -23.41 -0.91 29.38
CA ARG A 311 -23.18 -0.81 27.94
C ARG A 311 -22.94 -2.18 27.32
N GLN A 312 -22.23 -3.06 28.03
CA GLN A 312 -21.96 -4.40 27.52
C GLN A 312 -23.14 -5.34 27.71
N ALA A 313 -24.15 -4.94 28.47
CA ALA A 313 -25.30 -5.81 28.71
C ALA A 313 -26.09 -6.04 27.41
N GLU A 314 -26.64 -7.24 27.28
CA GLU A 314 -27.39 -7.64 26.09
C GLU A 314 -28.88 -7.75 26.32
N THR A 315 -29.32 -8.08 27.53
CA THR A 315 -30.73 -8.22 27.86
C THR A 315 -31.24 -6.94 28.50
N LEU A 316 -32.50 -6.61 28.19
CA LEU A 316 -33.09 -5.38 28.72
C LEU A 316 -33.20 -5.44 30.25
N SER A 317 -33.47 -6.61 30.81
CA SER A 317 -33.56 -6.74 32.25
C SER A 317 -32.21 -6.46 32.91
N VAL A 318 -31.13 -6.95 32.31
CA VAL A 318 -29.80 -6.67 32.84
C VAL A 318 -29.48 -5.18 32.72
N LYS A 319 -29.90 -4.55 31.62
CA LYS A 319 -29.70 -3.11 31.46
C LYS A 319 -30.43 -2.34 32.55
N LEU A 320 -31.66 -2.74 32.86
CA LEU A 320 -32.40 -2.05 33.90
C LEU A 320 -31.78 -2.30 35.27
N MET A 321 -31.26 -3.50 35.50
CA MET A 321 -30.55 -3.79 36.75
C MET A 321 -29.36 -2.87 36.92
N HIS A 322 -28.54 -2.74 35.87
CA HIS A 322 -27.38 -1.88 35.95
C HIS A 322 -27.78 -0.41 36.04
N ARG A 323 -28.91 -0.03 35.45
CA ARG A 323 -29.41 1.34 35.61
C ARG A 323 -29.78 1.62 37.06
N THR A 324 -30.43 0.67 37.72
CA THR A 324 -30.75 0.84 39.14
C THR A 324 -29.48 0.93 39.97
N ALA A 325 -28.48 0.09 39.66
CA ALA A 325 -27.22 0.16 40.39
C ALA A 325 -26.53 1.50 40.18
N LEU A 326 -26.55 2.01 38.95
CA LEU A 326 -25.96 3.31 38.68
C LEU A 326 -26.71 4.43 39.40
N THR A 327 -28.03 4.33 39.47
CA THR A 327 -28.81 5.31 40.23
C THR A 327 -28.40 5.31 41.69
N LEU A 328 -28.27 4.11 42.28
CA LEU A 328 -27.79 4.04 43.66
C LEU A 328 -26.44 4.69 43.80
N CYS A 329 -25.49 4.32 42.94
CA CYS A 329 -24.12 4.82 43.07
C CYS A 329 -24.09 6.33 42.91
N GLU A 330 -24.90 6.88 42.01
CA GLU A 330 -25.00 8.32 41.87
C GLU A 330 -25.52 8.96 43.16
N LYS A 331 -26.50 8.33 43.81
CA LYS A 331 -27.00 8.87 45.06
C LYS A 331 -25.92 8.84 46.14
N ILE A 332 -25.13 7.77 46.20
CA ILE A 332 -24.02 7.72 47.16
C ILE A 332 -23.00 8.80 46.86
N ARG A 333 -22.67 9.01 45.59
CA ARG A 333 -21.72 10.05 45.24
C ARG A 333 -22.23 11.43 45.63
N HIS A 334 -23.52 11.68 45.41
CA HIS A 334 -24.11 12.96 45.80
C HIS A 334 -24.02 13.15 47.31
N LEU A 335 -24.36 12.10 48.08
CA LEU A 335 -24.30 12.22 49.54
C LEU A 335 -22.86 12.47 50.01
N LEU A 336 -21.90 11.78 49.41
CA LEU A 336 -20.51 11.97 49.81
C LEU A 336 -20.02 13.37 49.46
N VAL A 337 -20.40 13.89 48.30
CA VAL A 337 -20.03 15.25 47.92
C VAL A 337 -20.66 16.25 48.89
N GLN A 338 -21.92 16.03 49.26
CA GLN A 338 -22.57 16.93 50.22
C GLN A 338 -21.86 16.89 51.56
N LYS A 339 -21.45 15.70 52.01
CA LYS A 339 -20.74 15.60 53.29
C LYS A 339 -19.38 16.28 53.21
N LEU A 340 -18.71 16.19 52.05
CA LEU A 340 -17.44 16.88 51.89
C LEU A 340 -17.62 18.39 51.89
N GLN A 341 -18.71 18.89 51.29
CA GLN A 341 -18.85 20.32 51.06
C GLN A 341 -19.23 21.10 52.31
N ASP A 342 -19.81 20.46 53.33
CA ASP A 342 -20.21 21.24 54.50
C ASP A 342 -19.05 21.45 55.47
N MET A 343 -17.89 21.81 54.92
CA MET A 343 -16.73 22.19 55.72
C MET A 343 -16.00 23.41 55.18
N THR A 344 -16.34 23.90 54.00
CA THR A 344 -15.60 24.95 53.31
C THR A 344 -15.70 26.30 54.00
N TYR A 345 -16.40 26.35 55.13
CA TYR A 345 -16.52 27.60 55.88
C TYR A 345 -15.21 28.00 56.55
N ASP A 346 -14.20 27.12 56.56
CA ASP A 346 -12.94 27.44 57.22
C ASP A 346 -12.23 28.60 56.54
N ASP A 347 -12.14 28.57 55.21
CA ASP A 347 -11.41 29.59 54.47
C ASP A 347 -11.89 29.58 53.03
N ASP A 348 -11.21 30.37 52.19
CA ASP A 348 -11.55 30.48 50.79
C ASP A 348 -10.48 29.95 49.84
N ASP A 349 -9.24 29.81 50.31
CA ASP A 349 -8.16 29.30 49.47
C ASP A 349 -8.38 27.82 49.20
N ASP A 350 -8.67 27.48 47.94
CA ASP A 350 -9.07 26.11 47.61
C ASP A 350 -7.89 25.15 47.61
N ASN A 351 -6.69 25.62 47.29
CA ASN A 351 -5.54 24.74 47.22
C ASN A 351 -5.23 24.11 48.58
N VAL A 352 -5.23 24.93 49.64
CA VAL A 352 -5.07 24.39 50.99
C VAL A 352 -6.37 23.78 51.48
N ASN A 353 -7.52 24.19 50.93
CA ASN A 353 -8.78 23.59 51.31
C ASN A 353 -8.82 22.11 50.92
N THR A 354 -8.25 21.76 49.77
CA THR A 354 -8.20 20.35 49.37
C THR A 354 -7.34 19.55 50.34
N GLU A 355 -6.18 20.11 50.73
CA GLU A 355 -5.39 19.51 51.80
C GLU A 355 -6.22 19.28 53.05
N GLU A 356 -6.96 20.31 53.47
CA GLU A 356 -7.67 20.23 54.74
C GLU A 356 -8.79 19.20 54.68
N VAL A 357 -9.52 19.15 53.56
CA VAL A 357 -10.61 18.19 53.45
C VAL A 357 -10.06 16.76 53.36
N ILE A 358 -8.94 16.58 52.65
CA ILE A 358 -8.35 15.25 52.57
C ILE A 358 -7.86 14.80 53.93
N MET A 359 -7.18 15.70 54.66
CA MET A 359 -6.66 15.33 55.97
C MET A 359 -7.77 15.04 56.96
N ASN A 360 -8.82 15.88 56.96
CA ASN A 360 -9.89 15.72 57.95
C ASN A 360 -10.84 14.58 57.61
N PHE A 361 -11.06 14.32 56.32
CA PHE A 361 -12.02 13.30 55.89
C PHE A 361 -11.34 12.02 55.45
N SER A 362 -10.25 11.64 56.11
CA SER A 362 -9.60 10.36 55.86
C SER A 362 -9.25 9.72 57.19
N THR A 363 -9.24 8.39 57.20
CA THR A 363 -8.92 7.65 58.40
C THR A 363 -7.47 7.91 58.79
N PRO A 364 -7.13 7.72 60.07
CA PRO A 364 -5.74 7.95 60.50
C PRO A 364 -4.72 7.17 59.70
N LYS A 365 -5.08 6.00 59.19
CA LYS A 365 -4.19 5.27 58.29
C LYS A 365 -3.80 6.12 57.08
N VAL A 366 -4.80 6.68 56.39
CA VAL A 366 -4.53 7.46 55.19
C VAL A 366 -3.82 8.75 55.55
N GLN A 367 -4.20 9.38 56.67
CA GLN A 367 -3.54 10.60 57.09
C GLN A 367 -2.05 10.36 57.34
N ARG A 368 -1.72 9.29 58.07
CA ARG A 368 -0.33 9.00 58.34
C ARG A 368 0.41 8.61 57.07
N PHE A 369 -0.27 7.89 56.17
CA PHE A 369 0.35 7.54 54.89
C PHE A 369 0.72 8.78 54.10
N LEU A 370 -0.21 9.73 54.01
CA LEU A 370 0.06 10.96 53.26
C LEU A 370 1.13 11.80 53.94
N MET A 371 1.13 11.86 55.27
CA MET A 371 2.16 12.59 55.98
C MET A 371 3.54 11.98 55.73
N SER A 372 3.64 10.66 55.77
CA SER A 372 4.90 9.99 55.47
C SER A 372 5.33 10.23 54.04
N LEU A 373 4.38 10.19 53.10
CA LEU A 373 4.69 10.47 51.71
C LEU A 373 5.24 11.89 51.54
N LYS A 374 4.62 12.85 52.23
CA LYS A 374 5.08 14.23 52.13
C LYS A 374 6.47 14.40 52.73
N VAL A 375 6.70 13.84 53.91
CA VAL A 375 8.01 14.01 54.56
C VAL A 375 9.11 13.26 53.83
N SER A 376 8.80 12.14 53.18
CA SER A 376 9.84 11.37 52.50
C SER A 376 10.27 11.99 51.18
N PHE A 377 9.35 12.65 50.48
CA PHE A 377 9.64 13.25 49.17
C PHE A 377 9.25 14.73 49.18
N ALA A 378 9.72 15.47 50.19
CA ALA A 378 9.29 16.85 50.38
C ALA A 378 9.56 17.70 49.14
N ASP A 379 10.84 17.90 48.81
CA ASP A 379 11.24 18.76 47.71
C ASP A 379 12.33 18.10 46.87
N LYS A 380 12.16 16.82 46.57
CA LYS A 380 13.18 16.07 45.87
C LYS A 380 12.93 16.07 44.36
N ASP A 381 13.93 15.66 43.62
CA ASP A 381 13.87 15.54 42.17
C ASP A 381 12.92 14.41 41.80
N PRO A 382 12.05 14.58 40.80
CA PRO A 382 11.24 13.45 40.35
C PRO A 382 12.06 12.25 39.88
N LYS A 383 13.19 12.49 39.21
CA LYS A 383 14.09 11.40 38.84
C LYS A 383 14.77 10.78 40.05
N ASP A 384 14.78 11.45 41.19
CA ASP A 384 15.46 11.01 42.40
C ASP A 384 14.79 9.81 43.06
N ILE A 385 13.50 9.60 42.84
CA ILE A 385 12.73 8.68 43.66
C ILE A 385 12.04 7.65 42.77
N CYS A 386 11.82 6.47 43.34
CA CYS A 386 11.12 5.38 42.64
C CYS A 386 10.56 4.48 43.72
N CYS A 387 9.26 4.59 43.99
CA CYS A 387 8.66 3.92 45.14
C CYS A 387 7.44 3.12 44.74
N LEU A 388 7.14 2.11 45.54
CA LEU A 388 6.01 1.21 45.35
C LEU A 388 5.09 1.29 46.56
N VAL A 389 3.79 1.29 46.29
CA VAL A 389 2.77 1.22 47.32
C VAL A 389 1.99 -0.07 47.13
N PHE A 390 2.00 -0.92 48.15
CA PHE A 390 1.34 -2.22 48.09
C PHE A 390 0.06 -2.18 48.91
N VAL A 391 -1.07 -2.46 48.27
CA VAL A 391 -2.35 -2.55 48.93
C VAL A 391 -2.94 -3.92 48.62
N GLU A 392 -3.95 -4.30 49.40
CA GLU A 392 -4.51 -5.64 49.26
C GLU A 392 -5.51 -5.72 48.11
N ARG A 393 -6.59 -4.96 48.20
CA ARG A 393 -7.70 -5.12 47.26
C ARG A 393 -7.39 -4.46 45.93
N ARG A 394 -8.09 -4.93 44.88
CA ARG A 394 -7.91 -4.36 43.55
C ARG A 394 -8.39 -2.92 43.49
N TYR A 395 -9.61 -2.67 43.97
CA TYR A 395 -10.18 -1.33 43.87
C TYR A 395 -9.50 -0.36 44.82
N THR A 396 -8.81 -0.87 45.85
CA THR A 396 -7.99 0.00 46.68
C THR A 396 -6.89 0.66 45.87
N CYS A 397 -6.34 -0.06 44.88
CA CYS A 397 -5.35 0.53 44.00
C CYS A 397 -5.89 1.79 43.32
N LYS A 398 -7.05 1.67 42.67
CA LYS A 398 -7.62 2.80 41.94
C LYS A 398 -8.05 3.90 42.90
N CYS A 399 -8.63 3.54 44.04
CA CYS A 399 -9.07 4.52 45.03
C CYS A 399 -7.90 5.35 45.55
N ILE A 400 -6.83 4.67 45.98
CA ILE A 400 -5.64 5.37 46.46
C ILE A 400 -4.99 6.15 45.33
N TYR A 401 -5.05 5.64 44.10
CA TYR A 401 -4.52 6.38 42.96
C TYR A 401 -5.23 7.70 42.77
N GLY A 402 -6.56 7.70 42.85
CA GLY A 402 -7.30 8.95 42.73
C GLY A 402 -7.04 9.90 43.88
N LEU A 403 -7.02 9.37 45.11
CA LEU A 403 -6.74 10.22 46.26
C LEU A 403 -5.35 10.84 46.16
N LEU A 404 -4.37 10.06 45.71
CA LEU A 404 -3.01 10.56 45.55
C LEU A 404 -2.94 11.58 44.43
N LEU A 405 -3.69 11.38 43.35
CA LEU A 405 -3.75 12.38 42.30
C LEU A 405 -4.23 13.72 42.84
N ASN A 406 -5.32 13.70 43.62
CA ASN A 406 -5.83 14.95 44.18
C ASN A 406 -4.84 15.56 45.16
N TYR A 407 -4.25 14.74 46.04
CA TYR A 407 -3.31 15.27 47.02
C TYR A 407 -2.09 15.86 46.34
N ILE A 408 -1.57 15.21 45.31
CA ILE A 408 -0.44 15.75 44.56
C ILE A 408 -0.82 17.07 43.91
N GLN A 409 -2.00 17.14 43.28
CA GLN A 409 -2.48 18.43 42.79
C GLN A 409 -3.29 19.14 43.88
N SER A 410 -2.75 19.11 45.09
CA SER A 410 -3.18 19.98 46.18
C SER A 410 -2.02 20.53 47.00
N THR A 411 -0.82 19.98 46.89
CA THR A 411 0.34 20.32 47.72
C THR A 411 1.32 21.16 46.94
N PRO A 412 1.76 22.30 47.47
CA PRO A 412 2.81 23.07 46.77
C PRO A 412 4.13 22.32 46.63
N GLU A 413 4.47 21.43 47.55
CA GLU A 413 5.79 20.81 47.52
C GLU A 413 5.83 19.50 46.75
N LEU A 414 4.74 18.74 46.73
CA LEU A 414 4.70 17.47 46.02
C LEU A 414 4.11 17.60 44.62
N ARG A 415 3.79 18.83 44.18
CA ARG A 415 3.08 19.00 42.92
C ARG A 415 3.90 18.51 41.72
N ASN A 416 5.19 18.83 41.69
CA ASN A 416 6.05 18.49 40.55
C ASN A 416 7.03 17.37 40.89
N VAL A 417 6.73 16.56 41.91
CA VAL A 417 7.64 15.54 42.39
C VAL A 417 7.10 14.13 42.17
N LEU A 418 5.83 13.91 42.46
CA LEU A 418 5.25 12.57 42.39
C LEU A 418 4.28 12.46 41.22
N THR A 419 4.37 11.34 40.50
CA THR A 419 3.48 11.05 39.38
C THR A 419 2.83 9.69 39.64
N PRO A 420 1.66 9.68 40.29
CA PRO A 420 1.07 8.40 40.70
C PRO A 420 0.60 7.58 39.51
N GLN A 421 0.57 6.27 39.72
CA GLN A 421 0.09 5.33 38.71
C GLN A 421 -0.30 4.04 39.43
N PHE A 422 -1.15 3.25 38.77
CA PHE A 422 -1.65 2.04 39.39
C PHE A 422 -1.85 0.96 38.34
N MET A 423 -1.76 -0.30 38.79
CA MET A 423 -2.05 -1.45 37.96
C MET A 423 -2.43 -2.62 38.85
N VAL A 424 -3.34 -3.45 38.35
CA VAL A 424 -3.84 -4.61 39.07
C VAL A 424 -3.63 -5.85 38.21
N GLY A 425 -4.03 -7.00 38.75
CA GLY A 425 -3.81 -8.27 38.10
C GLY A 425 -4.82 -8.56 37.01
N ARG A 426 -5.17 -9.83 36.87
CA ARG A 426 -6.17 -10.23 35.89
C ARG A 426 -7.53 -9.69 36.27
N ASN A 427 -8.46 -9.71 35.31
CA ASN A 427 -9.74 -9.01 35.42
C ASN A 427 -9.50 -7.54 35.76
N ASN A 428 -8.81 -6.87 34.83
CA ASN A 428 -8.32 -5.52 35.09
C ASN A 428 -9.47 -4.54 35.29
N ILE A 429 -9.20 -3.48 36.04
CA ILE A 429 -10.17 -2.43 36.27
C ILE A 429 -10.00 -1.36 35.20
N SER A 430 -11.11 -0.70 34.86
CA SER A 430 -11.03 0.41 33.92
C SER A 430 -10.17 1.52 34.52
N PRO A 431 -9.14 1.98 33.81
CA PRO A 431 -8.19 2.93 34.40
C PRO A 431 -8.68 4.37 34.31
N ASP A 432 -9.96 4.56 34.03
CA ASP A 432 -10.51 5.90 33.92
C ASP A 432 -11.56 6.13 35.00
N PHE A 433 -11.67 7.38 35.43
CA PHE A 433 -12.70 7.80 36.37
C PHE A 433 -13.82 8.54 35.67
N GLU A 434 -13.79 8.61 34.33
CA GLU A 434 -14.64 9.53 33.60
C GLU A 434 -15.44 8.91 32.46
N SER A 435 -15.15 7.68 32.06
CA SER A 435 -16.13 6.81 31.40
C SER A 435 -16.56 7.28 30.01
N VAL A 436 -15.60 7.55 29.15
CA VAL A 436 -15.89 7.65 27.72
C VAL A 436 -15.55 6.31 27.06
N LEU A 437 -16.18 6.02 25.91
CA LEU A 437 -16.04 4.70 25.30
C LEU A 437 -14.60 4.38 24.91
N GLU A 438 -13.75 5.38 24.75
CA GLU A 438 -12.38 5.13 24.34
C GLU A 438 -11.52 6.31 24.73
N ARG A 439 -10.25 6.02 24.96
CA ARG A 439 -9.22 7.02 25.27
C ARG A 439 -8.03 6.80 24.36
N LYS A 440 -7.29 7.87 24.12
CA LYS A 440 -6.11 7.82 23.27
C LYS A 440 -4.84 7.44 24.02
N TRP A 441 -4.90 7.36 25.35
CA TRP A 441 -3.72 6.96 26.12
C TRP A 441 -3.48 5.47 25.93
N GLN A 442 -2.26 5.11 25.53
CA GLN A 442 -1.96 3.73 25.16
C GLN A 442 -0.86 3.12 26.04
N LYS A 443 0.07 3.95 26.51
CA LYS A 443 1.18 3.43 27.30
C LYS A 443 0.68 2.81 28.58
N SER A 444 1.13 1.59 28.86
CA SER A 444 0.69 0.87 30.05
C SER A 444 1.32 1.46 31.31
N ALA A 445 0.70 1.17 32.44
CA ALA A 445 1.20 1.70 33.71
C ALA A 445 2.61 1.19 34.01
N ILE A 446 2.85 -0.10 33.79
CA ILE A 446 4.16 -0.66 34.07
C ILE A 446 5.21 -0.07 33.13
N GLN A 447 4.83 0.18 31.87
CA GLN A 447 5.77 0.80 30.93
C GLN A 447 6.10 2.22 31.35
N GLN A 448 5.09 2.97 31.79
CA GLN A 448 5.35 4.33 32.29
C GLN A 448 6.27 4.29 33.49
N PHE A 449 6.07 3.34 34.40
CA PHE A 449 6.95 3.22 35.56
C PHE A 449 8.37 2.87 35.13
N ARG A 450 8.51 1.97 34.16
CA ARG A 450 9.84 1.59 33.69
C ARG A 450 10.56 2.75 33.04
N ASP A 451 9.85 3.55 32.25
CA ASP A 451 10.48 4.64 31.51
C ASP A 451 10.72 5.87 32.35
N GLY A 452 10.29 5.87 33.61
CA GLY A 452 10.49 7.00 34.49
C GLY A 452 9.45 8.09 34.40
N ASN A 453 8.43 7.91 33.56
CA ASN A 453 7.36 8.90 33.49
C ASN A 453 6.61 8.99 34.82
N ALA A 454 6.37 7.85 35.45
CA ALA A 454 5.73 7.79 36.75
C ALA A 454 6.71 7.20 37.77
N ASN A 455 6.76 7.82 38.95
CA ASN A 455 7.61 7.33 40.02
C ASN A 455 6.84 6.80 41.21
N LEU A 456 5.52 6.94 41.22
CA LEU A 456 4.67 6.48 42.31
C LEU A 456 3.76 5.38 41.76
N MET A 457 3.92 4.17 42.29
CA MET A 457 3.22 3.01 41.78
C MET A 457 2.37 2.41 42.91
N ILE A 458 1.07 2.22 42.64
CA ILE A 458 0.15 1.62 43.58
C ILE A 458 -0.33 0.32 42.96
N CYS A 459 0.15 -0.81 43.49
CA CYS A 459 -0.17 -2.12 42.95
C CYS A 459 -0.68 -3.02 44.06
N SER A 460 -1.25 -4.16 43.66
CA SER A 460 -1.82 -5.12 44.59
C SER A 460 -1.21 -6.49 44.31
N SER A 461 -0.03 -6.74 44.87
CA SER A 461 0.64 -8.04 44.80
C SER A 461 0.95 -8.46 43.37
N VAL A 462 0.63 -7.62 42.39
CA VAL A 462 0.95 -7.93 41.01
C VAL A 462 2.45 -7.85 40.77
N LEU A 463 3.08 -6.80 41.29
CA LEU A 463 4.50 -6.56 41.10
C LEU A 463 5.36 -7.30 42.12
N GLU A 464 4.74 -8.08 43.01
CA GLU A 464 5.52 -8.90 43.93
C GLU A 464 6.36 -9.93 43.18
N GLU A 465 5.78 -10.57 42.18
CA GLU A 465 6.40 -11.70 41.51
C GLU A 465 6.40 -11.50 40.00
N GLY A 466 7.40 -12.06 39.35
CA GLY A 466 7.43 -12.13 37.90
C GLY A 466 7.86 -10.86 37.21
N ILE A 467 7.00 -9.85 37.20
CA ILE A 467 7.26 -8.63 36.43
C ILE A 467 8.51 -7.96 36.98
N ASP A 468 9.47 -7.69 36.09
CA ASP A 468 10.72 -7.07 36.51
C ASP A 468 10.54 -5.55 36.60
N VAL A 469 11.15 -4.96 37.63
CA VAL A 469 11.06 -3.53 37.89
C VAL A 469 12.41 -3.08 38.42
N GLN A 470 12.82 -1.88 38.01
CA GLN A 470 14.09 -1.31 38.47
C GLN A 470 14.09 -1.19 39.99
N ALA A 471 15.30 -1.03 40.54
CA ALA A 471 15.45 -0.92 41.98
C ALA A 471 14.68 0.28 42.51
N CYS A 472 14.06 0.11 43.67
CA CYS A 472 13.20 1.11 44.26
C CYS A 472 13.73 1.52 45.62
N ASN A 473 13.78 2.82 45.88
CA ASN A 473 14.32 3.31 47.15
C ASN A 473 13.32 3.12 48.28
N HIS A 474 12.03 3.29 47.99
CA HIS A 474 10.99 3.19 48.99
C HIS A 474 9.95 2.15 48.58
N VAL A 475 9.50 1.36 49.54
CA VAL A 475 8.41 0.41 49.34
C VAL A 475 7.46 0.58 50.52
N PHE A 476 6.22 0.96 50.23
CA PHE A 476 5.21 1.22 51.26
C PHE A 476 4.19 0.09 51.25
N ILE A 477 4.22 -0.75 52.27
CA ILE A 477 3.22 -1.83 52.41
C ILE A 477 2.09 -1.23 53.24
N LEU A 478 1.15 -0.59 52.53
CA LEU A 478 0.06 0.09 53.20
C LEU A 478 -0.83 -0.89 53.96
N ASP A 479 -1.14 -2.03 53.36
CA ASP A 479 -1.96 -3.04 54.01
C ASP A 479 -1.08 -4.06 54.70
N PRO A 480 -1.58 -4.69 55.76
CA PRO A 480 -0.74 -5.62 56.53
C PRO A 480 -0.25 -6.79 55.68
N VAL A 481 1.00 -7.20 55.92
CA VAL A 481 1.55 -8.36 55.23
C VAL A 481 0.88 -9.62 55.75
N LYS A 482 0.57 -10.53 54.83
CA LYS A 482 -0.16 -11.74 55.19
C LYS A 482 0.65 -13.02 55.01
N THR A 483 1.47 -13.10 53.97
CA THR A 483 2.18 -14.34 53.66
C THR A 483 3.68 -14.08 53.71
N PHE A 484 4.43 -15.16 53.94
CA PHE A 484 5.88 -15.06 54.04
C PHE A 484 6.51 -14.62 52.73
N ASN A 485 6.03 -15.18 51.61
CA ASN A 485 6.55 -14.76 50.31
C ASN A 485 6.22 -13.31 50.02
N MET A 486 5.03 -12.86 50.44
CA MET A 486 4.70 -11.44 50.34
C MET A 486 5.76 -10.58 50.99
N TYR A 487 6.09 -10.88 52.25
CA TYR A 487 7.09 -10.09 52.97
C TYR A 487 8.44 -10.15 52.27
N VAL A 488 8.91 -11.37 51.97
CA VAL A 488 10.28 -11.51 51.49
C VAL A 488 10.44 -10.88 50.11
N GLN A 489 9.45 -11.04 49.23
CA GLN A 489 9.57 -10.50 47.89
C GLN A 489 9.31 -9.00 47.84
N SER A 490 8.41 -8.47 48.68
CA SER A 490 8.29 -7.02 48.77
C SER A 490 9.56 -6.40 49.32
N LYS A 491 10.18 -7.03 50.32
CA LYS A 491 11.46 -6.55 50.82
C LYS A 491 12.53 -6.60 49.74
N GLY A 492 12.54 -7.66 48.93
CA GLY A 492 13.47 -7.75 47.82
C GLY A 492 13.20 -6.77 46.70
N ARG A 493 11.99 -6.22 46.61
CA ARG A 493 11.72 -5.20 45.59
C ARG A 493 12.55 -3.95 45.83
N ALA A 494 12.69 -3.53 47.09
CA ALA A 494 13.52 -2.38 47.43
C ALA A 494 14.99 -2.78 47.36
N ARG A 495 15.47 -2.90 46.13
CA ARG A 495 16.78 -3.47 45.86
C ARG A 495 17.90 -2.44 45.75
N THR A 496 17.58 -1.15 45.81
CA THR A 496 18.63 -0.14 45.69
C THR A 496 19.39 0.00 47.01
N THR A 497 20.54 0.65 46.92
CA THR A 497 21.36 0.87 48.11
C THR A 497 20.67 1.83 49.06
N GLU A 498 20.71 1.50 50.36
CA GLU A 498 20.07 2.31 51.40
C GLU A 498 18.58 2.50 51.13
N ALA A 499 17.93 1.50 50.56
CA ALA A 499 16.50 1.57 50.31
C ALA A 499 15.71 1.52 51.61
N LYS A 500 14.49 2.05 51.58
CA LYS A 500 13.64 2.12 52.75
C LYS A 500 12.42 1.24 52.57
N PHE A 501 12.19 0.35 53.54
CA PHE A 501 11.03 -0.52 53.59
C PHE A 501 10.14 -0.06 54.73
N VAL A 502 8.90 0.30 54.41
CA VAL A 502 8.00 0.96 55.36
C VAL A 502 6.77 0.08 55.56
N LEU A 503 6.42 -0.16 56.81
CA LEU A 503 5.27 -0.96 57.18
C LEU A 503 4.25 -0.09 57.90
N PHE A 504 2.99 -0.17 57.47
CA PHE A 504 1.90 0.57 58.08
C PHE A 504 0.99 -0.40 58.83
N THR A 505 1.04 -0.34 60.16
CA THR A 505 0.17 -1.15 61.01
C THR A 505 -0.41 -0.27 62.11
N ALA A 506 -1.62 -0.61 62.56
CA ALA A 506 -2.27 0.15 63.62
C ALA A 506 -1.69 -0.23 64.98
N ASP A 507 -2.07 0.55 65.99
CA ASP A 507 -1.53 0.36 67.34
C ASP A 507 -1.92 -0.98 67.93
N LYS A 508 -3.19 -1.38 67.76
CA LYS A 508 -3.66 -2.62 68.40
C LYS A 508 -3.02 -3.87 67.80
N GLU A 509 -2.56 -3.82 66.55
CA GLU A 509 -1.96 -4.97 65.91
C GLU A 509 -0.44 -4.88 65.86
N ARG A 510 0.15 -3.93 66.58
CA ARG A 510 1.60 -3.78 66.55
C ARG A 510 2.30 -5.03 67.08
N GLU A 511 1.82 -5.56 68.21
CA GLU A 511 2.45 -6.74 68.79
C GLU A 511 2.33 -7.94 67.85
N LYS A 512 1.15 -8.15 67.27
CA LYS A 512 0.95 -9.32 66.43
C LYS A 512 1.77 -9.21 65.15
N THR A 513 1.84 -8.02 64.54
CA THR A 513 2.63 -7.89 63.33
C THR A 513 4.12 -7.97 63.60
N ILE A 514 4.56 -7.49 64.78
CA ILE A 514 5.96 -7.62 65.16
C ILE A 514 6.31 -9.10 65.35
N GLN A 515 5.42 -9.85 66.01
CA GLN A 515 5.64 -11.28 66.15
C GLN A 515 5.67 -11.98 64.81
N GLN A 516 4.77 -11.56 63.89
CA GLN A 516 4.76 -12.15 62.55
C GLN A 516 6.06 -11.89 61.81
N ILE A 517 6.59 -10.67 61.91
CA ILE A 517 7.84 -10.36 61.22
C ILE A 517 9.00 -11.14 61.83
N TYR A 518 9.04 -11.24 63.17
CA TYR A 518 10.08 -12.06 63.79
C TYR A 518 9.95 -13.52 63.37
N GLN A 519 8.72 -14.02 63.22
CA GLN A 519 8.53 -15.39 62.76
C GLN A 519 9.06 -15.57 61.34
N TYR A 520 8.80 -14.58 60.48
CA TYR A 520 9.33 -14.65 59.11
C TYR A 520 10.85 -14.64 59.10
N ARG A 521 11.45 -13.79 59.93
CA ARG A 521 12.92 -13.75 60.00
C ARG A 521 13.48 -15.06 60.54
N LYS A 522 12.82 -15.65 61.54
CA LYS A 522 13.26 -16.93 62.06
C LYS A 522 13.15 -18.02 61.01
N ALA A 523 12.07 -17.98 60.22
CA ALA A 523 11.93 -18.94 59.13
C ALA A 523 13.05 -18.79 58.11
N HIS A 524 13.39 -17.55 57.77
CA HIS A 524 14.48 -17.31 56.84
C HIS A 524 15.81 -17.84 57.39
N ASN A 525 16.07 -17.57 58.67
CA ASN A 525 17.30 -18.07 59.31
C ASN A 525 17.33 -19.59 59.34
N ASP A 526 16.20 -20.22 59.66
CA ASP A 526 16.13 -21.67 59.68
C ASP A 526 16.39 -22.25 58.29
N ILE A 527 15.82 -21.62 57.26
CA ILE A 527 16.08 -22.07 55.89
C ILE A 527 17.58 -21.98 55.59
N ALA A 528 18.19 -20.85 55.95
CA ALA A 528 19.61 -20.67 55.68
C ALA A 528 20.46 -21.72 56.38
N GLU A 529 20.21 -21.95 57.67
CA GLU A 529 21.05 -22.88 58.41
C GLU A 529 20.79 -24.32 57.97
N TYR A 530 19.55 -24.66 57.60
CA TYR A 530 19.27 -26.00 57.09
C TYR A 530 19.98 -26.22 55.76
N LEU A 531 20.02 -25.21 54.90
CA LEU A 531 20.74 -25.34 53.64
C LEU A 531 22.24 -25.41 53.87
N LYS A 532 22.74 -24.77 54.93
CA LYS A 532 24.17 -24.77 55.19
C LYS A 532 24.63 -26.11 55.77
N ASP A 533 24.01 -26.55 56.86
CA ASP A 533 24.54 -27.68 57.62
C ASP A 533 24.32 -29.02 56.94
N ARG A 534 23.26 -29.15 56.14
CA ARG A 534 22.90 -30.44 55.58
C ARG A 534 23.91 -30.87 54.53
N VAL A 535 24.38 -32.12 54.62
CA VAL A 535 25.34 -32.70 53.69
C VAL A 535 24.80 -34.03 53.21
N LEU A 536 24.89 -34.28 51.91
CA LEU A 536 24.43 -35.53 51.32
C LEU A 536 25.30 -35.88 50.13
N GLU A 537 25.75 -37.13 50.08
CA GLU A 537 26.55 -37.59 48.95
C GLU A 537 25.69 -37.85 47.72
N LYS A 538 24.47 -38.36 47.92
CA LYS A 538 23.62 -38.69 46.78
C LYS A 538 23.09 -37.44 46.07
N THR A 539 22.84 -36.37 46.82
CA THR A 539 22.44 -35.04 46.33
C THR A 539 21.23 -35.09 45.40
N GLU A 540 20.52 -36.22 45.36
CA GLU A 540 19.31 -36.36 44.55
C GLU A 540 18.36 -37.31 45.25
N PRO A 541 17.06 -37.01 45.24
CA PRO A 541 16.09 -37.93 45.84
C PRO A 541 16.04 -39.25 45.10
N GLU A 542 15.76 -40.32 45.85
CA GLU A 542 15.72 -41.66 45.28
C GLU A 542 14.42 -41.88 44.52
N LEU A 543 14.32 -43.05 43.88
CA LEU A 543 13.15 -43.35 43.06
C LEU A 543 11.91 -43.61 43.92
N TYR A 544 12.08 -44.32 45.04
CA TYR A 544 10.91 -44.75 45.81
C TYR A 544 10.16 -43.57 46.39
N GLU A 545 10.87 -42.57 46.92
CA GLU A 545 10.20 -41.41 47.48
C GLU A 545 9.53 -40.57 46.39
N ILE A 546 10.17 -40.48 45.22
CA ILE A 546 9.56 -39.78 44.09
C ILE A 546 8.26 -40.45 43.69
N LYS A 547 8.27 -41.77 43.60
CA LYS A 547 7.05 -42.51 43.27
C LYS A 547 5.99 -42.32 44.35
N GLY A 548 6.38 -42.40 45.62
CA GLY A 548 5.43 -42.24 46.70
C GLY A 548 4.82 -40.85 46.78
N HIS A 549 5.53 -39.84 46.29
CA HIS A 549 4.99 -38.49 46.29
C HIS A 549 3.77 -38.38 45.38
N PHE A 550 3.83 -39.00 44.21
CA PHE A 550 2.78 -38.84 43.20
C PHE A 550 1.74 -39.96 43.22
N GLN A 551 1.94 -41.01 44.01
CA GLN A 551 1.02 -42.14 43.98
C GLN A 551 -0.30 -41.86 44.69
N ASP A 552 -0.41 -40.75 45.42
CA ASP A 552 -1.65 -40.45 46.13
C ASP A 552 -2.78 -40.17 45.16
N ASP A 553 -2.50 -39.50 44.04
CA ASP A 553 -3.53 -39.07 43.12
C ASP A 553 -3.92 -40.21 42.18
N ILE A 554 -4.89 -39.93 41.31
CA ILE A 554 -5.36 -40.94 40.35
C ILE A 554 -4.29 -41.16 39.28
N ASP A 555 -4.06 -42.43 38.98
CA ASP A 555 -3.07 -42.77 37.96
C ASP A 555 -3.51 -42.24 36.59
N PRO A 556 -2.60 -41.64 35.82
CA PRO A 556 -2.98 -41.12 34.50
C PRO A 556 -3.19 -42.23 33.48
N PHE A 557 -3.70 -41.88 32.31
CA PHE A 557 -3.99 -42.84 31.25
C PHE A 557 -3.18 -42.50 30.02
N THR A 558 -2.46 -43.49 29.50
CA THR A 558 -1.67 -43.34 28.28
C THR A 558 -2.09 -44.39 27.28
N ASN A 559 -2.21 -43.99 26.02
CA ASN A 559 -2.56 -44.90 24.95
C ASN A 559 -1.29 -45.45 24.30
N GLU A 560 -1.45 -46.26 23.26
CA GLU A 560 -0.29 -46.83 22.58
C GLU A 560 0.51 -45.77 21.83
N ASN A 561 -0.08 -44.61 21.55
CA ASN A 561 0.62 -43.56 20.83
C ASN A 561 1.54 -42.74 21.72
N GLY A 562 1.42 -42.86 23.04
CA GLY A 562 2.24 -42.11 23.96
C GLY A 562 1.59 -40.89 24.56
N ALA A 563 0.46 -40.44 24.02
CA ALA A 563 -0.26 -39.33 24.62
C ALA A 563 -0.80 -39.73 25.99
N VAL A 564 -0.82 -38.77 26.92
CA VAL A 564 -1.19 -39.02 28.30
C VAL A 564 -2.35 -38.11 28.68
N LEU A 565 -3.38 -38.68 29.29
CA LEU A 565 -4.53 -37.94 29.80
C LEU A 565 -4.35 -37.72 31.30
N LEU A 566 -3.93 -36.53 31.67
CA LEU A 566 -3.76 -36.21 33.08
C LEU A 566 -5.12 -36.01 33.73
N PRO A 567 -5.41 -36.69 34.85
CA PRO A 567 -6.72 -36.51 35.49
C PRO A 567 -6.98 -35.08 35.92
N ASN A 568 -5.94 -34.30 36.22
CA ASN A 568 -6.13 -32.91 36.58
C ASN A 568 -6.48 -32.04 35.39
N ASN A 569 -6.23 -32.50 34.17
CA ASN A 569 -6.64 -31.81 32.95
C ASN A 569 -7.98 -32.30 32.43
N ALA A 570 -8.62 -33.23 33.14
CA ALA A 570 -9.85 -33.84 32.64
C ALA A 570 -10.97 -32.81 32.50
N LEU A 571 -11.16 -31.96 33.52
CA LEU A 571 -12.21 -30.95 33.43
C LEU A 571 -11.94 -29.96 32.31
N ALA A 572 -10.68 -29.54 32.16
CA ALA A 572 -10.34 -28.61 31.10
C ALA A 572 -10.61 -29.22 29.73
N ILE A 573 -10.19 -30.46 29.52
CA ILE A 573 -10.40 -31.11 28.23
C ILE A 573 -11.89 -31.30 27.96
N LEU A 574 -12.64 -31.74 28.97
CA LEU A 574 -14.06 -31.98 28.82
C LEU A 574 -14.80 -30.69 28.48
N HIS A 575 -14.52 -29.62 29.20
CA HIS A 575 -15.18 -28.35 28.95
C HIS A 575 -14.75 -27.76 27.61
N ARG A 576 -13.50 -28.03 27.20
CA ARG A 576 -13.05 -27.61 25.87
C ARG A 576 -13.84 -28.32 24.79
N TYR A 577 -14.01 -29.63 24.92
CA TYR A 577 -14.77 -30.39 23.93
C TYR A 577 -16.23 -29.94 23.90
N CYS A 578 -16.83 -29.74 25.07
CA CYS A 578 -18.22 -29.30 25.13
C CYS A 578 -18.42 -27.92 24.50
N GLN A 579 -17.36 -27.14 24.40
CA GLN A 579 -17.40 -25.80 23.83
C GLN A 579 -17.34 -25.81 22.30
N THR A 580 -16.97 -26.95 21.69
CA THR A 580 -16.94 -27.08 20.24
C THR A 580 -18.15 -27.80 19.67
N ILE A 581 -18.87 -28.58 20.46
CA ILE A 581 -20.09 -29.23 19.97
C ILE A 581 -21.18 -28.23 19.55
N PRO A 582 -21.43 -27.12 20.27
CA PRO A 582 -22.54 -26.25 19.84
C PRO A 582 -22.26 -25.63 18.49
N THR A 583 -23.33 -25.46 17.71
CA THR A 583 -23.26 -24.89 16.38
C THR A 583 -24.14 -23.65 16.29
N ASP A 584 -24.28 -22.93 17.41
CA ASP A 584 -25.13 -21.76 17.46
C ASP A 584 -24.58 -20.82 18.52
N ALA A 585 -25.04 -19.56 18.45
CA ALA A 585 -24.56 -18.55 19.38
C ALA A 585 -25.20 -18.69 20.76
N PHE A 586 -26.19 -19.56 20.90
CA PHE A 586 -26.86 -19.76 22.17
C PHE A 586 -26.85 -21.21 22.63
N GLY A 587 -26.11 -22.08 21.95
CA GLY A 587 -26.16 -23.50 22.21
C GLY A 587 -25.13 -24.05 23.18
N PHE A 588 -24.37 -23.20 23.87
CA PHE A 588 -23.30 -23.67 24.74
C PHE A 588 -23.87 -23.96 26.12
N VAL A 589 -23.67 -25.19 26.60
CA VAL A 589 -24.00 -25.56 27.96
C VAL A 589 -22.84 -26.36 28.53
N ILE A 590 -22.60 -26.21 29.83
CA ILE A 590 -21.56 -26.94 30.53
C ILE A 590 -22.19 -28.22 31.06
N PRO A 591 -21.45 -29.33 31.15
CA PRO A 591 -22.04 -30.54 31.73
C PRO A 591 -22.53 -30.31 33.15
N TRP A 592 -23.66 -30.91 33.48
CA TRP A 592 -24.28 -30.76 34.79
C TRP A 592 -23.62 -31.75 35.74
N PHE A 593 -22.99 -31.24 36.80
CA PHE A 593 -22.38 -32.08 37.81
C PHE A 593 -23.37 -32.23 38.98
N HIS A 594 -23.65 -33.47 39.35
CA HIS A 594 -24.62 -33.76 40.40
C HIS A 594 -23.98 -34.72 41.39
N VAL A 595 -24.07 -34.38 42.67
CA VAL A 595 -23.54 -35.23 43.74
C VAL A 595 -24.64 -36.14 44.24
N LEU A 596 -24.39 -37.44 44.23
CA LEU A 596 -25.41 -38.41 44.60
C LEU A 596 -25.65 -38.39 46.11
N GLN A 597 -26.90 -38.55 46.51
CA GLN A 597 -27.27 -38.55 47.91
C GLN A 597 -26.93 -39.90 48.54
N GLU A 598 -27.24 -40.03 49.84
CA GLU A 598 -26.99 -41.27 50.55
C GLU A 598 -27.78 -42.42 49.94
N ASP A 599 -29.09 -42.23 49.76
CA ASP A 599 -29.93 -43.30 49.24
C ASP A 599 -29.54 -43.69 47.82
N GLU A 600 -29.29 -42.71 46.96
CA GLU A 600 -28.92 -43.00 45.58
C GLU A 600 -27.57 -43.71 45.52
N ARG A 601 -26.58 -43.22 46.27
CA ARG A 601 -25.28 -43.86 46.27
C ARG A 601 -25.36 -45.29 46.78
N ASP A 602 -26.12 -45.51 47.86
CA ASP A 602 -26.33 -46.87 48.34
C ASP A 602 -26.96 -47.74 47.27
N ARG A 603 -28.08 -47.29 46.70
CA ARG A 603 -28.80 -48.09 45.72
C ARG A 603 -27.93 -48.44 44.52
N ILE A 604 -27.01 -47.55 44.14
CA ILE A 604 -26.20 -47.81 42.96
C ILE A 604 -25.00 -48.68 43.29
N PHE A 605 -24.27 -48.34 44.35
CA PHE A 605 -22.97 -48.97 44.61
C PHE A 605 -22.97 -49.98 45.74
N GLY A 606 -24.15 -50.42 46.23
CA GLY A 606 -24.07 -51.37 47.32
C GLY A 606 -23.55 -50.71 48.59
N VAL A 607 -22.97 -51.54 49.46
CA VAL A 607 -22.35 -51.03 50.68
C VAL A 607 -20.89 -50.67 50.49
N SER A 608 -20.33 -50.91 49.30
CA SER A 608 -18.93 -50.63 49.04
C SER A 608 -18.61 -49.14 49.02
N ALA A 609 -19.62 -48.29 48.87
CA ALA A 609 -19.43 -46.85 48.83
C ALA A 609 -20.05 -46.18 50.05
N LYS A 610 -19.91 -46.82 51.21
CA LYS A 610 -20.43 -46.28 52.46
C LYS A 610 -19.41 -45.29 53.03
N GLY A 611 -19.87 -44.08 53.33
CA GLY A 611 -18.99 -43.06 53.87
C GLY A 611 -18.03 -42.44 52.89
N LYS A 612 -18.25 -42.63 51.59
CA LYS A 612 -17.37 -42.09 50.56
C LYS A 612 -18.23 -41.38 49.52
N HIS A 613 -17.61 -40.43 48.82
CA HIS A 613 -18.33 -39.52 47.95
C HIS A 613 -18.26 -39.97 46.49
N VAL A 614 -19.35 -39.74 45.77
CA VAL A 614 -19.44 -40.04 44.34
C VAL A 614 -20.06 -38.84 43.63
N ILE A 615 -19.77 -38.71 42.34
CA ILE A 615 -20.26 -37.61 41.53
C ILE A 615 -20.80 -38.17 40.22
N SER A 616 -22.01 -37.75 39.86
CA SER A 616 -22.62 -38.11 38.58
C SER A 616 -22.64 -36.89 37.67
N ILE A 617 -22.20 -37.08 36.44
CA ILE A 617 -22.08 -36.00 35.46
C ILE A 617 -23.07 -36.26 34.34
N ASN A 618 -23.81 -35.23 33.95
CA ASN A 618 -24.80 -35.32 32.89
C ASN A 618 -24.29 -34.54 31.67
N MET A 619 -24.23 -35.21 30.53
CA MET A 619 -23.71 -34.66 29.30
C MET A 619 -24.75 -33.78 28.59
N PRO A 620 -24.30 -32.83 27.78
CA PRO A 620 -25.23 -32.05 26.96
C PRO A 620 -25.96 -32.94 25.96
N VAL A 621 -27.11 -32.46 25.51
CA VAL A 621 -27.99 -33.25 24.65
C VAL A 621 -27.36 -33.49 23.27
N ASN A 622 -26.64 -32.51 22.73
CA ASN A 622 -26.11 -32.65 21.38
C ASN A 622 -25.10 -33.79 21.28
N CYS A 623 -24.18 -33.87 22.22
CA CYS A 623 -23.07 -34.79 22.11
C CYS A 623 -23.51 -36.22 22.45
N MET A 624 -22.68 -37.20 22.08
CA MET A 624 -23.12 -38.59 22.07
C MET A 624 -23.47 -39.12 23.45
N LEU A 625 -22.66 -38.86 24.47
CA LEU A 625 -22.88 -39.48 25.77
C LEU A 625 -24.21 -38.99 26.34
N ARG A 626 -25.04 -39.94 26.77
CA ARG A 626 -26.25 -39.65 27.52
C ARG A 626 -26.43 -40.69 28.60
N ASP A 627 -25.32 -41.15 29.17
CA ASP A 627 -25.30 -42.31 30.04
C ASP A 627 -25.04 -41.97 31.50
N THR A 628 -24.86 -40.70 31.85
CA THR A 628 -24.68 -40.26 33.24
C THR A 628 -23.50 -41.00 33.88
N ILE A 629 -22.30 -40.64 33.40
CA ILE A 629 -21.08 -41.26 33.89
C ILE A 629 -21.00 -41.13 35.40
N TYR A 630 -20.72 -42.24 36.08
CA TYR A 630 -20.61 -42.28 37.53
C TYR A 630 -19.14 -42.34 37.92
N SER A 631 -18.71 -41.39 38.75
CA SER A 631 -17.35 -41.39 39.24
C SER A 631 -17.15 -42.52 40.24
N ASP A 632 -15.89 -42.91 40.41
CA ASP A 632 -15.56 -43.90 41.41
C ASP A 632 -15.76 -43.30 42.80
N PRO A 633 -15.98 -44.14 43.82
CA PRO A 633 -16.08 -43.62 45.19
C PRO A 633 -14.76 -43.06 45.68
N MET A 634 -14.72 -41.76 45.95
CA MET A 634 -13.54 -41.09 46.47
C MET A 634 -13.87 -40.40 47.78
N ASP A 635 -12.81 -40.03 48.51
CA ASP A 635 -12.99 -39.51 49.87
C ASP A 635 -13.73 -38.18 49.89
N ASN A 636 -13.39 -37.26 48.99
CA ASN A 636 -13.98 -35.93 49.00
C ASN A 636 -14.59 -35.62 47.65
N VAL A 637 -15.24 -34.46 47.58
CA VAL A 637 -15.98 -34.06 46.38
C VAL A 637 -15.03 -33.72 45.24
N LYS A 638 -13.91 -33.07 45.54
CA LYS A 638 -13.00 -32.64 44.49
C LYS A 638 -12.43 -33.84 43.73
N THR A 639 -11.99 -34.86 44.46
CA THR A 639 -11.45 -36.05 43.81
C THR A 639 -12.55 -36.80 43.05
N ALA A 640 -13.78 -36.77 43.57
CA ALA A 640 -14.89 -37.37 42.85
C ALA A 640 -15.15 -36.66 41.52
N LYS A 641 -15.10 -35.34 41.53
CA LYS A 641 -15.24 -34.59 40.29
C LYS A 641 -14.10 -34.89 39.32
N ILE A 642 -12.88 -34.98 39.84
CA ILE A 642 -11.74 -35.36 39.02
C ILE A 642 -11.99 -36.71 38.36
N SER A 643 -12.41 -37.69 39.14
CA SER A 643 -12.65 -39.04 38.60
C SER A 643 -13.77 -39.04 37.57
N ALA A 644 -14.84 -38.27 37.84
CA ALA A 644 -15.96 -38.22 36.89
C ALA A 644 -15.52 -37.62 35.56
N ALA A 645 -14.79 -36.51 35.61
CA ALA A 645 -14.33 -35.89 34.38
C ALA A 645 -13.33 -36.79 33.66
N PHE A 646 -12.49 -37.50 34.41
CA PHE A 646 -11.53 -38.41 33.80
C PHE A 646 -12.23 -39.55 33.09
N LYS A 647 -13.25 -40.14 33.73
CA LYS A 647 -14.00 -41.22 33.10
C LYS A 647 -14.75 -40.71 31.87
N ALA A 648 -15.31 -39.50 31.95
CA ALA A 648 -16.00 -38.93 30.80
C ALA A 648 -15.03 -38.74 29.63
N CYS A 649 -13.83 -38.23 29.91
CA CYS A 649 -12.85 -38.04 28.85
C CYS A 649 -12.39 -39.37 28.27
N LYS A 650 -12.19 -40.38 29.12
CA LYS A 650 -11.76 -41.69 28.62
C LYS A 650 -12.80 -42.30 27.71
N VAL A 651 -14.07 -42.23 28.11
CA VAL A 651 -15.12 -42.84 27.31
C VAL A 651 -15.42 -42.00 26.07
N LEU A 652 -15.14 -40.69 26.12
CA LEU A 652 -15.16 -39.89 24.90
C LEU A 652 -14.08 -40.34 23.94
N TYR A 653 -12.87 -40.60 24.45
CA TYR A 653 -11.79 -41.06 23.61
C TYR A 653 -12.12 -42.41 22.99
N SER A 654 -12.72 -43.30 23.77
CA SER A 654 -13.11 -44.60 23.23
C SER A 654 -14.18 -44.46 22.15
N LEU A 655 -14.94 -43.37 22.17
CA LEU A 655 -15.98 -43.14 21.17
C LEU A 655 -15.47 -42.39 19.94
N GLY A 656 -14.19 -42.04 19.90
CA GLY A 656 -13.62 -41.39 18.74
C GLY A 656 -13.70 -39.88 18.71
N GLU A 657 -14.35 -39.27 19.69
CA GLU A 657 -14.41 -37.80 19.74
C GLU A 657 -13.07 -37.16 20.06
N LEU A 658 -12.13 -37.92 20.61
CA LEU A 658 -10.78 -37.43 20.92
C LEU A 658 -9.80 -38.05 19.94
N ASN A 659 -9.10 -37.21 19.19
CA ASN A 659 -8.31 -37.67 18.04
C ASN A 659 -6.98 -38.27 18.50
N GLU A 660 -7.08 -39.32 19.33
CA GLU A 660 -5.94 -40.14 19.77
C GLU A 660 -4.85 -39.27 20.40
N ARG A 661 -5.16 -38.01 20.65
CA ARG A 661 -4.25 -37.09 21.31
C ARG A 661 -4.91 -36.44 22.53
N PHE A 662 -6.12 -36.84 22.86
CA PHE A 662 -6.90 -36.26 23.96
C PHE A 662 -7.07 -34.75 23.77
N VAL A 663 -7.32 -34.35 22.53
CA VAL A 663 -7.78 -33.00 22.20
C VAL A 663 -9.00 -33.19 21.30
N PRO A 664 -10.06 -32.39 21.46
CA PRO A 664 -11.29 -32.65 20.69
C PRO A 664 -11.05 -32.62 19.19
N LYS A 665 -11.70 -33.55 18.49
CA LYS A 665 -11.55 -33.64 17.04
C LYS A 665 -12.08 -32.39 16.36
N THR A 666 -11.34 -31.90 15.38
CA THR A 666 -11.81 -30.80 14.56
C THR A 666 -12.49 -31.33 13.31
N LEU A 667 -13.02 -30.41 12.51
CA LEU A 667 -13.71 -30.78 11.29
C LEU A 667 -12.76 -31.44 10.29
N LYS A 668 -11.51 -30.95 10.23
CA LYS A 668 -10.56 -31.44 9.24
C LYS A 668 -10.28 -32.93 9.44
N GLU A 669 -10.07 -33.36 10.68
CA GLU A 669 -9.82 -34.77 10.93
C GLU A 669 -11.07 -35.60 10.62
N ARG A 670 -12.25 -35.07 10.91
CA ARG A 670 -13.48 -35.78 10.62
C ARG A 670 -13.64 -36.02 9.12
N VAL A 671 -13.33 -35.02 8.30
CA VAL A 671 -13.44 -35.22 6.85
C VAL A 671 -12.26 -36.00 6.29
N ALA A 672 -11.10 -35.96 6.95
CA ALA A 672 -9.98 -36.78 6.50
C ALA A 672 -10.24 -38.25 6.74
N SER A 673 -10.92 -38.59 7.85
CA SER A 673 -11.29 -39.97 8.11
C SER A 673 -12.33 -40.50 7.12
N ILE A 674 -12.95 -39.62 6.34
CA ILE A 674 -14.00 -40.02 5.41
C ILE A 674 -13.60 -39.81 3.95
N ALA A 675 -12.51 -39.08 3.68
CA ALA A 675 -12.09 -38.88 2.30
C ALA A 675 -11.74 -40.20 1.63
N ASP A 676 -11.08 -41.10 2.34
CA ASP A 676 -10.61 -42.35 1.75
C ASP A 676 -11.75 -43.31 1.43
N VAL A 677 -12.97 -43.04 1.88
CA VAL A 677 -14.11 -43.90 1.58
C VAL A 677 -15.10 -43.21 0.66
N HIS A 678 -15.30 -41.91 0.82
CA HIS A 678 -16.30 -41.18 0.03
C HIS A 678 -15.71 -40.35 -1.10
N PHE A 679 -14.40 -40.16 -1.16
CA PHE A 679 -13.76 -39.36 -2.19
C PHE A 679 -12.54 -40.07 -2.77
N GLU A 680 -12.69 -41.37 -3.05
CA GLU A 680 -11.59 -42.13 -3.63
C GLU A 680 -11.23 -41.64 -5.02
N HIS A 681 -12.23 -41.29 -5.83
CA HIS A 681 -11.99 -40.94 -7.23
C HIS A 681 -11.21 -39.64 -7.40
N TRP A 682 -11.13 -38.80 -6.37
CA TRP A 682 -10.37 -37.57 -6.48
C TRP A 682 -8.88 -37.81 -6.67
N ASN A 683 -8.37 -38.95 -6.21
CA ASN A 683 -6.94 -39.20 -6.20
C ASN A 683 -6.35 -39.27 -7.61
N LYS A 684 -7.04 -39.89 -8.56
CA LYS A 684 -6.47 -40.06 -9.89
C LYS A 684 -6.35 -38.75 -10.64
N TYR A 685 -6.98 -37.68 -10.16
CA TYR A 685 -6.81 -36.35 -10.74
C TYR A 685 -5.85 -35.49 -9.94
N GLY A 686 -5.11 -36.08 -9.00
CA GLY A 686 -4.13 -35.33 -8.25
C GLY A 686 -4.70 -34.36 -7.24
N ASP A 687 -5.94 -34.57 -6.82
CA ASP A 687 -6.60 -33.68 -5.87
C ASP A 687 -7.14 -34.49 -4.70
N SER A 688 -7.22 -33.84 -3.55
CA SER A 688 -7.79 -34.43 -2.34
C SER A 688 -8.71 -33.42 -1.68
N VAL A 689 -9.82 -33.92 -1.13
CA VAL A 689 -10.77 -33.04 -0.46
C VAL A 689 -10.18 -32.45 0.82
N THR A 690 -9.18 -33.12 1.40
CA THR A 690 -8.54 -32.59 2.60
C THR A 690 -7.79 -31.29 2.31
N ALA A 691 -7.11 -31.24 1.17
CA ALA A 691 -6.36 -30.05 0.79
C ALA A 691 -7.30 -28.88 0.52
N THR A 692 -6.85 -27.68 0.90
CA THR A 692 -7.62 -26.46 0.70
C THR A 692 -6.98 -25.54 -0.34
N VAL A 693 -5.90 -25.96 -0.98
CA VAL A 693 -5.21 -25.11 -1.93
C VAL A 693 -6.07 -24.89 -3.18
N ASN A 694 -6.76 -25.93 -3.63
CA ASN A 694 -7.55 -25.88 -4.85
C ASN A 694 -8.92 -25.25 -4.66
N LYS A 695 -9.21 -24.71 -3.47
CA LYS A 695 -10.48 -24.05 -3.25
C LYS A 695 -10.50 -22.60 -3.73
N ALA A 696 -9.33 -22.01 -3.99
CA ALA A 696 -9.28 -20.62 -4.42
C ALA A 696 -9.70 -20.46 -5.88
N ASP A 697 -9.23 -21.34 -6.76
CA ASP A 697 -9.51 -21.23 -8.19
C ASP A 697 -10.84 -21.89 -8.52
N LYS A 698 -11.91 -21.18 -8.17
CA LYS A 698 -13.27 -21.65 -8.41
C LYS A 698 -13.70 -21.50 -9.85
N SER A 699 -13.04 -20.65 -10.63
CA SER A 699 -13.42 -20.36 -12.01
C SER A 699 -12.51 -21.07 -13.00
N LYS A 700 -12.08 -22.28 -12.67
CA LYS A 700 -11.20 -23.05 -13.54
C LYS A 700 -12.01 -23.73 -14.65
N ASP A 701 -11.29 -24.30 -15.60
CA ASP A 701 -11.90 -25.05 -16.70
C ASP A 701 -10.88 -26.03 -17.23
N ARG A 702 -11.38 -27.05 -17.94
CA ARG A 702 -10.54 -28.12 -18.46
C ARG A 702 -10.85 -28.34 -19.92
N THR A 703 -9.90 -28.94 -20.62
CA THR A 703 -10.03 -29.23 -22.05
C THR A 703 -10.38 -30.70 -22.23
N TYR A 704 -11.47 -30.97 -22.95
CA TYR A 704 -11.97 -32.31 -23.15
C TYR A 704 -11.94 -32.67 -24.62
N LYS A 705 -11.43 -33.86 -24.92
CA LYS A 705 -11.39 -34.37 -26.29
C LYS A 705 -12.79 -34.86 -26.67
N THR A 706 -13.46 -34.10 -27.54
CA THR A 706 -14.80 -34.46 -27.94
C THR A 706 -14.79 -35.71 -28.81
N GLU A 707 -15.85 -36.51 -28.68
CA GLU A 707 -16.01 -37.73 -29.45
C GLU A 707 -17.36 -37.72 -30.15
N CYS A 708 -17.36 -38.13 -31.42
CA CYS A 708 -18.59 -38.18 -32.18
C CYS A 708 -19.47 -39.34 -31.71
N PRO A 709 -20.78 -39.26 -31.96
CA PRO A 709 -21.65 -40.39 -31.64
C PRO A 709 -21.24 -41.63 -32.41
N LEU A 710 -21.49 -42.79 -31.80
CA LEU A 710 -21.01 -44.06 -32.36
C LEU A 710 -21.51 -44.27 -33.79
N GLU A 711 -22.69 -43.77 -34.11
CA GLU A 711 -23.21 -43.92 -35.46
C GLU A 711 -22.38 -43.14 -36.47
N PHE A 712 -21.93 -41.95 -36.09
CA PHE A 712 -21.12 -41.14 -36.99
C PHE A 712 -19.71 -41.68 -37.16
N TYR A 713 -19.19 -42.42 -36.18
CA TYR A 713 -17.85 -42.98 -36.30
C TYR A 713 -17.85 -44.13 -37.30
N ASP A 714 -16.87 -44.11 -38.21
CA ASP A 714 -16.72 -45.16 -39.23
C ASP A 714 -18.01 -45.32 -40.04
N ALA A 715 -18.63 -44.21 -40.38
CA ALA A 715 -19.87 -44.22 -41.14
C ALA A 715 -19.67 -43.94 -42.63
N LEU A 716 -18.43 -43.93 -43.09
CA LEU A 716 -18.15 -43.69 -44.50
C LEU A 716 -18.69 -44.84 -45.34
N PRO A 717 -19.59 -44.59 -46.29
CA PRO A 717 -20.08 -45.68 -47.14
C PRO A 717 -18.95 -46.27 -47.97
N ARG A 718 -19.06 -47.57 -48.25
CA ARG A 718 -18.00 -48.30 -48.93
C ARG A 718 -18.57 -49.01 -50.15
N VAL A 719 -17.67 -49.35 -51.07
CA VAL A 719 -18.05 -50.02 -52.31
C VAL A 719 -18.36 -51.48 -52.03
N GLY A 720 -19.50 -51.94 -52.51
CA GLY A 720 -19.90 -53.32 -52.33
C GLY A 720 -20.54 -53.62 -50.99
N GLU A 721 -20.75 -52.61 -50.16
CA GLU A 721 -21.38 -52.78 -48.85
C GLU A 721 -22.68 -52.00 -48.82
N ILE A 722 -23.63 -52.51 -48.04
CA ILE A 722 -24.93 -51.87 -47.90
C ILE A 722 -24.77 -50.58 -47.11
N CYS A 723 -25.47 -49.54 -47.55
CA CYS A 723 -25.43 -48.24 -46.89
C CYS A 723 -26.85 -47.70 -46.76
N TYR A 724 -27.06 -46.87 -45.76
CA TYR A 724 -28.39 -46.35 -45.42
C TYR A 724 -28.41 -44.85 -45.59
N ALA A 725 -29.44 -44.36 -46.28
CA ALA A 725 -29.66 -42.94 -46.48
C ALA A 725 -30.97 -42.54 -45.80
N TYR A 726 -30.92 -41.53 -44.94
CA TYR A 726 -32.07 -41.05 -44.20
C TYR A 726 -32.50 -39.71 -44.76
N GLU A 727 -33.63 -39.70 -45.46
CA GLU A 727 -34.11 -38.46 -46.07
C GLU A 727 -34.47 -37.44 -45.00
N ILE A 728 -34.11 -36.19 -45.27
CA ILE A 728 -34.40 -35.08 -44.36
C ILE A 728 -35.60 -34.33 -44.93
N PHE A 729 -36.68 -34.28 -44.18
CA PHE A 729 -37.89 -33.56 -44.57
C PHE A 729 -37.96 -32.26 -43.80
N LEU A 730 -38.11 -31.15 -44.52
CA LEU A 730 -38.31 -29.84 -43.92
C LEU A 730 -39.76 -29.44 -44.09
N GLU A 731 -40.44 -29.20 -42.98
CA GLU A 731 -41.86 -28.85 -43.01
C GLU A 731 -42.04 -27.40 -42.58
N PRO A 732 -42.46 -26.51 -43.47
CA PRO A 732 -42.72 -25.12 -43.06
C PRO A 732 -43.95 -25.05 -42.17
N GLN A 733 -43.85 -24.24 -41.11
CA GLN A 733 -44.97 -24.04 -40.21
C GLN A 733 -45.67 -22.72 -40.45
N PHE A 734 -44.98 -21.74 -41.01
CA PHE A 734 -45.57 -20.44 -41.26
C PHE A 734 -46.63 -20.53 -42.35
N GLU A 735 -47.64 -19.68 -42.26
CA GLU A 735 -48.68 -19.63 -43.28
C GLU A 735 -48.14 -18.97 -44.54
N SER A 736 -48.56 -19.51 -45.69
CA SER A 736 -48.11 -18.97 -46.97
C SER A 736 -48.69 -17.58 -47.20
N CYS A 737 -47.86 -16.67 -47.68
CA CYS A 737 -48.29 -15.33 -48.05
C CYS A 737 -47.46 -14.88 -49.23
N GLU A 738 -47.68 -13.63 -49.66
CA GLU A 738 -46.95 -13.11 -50.81
C GLU A 738 -45.46 -12.95 -50.50
N TYR A 739 -45.09 -12.99 -49.23
CA TYR A 739 -43.69 -12.77 -48.86
C TYR A 739 -43.02 -14.07 -48.44
N THR A 740 -43.79 -15.05 -47.98
CA THR A 740 -43.27 -16.37 -47.64
C THR A 740 -43.59 -17.41 -48.71
N GLU A 741 -44.06 -16.99 -49.88
CA GLU A 741 -44.48 -17.94 -50.90
C GLU A 741 -43.33 -18.83 -51.36
N HIS A 742 -42.18 -18.22 -51.61
CA HIS A 742 -41.08 -18.94 -52.24
C HIS A 742 -40.57 -20.09 -51.37
N MET A 743 -40.26 -19.81 -50.11
CA MET A 743 -39.80 -20.88 -49.22
C MET A 743 -40.90 -21.91 -48.99
N TYR A 744 -42.15 -21.47 -48.81
CA TYR A 744 -43.22 -22.40 -48.47
C TYR A 744 -43.49 -23.37 -49.61
N LEU A 745 -43.32 -22.91 -50.86
CA LEU A 745 -43.48 -23.82 -51.98
C LEU A 745 -42.23 -24.68 -52.18
N ASN A 746 -41.04 -24.10 -51.97
CA ASN A 746 -39.82 -24.81 -52.31
C ASN A 746 -39.51 -25.92 -51.33
N LEU A 747 -39.68 -25.66 -50.03
CA LEU A 747 -39.31 -26.64 -49.02
C LEU A 747 -40.26 -27.84 -48.99
N GLN A 748 -41.43 -27.73 -49.61
CA GLN A 748 -42.34 -28.85 -49.71
C GLN A 748 -42.11 -29.69 -50.95
N THR A 749 -41.17 -29.30 -51.80
CA THR A 749 -40.87 -30.10 -52.98
C THR A 749 -40.24 -31.43 -52.57
N PRO A 750 -40.52 -32.51 -53.30
CA PRO A 750 -39.96 -33.81 -52.96
C PRO A 750 -38.48 -33.98 -53.27
N ARG A 751 -37.81 -32.95 -53.78
CA ARG A 751 -36.38 -33.03 -54.07
C ARG A 751 -35.58 -32.72 -52.81
N ASN A 752 -35.59 -33.69 -51.89
CA ASN A 752 -34.89 -33.55 -50.62
C ASN A 752 -33.50 -34.18 -50.70
N TYR A 753 -32.71 -33.98 -49.66
CA TYR A 753 -31.40 -34.58 -49.54
C TYR A 753 -31.36 -35.47 -48.31
N ALA A 754 -30.62 -36.57 -48.41
CA ALA A 754 -30.51 -37.53 -47.33
C ALA A 754 -29.09 -37.50 -46.76
N ILE A 755 -28.88 -38.30 -45.73
CA ILE A 755 -27.59 -38.44 -45.07
C ILE A 755 -27.18 -39.90 -45.15
N LEU A 756 -26.00 -40.17 -45.69
CA LEU A 756 -25.52 -41.53 -45.94
C LEU A 756 -24.64 -41.97 -44.79
N LEU A 757 -24.88 -43.18 -44.30
CA LEU A 757 -24.05 -43.79 -43.27
C LEU A 757 -23.96 -45.29 -43.53
N ARG A 758 -22.84 -45.88 -43.11
CA ARG A 758 -22.77 -47.33 -43.04
C ARG A 758 -23.57 -47.84 -41.85
N ASN A 759 -23.57 -47.10 -40.75
CA ASN A 759 -24.31 -47.47 -39.55
C ASN A 759 -25.78 -47.10 -39.70
N LYS A 760 -26.61 -47.71 -38.88
CA LYS A 760 -28.05 -47.48 -38.90
C LYS A 760 -28.42 -46.47 -37.82
N LEU A 761 -29.11 -45.41 -38.22
CA LEU A 761 -29.51 -44.40 -37.25
C LEU A 761 -30.72 -44.86 -36.45
N PRO A 762 -30.82 -44.46 -35.19
CA PRO A 762 -32.04 -44.70 -34.42
C PRO A 762 -33.07 -43.62 -34.74
N ARG A 763 -34.29 -43.83 -34.24
CA ARG A 763 -35.35 -42.85 -34.43
C ARG A 763 -34.96 -41.53 -33.77
N LEU A 764 -35.15 -40.43 -34.51
CA LEU A 764 -34.75 -39.11 -34.05
C LEU A 764 -35.97 -38.23 -33.83
N ALA A 765 -35.87 -37.36 -32.83
CA ALA A 765 -36.98 -36.48 -32.51
C ALA A 765 -37.12 -35.38 -33.56
N GLU A 766 -38.35 -34.93 -33.77
CA GLU A 766 -38.60 -33.80 -34.66
C GLU A 766 -37.99 -32.54 -34.07
N MET A 767 -37.36 -31.74 -34.92
CA MET A 767 -36.57 -30.60 -34.49
C MET A 767 -37.12 -29.31 -35.07
N PRO A 768 -37.20 -28.26 -34.26
CA PRO A 768 -37.65 -26.96 -34.79
C PRO A 768 -36.50 -26.08 -35.24
N LEU A 769 -36.68 -25.37 -36.36
CA LEU A 769 -35.71 -24.40 -36.85
C LEU A 769 -36.42 -23.10 -37.14
N PHE A 770 -35.70 -21.99 -36.96
CA PHE A 770 -36.26 -20.65 -37.08
C PHE A 770 -35.57 -19.91 -38.21
N SER A 771 -36.25 -19.76 -39.34
CA SER A 771 -35.75 -18.93 -40.42
C SER A 771 -36.23 -17.49 -40.24
N ASN A 772 -35.85 -16.63 -41.18
CA ASN A 772 -36.33 -15.26 -41.13
C ASN A 772 -37.85 -15.18 -41.30
N GLN A 773 -38.43 -16.03 -42.15
CA GLN A 773 -39.87 -15.98 -42.40
C GLN A 773 -40.69 -16.98 -41.59
N GLY A 774 -40.10 -17.61 -40.59
CA GLY A 774 -40.92 -18.31 -39.60
C GLY A 774 -40.24 -19.56 -39.09
N LYS A 775 -41.02 -20.39 -38.41
CA LYS A 775 -40.55 -21.61 -37.79
C LYS A 775 -40.62 -22.78 -38.78
N LEU A 776 -39.68 -23.71 -38.63
CA LEU A 776 -39.61 -24.89 -39.47
C LEU A 776 -39.63 -26.13 -38.61
N HIS A 777 -40.20 -27.21 -39.15
CA HIS A 777 -40.17 -28.52 -38.52
C HIS A 777 -39.38 -29.47 -39.39
N VAL A 778 -38.36 -30.09 -38.81
CA VAL A 778 -37.46 -30.99 -39.53
C VAL A 778 -37.62 -32.38 -38.93
N ARG A 779 -37.80 -33.37 -39.79
CA ARG A 779 -37.89 -34.75 -39.36
C ARG A 779 -37.01 -35.62 -40.27
N VAL A 780 -36.45 -36.66 -39.67
CA VAL A 780 -35.63 -37.63 -40.39
C VAL A 780 -36.43 -38.91 -40.54
N ALA A 781 -36.50 -39.44 -41.75
CA ALA A 781 -37.28 -40.63 -42.02
C ALA A 781 -36.77 -41.80 -41.21
N ASN A 782 -37.68 -42.53 -40.55
CA ASN A 782 -37.27 -43.65 -39.71
C ASN A 782 -36.75 -44.81 -40.55
N ALA A 783 -37.33 -45.04 -41.73
CA ALA A 783 -36.91 -46.14 -42.58
C ALA A 783 -35.81 -45.65 -43.51
N PRO A 784 -34.59 -46.16 -43.40
CA PRO A 784 -33.52 -45.70 -44.29
C PRO A 784 -33.67 -46.27 -45.70
N LEU A 785 -33.03 -45.58 -46.64
CA LEU A 785 -32.97 -46.04 -48.02
C LEU A 785 -31.74 -46.90 -48.21
N GLU A 786 -31.94 -48.19 -48.49
CA GLU A 786 -30.86 -49.14 -48.64
C GLU A 786 -30.46 -49.21 -50.11
N VAL A 787 -29.25 -48.76 -50.41
CA VAL A 787 -28.70 -48.81 -51.76
C VAL A 787 -27.30 -49.39 -51.69
N ILE A 788 -26.81 -49.85 -52.85
CA ILE A 788 -25.49 -50.44 -52.96
C ILE A 788 -24.62 -49.53 -53.82
N ILE A 789 -23.34 -49.45 -53.47
CA ILE A 789 -22.36 -48.73 -54.27
C ILE A 789 -21.41 -49.75 -54.87
N GLN A 790 -21.46 -49.90 -56.20
CA GLN A 790 -20.68 -50.92 -56.90
C GLN A 790 -19.55 -50.33 -57.72
N ASN A 791 -19.37 -49.02 -57.71
CA ASN A 791 -18.35 -48.36 -58.51
C ASN A 791 -17.54 -47.42 -57.63
N SER A 792 -16.22 -47.45 -57.79
CA SER A 792 -15.35 -46.60 -56.97
C SER A 792 -15.53 -45.13 -57.34
N GLU A 793 -15.52 -44.82 -58.65
CA GLU A 793 -15.70 -43.43 -59.06
C GLU A 793 -17.10 -42.93 -58.74
N GLN A 794 -18.07 -43.83 -58.54
CA GLN A 794 -19.38 -43.41 -58.07
C GLN A 794 -19.28 -42.81 -56.67
N LEU A 795 -18.60 -43.53 -55.76
CA LEU A 795 -18.36 -43.00 -54.43
C LEU A 795 -17.51 -41.73 -54.49
N GLU A 796 -16.56 -41.69 -55.41
CA GLU A 796 -15.74 -40.49 -55.57
C GLU A 796 -16.60 -39.29 -55.95
N LEU A 797 -17.52 -39.47 -56.90
CA LEU A 797 -18.44 -38.41 -57.29
C LEU A 797 -19.32 -38.00 -56.13
N LEU A 798 -19.81 -38.97 -55.36
CA LEU A 798 -20.63 -38.69 -54.20
C LEU A 798 -19.90 -37.79 -53.20
N HIS A 799 -18.67 -38.18 -52.84
CA HIS A 799 -17.90 -37.39 -51.91
C HIS A 799 -17.51 -36.03 -52.49
N GLN A 800 -17.27 -35.97 -53.80
CA GLN A 800 -16.95 -34.71 -54.45
C GLN A 800 -18.12 -33.74 -54.33
N PHE A 801 -19.34 -34.21 -54.59
CA PHE A 801 -20.50 -33.35 -54.43
C PHE A 801 -20.67 -32.93 -52.97
N HIS A 802 -20.47 -33.86 -52.04
CA HIS A 802 -20.61 -33.52 -50.63
C HIS A 802 -19.63 -32.42 -50.24
N GLY A 803 -18.38 -32.53 -50.69
CA GLY A 803 -17.41 -31.48 -50.41
C GLY A 803 -17.75 -30.18 -51.10
N MET A 804 -18.24 -30.25 -52.34
CA MET A 804 -18.55 -29.05 -53.09
C MET A 804 -19.66 -28.26 -52.41
N VAL A 805 -20.62 -28.95 -51.81
CA VAL A 805 -21.73 -28.26 -51.15
C VAL A 805 -21.20 -27.30 -50.10
N PHE A 806 -20.33 -27.78 -49.22
CA PHE A 806 -19.78 -26.91 -48.18
C PHE A 806 -18.77 -25.92 -48.75
N ARG A 807 -18.00 -26.31 -49.76
CA ARG A 807 -16.96 -25.43 -50.28
C ARG A 807 -17.56 -24.22 -50.97
N ASP A 808 -18.64 -24.40 -51.72
CA ASP A 808 -19.19 -23.33 -52.54
C ASP A 808 -20.56 -22.86 -52.06
N ILE A 809 -21.51 -23.78 -51.87
CA ILE A 809 -22.88 -23.37 -51.59
C ILE A 809 -22.99 -22.72 -50.21
N LEU A 810 -22.38 -23.34 -49.20
CA LEU A 810 -22.44 -22.80 -47.85
C LEU A 810 -21.19 -22.00 -47.48
N LYS A 811 -20.10 -22.18 -48.21
CA LYS A 811 -18.84 -21.46 -47.95
C LYS A 811 -18.35 -21.69 -46.52
N ILE A 812 -18.41 -22.94 -46.06
CA ILE A 812 -17.78 -23.34 -44.81
C ILE A 812 -16.32 -23.71 -45.00
N TRP A 813 -15.85 -23.77 -46.24
CA TRP A 813 -14.52 -24.28 -46.54
C TRP A 813 -13.44 -23.40 -45.92
N HIS A 814 -12.31 -24.02 -45.61
CA HIS A 814 -11.10 -23.37 -45.16
C HIS A 814 -9.95 -23.86 -46.02
N PRO A 815 -8.89 -23.07 -46.17
CA PRO A 815 -7.78 -23.49 -47.03
C PRO A 815 -7.17 -24.81 -46.63
N PHE A 816 -7.13 -25.13 -45.34
CA PHE A 816 -6.54 -26.37 -44.88
C PHE A 816 -7.52 -27.53 -44.84
N PHE A 817 -8.78 -27.30 -45.20
CA PHE A 817 -9.75 -28.39 -45.21
C PHE A 817 -9.46 -29.34 -46.37
N VAL A 818 -9.63 -30.63 -46.09
CA VAL A 818 -9.33 -31.70 -47.05
C VAL A 818 -10.46 -32.71 -47.00
N LEU A 819 -10.88 -33.19 -48.17
CA LEU A 819 -11.85 -34.29 -48.22
C LEU A 819 -11.30 -35.48 -47.45
N ASP A 820 -12.12 -36.02 -46.54
CA ASP A 820 -11.68 -37.07 -45.65
C ASP A 820 -12.15 -38.43 -46.16
N ARG A 821 -11.21 -39.37 -46.29
CA ARG A 821 -11.51 -40.73 -46.69
C ARG A 821 -11.06 -41.75 -45.65
N ARG A 822 -10.69 -41.29 -44.45
CA ARG A 822 -10.13 -42.18 -43.45
C ARG A 822 -11.18 -43.13 -42.86
N SER A 823 -12.46 -42.87 -43.10
CA SER A 823 -13.56 -43.65 -42.49
C SER A 823 -13.39 -43.69 -40.98
N LYS A 824 -13.46 -42.51 -40.37
CA LYS A 824 -13.16 -42.34 -38.96
C LYS A 824 -14.20 -41.36 -38.41
N GLU A 825 -13.91 -40.78 -37.24
CA GLU A 825 -14.89 -39.99 -36.51
C GLU A 825 -15.54 -38.92 -37.38
N ASN A 826 -16.85 -38.79 -37.24
CA ASN A 826 -17.64 -37.74 -37.90
C ASN A 826 -17.46 -37.78 -39.42
N SER A 827 -17.66 -38.96 -40.01
CA SER A 827 -17.48 -39.16 -41.44
C SER A 827 -18.77 -39.73 -42.03
N TYR A 828 -19.56 -38.86 -42.67
CA TYR A 828 -20.76 -39.29 -43.37
C TYR A 828 -21.00 -38.30 -44.51
N LEU A 829 -21.80 -38.73 -45.49
CA LEU A 829 -22.06 -37.93 -46.68
C LEU A 829 -23.51 -37.45 -46.70
N VAL A 830 -23.73 -36.41 -47.49
CA VAL A 830 -25.07 -35.88 -47.75
C VAL A 830 -25.32 -35.99 -49.24
N VAL A 831 -26.45 -36.58 -49.61
CA VAL A 831 -26.72 -36.88 -51.02
C VAL A 831 -28.05 -36.29 -51.44
N PRO A 832 -28.14 -35.63 -52.59
CA PRO A 832 -29.44 -35.21 -53.12
C PRO A 832 -30.23 -36.39 -53.65
N LEU A 833 -31.55 -36.26 -53.59
CA LEU A 833 -32.46 -37.32 -53.99
C LEU A 833 -33.45 -36.80 -55.03
N ILE A 834 -33.85 -37.70 -55.93
CA ILE A 834 -34.82 -37.39 -56.96
C ILE A 834 -35.80 -38.55 -57.05
N LEU A 835 -36.97 -38.28 -57.61
CA LEU A 835 -37.99 -39.32 -57.76
C LEU A 835 -37.67 -40.21 -58.94
N GLY A 836 -37.80 -41.52 -58.74
CA GLY A 836 -37.54 -42.47 -59.80
C GLY A 836 -38.79 -43.19 -60.25
N ALA A 837 -38.80 -44.52 -60.09
CA ALA A 837 -39.94 -45.34 -60.46
C ALA A 837 -40.83 -45.53 -59.24
N GLY A 838 -42.11 -45.20 -59.38
CA GLY A 838 -43.01 -45.31 -58.25
C GLY A 838 -42.71 -44.25 -57.19
N GLU A 839 -43.09 -44.58 -55.96
CA GLU A 839 -42.84 -43.69 -54.84
C GLU A 839 -41.41 -43.78 -54.32
N GLN A 840 -40.63 -44.75 -54.77
CA GLN A 840 -39.26 -44.89 -54.32
C GLN A 840 -38.41 -43.73 -54.82
N LYS A 841 -37.37 -43.41 -54.05
CA LYS A 841 -36.45 -42.34 -54.38
C LYS A 841 -35.08 -42.92 -54.69
N CYS A 842 -34.31 -42.20 -55.51
CA CYS A 842 -32.99 -42.63 -55.92
C CYS A 842 -32.04 -41.45 -55.86
N PHE A 843 -30.75 -41.75 -55.97
CA PHE A 843 -29.73 -40.70 -55.92
C PHE A 843 -29.81 -39.82 -57.16
N ASP A 844 -29.48 -38.54 -56.97
CA ASP A 844 -29.48 -37.57 -58.07
C ASP A 844 -28.12 -37.64 -58.76
N TRP A 845 -27.94 -38.70 -59.56
CA TRP A 845 -26.65 -38.93 -60.20
C TRP A 845 -26.28 -37.81 -61.16
N GLU A 846 -27.26 -37.30 -61.92
CA GLU A 846 -26.94 -36.29 -62.92
C GLU A 846 -26.49 -34.98 -62.27
N LEU A 847 -27.07 -34.62 -61.13
CA LEU A 847 -26.68 -33.38 -60.48
C LEU A 847 -25.24 -33.44 -59.98
N MET A 848 -24.86 -34.54 -59.35
CA MET A 848 -23.51 -34.63 -58.81
C MET A 848 -22.48 -34.95 -59.89
N THR A 849 -22.90 -35.54 -61.02
CA THR A 849 -21.99 -35.69 -62.13
C THR A 849 -21.86 -34.41 -62.94
N ASN A 850 -22.78 -33.47 -62.76
CA ASN A 850 -22.67 -32.16 -63.38
C ASN A 850 -22.01 -31.15 -62.46
N PHE A 851 -22.44 -31.09 -61.20
CA PHE A 851 -21.97 -30.08 -60.26
C PHE A 851 -20.88 -30.66 -59.36
N ARG A 852 -19.73 -30.95 -59.98
CA ARG A 852 -18.54 -31.24 -59.17
C ARG A 852 -18.03 -29.98 -58.49
N ARG A 853 -18.09 -28.84 -59.17
CA ARG A 853 -17.78 -27.55 -58.60
C ARG A 853 -18.78 -26.54 -59.13
N LEU A 854 -19.10 -25.54 -58.31
CA LEU A 854 -19.99 -24.48 -58.76
C LEU A 854 -19.31 -23.65 -59.85
N PRO A 855 -19.96 -23.44 -60.99
CA PRO A 855 -19.34 -22.63 -62.04
C PRO A 855 -19.12 -21.20 -61.56
N GLN A 856 -18.01 -20.61 -61.99
CA GLN A 856 -17.66 -19.26 -61.58
C GLN A 856 -18.55 -18.26 -62.32
N SER A 857 -18.95 -17.20 -61.62
CA SER A 857 -19.81 -16.19 -62.21
C SER A 857 -18.99 -15.25 -63.08
N HIS A 858 -19.23 -15.30 -64.39
CA HIS A 858 -18.51 -14.47 -65.34
C HIS A 858 -19.50 -13.70 -66.19
N GLY A 859 -19.19 -12.44 -66.46
CA GLY A 859 -20.03 -11.63 -67.30
C GLY A 859 -19.84 -11.91 -68.78
N SER A 860 -20.90 -11.61 -69.54
CA SER A 860 -20.90 -11.80 -70.99
C SER A 860 -21.01 -10.43 -71.65
N ASN A 861 -20.10 -10.14 -72.56
CA ASN A 861 -20.13 -8.89 -73.29
C ASN A 861 -20.94 -9.06 -74.58
N VAL A 862 -21.15 -7.93 -75.27
CA VAL A 862 -22.11 -7.89 -76.37
C VAL A 862 -21.67 -8.81 -77.51
N GLN A 863 -20.39 -8.75 -77.89
CA GLN A 863 -19.93 -9.50 -79.05
C GLN A 863 -20.09 -11.00 -78.85
N GLN A 864 -19.73 -11.50 -77.66
CA GLN A 864 -19.93 -12.92 -77.38
C GLN A 864 -21.38 -13.25 -77.05
N ARG A 865 -22.18 -12.26 -76.67
CA ARG A 865 -23.60 -12.48 -76.45
C ARG A 865 -24.37 -12.56 -77.76
N GLU A 866 -23.81 -12.05 -78.85
CA GLU A 866 -24.50 -12.08 -80.13
C GLU A 866 -24.82 -13.50 -80.57
N GLN A 867 -23.82 -14.38 -80.58
CA GLN A 867 -24.01 -15.73 -81.09
C GLN A 867 -24.39 -16.74 -80.01
N GLN A 868 -24.49 -16.32 -78.75
CA GLN A 868 -24.94 -17.23 -77.72
C GLN A 868 -26.41 -17.58 -77.94
N PRO A 869 -26.82 -18.80 -77.62
CA PRO A 869 -28.21 -19.20 -77.87
C PRO A 869 -29.19 -18.35 -77.08
N ALA A 870 -30.36 -18.13 -77.68
CA ALA A 870 -31.38 -17.31 -77.04
C ALA A 870 -31.84 -17.96 -75.74
N PRO A 871 -31.91 -17.22 -74.64
CA PRO A 871 -32.37 -17.81 -73.38
C PRO A 871 -33.81 -18.30 -73.48
N ARG A 872 -34.09 -19.42 -72.81
CA ARG A 872 -35.42 -20.00 -72.84
C ARG A 872 -36.05 -19.94 -71.45
N PRO A 873 -37.38 -19.82 -71.36
CA PRO A 873 -38.02 -19.80 -70.04
C PRO A 873 -37.80 -21.08 -69.25
N GLU A 874 -37.66 -22.23 -69.92
CA GLU A 874 -37.58 -23.50 -69.21
C GLU A 874 -36.28 -23.64 -68.42
N ASP A 875 -35.14 -23.31 -69.02
CA ASP A 875 -33.88 -23.42 -68.31
C ASP A 875 -33.73 -22.39 -67.20
N PHE A 876 -34.62 -21.40 -67.15
CA PHE A 876 -34.60 -20.36 -66.14
C PHE A 876 -35.63 -20.55 -65.04
N GLU A 877 -36.43 -21.62 -65.10
CA GLU A 877 -37.49 -21.80 -64.11
C GLU A 877 -36.96 -22.56 -62.91
N GLY A 878 -37.15 -22.00 -61.72
CA GLY A 878 -36.74 -22.65 -60.49
C GLY A 878 -35.25 -22.90 -60.37
N LYS A 879 -34.43 -21.97 -60.84
CA LYS A 879 -32.98 -22.11 -60.81
C LYS A 879 -32.38 -21.04 -59.92
N ILE A 880 -31.05 -21.00 -59.87
CA ILE A 880 -30.30 -20.03 -59.09
C ILE A 880 -29.55 -19.12 -60.06
N VAL A 881 -29.70 -17.81 -59.88
CA VAL A 881 -29.09 -16.83 -60.75
C VAL A 881 -28.46 -15.73 -59.90
N THR A 882 -27.49 -15.02 -60.48
CA THR A 882 -26.81 -13.94 -59.80
C THR A 882 -26.52 -12.83 -60.79
N GLN A 883 -26.36 -11.61 -60.27
CA GLN A 883 -26.09 -10.44 -61.08
C GLN A 883 -24.59 -10.23 -61.16
N TRP A 884 -24.00 -10.52 -62.31
CA TRP A 884 -22.58 -10.28 -62.50
C TRP A 884 -22.25 -8.81 -62.72
N TYR A 885 -23.18 -8.04 -63.30
CA TYR A 885 -22.94 -6.62 -63.55
C TYR A 885 -23.04 -5.77 -62.30
N ALA A 886 -23.94 -6.13 -61.39
CA ALA A 886 -24.14 -5.32 -60.18
C ALA A 886 -23.04 -5.60 -59.17
N ASN A 887 -22.78 -4.62 -58.31
CA ASN A 887 -21.82 -4.78 -57.23
C ASN A 887 -22.27 -5.82 -56.22
N TYR A 888 -23.56 -6.14 -56.17
CA TYR A 888 -24.08 -7.22 -55.32
C TYR A 888 -23.95 -8.52 -56.10
N ASP A 889 -22.87 -9.26 -55.80
CA ASP A 889 -22.56 -10.49 -56.52
C ASP A 889 -23.10 -11.74 -55.82
N LYS A 890 -23.92 -11.57 -54.78
CA LYS A 890 -24.45 -12.71 -54.06
C LYS A 890 -25.41 -13.49 -54.96
N PRO A 891 -25.45 -14.82 -54.85
CA PRO A 891 -26.42 -15.60 -55.61
C PRO A 891 -27.83 -15.37 -55.10
N MET A 892 -28.79 -15.51 -56.02
CA MET A 892 -30.19 -15.29 -55.71
C MET A 892 -31.01 -16.41 -56.33
N LEU A 893 -32.27 -16.47 -55.93
CA LEU A 893 -33.20 -17.49 -56.39
C LEU A 893 -34.25 -16.86 -57.29
N VAL A 894 -34.42 -17.42 -58.48
CA VAL A 894 -35.48 -17.01 -59.38
C VAL A 894 -36.75 -17.76 -58.99
N THR A 895 -37.87 -17.05 -58.93
CA THR A 895 -39.11 -17.68 -58.51
C THR A 895 -40.05 -17.93 -59.69
N LYS A 896 -40.43 -16.87 -60.40
CA LYS A 896 -41.23 -17.02 -61.61
C LYS A 896 -40.58 -16.22 -62.74
N VAL A 897 -40.85 -16.66 -63.96
CA VAL A 897 -40.47 -15.93 -65.17
C VAL A 897 -41.73 -15.36 -65.79
N HIS A 898 -41.64 -14.13 -66.29
CA HIS A 898 -42.81 -13.39 -66.79
C HIS A 898 -42.77 -13.43 -68.31
N ARG A 899 -43.52 -14.37 -68.90
CA ARG A 899 -43.58 -14.47 -70.36
C ARG A 899 -44.21 -13.23 -70.96
N GLU A 900 -45.28 -12.72 -70.35
CA GLU A 900 -45.95 -11.54 -70.87
C GLU A 900 -45.10 -10.28 -70.73
N LEU A 901 -44.20 -10.23 -69.76
CA LEU A 901 -43.34 -9.06 -69.60
C LEU A 901 -42.19 -9.09 -70.61
N THR A 902 -41.64 -7.91 -70.86
CA THR A 902 -40.53 -7.76 -71.79
C THR A 902 -39.81 -6.47 -71.43
N PRO A 903 -38.54 -6.32 -71.80
CA PRO A 903 -37.86 -5.03 -71.61
C PRO A 903 -38.59 -3.90 -72.29
N LEU A 904 -38.12 -2.68 -72.02
CA LEU A 904 -38.76 -1.42 -72.39
C LEU A 904 -40.17 -1.30 -71.82
N SER A 905 -40.52 -2.10 -70.83
CA SER A 905 -41.82 -1.99 -70.19
C SER A 905 -41.72 -1.09 -68.96
N TYR A 906 -42.79 -0.34 -68.71
CA TYR A 906 -42.79 0.62 -67.61
C TYR A 906 -42.74 -0.11 -66.27
N MET A 907 -41.96 0.44 -65.34
CA MET A 907 -41.93 -0.10 -63.98
C MET A 907 -43.27 0.13 -63.31
N GLU A 908 -43.73 -0.87 -62.55
CA GLU A 908 -45.10 -0.84 -62.04
C GLU A 908 -45.27 0.16 -60.92
N LYS A 909 -44.22 0.47 -60.16
CA LYS A 909 -44.32 1.39 -59.05
C LYS A 909 -43.24 2.47 -59.15
N ASN A 910 -43.65 3.73 -58.98
CA ASN A 910 -42.75 4.84 -58.71
C ASN A 910 -41.83 5.16 -59.88
N GLN A 911 -41.89 4.38 -60.94
CA GLN A 911 -41.05 4.59 -62.12
C GLN A 911 -41.84 4.31 -63.39
N GLN A 912 -43.07 4.84 -63.46
CA GLN A 912 -43.89 4.63 -64.65
C GLN A 912 -43.24 5.21 -65.89
N ASP A 913 -42.54 6.34 -65.75
CA ASP A 913 -41.82 6.93 -66.87
C ASP A 913 -40.49 6.24 -67.15
N LYS A 914 -40.09 5.30 -66.31
CA LYS A 914 -38.81 4.62 -66.44
C LYS A 914 -39.04 3.17 -66.83
N THR A 915 -38.41 2.73 -67.92
CA THR A 915 -38.52 1.36 -68.37
C THR A 915 -37.33 0.55 -67.88
N TYR A 916 -37.49 -0.77 -67.89
CA TYR A 916 -36.40 -1.66 -67.49
C TYR A 916 -35.19 -1.46 -68.38
N TYR A 917 -35.39 -1.39 -69.70
CA TYR A 917 -34.28 -1.26 -70.62
C TYR A 917 -33.49 0.02 -70.36
N GLU A 918 -34.18 1.17 -70.35
CA GLU A 918 -33.47 2.44 -70.22
C GLU A 918 -32.89 2.61 -68.82
N PHE A 919 -33.55 2.08 -67.79
CA PHE A 919 -32.97 2.12 -66.46
C PHE A 919 -31.69 1.31 -66.39
N THR A 920 -31.70 0.13 -67.02
CA THR A 920 -30.50 -0.70 -67.03
C THR A 920 -29.35 0.01 -67.77
N MET A 921 -29.66 0.65 -68.91
CA MET A 921 -28.61 1.44 -69.55
C MET A 921 -28.12 2.56 -68.65
N SER A 922 -29.03 3.40 -68.14
CA SER A 922 -28.64 4.53 -67.33
C SER A 922 -27.86 4.14 -66.09
N LYS A 923 -27.98 2.89 -65.63
CA LYS A 923 -27.25 2.45 -64.45
C LYS A 923 -25.94 1.74 -64.79
N TYR A 924 -25.93 0.84 -65.77
CA TYR A 924 -24.75 0.03 -66.06
C TYR A 924 -24.46 -0.09 -67.56
N GLY A 925 -24.61 1.00 -68.32
CA GLY A 925 -24.37 0.91 -69.75
C GLY A 925 -22.90 0.70 -70.09
N ASN A 926 -22.01 1.42 -69.41
CA ASN A 926 -20.59 1.24 -69.61
C ASN A 926 -20.12 -0.14 -69.19
N ARG A 927 -20.92 -0.87 -68.41
CA ARG A 927 -20.56 -2.21 -67.96
C ARG A 927 -21.16 -3.30 -68.82
N ILE A 928 -22.36 -3.10 -69.36
CA ILE A 928 -23.00 -4.13 -70.17
C ILE A 928 -22.95 -3.82 -71.67
N GLY A 929 -22.76 -2.56 -72.04
CA GLY A 929 -22.70 -2.20 -73.45
C GLY A 929 -24.07 -2.09 -74.08
N ASP A 930 -24.77 -3.22 -74.20
CA ASP A 930 -26.08 -3.26 -74.83
C ASP A 930 -26.84 -4.47 -74.31
N VAL A 931 -28.14 -4.47 -74.55
CA VAL A 931 -29.02 -5.57 -74.16
C VAL A 931 -29.48 -6.28 -75.42
N VAL A 932 -29.24 -7.59 -75.47
CA VAL A 932 -29.60 -8.40 -76.62
C VAL A 932 -30.80 -9.26 -76.25
N HIS A 933 -31.54 -9.70 -77.27
CA HIS A 933 -32.83 -10.37 -77.08
C HIS A 933 -33.79 -9.47 -76.30
N LYS A 934 -34.10 -8.33 -76.92
CA LYS A 934 -34.82 -7.27 -76.24
C LYS A 934 -36.30 -7.56 -76.05
N ASP A 935 -36.91 -8.38 -76.91
CA ASP A 935 -38.34 -8.62 -76.85
C ASP A 935 -38.72 -9.97 -76.25
N LYS A 936 -37.77 -10.68 -75.62
CA LYS A 936 -38.08 -11.94 -74.99
C LYS A 936 -38.63 -11.73 -73.58
N PHE A 937 -38.74 -12.82 -72.83
CA PHE A 937 -39.29 -12.78 -71.48
C PHE A 937 -38.26 -12.19 -70.52
N MET A 938 -38.69 -11.96 -69.28
CA MET A 938 -37.79 -11.61 -68.19
C MET A 938 -38.15 -12.46 -66.97
N ILE A 939 -37.41 -12.25 -65.89
CA ILE A 939 -37.50 -13.10 -64.71
C ILE A 939 -37.71 -12.25 -63.47
N GLU A 940 -38.16 -12.90 -62.41
CA GLU A 940 -38.32 -12.29 -61.09
C GLU A 940 -37.52 -13.11 -60.08
N VAL A 941 -36.69 -12.43 -59.29
CA VAL A 941 -35.76 -13.09 -58.39
C VAL A 941 -36.03 -12.63 -56.96
N ARG A 942 -35.62 -13.47 -56.01
CA ARG A 942 -35.74 -13.16 -54.59
C ARG A 942 -34.44 -13.50 -53.88
N ASP A 943 -34.04 -12.62 -52.97
CA ASP A 943 -32.77 -12.71 -52.27
C ASP A 943 -32.84 -13.77 -51.17
N LEU A 944 -31.71 -14.45 -50.97
CA LEU A 944 -31.59 -15.50 -49.96
C LEU A 944 -30.90 -14.97 -48.71
N THR A 945 -31.25 -15.55 -47.58
CA THR A 945 -30.63 -15.16 -46.32
C THR A 945 -29.17 -15.60 -46.28
N GLU A 946 -28.34 -14.77 -45.67
CA GLU A 946 -26.91 -15.04 -45.55
C GLU A 946 -26.54 -15.73 -44.25
N GLN A 947 -27.49 -15.96 -43.36
CA GLN A 947 -27.21 -16.61 -42.09
C GLN A 947 -27.01 -18.11 -42.28
N LEU A 948 -26.39 -18.73 -41.28
CA LEU A 948 -26.17 -20.16 -41.29
C LEU A 948 -26.60 -20.84 -39.99
N THR A 949 -26.88 -20.09 -38.94
CA THR A 949 -27.40 -20.64 -37.68
C THR A 949 -28.84 -20.18 -37.52
N PHE A 950 -29.75 -21.15 -37.42
CA PHE A 950 -31.18 -20.86 -37.33
C PHE A 950 -31.79 -21.38 -36.04
N TYR A 951 -31.02 -21.42 -34.95
CA TYR A 951 -31.53 -21.92 -33.69
C TYR A 951 -32.36 -20.89 -32.93
N VAL A 952 -31.94 -19.63 -32.95
CA VAL A 952 -32.60 -18.57 -32.19
C VAL A 952 -33.60 -17.87 -33.09
N HIS A 953 -34.69 -17.40 -32.48
CA HIS A 953 -35.71 -16.69 -33.22
C HIS A 953 -35.21 -15.30 -33.62
N ASN A 954 -35.41 -14.95 -34.89
CA ASN A 954 -34.99 -13.64 -35.41
C ASN A 954 -36.13 -12.65 -35.19
N ARG A 955 -36.25 -12.20 -33.95
CA ARG A 955 -37.31 -11.25 -33.58
C ARG A 955 -36.94 -9.85 -34.04
N GLY A 956 -37.89 -9.17 -34.65
CA GLY A 956 -37.67 -7.79 -35.08
C GLY A 956 -38.89 -7.26 -35.80
N LYS A 957 -38.89 -5.94 -36.01
CA LYS A 957 -39.95 -5.26 -36.75
C LYS A 957 -39.53 -5.22 -38.21
N PHE A 958 -39.83 -6.30 -38.93
CA PHE A 958 -39.37 -6.44 -40.30
C PHE A 958 -40.15 -5.56 -41.27
N ASN A 959 -41.39 -5.20 -40.94
CA ASN A 959 -42.29 -4.48 -41.84
C ASN A 959 -42.46 -5.26 -43.15
N ALA A 960 -43.12 -6.42 -43.00
CA ALA A 960 -43.15 -7.42 -44.05
C ALA A 960 -43.64 -6.84 -45.38
N LYS A 961 -44.62 -5.93 -45.34
CA LYS A 961 -45.07 -5.30 -46.57
C LYS A 961 -43.96 -4.45 -47.19
N SER A 962 -43.24 -3.69 -46.37
CA SER A 962 -42.12 -2.91 -46.88
C SER A 962 -40.98 -3.81 -47.36
N LYS A 963 -40.76 -4.94 -46.66
CA LYS A 963 -39.74 -5.88 -47.10
C LYS A 963 -40.09 -6.46 -48.47
N ALA A 964 -41.36 -6.79 -48.68
CA ALA A 964 -41.82 -7.31 -49.97
C ALA A 964 -42.01 -6.21 -51.01
N LYS A 965 -41.88 -4.94 -50.62
CA LYS A 965 -42.10 -3.86 -51.57
C LYS A 965 -41.07 -3.89 -52.70
N MET A 966 -39.79 -4.11 -52.38
CA MET A 966 -38.75 -4.12 -53.42
C MET A 966 -38.84 -5.44 -54.17
N LYS A 967 -39.76 -5.49 -55.13
CA LYS A 967 -39.83 -6.62 -56.05
C LYS A 967 -38.76 -6.45 -57.12
N VAL A 968 -37.95 -7.48 -57.31
CA VAL A 968 -36.81 -7.44 -58.22
C VAL A 968 -37.18 -8.18 -59.50
N ILE A 969 -37.13 -7.47 -60.62
CA ILE A 969 -37.40 -8.03 -61.94
C ILE A 969 -36.12 -7.88 -62.77
N LEU A 970 -35.63 -8.98 -63.33
CA LEU A 970 -34.33 -9.00 -63.96
C LEU A 970 -34.43 -9.48 -65.41
N ILE A 971 -33.55 -8.93 -66.24
CA ILE A 971 -33.41 -9.39 -67.62
C ILE A 971 -32.60 -10.68 -67.63
N PRO A 972 -33.07 -11.73 -68.30
CA PRO A 972 -32.41 -13.05 -68.14
C PRO A 972 -30.96 -13.08 -68.57
N GLU A 973 -30.64 -12.58 -69.77
CA GLU A 973 -29.28 -12.77 -70.28
C GLU A 973 -28.25 -11.87 -69.63
N LEU A 974 -28.66 -10.93 -68.77
CA LEU A 974 -27.70 -10.13 -68.02
C LEU A 974 -27.34 -10.72 -66.68
N CYS A 975 -27.98 -11.81 -66.25
CA CYS A 975 -27.66 -12.45 -64.98
C CYS A 975 -27.15 -13.85 -65.26
N PHE A 976 -26.01 -14.19 -64.66
CA PHE A 976 -25.43 -15.51 -64.83
C PHE A 976 -26.33 -16.56 -64.21
N ASN A 977 -26.55 -17.65 -64.94
CA ASN A 977 -27.52 -18.67 -64.55
C ASN A 977 -26.80 -19.96 -64.20
N PHE A 978 -27.00 -20.43 -62.98
CA PHE A 978 -26.58 -21.77 -62.63
C PHE A 978 -27.61 -22.79 -63.10
N ASN A 979 -27.17 -24.04 -63.23
CA ASN A 979 -28.08 -25.15 -63.47
C ASN A 979 -28.56 -25.77 -62.18
N PHE A 980 -28.21 -25.20 -61.04
CA PHE A 980 -28.54 -25.78 -59.74
C PHE A 980 -29.98 -25.44 -59.36
N PRO A 981 -30.80 -26.42 -59.00
CA PRO A 981 -32.17 -26.13 -58.57
C PRO A 981 -32.19 -25.27 -57.32
N GLY A 982 -33.17 -24.37 -57.27
CA GLY A 982 -33.28 -23.43 -56.17
C GLY A 982 -33.83 -24.02 -54.88
N ASP A 983 -34.79 -24.93 -55.00
CA ASP A 983 -35.36 -25.57 -53.81
C ASP A 983 -34.29 -26.38 -53.06
N LEU A 984 -33.44 -27.08 -53.80
CA LEU A 984 -32.36 -27.83 -53.17
C LEU A 984 -31.38 -26.88 -52.49
N TRP A 985 -31.10 -25.73 -53.09
CA TRP A 985 -30.24 -24.73 -52.45
C TRP A 985 -30.87 -24.23 -51.15
N LEU A 986 -32.17 -23.94 -51.18
CA LEU A 986 -32.85 -23.46 -49.98
C LEU A 986 -32.82 -24.50 -48.87
N LYS A 987 -33.05 -25.77 -49.23
CA LYS A 987 -33.00 -26.84 -48.23
C LYS A 987 -31.58 -27.02 -47.69
N LEU A 988 -30.57 -26.94 -48.57
CA LEU A 988 -29.19 -27.10 -48.15
C LEU A 988 -28.71 -25.93 -47.30
N ILE A 989 -29.38 -24.79 -47.37
CA ILE A 989 -29.00 -23.65 -46.53
C ILE A 989 -29.07 -24.02 -45.05
N PHE A 990 -30.08 -24.79 -44.67
CA PHE A 990 -30.29 -25.19 -43.29
C PHE A 990 -29.47 -26.40 -42.87
N LEU A 991 -28.68 -26.97 -43.77
CA LEU A 991 -27.98 -28.22 -43.49
C LEU A 991 -27.06 -28.16 -42.27
N PRO A 992 -26.21 -27.12 -42.09
CA PRO A 992 -25.32 -27.13 -40.92
C PRO A 992 -26.05 -27.19 -39.59
N SER A 993 -27.16 -26.45 -39.45
CA SER A 993 -27.91 -26.49 -38.21
C SER A 993 -28.50 -27.86 -37.95
N ILE A 994 -29.05 -28.48 -38.99
CA ILE A 994 -29.62 -29.82 -38.83
C ILE A 994 -28.54 -30.82 -38.45
N LEU A 995 -27.38 -30.76 -39.10
CA LEU A 995 -26.31 -31.69 -38.78
C LEU A 995 -25.81 -31.51 -37.36
N ASN A 996 -25.63 -30.25 -36.94
CA ASN A 996 -25.18 -29.99 -35.58
C ASN A 996 -26.19 -30.48 -34.56
N ARG A 997 -27.48 -30.30 -34.83
CA ARG A 997 -28.49 -30.79 -33.90
C ARG A 997 -28.53 -32.32 -33.86
N MET A 998 -28.38 -32.96 -35.02
CA MET A 998 -28.42 -34.44 -35.06
C MET A 998 -27.23 -35.03 -34.32
N TYR A 999 -26.07 -34.37 -34.37
CA TYR A 999 -24.92 -34.78 -33.56
C TYR A 999 -25.31 -34.99 -32.11
N PHE A 1000 -25.78 -33.93 -31.46
CA PHE A 1000 -26.12 -34.02 -30.04
C PHE A 1000 -27.42 -34.77 -29.80
N LEU A 1001 -28.29 -34.88 -30.80
CA LEU A 1001 -29.46 -35.75 -30.65
C LEU A 1001 -29.05 -37.20 -30.56
N LEU A 1002 -28.07 -37.62 -31.37
CA LEU A 1002 -27.56 -38.98 -31.26
C LEU A 1002 -26.84 -39.18 -29.93
N HIS A 1003 -26.11 -38.17 -29.48
CA HIS A 1003 -25.50 -38.26 -28.14
C HIS A 1003 -26.57 -38.45 -27.07
N ALA A 1004 -27.65 -37.68 -27.13
CA ALA A 1004 -28.71 -37.78 -26.14
C ALA A 1004 -29.43 -39.13 -26.23
N GLU A 1005 -29.60 -39.65 -27.45
CA GLU A 1005 -30.20 -40.97 -27.59
C GLU A 1005 -29.33 -42.04 -26.98
N ALA A 1006 -28.01 -41.95 -27.17
CA ALA A 1006 -27.10 -42.89 -26.54
C ALA A 1006 -27.21 -42.82 -25.02
N LEU A 1007 -27.25 -41.60 -24.48
CA LEU A 1007 -27.41 -41.44 -23.03
C LEU A 1007 -28.73 -42.02 -22.55
N ARG A 1008 -29.81 -41.80 -23.31
CA ARG A 1008 -31.12 -42.30 -22.93
C ARG A 1008 -31.12 -43.82 -22.87
N LYS A 1009 -30.59 -44.46 -23.92
CA LYS A 1009 -30.55 -45.92 -23.94
C LYS A 1009 -29.66 -46.45 -22.81
N ARG A 1010 -28.52 -45.80 -22.56
CA ARG A 1010 -27.62 -46.26 -21.52
C ARG A 1010 -28.27 -46.18 -20.14
N PHE A 1011 -28.89 -45.04 -19.84
CA PHE A 1011 -29.53 -44.89 -18.53
C PHE A 1011 -30.72 -45.81 -18.37
N ASN A 1012 -31.51 -46.00 -19.43
CA ASN A 1012 -32.65 -46.91 -19.35
C ASN A 1012 -32.17 -48.35 -19.15
N THR A 1013 -31.06 -48.72 -19.77
CA THR A 1013 -30.50 -50.05 -19.56
C THR A 1013 -30.01 -50.22 -18.13
N TYR A 1014 -29.40 -49.18 -17.56
CA TYR A 1014 -28.85 -49.30 -16.21
C TYR A 1014 -29.95 -49.50 -15.17
N LEU A 1015 -31.14 -48.96 -15.42
CA LEU A 1015 -32.26 -49.07 -14.49
C LEU A 1015 -33.18 -50.24 -14.79
N ASN A 1016 -32.82 -51.10 -15.73
CA ASN A 1016 -33.63 -52.24 -16.15
C ASN A 1016 -34.99 -51.81 -16.67
N LEU A 1017 -35.13 -50.55 -17.06
CA LEU A 1017 -36.36 -50.01 -17.62
C LEU A 1017 -36.37 -50.06 -19.15
N HIS A 1018 -35.30 -50.54 -19.77
CA HIS A 1018 -35.22 -50.62 -21.22
C HIS A 1018 -36.21 -51.63 -21.80
N LEU A 1019 -36.66 -52.59 -21.00
CA LEU A 1019 -37.59 -53.61 -21.48
C LEU A 1019 -39.03 -53.15 -21.44
N LEU A 1020 -39.31 -51.96 -20.92
CA LEU A 1020 -40.66 -51.43 -20.91
C LEU A 1020 -41.12 -51.15 -22.34
N PRO A 1021 -42.43 -51.26 -22.61
CA PRO A 1021 -42.92 -50.94 -23.95
C PRO A 1021 -42.63 -49.51 -24.38
N PHE A 1022 -42.57 -48.57 -23.43
CA PHE A 1022 -42.24 -47.19 -23.77
C PHE A 1022 -40.80 -47.08 -24.27
N ASN A 1023 -39.87 -47.71 -23.55
CA ASN A 1023 -38.45 -47.52 -23.79
C ASN A 1023 -37.83 -48.61 -24.66
N GLY A 1024 -38.59 -49.61 -25.07
CA GLY A 1024 -38.08 -50.69 -25.91
C GLY A 1024 -37.85 -50.24 -27.33
N THR A 1025 -37.96 -51.20 -28.26
CA THR A 1025 -37.84 -50.89 -29.67
C THR A 1025 -38.99 -50.05 -30.20
N ASP A 1026 -40.09 -49.97 -29.45
CA ASP A 1026 -41.26 -49.19 -29.86
C ASP A 1026 -41.24 -47.78 -29.30
N TYR A 1027 -40.05 -47.20 -29.13
CA TYR A 1027 -39.95 -45.82 -28.66
C TYR A 1027 -40.19 -44.85 -29.81
N MET A 1028 -41.13 -43.93 -29.61
CA MET A 1028 -41.33 -42.81 -30.52
C MET A 1028 -40.85 -41.54 -29.83
N PRO A 1029 -39.73 -40.95 -30.27
CA PRO A 1029 -39.25 -39.73 -29.63
C PRO A 1029 -40.19 -38.56 -29.90
N ARG A 1030 -40.59 -37.87 -28.83
CA ARG A 1030 -41.46 -36.72 -29.01
C ARG A 1030 -40.67 -35.54 -29.57
N PRO A 1031 -41.33 -34.65 -30.32
CA PRO A 1031 -40.61 -33.49 -30.88
C PRO A 1031 -40.08 -32.59 -29.79
N LEU A 1032 -38.94 -31.95 -30.08
CA LEU A 1032 -38.37 -31.01 -29.14
C LEU A 1032 -39.31 -29.84 -28.91
N GLU A 1033 -39.35 -29.37 -27.67
CA GLU A 1033 -40.25 -28.28 -27.28
C GLU A 1033 -39.44 -27.02 -27.01
N ILE A 1034 -39.94 -25.90 -27.52
CA ILE A 1034 -39.29 -24.62 -27.29
C ILE A 1034 -39.49 -24.20 -25.84
N ASP A 1035 -38.41 -23.74 -25.20
CA ASP A 1035 -38.49 -23.21 -23.84
C ASP A 1035 -38.69 -21.71 -23.95
N TYR A 1036 -39.95 -21.29 -24.02
CA TYR A 1036 -40.27 -19.88 -24.21
C TYR A 1036 -39.93 -19.02 -22.99
N SER A 1037 -39.69 -19.64 -21.83
CA SER A 1037 -39.28 -18.88 -20.66
C SER A 1037 -37.89 -18.27 -20.83
N LEU A 1038 -37.08 -18.80 -21.75
CA LEU A 1038 -35.74 -18.29 -21.95
C LEU A 1038 -35.79 -16.86 -22.48
N LYS A 1039 -34.73 -16.09 -22.17
CA LYS A 1039 -34.72 -14.67 -22.50
C LYS A 1039 -34.71 -14.45 -24.02
N ARG A 1040 -33.98 -15.31 -24.76
CA ARG A 1040 -33.85 -15.13 -26.20
C ARG A 1040 -34.90 -15.89 -26.99
N ASN A 1041 -36.01 -16.26 -26.35
CA ASN A 1041 -37.10 -16.92 -27.05
C ASN A 1041 -38.34 -16.04 -27.11
N GLY A 1168 -58.44 -25.40 0.67
CA GLY A 1168 -59.41 -26.45 0.40
C GLY A 1168 -58.79 -27.81 0.16
N LYS A 1169 -58.17 -27.97 -1.01
CA LYS A 1169 -57.53 -29.22 -1.38
C LYS A 1169 -56.15 -28.93 -1.98
N VAL A 1170 -55.25 -29.89 -1.84
CA VAL A 1170 -53.88 -29.78 -2.33
C VAL A 1170 -53.73 -30.62 -3.58
N LYS A 1171 -53.18 -30.02 -4.63
CA LYS A 1171 -52.91 -30.77 -5.84
C LYS A 1171 -51.73 -31.71 -5.59
N PRO A 1172 -51.88 -33.01 -5.83
CA PRO A 1172 -50.79 -33.95 -5.56
C PRO A 1172 -49.58 -33.65 -6.44
N LEU A 1173 -48.40 -33.89 -5.88
CA LEU A 1173 -47.16 -33.65 -6.61
C LEU A 1173 -46.89 -34.81 -7.56
N LEU A 1174 -46.60 -34.48 -8.81
CA LEU A 1174 -46.48 -35.51 -9.85
C LEU A 1174 -45.28 -36.43 -9.59
N ILE A 1175 -44.16 -35.87 -9.18
CA ILE A 1175 -42.94 -36.66 -9.03
C ILE A 1175 -43.14 -37.73 -7.96
N LEU A 1176 -43.68 -37.35 -6.80
CA LEU A 1176 -43.96 -38.35 -5.78
C LEU A 1176 -45.04 -39.33 -6.23
N GLN A 1177 -46.04 -38.84 -6.96
CA GLN A 1177 -47.13 -39.70 -7.39
C GLN A 1177 -46.62 -40.81 -8.30
N LYS A 1178 -45.69 -40.50 -9.19
CA LYS A 1178 -45.06 -41.53 -10.00
C LYS A 1178 -43.95 -42.26 -9.26
N THR A 1179 -43.46 -41.70 -8.15
CA THR A 1179 -42.50 -42.43 -7.33
C THR A 1179 -43.15 -43.60 -6.63
N VAL A 1180 -44.35 -43.40 -6.07
CA VAL A 1180 -45.00 -44.46 -5.31
C VAL A 1180 -45.77 -45.42 -6.20
N SER A 1181 -46.13 -45.02 -7.42
CA SER A 1181 -46.90 -45.84 -8.33
C SER A 1181 -46.22 -45.88 -9.69
N LYS A 1182 -46.12 -47.07 -10.27
CA LYS A 1182 -45.47 -47.24 -11.56
C LYS A 1182 -46.40 -46.97 -12.74
N GLU A 1183 -47.70 -46.81 -12.51
CA GLU A 1183 -48.64 -46.56 -13.59
C GLU A 1183 -48.42 -45.20 -14.24
N HIS A 1184 -47.82 -44.25 -13.53
CA HIS A 1184 -47.55 -42.92 -14.07
C HIS A 1184 -46.08 -42.71 -14.40
N ILE A 1185 -45.35 -43.78 -14.73
CA ILE A 1185 -43.97 -43.63 -15.17
C ILE A 1185 -43.95 -43.25 -16.65
N THR A 1186 -43.33 -42.13 -16.97
CA THR A 1186 -43.25 -41.66 -18.34
C THR A 1186 -41.88 -41.98 -18.93
N PRO A 1187 -41.81 -42.30 -20.22
CA PRO A 1187 -40.51 -42.58 -20.84
C PRO A 1187 -39.60 -41.37 -20.78
N ALA A 1188 -38.32 -41.64 -20.54
CA ALA A 1188 -37.32 -40.57 -20.52
C ALA A 1188 -37.12 -40.06 -21.93
N GLU A 1189 -37.54 -38.82 -22.19
CA GLU A 1189 -37.55 -38.30 -23.54
C GLU A 1189 -36.13 -37.99 -24.02
N GLN A 1190 -35.91 -38.25 -25.31
CA GLN A 1190 -34.62 -37.92 -25.93
C GLN A 1190 -34.38 -36.42 -25.94
N GLY A 1191 -35.43 -35.63 -26.20
CA GLY A 1191 -35.28 -34.19 -26.19
C GLY A 1191 -34.92 -33.66 -24.82
N GLU A 1192 -35.45 -34.29 -23.77
CA GLU A 1192 -35.10 -33.88 -22.41
C GLU A 1192 -33.62 -34.12 -22.13
N PHE A 1193 -33.09 -35.25 -22.59
CA PHE A 1193 -31.67 -35.53 -22.42
C PHE A 1193 -30.83 -34.56 -23.22
N LEU A 1194 -31.28 -34.21 -24.43
CA LEU A 1194 -30.57 -33.20 -25.21
C LEU A 1194 -30.56 -31.86 -24.49
N ALA A 1195 -31.69 -31.49 -23.89
CA ALA A 1195 -31.74 -30.24 -23.12
C ALA A 1195 -30.79 -30.28 -21.94
N ALA A 1196 -30.70 -31.44 -21.28
CA ALA A 1196 -29.74 -31.59 -20.19
C ALA A 1196 -28.31 -31.45 -20.69
N ILE A 1197 -28.01 -32.00 -21.87
CA ILE A 1197 -26.67 -31.88 -22.43
C ILE A 1197 -26.36 -30.45 -22.82
N THR A 1198 -27.31 -29.76 -23.46
CA THR A 1198 -27.05 -28.44 -24.00
C THR A 1198 -26.86 -27.42 -22.87
N ALA A 1199 -25.71 -26.78 -22.84
CA ALA A 1199 -25.43 -25.75 -21.85
C ALA A 1199 -25.99 -24.41 -22.32
N SER A 1200 -25.97 -23.44 -21.40
CA SER A 1200 -26.48 -22.12 -21.73
C SER A 1200 -25.54 -21.34 -22.63
N SER A 1201 -24.24 -21.67 -22.60
CA SER A 1201 -23.28 -20.97 -23.44
C SER A 1201 -23.61 -21.18 -24.92
N ALA A 1202 -23.96 -22.40 -25.30
CA ALA A 1202 -24.47 -22.65 -26.64
C ALA A 1202 -25.80 -21.93 -26.78
N ALA A 1203 -25.85 -20.94 -27.67
CA ALA A 1203 -27.05 -20.12 -27.80
C ALA A 1203 -28.15 -20.87 -28.52
N ASP A 1204 -28.63 -21.96 -27.94
CA ASP A 1204 -29.69 -22.76 -28.53
C ASP A 1204 -31.03 -22.35 -27.94
N VAL A 1205 -32.11 -23.01 -28.38
CA VAL A 1205 -33.45 -22.65 -27.92
C VAL A 1205 -33.80 -23.28 -26.59
N PHE A 1206 -33.00 -24.24 -26.12
CA PHE A 1206 -33.21 -24.84 -24.81
C PHE A 1206 -31.87 -24.90 -24.10
N ASP A 1207 -31.91 -25.07 -22.78
CA ASP A 1207 -30.68 -25.19 -22.01
C ASP A 1207 -30.90 -26.23 -20.92
N MET A 1208 -29.99 -26.23 -19.96
CA MET A 1208 -29.88 -27.26 -18.94
C MET A 1208 -30.28 -26.76 -17.55
N GLU A 1209 -30.64 -25.48 -17.44
CA GLU A 1209 -30.78 -24.85 -16.12
C GLU A 1209 -32.03 -25.34 -15.41
N ARG A 1210 -33.16 -25.41 -16.12
CA ARG A 1210 -34.42 -25.79 -15.46
C ARG A 1210 -34.35 -27.20 -14.93
N LEU A 1211 -33.79 -28.14 -15.70
CA LEU A 1211 -33.56 -29.48 -15.19
C LEU A 1211 -32.51 -29.46 -14.09
N GLU A 1212 -31.53 -28.55 -14.18
CA GLU A 1212 -30.47 -28.49 -13.19
C GLU A 1212 -31.00 -28.09 -11.83
N ILE A 1213 -32.03 -27.25 -11.77
CA ILE A 1213 -32.58 -26.86 -10.47
C ILE A 1213 -33.15 -28.08 -9.75
N LEU A 1214 -33.99 -28.84 -10.44
CA LEU A 1214 -34.57 -30.04 -9.84
C LEU A 1214 -33.49 -31.07 -9.51
N GLY A 1215 -32.51 -31.22 -10.40
CA GLY A 1215 -31.44 -32.18 -10.14
C GLY A 1215 -30.60 -31.80 -8.93
N ASN A 1216 -30.29 -30.51 -8.79
CA ASN A 1216 -29.53 -30.06 -7.64
C ASN A 1216 -30.29 -30.27 -6.35
N SER A 1217 -31.59 -29.94 -6.35
CA SER A 1217 -32.38 -30.17 -5.13
C SER A 1217 -32.47 -31.64 -4.78
N PHE A 1218 -32.69 -32.50 -5.78
CA PHE A 1218 -32.73 -33.93 -5.52
C PHE A 1218 -31.39 -34.44 -5.03
N LEU A 1219 -30.29 -33.95 -5.60
CA LEU A 1219 -28.97 -34.39 -5.16
C LEU A 1219 -28.73 -33.99 -3.71
N LYS A 1220 -29.11 -32.76 -3.35
CA LYS A 1220 -28.97 -32.33 -1.95
C LYS A 1220 -29.80 -33.21 -1.03
N LEU A 1221 -31.05 -33.47 -1.40
CA LEU A 1221 -31.91 -34.30 -0.56
C LEU A 1221 -31.35 -35.70 -0.40
N SER A 1222 -30.89 -36.30 -1.50
CA SER A 1222 -30.41 -37.67 -1.45
C SER A 1222 -29.10 -37.77 -0.68
N ALA A 1223 -28.19 -36.80 -0.87
CA ALA A 1223 -26.97 -36.80 -0.08
C ALA A 1223 -27.27 -36.62 1.40
N THR A 1224 -28.22 -35.75 1.73
CA THR A 1224 -28.60 -35.56 3.13
C THR A 1224 -29.15 -36.86 3.72
N LEU A 1225 -30.06 -37.51 3.02
CA LEU A 1225 -30.64 -38.76 3.52
C LEU A 1225 -29.57 -39.84 3.65
N TYR A 1226 -28.69 -39.95 2.66
CA TYR A 1226 -27.64 -40.98 2.69
C TYR A 1226 -26.70 -40.76 3.87
N LEU A 1227 -26.28 -39.51 4.10
CA LEU A 1227 -25.39 -39.22 5.20
C LEU A 1227 -26.08 -39.44 6.55
N ALA A 1228 -27.34 -39.03 6.67
CA ALA A 1228 -28.06 -39.21 7.92
C ALA A 1228 -28.26 -40.68 8.23
N SER A 1229 -28.53 -41.49 7.21
CA SER A 1229 -28.68 -42.93 7.43
C SER A 1229 -27.33 -43.61 7.71
N LYS A 1230 -26.25 -43.09 7.13
CA LYS A 1230 -24.94 -43.73 7.29
C LYS A 1230 -24.25 -43.29 8.57
N TYR A 1231 -24.39 -42.01 8.93
CA TYR A 1231 -23.66 -41.40 10.04
C TYR A 1231 -24.61 -40.72 11.01
N SER A 1232 -25.63 -41.46 11.44
CA SER A 1232 -26.65 -40.92 12.33
C SER A 1232 -26.08 -40.48 13.67
N ASP A 1233 -24.89 -40.93 14.03
CA ASP A 1233 -24.26 -40.60 15.31
C ASP A 1233 -23.24 -39.48 15.18
N TRP A 1234 -23.49 -38.50 14.32
CA TRP A 1234 -22.60 -37.36 14.15
C TRP A 1234 -23.35 -36.07 14.45
N ASN A 1235 -22.60 -35.08 14.92
CA ASN A 1235 -23.17 -33.74 15.09
C ASN A 1235 -23.39 -33.08 13.74
N GLU A 1236 -24.23 -32.05 13.73
CA GLU A 1236 -24.72 -31.51 12.47
C GLU A 1236 -23.66 -30.70 11.74
N GLY A 1237 -22.65 -30.20 12.45
CA GLY A 1237 -21.60 -29.47 11.76
C GLY A 1237 -20.83 -30.31 10.78
N THR A 1238 -20.41 -31.52 11.21
CA THR A 1238 -19.66 -32.38 10.32
C THR A 1238 -20.56 -32.97 9.24
N LEU A 1239 -21.83 -33.24 9.55
CA LEU A 1239 -22.75 -33.71 8.52
C LEU A 1239 -22.95 -32.65 7.44
N THR A 1240 -23.12 -31.39 7.86
CA THR A 1240 -23.27 -30.31 6.89
C THR A 1240 -22.01 -30.15 6.05
N GLU A 1241 -20.83 -30.23 6.69
CA GLU A 1241 -19.58 -30.08 5.95
C GLU A 1241 -19.41 -31.20 4.93
N VAL A 1242 -19.70 -32.45 5.33
CA VAL A 1242 -19.55 -33.57 4.42
C VAL A 1242 -20.57 -33.47 3.29
N LYS A 1243 -21.79 -33.05 3.59
CA LYS A 1243 -22.79 -32.87 2.55
C LYS A 1243 -22.35 -31.80 1.55
N SER A 1244 -21.81 -30.69 2.04
CA SER A 1244 -21.32 -29.65 1.14
C SER A 1244 -20.18 -30.16 0.28
N LYS A 1245 -19.30 -30.99 0.84
CA LYS A 1245 -18.23 -31.58 0.04
C LYS A 1245 -18.78 -32.51 -1.02
N LEU A 1246 -19.80 -33.30 -0.68
CA LEU A 1246 -20.34 -34.27 -1.63
C LEU A 1246 -20.99 -33.58 -2.83
N VAL A 1247 -21.76 -32.52 -2.58
CA VAL A 1247 -22.50 -31.84 -3.64
C VAL A 1247 -21.71 -30.66 -4.16
N SER A 1248 -20.42 -30.59 -3.80
CA SER A 1248 -19.58 -29.51 -4.25
C SER A 1248 -19.34 -29.61 -5.76
N ASN A 1249 -18.88 -28.50 -6.34
CA ASN A 1249 -18.61 -28.48 -7.77
C ASN A 1249 -17.52 -29.48 -8.14
N ARG A 1250 -16.46 -29.57 -7.32
CA ARG A 1250 -15.33 -30.43 -7.64
C ARG A 1250 -15.74 -31.90 -7.65
N ASN A 1251 -16.54 -32.33 -6.67
CA ASN A 1251 -16.93 -33.74 -6.60
C ASN A 1251 -17.78 -34.13 -7.79
N LEU A 1252 -18.76 -33.29 -8.14
CA LEU A 1252 -19.58 -33.56 -9.31
C LEU A 1252 -18.75 -33.56 -10.58
N LEU A 1253 -17.82 -32.60 -10.69
CA LEU A 1253 -16.94 -32.54 -11.85
C LEU A 1253 -16.15 -33.84 -12.01
N PHE A 1254 -15.55 -34.32 -10.92
CA PHE A 1254 -14.73 -35.53 -11.00
C PHE A 1254 -15.57 -36.76 -11.29
N CYS A 1255 -16.70 -36.91 -10.60
CA CYS A 1255 -17.52 -38.09 -10.78
C CYS A 1255 -18.32 -38.06 -12.08
N LEU A 1256 -18.33 -36.94 -12.79
CA LEU A 1256 -18.85 -36.94 -14.14
C LEU A 1256 -17.75 -37.12 -15.19
N ILE A 1257 -16.55 -36.61 -14.93
CA ILE A 1257 -15.43 -36.83 -15.83
C ILE A 1257 -15.10 -38.32 -15.89
N ASP A 1258 -15.13 -39.00 -14.75
CA ASP A 1258 -14.83 -40.43 -14.83
C ASP A 1258 -15.96 -41.24 -15.48
N ALA A 1259 -17.09 -40.63 -15.84
CA ALA A 1259 -18.17 -41.32 -16.53
C ALA A 1259 -18.16 -41.08 -18.04
N ASP A 1260 -17.17 -40.35 -18.55
CA ASP A 1260 -17.02 -40.08 -19.99
C ASP A 1260 -18.21 -39.32 -20.56
N ILE A 1261 -18.88 -38.54 -19.73
CA ILE A 1261 -20.00 -37.70 -20.18
C ILE A 1261 -19.51 -36.38 -20.78
N PRO A 1262 -18.56 -35.65 -20.19
CA PRO A 1262 -18.23 -34.32 -20.71
C PRO A 1262 -17.69 -34.31 -22.13
N LYS A 1263 -17.29 -35.46 -22.67
CA LYS A 1263 -16.84 -35.50 -24.06
C LYS A 1263 -17.98 -35.39 -25.06
N THR A 1264 -19.24 -35.41 -24.60
CA THR A 1264 -20.39 -35.35 -25.48
C THR A 1264 -21.29 -34.15 -25.19
N LEU A 1265 -20.79 -33.16 -24.46
CA LEU A 1265 -21.61 -32.00 -24.11
C LEU A 1265 -21.71 -31.04 -25.27
N ASN A 1266 -22.80 -30.28 -25.28
CA ASN A 1266 -23.05 -29.22 -26.26
C ASN A 1266 -22.93 -27.89 -25.50
N THR A 1267 -21.78 -27.24 -25.62
CA THR A 1267 -21.49 -26.08 -24.78
C THR A 1267 -20.88 -24.91 -25.54
N ILE A 1268 -20.77 -25.00 -26.87
CA ILE A 1268 -20.20 -23.91 -27.66
C ILE A 1268 -21.24 -23.43 -28.65
N GLN A 1269 -21.23 -22.12 -28.90
CA GLN A 1269 -22.15 -21.55 -29.88
C GLN A 1269 -21.83 -22.08 -31.27
N PHE A 1270 -22.87 -22.34 -32.05
CA PHE A 1270 -22.70 -22.89 -33.39
C PHE A 1270 -22.40 -21.74 -34.35
N THR A 1271 -21.15 -21.67 -34.81
CA THR A 1271 -20.72 -20.71 -35.83
C THR A 1271 -20.05 -21.54 -36.93
N PRO A 1272 -20.83 -22.13 -37.84
CA PRO A 1272 -20.25 -23.10 -38.77
C PRO A 1272 -19.13 -22.54 -39.63
N ARG A 1273 -19.22 -21.28 -40.04
CA ARG A 1273 -18.22 -20.74 -40.95
C ARG A 1273 -16.88 -20.53 -40.27
N TYR A 1274 -16.86 -20.49 -38.94
CA TYR A 1274 -15.64 -20.14 -38.21
C TYR A 1274 -15.07 -21.31 -37.41
N THR A 1275 -15.87 -21.92 -36.55
CA THR A 1275 -15.39 -22.91 -35.58
C THR A 1275 -16.15 -24.21 -35.68
N TRP A 1276 -16.33 -24.75 -36.88
CA TRP A 1276 -16.99 -26.02 -37.07
C TRP A 1276 -16.25 -26.84 -38.12
N LEU A 1277 -16.19 -28.14 -37.89
CA LEU A 1277 -15.60 -29.07 -38.86
C LEU A 1277 -16.71 -29.88 -39.50
N PRO A 1278 -17.04 -29.63 -40.77
CA PRO A 1278 -18.09 -30.40 -41.44
C PRO A 1278 -17.72 -31.87 -41.51
N PRO A 1279 -18.70 -32.77 -41.62
CA PRO A 1279 -18.41 -34.20 -41.51
C PRO A 1279 -17.40 -34.73 -42.52
N GLY A 1280 -17.68 -34.59 -43.80
CA GLY A 1280 -16.86 -35.26 -44.78
C GLY A 1280 -15.47 -34.70 -44.98
N ILE A 1281 -15.13 -33.60 -44.32
CA ILE A 1281 -13.85 -32.94 -44.52
C ILE A 1281 -13.16 -32.76 -43.18
N SER A 1282 -11.83 -32.73 -43.21
CA SER A 1282 -11.02 -32.55 -42.02
C SER A 1282 -9.66 -32.00 -42.42
N LEU A 1283 -8.79 -31.82 -41.44
CA LEU A 1283 -7.43 -31.39 -41.70
C LEU A 1283 -6.67 -32.48 -42.44
N PRO A 1284 -5.56 -32.13 -43.10
CA PRO A 1284 -4.76 -33.15 -43.79
C PRO A 1284 -4.27 -34.21 -42.81
N HIS A 1285 -4.13 -35.44 -43.33
CA HIS A 1285 -3.83 -36.57 -42.46
C HIS A 1285 -2.46 -36.42 -41.82
N ASN A 1286 -1.46 -35.98 -42.57
CA ASN A 1286 -0.11 -35.89 -42.02
C ASN A 1286 -0.01 -34.85 -40.91
N VAL A 1287 -0.61 -33.67 -41.12
CA VAL A 1287 -0.54 -32.64 -40.08
C VAL A 1287 -1.36 -33.07 -38.86
N LEU A 1288 -2.48 -33.77 -39.06
CA LEU A 1288 -3.23 -34.28 -37.94
C LEU A 1288 -2.41 -35.29 -37.14
N ALA A 1289 -1.71 -36.19 -37.84
CA ALA A 1289 -0.88 -37.17 -37.15
C ALA A 1289 0.24 -36.48 -36.37
N LEU A 1290 0.85 -35.46 -36.96
CA LEU A 1290 1.89 -34.72 -36.26
C LEU A 1290 1.31 -34.00 -35.04
N TRP A 1291 0.10 -33.45 -35.17
CA TRP A 1291 -0.51 -32.68 -34.10
C TRP A 1291 -0.89 -33.58 -32.92
N ARG A 1292 -1.53 -34.71 -33.22
CA ARG A 1292 -2.02 -35.58 -32.15
C ARG A 1292 -0.90 -36.38 -31.50
N GLU A 1293 0.06 -36.86 -32.29
CA GLU A 1293 1.13 -37.72 -31.79
C GLU A 1293 2.34 -36.93 -31.33
N ASN A 1294 2.17 -35.68 -30.91
CA ASN A 1294 3.27 -34.88 -30.40
C ASN A 1294 2.73 -33.83 -29.44
N PRO A 1295 2.49 -34.18 -28.18
CA PRO A 1295 1.93 -33.20 -27.24
C PRO A 1295 2.80 -31.99 -27.03
N GLU A 1296 4.12 -32.14 -27.08
CA GLU A 1296 5.00 -30.99 -26.91
C GLU A 1296 4.94 -30.05 -28.11
N PHE A 1297 4.57 -30.57 -29.27
CA PHE A 1297 4.49 -29.79 -30.49
C PHE A 1297 3.10 -29.22 -30.74
N ALA A 1298 2.10 -29.66 -29.99
CA ALA A 1298 0.72 -29.23 -30.20
C ALA A 1298 0.41 -27.88 -29.57
N LYS A 1299 1.26 -27.38 -28.67
CA LYS A 1299 1.01 -26.15 -27.96
C LYS A 1299 1.52 -24.92 -28.70
N ILE A 1300 2.17 -25.10 -29.86
CA ILE A 1300 2.74 -23.99 -30.61
C ILE A 1300 2.08 -23.76 -31.95
N ILE A 1301 1.15 -24.62 -32.37
CA ILE A 1301 0.45 -24.41 -33.62
C ILE A 1301 -0.66 -23.37 -33.41
N GLY A 1302 -0.63 -22.32 -34.22
CA GLY A 1302 -1.57 -21.24 -34.08
C GLY A 1302 -2.27 -20.90 -35.38
N PRO A 1303 -3.24 -19.98 -35.32
CA PRO A 1303 -3.96 -19.61 -36.55
C PRO A 1303 -3.05 -19.06 -37.64
N HIS A 1304 -2.02 -18.30 -37.27
CA HIS A 1304 -1.10 -17.78 -38.28
C HIS A 1304 -0.30 -18.89 -38.93
N ASN A 1305 0.01 -19.96 -38.17
CA ASN A 1305 0.66 -21.11 -38.76
C ASN A 1305 -0.26 -21.86 -39.72
N LEU A 1306 -1.56 -21.90 -39.44
CA LEU A 1306 -2.49 -22.60 -40.30
C LEU A 1306 -2.67 -21.91 -41.64
N ARG A 1307 -2.33 -20.62 -41.72
CA ARG A 1307 -2.42 -19.92 -43.00
C ARG A 1307 -1.41 -20.45 -44.00
N ASP A 1308 -0.30 -21.01 -43.53
CA ASP A 1308 0.68 -21.60 -44.42
C ASP A 1308 0.16 -22.86 -45.12
N LEU A 1309 -0.96 -23.41 -44.67
CA LEU A 1309 -1.52 -24.62 -45.26
C LEU A 1309 -2.55 -24.24 -46.32
N ALA A 1310 -2.05 -23.73 -47.44
CA ALA A 1310 -2.88 -23.41 -48.59
C ALA A 1310 -2.67 -24.50 -49.64
N LEU A 1311 -3.44 -25.57 -49.52
CA LEU A 1311 -3.31 -26.68 -50.45
C LEU A 1311 -4.12 -26.44 -51.72
N GLY A 1312 -3.66 -27.03 -52.81
CA GLY A 1312 -4.35 -26.93 -54.09
C GLY A 1312 -5.48 -27.93 -54.20
N ASP A 1313 -6.04 -28.01 -55.42
CA ASP A 1313 -7.14 -28.93 -55.66
C ASP A 1313 -6.69 -30.38 -55.51
N GLU A 1314 -5.51 -30.73 -56.04
CA GLU A 1314 -5.05 -32.11 -55.99
C GLU A 1314 -4.88 -32.57 -54.54
N GLU A 1315 -4.18 -31.78 -53.73
CA GLU A 1315 -3.94 -32.17 -52.35
C GLU A 1315 -5.24 -32.25 -51.56
N SER A 1316 -6.15 -31.29 -51.79
CA SER A 1316 -7.38 -31.24 -51.00
C SER A 1316 -8.39 -32.30 -51.44
N LEU A 1317 -8.24 -32.83 -52.66
CA LEU A 1317 -9.25 -33.75 -53.16
C LEU A 1317 -8.78 -35.20 -53.21
N VAL A 1318 -7.64 -35.45 -53.85
CA VAL A 1318 -7.24 -36.84 -54.11
C VAL A 1318 -6.14 -37.26 -53.15
N LYS A 1319 -5.13 -36.41 -52.99
CA LYS A 1319 -3.97 -36.81 -52.20
C LYS A 1319 -4.33 -36.98 -50.73
N GLY A 1320 -5.08 -36.03 -50.16
CA GLY A 1320 -5.54 -36.12 -48.81
C GLY A 1320 -4.66 -35.44 -47.78
N ASN A 1321 -3.44 -35.06 -48.15
CA ASN A 1321 -2.54 -34.39 -47.22
C ASN A 1321 -1.60 -33.48 -48.00
N CYS A 1322 -1.01 -32.54 -47.26
CA CYS A 1322 -0.14 -31.54 -47.88
C CYS A 1322 1.14 -32.19 -48.41
N SER A 1323 1.76 -31.53 -49.38
CA SER A 1323 2.97 -32.05 -50.00
C SER A 1323 4.15 -31.93 -49.03
N ASP A 1324 5.27 -32.51 -49.45
CA ASP A 1324 6.47 -32.49 -48.62
C ASP A 1324 6.94 -31.06 -48.35
N ILE A 1325 6.94 -30.21 -49.39
CA ILE A 1325 7.40 -28.84 -49.23
C ILE A 1325 6.49 -28.08 -48.28
N ASN A 1326 5.17 -28.21 -48.45
CA ASN A 1326 4.24 -27.52 -47.58
C ASN A 1326 4.35 -28.01 -46.14
N TYR A 1327 4.48 -29.32 -45.96
CA TYR A 1327 4.62 -29.87 -44.62
C TYR A 1327 5.90 -29.36 -43.95
N ASN A 1328 7.01 -29.37 -44.69
CA ASN A 1328 8.26 -28.87 -44.13
C ASN A 1328 8.15 -27.40 -43.76
N ARG A 1329 7.53 -26.59 -44.63
CA ARG A 1329 7.38 -25.17 -44.35
C ARG A 1329 6.52 -24.93 -43.13
N PHE A 1330 5.41 -25.67 -43.02
CA PHE A 1330 4.53 -25.51 -41.86
C PHE A 1330 5.23 -25.92 -40.57
N VAL A 1331 5.97 -27.02 -40.61
CA VAL A 1331 6.70 -27.47 -39.42
C VAL A 1331 7.76 -26.44 -39.04
N GLU A 1332 8.48 -25.89 -40.02
CA GLU A 1332 9.50 -24.90 -39.72
C GLU A 1332 8.90 -23.63 -39.14
N GLY A 1333 7.75 -23.20 -39.67
CA GLY A 1333 7.08 -22.04 -39.10
C GLY A 1333 6.62 -22.29 -37.66
N CYS A 1334 6.07 -23.47 -37.40
CA CYS A 1334 5.66 -23.79 -36.04
C CYS A 1334 6.87 -23.82 -35.10
N ARG A 1335 7.99 -24.37 -35.55
CA ARG A 1335 9.19 -24.37 -34.72
C ARG A 1335 9.68 -22.94 -34.48
N ALA A 1336 9.68 -22.10 -35.52
CA ALA A 1336 10.10 -20.71 -35.38
C ALA A 1336 9.15 -19.90 -34.51
N ASN A 1337 7.93 -20.38 -34.28
CA ASN A 1337 7.04 -19.70 -33.35
C ASN A 1337 7.65 -19.52 -31.98
N GLY A 1338 8.54 -20.43 -31.56
CA GLY A 1338 9.09 -20.38 -30.22
C GLY A 1338 10.13 -19.29 -30.00
N GLN A 1339 10.58 -18.63 -31.06
CA GLN A 1339 11.57 -17.57 -30.93
C GLN A 1339 11.04 -16.18 -31.28
N SER A 1340 9.89 -16.07 -31.94
CA SER A 1340 9.30 -14.79 -32.25
C SER A 1340 8.50 -14.29 -31.05
N PHE A 1341 7.70 -13.24 -31.25
CA PHE A 1341 6.86 -12.71 -30.20
C PHE A 1341 5.73 -13.65 -29.80
N TYR A 1342 5.48 -14.70 -30.59
CA TYR A 1342 4.41 -15.63 -30.30
C TYR A 1342 4.79 -16.67 -29.26
N ALA A 1343 6.04 -16.67 -28.79
CA ALA A 1343 6.46 -17.66 -27.81
C ALA A 1343 5.65 -17.53 -26.53
N GLY A 1344 5.17 -18.66 -26.02
CA GLY A 1344 4.38 -18.68 -24.80
C GLY A 1344 2.93 -18.30 -24.97
N ALA A 1345 2.49 -18.03 -26.20
CA ALA A 1345 1.09 -17.66 -26.42
C ALA A 1345 0.20 -18.90 -26.34
N ASP A 1346 -1.10 -18.65 -26.22
CA ASP A 1346 -2.10 -19.71 -26.09
C ASP A 1346 -3.00 -19.62 -27.32
N PHE A 1347 -2.75 -20.48 -28.30
CA PHE A 1347 -3.55 -20.51 -29.53
C PHE A 1347 -4.72 -21.47 -29.45
N SER A 1348 -4.93 -22.12 -28.29
CA SER A 1348 -5.96 -23.15 -28.19
C SER A 1348 -7.34 -22.59 -28.49
N SER A 1349 -7.62 -21.37 -28.04
CA SER A 1349 -8.96 -20.80 -28.17
C SER A 1349 -9.39 -20.66 -29.63
N GLU A 1350 -8.46 -20.67 -30.58
CA GLU A 1350 -8.79 -20.50 -31.98
C GLU A 1350 -8.46 -21.71 -32.84
N VAL A 1351 -7.73 -22.69 -32.31
CA VAL A 1351 -7.37 -23.88 -33.07
C VAL A 1351 -7.89 -25.16 -32.44
N ASN A 1352 -8.64 -25.08 -31.34
CA ASN A 1352 -9.12 -26.29 -30.68
C ASN A 1352 -10.08 -27.08 -31.56
N PHE A 1353 -10.97 -26.37 -32.28
CA PHE A 1353 -11.97 -27.07 -33.08
C PHE A 1353 -11.35 -27.90 -34.18
N CYS A 1354 -10.12 -27.59 -34.59
CA CYS A 1354 -9.48 -28.34 -35.66
C CYS A 1354 -9.18 -29.77 -35.24
N VAL A 1355 -8.81 -29.97 -33.98
CA VAL A 1355 -8.43 -31.29 -33.48
C VAL A 1355 -9.50 -31.91 -32.59
N GLY A 1356 -10.63 -31.24 -32.40
CA GLY A 1356 -11.71 -31.79 -31.63
C GLY A 1356 -11.67 -31.48 -30.15
N LEU A 1357 -10.62 -30.83 -29.66
CA LEU A 1357 -10.60 -30.44 -28.26
C LEU A 1357 -11.53 -29.26 -28.02
N VAL A 1358 -11.99 -29.15 -26.77
CA VAL A 1358 -12.85 -28.04 -26.37
C VAL A 1358 -12.67 -27.82 -24.88
N THR A 1359 -12.87 -26.59 -24.45
CA THR A 1359 -12.73 -26.21 -23.04
C THR A 1359 -14.10 -25.88 -22.47
N ILE A 1360 -14.40 -26.48 -21.32
CA ILE A 1360 -15.70 -26.30 -20.66
C ILE A 1360 -15.46 -25.92 -19.21
N PRO A 1361 -16.17 -24.92 -18.68
CA PRO A 1361 -16.03 -24.60 -17.26
C PRO A 1361 -16.51 -25.75 -16.38
N ASN A 1362 -15.91 -25.86 -15.20
CA ASN A 1362 -16.29 -26.92 -14.26
C ASN A 1362 -17.73 -26.76 -13.80
N LYS A 1363 -18.21 -25.51 -13.72
CA LYS A 1363 -19.59 -25.27 -13.34
C LYS A 1363 -20.55 -25.92 -14.33
N VAL A 1364 -20.26 -25.84 -15.62
CA VAL A 1364 -21.11 -26.47 -16.62
C VAL A 1364 -21.13 -27.97 -16.43
N ILE A 1365 -19.99 -28.57 -16.06
CA ILE A 1365 -19.94 -30.01 -15.84
C ILE A 1365 -20.80 -30.41 -14.65
N ALA A 1366 -20.68 -29.67 -13.54
CA ALA A 1366 -21.51 -29.97 -12.37
C ALA A 1366 -22.99 -29.79 -12.71
N ASP A 1367 -23.31 -28.74 -13.45
CA ASP A 1367 -24.69 -28.45 -13.81
C ASP A 1367 -25.27 -29.49 -14.75
N THR A 1368 -24.47 -30.05 -15.67
CA THR A 1368 -25.01 -31.10 -16.53
C THR A 1368 -25.16 -32.42 -15.79
N LEU A 1369 -24.29 -32.70 -14.82
CA LEU A 1369 -24.54 -33.86 -13.97
C LEU A 1369 -25.86 -33.69 -13.23
N GLU A 1370 -26.09 -32.50 -12.66
CA GLU A 1370 -27.34 -32.24 -11.97
C GLU A 1370 -28.53 -32.28 -12.93
N ALA A 1371 -28.35 -31.87 -14.18
CA ALA A 1371 -29.45 -31.91 -15.14
C ALA A 1371 -29.80 -33.35 -15.52
N LEU A 1372 -28.79 -34.20 -15.68
CA LEU A 1372 -29.08 -35.62 -15.89
C LEU A 1372 -29.82 -36.21 -14.70
N LEU A 1373 -29.38 -35.86 -13.49
CA LEU A 1373 -30.12 -36.29 -12.30
C LEU A 1373 -31.56 -35.80 -12.34
N GLY A 1374 -31.76 -34.55 -12.74
CA GLY A 1374 -33.10 -33.98 -12.76
C GLY A 1374 -34.01 -34.63 -13.78
N VAL A 1375 -33.50 -34.93 -14.97
CA VAL A 1375 -34.34 -35.58 -15.96
C VAL A 1375 -34.67 -37.00 -15.51
N ILE A 1376 -33.71 -37.71 -14.92
CA ILE A 1376 -34.00 -39.03 -14.40
C ILE A 1376 -35.07 -38.97 -13.32
N VAL A 1377 -34.96 -37.98 -12.43
CA VAL A 1377 -35.99 -37.80 -11.40
C VAL A 1377 -37.35 -37.56 -12.03
N LYS A 1378 -37.44 -36.51 -12.86
CA LYS A 1378 -38.73 -36.10 -13.43
C LYS A 1378 -39.38 -37.22 -14.22
N ASN A 1379 -38.60 -38.13 -14.79
CA ASN A 1379 -39.21 -39.19 -15.58
C ASN A 1379 -39.45 -40.47 -14.81
N TYR A 1380 -38.71 -40.75 -13.73
CA TYR A 1380 -38.79 -42.08 -13.12
C TYR A 1380 -38.96 -42.08 -11.60
N GLY A 1381 -39.17 -40.93 -10.96
CA GLY A 1381 -39.37 -40.93 -9.54
C GLY A 1381 -38.08 -41.14 -8.76
N LEU A 1382 -38.19 -40.89 -7.44
CA LEU A 1382 -37.02 -40.91 -6.57
C LEU A 1382 -36.43 -42.31 -6.43
N GLN A 1383 -37.27 -43.34 -6.36
CA GLN A 1383 -36.77 -44.70 -6.18
C GLN A 1383 -35.84 -45.08 -7.32
N HIS A 1384 -36.23 -44.78 -8.56
CA HIS A 1384 -35.39 -45.07 -9.71
C HIS A 1384 -34.23 -44.09 -9.83
N ALA A 1385 -34.42 -42.85 -9.40
CA ALA A 1385 -33.36 -41.85 -9.52
C ALA A 1385 -32.24 -42.09 -8.53
N PHE A 1386 -32.51 -42.77 -7.42
CA PHE A 1386 -31.47 -43.03 -6.44
C PHE A 1386 -30.34 -43.87 -7.02
N LYS A 1387 -30.65 -44.75 -7.98
CA LYS A 1387 -29.62 -45.60 -8.56
C LYS A 1387 -28.61 -44.80 -9.39
N MET A 1388 -29.00 -43.60 -9.84
CA MET A 1388 -28.03 -42.73 -10.52
C MET A 1388 -26.85 -42.40 -9.62
N LEU A 1389 -27.08 -42.11 -8.35
CA LEU A 1389 -25.97 -41.80 -7.46
C LEU A 1389 -25.02 -42.99 -7.30
N GLU A 1390 -25.54 -44.22 -7.31
CA GLU A 1390 -24.67 -45.38 -7.37
C GLU A 1390 -23.93 -45.42 -8.71
N TYR A 1391 -24.60 -45.07 -9.80
CA TYR A 1391 -23.96 -45.06 -11.10
C TYR A 1391 -22.84 -44.02 -11.17
N PHE A 1392 -23.08 -42.84 -10.61
CA PHE A 1392 -22.08 -41.78 -10.61
C PHE A 1392 -21.12 -41.87 -9.44
N LYS A 1393 -21.28 -42.87 -8.57
CA LYS A 1393 -20.43 -43.10 -7.41
C LYS A 1393 -20.43 -41.93 -6.44
N ILE A 1394 -21.48 -41.10 -6.48
CA ILE A 1394 -21.60 -40.01 -5.51
C ILE A 1394 -21.84 -40.59 -4.11
N CYS A 1395 -22.74 -41.56 -4.01
CA CYS A 1395 -23.04 -42.23 -2.75
C CYS A 1395 -22.68 -43.70 -2.89
N ARG A 1396 -21.70 -44.14 -2.10
CA ARG A 1396 -21.28 -45.54 -2.13
C ARG A 1396 -22.36 -46.41 -1.52
N ALA A 1397 -22.71 -47.49 -2.23
CA ALA A 1397 -23.75 -48.38 -1.76
C ALA A 1397 -23.19 -49.36 -0.72
N ASP A 1398 -24.10 -50.04 -0.03
CA ASP A 1398 -23.71 -51.04 0.97
C ASP A 1398 -24.74 -52.16 0.95
N ILE A 1399 -24.30 -53.33 1.42
CA ILE A 1399 -25.19 -54.48 1.49
C ILE A 1399 -26.33 -54.21 2.47
N ASP A 1400 -26.01 -53.64 3.64
CA ASP A 1400 -27.02 -53.40 4.65
C ASP A 1400 -28.04 -52.37 4.20
N LYS A 1401 -27.59 -51.28 3.58
CA LYS A 1401 -28.46 -50.17 3.22
C LYS A 1401 -28.37 -49.92 1.72
N PRO A 1402 -29.24 -50.53 0.93
CA PRO A 1402 -29.26 -50.23 -0.51
C PRO A 1402 -29.71 -48.81 -0.77
N LEU A 1403 -29.22 -48.26 -1.88
CA LEU A 1403 -29.48 -46.86 -2.21
C LEU A 1403 -30.94 -46.59 -2.51
N THR A 1404 -31.71 -47.60 -2.94
CA THR A 1404 -33.10 -47.39 -3.27
C THR A 1404 -34.00 -47.25 -2.05
N GLN A 1405 -33.47 -47.47 -0.84
CA GLN A 1405 -34.25 -47.43 0.38
C GLN A 1405 -34.01 -46.16 1.19
N LEU A 1406 -33.51 -45.10 0.54
CA LEU A 1406 -33.25 -43.86 1.27
C LEU A 1406 -34.53 -43.25 1.84
N LEU A 1407 -35.68 -43.54 1.25
CA LEU A 1407 -36.93 -43.08 1.84
C LEU A 1407 -37.28 -43.81 3.13
N ASN A 1408 -36.54 -44.87 3.46
CA ASN A 1408 -36.69 -45.60 4.71
C ASN A 1408 -35.68 -45.16 5.75
N LEU A 1409 -35.38 -43.86 5.78
CA LEU A 1409 -34.40 -43.31 6.71
C LEU A 1409 -34.73 -43.67 8.16
N GLU A 1410 -33.72 -44.13 8.89
CA GLU A 1410 -33.87 -44.50 10.29
C GLU A 1410 -33.25 -43.41 11.15
N LEU A 1411 -34.01 -42.94 12.14
CA LEU A 1411 -33.51 -41.94 13.09
C LEU A 1411 -32.71 -42.64 14.20
N GLY A 1412 -31.78 -43.48 13.76
CA GLY A 1412 -31.16 -44.45 14.64
C GLY A 1412 -30.09 -43.87 15.54
N GLY A 1413 -29.38 -44.77 16.22
CA GLY A 1413 -28.35 -44.39 17.16
C GLY A 1413 -28.83 -44.42 18.60
N LYS A 1414 -27.91 -44.07 19.50
CA LYS A 1414 -28.21 -44.00 20.92
C LYS A 1414 -29.09 -42.82 21.29
N LYS A 1415 -29.33 -41.90 20.35
CA LYS A 1415 -30.07 -40.68 20.64
C LYS A 1415 -31.56 -40.91 20.85
N MET A 1416 -32.07 -42.11 20.58
CA MET A 1416 -33.46 -42.43 20.82
C MET A 1416 -33.57 -43.38 22.01
N ARG A 1417 -34.70 -43.33 22.70
CA ARG A 1417 -35.05 -44.28 23.76
C ARG A 1417 -36.50 -44.69 23.52
N ALA A 1418 -36.69 -45.80 22.81
CA ALA A 1418 -38.02 -46.23 22.43
C ALA A 1418 -38.79 -46.92 23.55
N ASN A 1419 -38.14 -47.18 24.69
CA ASN A 1419 -38.80 -47.82 25.82
C ASN A 1419 -39.43 -46.81 26.77
N VAL A 1420 -39.25 -45.52 26.53
CA VAL A 1420 -39.82 -44.49 27.40
C VAL A 1420 -41.32 -44.45 27.23
N ASN A 1421 -42.05 -44.53 28.33
CA ASN A 1421 -43.50 -44.49 28.28
C ASN A 1421 -43.97 -43.08 27.94
N THR A 1422 -45.16 -42.99 27.34
CA THR A 1422 -45.60 -41.76 26.70
C THR A 1422 -45.91 -40.64 27.69
N THR A 1423 -46.16 -40.95 28.96
CA THR A 1423 -46.49 -39.90 29.92
C THR A 1423 -45.31 -38.97 30.17
N GLU A 1424 -44.09 -39.50 30.12
CA GLU A 1424 -42.92 -38.62 30.24
C GLU A 1424 -42.87 -37.63 29.09
N ILE A 1425 -43.14 -38.07 27.87
CA ILE A 1425 -43.17 -37.15 26.73
C ILE A 1425 -44.28 -36.13 26.89
N ASP A 1426 -45.48 -36.61 27.27
CA ASP A 1426 -46.61 -35.71 27.45
C ASP A 1426 -46.36 -34.68 28.54
N GLY A 1427 -45.53 -35.01 29.52
CA GLY A 1427 -45.14 -34.01 30.52
C GLY A 1427 -44.39 -32.86 29.90
N PHE A 1428 -43.55 -33.15 28.89
CA PHE A 1428 -42.84 -32.10 28.18
C PHE A 1428 -43.75 -31.34 27.24
N LEU A 1429 -44.78 -32.00 26.71
CA LEU A 1429 -45.65 -31.41 25.69
C LEU A 1429 -46.88 -30.81 26.36
N ILE A 1430 -46.94 -29.49 26.41
CA ILE A 1430 -48.10 -28.76 26.92
C ILE A 1430 -48.82 -28.15 25.72
N ASN A 1431 -50.15 -28.03 25.83
CA ASN A 1431 -50.99 -27.57 24.73
C ASN A 1431 -50.74 -28.40 23.47
N HIS A 1432 -50.70 -29.72 23.67
CA HIS A 1432 -50.39 -30.65 22.57
C HIS A 1432 -51.43 -30.54 21.46
N TYR A 1433 -52.71 -30.54 21.82
CA TYR A 1433 -53.77 -30.47 20.82
C TYR A 1433 -53.68 -29.18 20.03
N TYR A 1434 -53.41 -28.06 20.71
CA TYR A 1434 -53.28 -26.78 20.03
C TYR A 1434 -52.12 -26.81 19.04
N LEU A 1435 -50.99 -27.39 19.43
CA LEU A 1435 -49.84 -27.50 18.54
C LEU A 1435 -50.17 -28.33 17.31
N GLU A 1436 -50.80 -29.50 17.51
CA GLU A 1436 -51.10 -30.36 16.38
C GLU A 1436 -52.14 -29.72 15.46
N LYS A 1437 -53.10 -28.99 16.03
CA LYS A 1437 -54.09 -28.31 15.21
C LYS A 1437 -53.44 -27.20 14.38
N ASN A 1438 -52.55 -26.42 14.99
CA ASN A 1438 -51.88 -25.35 14.25
C ASN A 1438 -50.98 -25.92 13.16
N LEU A 1439 -50.25 -26.99 13.46
CA LEU A 1439 -49.36 -27.57 12.46
C LEU A 1439 -50.14 -28.26 11.35
N GLY A 1440 -51.28 -28.84 11.68
CA GLY A 1440 -52.08 -29.56 10.72
C GLY A 1440 -51.78 -31.03 10.59
N TYR A 1441 -50.90 -31.57 11.43
CA TYR A 1441 -50.57 -32.99 11.42
C TYR A 1441 -50.81 -33.58 12.80
N THR A 1442 -51.36 -34.79 12.82
CA THR A 1442 -51.63 -35.52 14.06
C THR A 1442 -50.60 -36.63 14.19
N PHE A 1443 -49.63 -36.43 15.07
CA PHE A 1443 -48.56 -37.39 15.25
C PHE A 1443 -49.08 -38.69 15.85
N LYS A 1444 -48.44 -39.80 15.47
CA LYS A 1444 -48.67 -41.09 16.10
C LYS A 1444 -47.64 -41.40 17.17
N ASP A 1445 -46.36 -41.17 16.88
CA ASP A 1445 -45.29 -41.30 17.87
C ASP A 1445 -44.81 -39.89 18.19
N ARG A 1446 -44.92 -39.52 19.47
CA ARG A 1446 -44.71 -38.14 19.88
C ARG A 1446 -43.25 -37.80 20.14
N ARG A 1447 -42.36 -38.79 20.20
CA ARG A 1447 -40.96 -38.50 20.48
C ARG A 1447 -40.32 -37.71 19.35
N TYR A 1448 -40.79 -37.89 18.11
CA TYR A 1448 -40.32 -37.05 17.02
C TYR A 1448 -40.67 -35.59 17.26
N LEU A 1449 -41.88 -35.34 17.76
CA LEU A 1449 -42.28 -33.96 18.09
C LEU A 1449 -41.38 -33.38 19.17
N LEU A 1450 -41.10 -34.15 20.22
CA LEU A 1450 -40.26 -33.66 21.30
C LEU A 1450 -38.85 -33.37 20.80
N GLN A 1451 -38.31 -34.26 19.97
CA GLN A 1451 -36.99 -34.02 19.41
C GLN A 1451 -36.97 -32.77 18.52
N ALA A 1452 -38.02 -32.58 17.72
CA ALA A 1452 -38.07 -31.42 16.84
C ALA A 1452 -38.19 -30.13 17.65
N LEU A 1453 -38.81 -30.20 18.83
CA LEU A 1453 -39.02 -29.01 19.64
C LEU A 1453 -37.91 -28.78 20.66
N THR A 1454 -36.90 -29.63 20.71
CA THR A 1454 -35.87 -29.56 21.75
C THR A 1454 -34.69 -28.75 21.25
N HIS A 1455 -34.57 -27.51 21.73
CA HIS A 1455 -33.38 -26.73 21.48
C HIS A 1455 -32.21 -27.33 22.26
N PRO A 1456 -30.98 -27.22 21.72
CA PRO A 1456 -29.83 -27.80 22.44
C PRO A 1456 -29.60 -27.21 23.82
N SER A 1457 -30.08 -26.00 24.09
CA SER A 1457 -29.90 -25.37 25.39
C SER A 1457 -30.88 -25.85 26.43
N TYR A 1458 -31.85 -26.68 26.06
CA TYR A 1458 -32.82 -27.18 27.01
C TYR A 1458 -32.20 -28.33 27.80
N PRO A 1459 -32.06 -28.21 29.12
CA PRO A 1459 -31.26 -29.19 29.88
C PRO A 1459 -32.03 -30.39 30.39
N THR A 1460 -33.34 -30.26 30.58
CA THR A 1460 -34.10 -31.28 31.29
C THR A 1460 -34.66 -32.37 30.39
N ASN A 1461 -34.38 -32.33 29.10
CA ASN A 1461 -34.79 -33.38 28.17
C ASN A 1461 -33.63 -34.37 28.03
N ARG A 1462 -33.79 -35.55 28.62
CA ARG A 1462 -32.73 -36.56 28.62
C ARG A 1462 -33.16 -37.85 27.94
N ILE A 1463 -34.23 -37.82 27.15
CA ILE A 1463 -34.68 -39.01 26.44
C ILE A 1463 -34.57 -38.88 24.93
N THR A 1464 -34.41 -37.68 24.40
CA THR A 1464 -34.23 -37.46 22.97
C THR A 1464 -33.17 -36.40 22.76
N GLY A 1465 -32.60 -36.38 21.56
CA GLY A 1465 -31.60 -35.40 21.22
C GLY A 1465 -32.22 -34.05 20.88
N SER A 1466 -31.35 -33.12 20.45
CA SER A 1466 -31.80 -31.82 20.05
C SER A 1466 -32.46 -31.89 18.66
N TYR A 1467 -32.94 -30.74 18.19
CA TYR A 1467 -33.60 -30.70 16.90
C TYR A 1467 -32.64 -30.62 15.72
N GLN A 1468 -31.34 -30.44 15.98
CA GLN A 1468 -30.40 -30.25 14.88
C GLN A 1468 -30.37 -31.46 13.95
N GLU A 1469 -30.37 -32.67 14.51
CA GLU A 1469 -30.36 -33.87 13.69
C GLU A 1469 -31.61 -33.96 12.84
N LEU A 1470 -32.77 -33.62 13.41
CA LEU A 1470 -34.00 -33.61 12.64
C LEU A 1470 -33.99 -32.48 11.61
N GLU A 1471 -33.52 -31.30 12.02
CA GLU A 1471 -33.55 -30.14 11.14
C GLU A 1471 -32.65 -30.34 9.92
N PHE A 1472 -31.57 -31.08 10.08
CA PHE A 1472 -30.68 -31.36 8.95
C PHE A 1472 -31.42 -32.05 7.82
N ILE A 1473 -32.18 -33.09 8.15
CA ILE A 1473 -32.97 -33.80 7.14
C ILE A 1473 -34.14 -32.94 6.68
N GLY A 1474 -34.76 -32.21 7.61
CA GLY A 1474 -35.94 -31.43 7.26
C GLY A 1474 -35.64 -30.33 6.26
N ASN A 1475 -34.48 -29.69 6.37
CA ASN A 1475 -34.13 -28.64 5.42
C ASN A 1475 -34.05 -29.20 4.00
N ALA A 1476 -33.38 -30.34 3.84
CA ALA A 1476 -33.27 -30.95 2.53
C ALA A 1476 -34.63 -31.40 2.00
N ILE A 1477 -35.46 -31.98 2.87
CA ILE A 1477 -36.78 -32.45 2.43
C ILE A 1477 -37.62 -31.27 1.95
N LEU A 1478 -37.65 -30.20 2.74
CA LEU A 1478 -38.43 -29.02 2.36
C LEU A 1478 -37.89 -28.40 1.08
N ASP A 1479 -36.57 -28.31 0.95
CA ASP A 1479 -35.98 -27.75 -0.26
C ASP A 1479 -36.38 -28.55 -1.49
N PHE A 1480 -36.28 -29.88 -1.40
CA PHE A 1480 -36.63 -30.70 -2.55
C PHE A 1480 -38.10 -30.58 -2.90
N LEU A 1481 -38.97 -30.60 -1.90
CA LEU A 1481 -40.40 -30.52 -2.20
C LEU A 1481 -40.77 -29.18 -2.81
N ILE A 1482 -40.22 -28.09 -2.27
CA ILE A 1482 -40.51 -26.77 -2.82
C ILE A 1482 -39.98 -26.66 -4.25
N SER A 1483 -38.76 -27.15 -4.48
CA SER A 1483 -38.20 -27.12 -5.83
C SER A 1483 -39.03 -27.94 -6.80
N ALA A 1484 -39.48 -29.12 -6.38
CA ALA A 1484 -40.31 -29.93 -7.26
C ALA A 1484 -41.62 -29.24 -7.58
N TYR A 1485 -42.24 -28.59 -6.59
CA TYR A 1485 -43.48 -27.88 -6.85
C TYR A 1485 -43.28 -26.74 -7.84
N ILE A 1486 -42.25 -25.91 -7.62
CA ILE A 1486 -42.04 -24.77 -8.50
C ILE A 1486 -41.60 -25.23 -9.88
N PHE A 1487 -40.92 -26.37 -9.98
CA PHE A 1487 -40.53 -26.90 -11.28
C PHE A 1487 -41.75 -27.42 -12.04
N GLU A 1488 -42.64 -28.14 -11.36
CA GLU A 1488 -43.79 -28.72 -12.02
C GLU A 1488 -44.81 -27.66 -12.42
N ASN A 1489 -45.06 -26.68 -11.54
CA ASN A 1489 -46.13 -25.72 -11.76
C ASN A 1489 -45.66 -24.43 -12.43
N ASN A 1490 -44.51 -23.89 -12.02
CA ASN A 1490 -44.06 -22.59 -12.52
C ASN A 1490 -43.12 -22.80 -13.72
N THR A 1491 -43.72 -23.18 -14.84
CA THR A 1491 -42.98 -23.35 -16.09
C THR A 1491 -42.90 -22.07 -16.90
N LYS A 1492 -43.59 -21.00 -16.48
CA LYS A 1492 -43.60 -19.77 -17.26
C LYS A 1492 -42.33 -18.96 -17.11
N MET A 1493 -41.76 -18.90 -15.92
CA MET A 1493 -40.64 -18.00 -15.66
C MET A 1493 -39.30 -18.67 -15.97
N ASN A 1494 -38.30 -17.84 -16.24
CA ASN A 1494 -36.98 -18.33 -16.62
C ASN A 1494 -36.29 -18.97 -15.43
N PRO A 1495 -35.30 -19.82 -15.67
CA PRO A 1495 -34.62 -20.52 -14.56
C PRO A 1495 -33.97 -19.58 -13.55
N GLY A 1496 -33.52 -18.40 -13.96
CA GLY A 1496 -32.98 -17.46 -12.99
C GLY A 1496 -34.02 -17.02 -11.98
N ALA A 1497 -35.21 -16.65 -12.45
CA ALA A 1497 -36.28 -16.33 -11.53
C ALA A 1497 -36.74 -17.55 -10.76
N LEU A 1498 -36.64 -18.74 -11.36
CA LEU A 1498 -37.02 -19.96 -10.64
C LEU A 1498 -36.10 -20.21 -9.46
N THR A 1499 -34.79 -20.08 -9.66
CA THR A 1499 -33.87 -20.29 -8.54
C THR A 1499 -33.94 -19.14 -7.53
N ASP A 1500 -34.26 -17.93 -7.99
CA ASP A 1500 -34.52 -16.84 -7.05
C ASP A 1500 -35.71 -17.16 -6.16
N LEU A 1501 -36.80 -17.67 -6.76
CA LEU A 1501 -37.96 -18.07 -5.97
C LEU A 1501 -37.62 -19.19 -5.02
N ARG A 1502 -36.82 -20.16 -5.49
CA ARG A 1502 -36.42 -21.27 -4.62
C ARG A 1502 -35.64 -20.77 -3.42
N SER A 1503 -34.68 -19.86 -3.65
CA SER A 1503 -33.91 -19.31 -2.54
C SER A 1503 -34.79 -18.50 -1.59
N ALA A 1504 -35.72 -17.72 -2.12
CA ALA A 1504 -36.60 -16.92 -1.27
C ALA A 1504 -37.52 -17.79 -0.43
N LEU A 1505 -38.04 -18.88 -0.99
CA LEU A 1505 -38.98 -19.72 -0.26
C LEU A 1505 -38.31 -20.49 0.88
N VAL A 1506 -37.06 -20.90 0.71
CA VAL A 1506 -36.34 -21.64 1.73
C VAL A 1506 -35.48 -20.72 2.59
N ASN A 1507 -35.63 -19.41 2.45
CA ASN A 1507 -34.87 -18.47 3.26
C ASN A 1507 -35.23 -18.63 4.74
N ASN A 1508 -34.24 -18.40 5.60
CA ASN A 1508 -34.46 -18.54 7.02
C ASN A 1508 -35.46 -17.51 7.54
N THR A 1509 -35.44 -16.31 6.96
CA THR A 1509 -36.41 -15.29 7.38
C THR A 1509 -37.83 -15.71 7.05
N THR A 1510 -38.05 -16.29 5.86
CA THR A 1510 -39.38 -16.77 5.51
C THR A 1510 -39.83 -17.89 6.43
N LEU A 1511 -38.93 -18.80 6.75
CA LEU A 1511 -39.27 -19.90 7.65
C LEU A 1511 -39.62 -19.38 9.04
N ALA A 1512 -38.87 -18.38 9.53
CA ALA A 1512 -39.19 -17.79 10.82
C ALA A 1512 -40.53 -17.09 10.79
N CYS A 1513 -40.84 -16.39 9.70
CA CYS A 1513 -42.13 -15.72 9.58
C CYS A 1513 -43.27 -16.74 9.58
N ILE A 1514 -43.08 -17.87 8.89
CA ILE A 1514 -44.10 -18.92 8.89
C ILE A 1514 -44.22 -19.53 10.28
N CYS A 1515 -43.09 -19.68 10.98
CA CYS A 1515 -43.11 -20.24 12.33
C CYS A 1515 -43.91 -19.37 13.29
N VAL A 1516 -43.67 -18.05 13.24
CA VAL A 1516 -44.36 -17.16 14.17
C VAL A 1516 -45.81 -16.95 13.73
N ARG A 1517 -46.08 -17.08 12.43
CA ARG A 1517 -47.46 -16.92 11.95
C ARG A 1517 -48.37 -18.00 12.49
N HIS A 1518 -47.88 -19.24 12.56
CA HIS A 1518 -48.67 -20.36 13.05
C HIS A 1518 -48.56 -20.53 14.56
N ARG A 1519 -47.98 -19.56 15.25
CA ARG A 1519 -47.80 -19.62 16.71
C ARG A 1519 -47.03 -20.87 17.11
N LEU A 1520 -46.03 -21.22 16.30
CA LEU A 1520 -45.22 -22.41 16.54
C LEU A 1520 -44.12 -22.20 17.56
N HIS A 1521 -43.80 -20.96 17.89
CA HIS A 1521 -42.70 -20.68 18.81
C HIS A 1521 -43.08 -20.88 20.27
N PHE A 1522 -44.37 -21.07 20.57
CA PHE A 1522 -44.78 -21.25 21.96
C PHE A 1522 -44.27 -22.57 22.53
N PHE A 1523 -43.99 -23.55 21.67
CA PHE A 1523 -43.66 -24.90 22.11
C PHE A 1523 -42.17 -25.21 22.03
N ILE A 1524 -41.33 -24.21 21.75
CA ILE A 1524 -39.90 -24.46 21.67
C ILE A 1524 -39.35 -24.66 23.08
N LEU A 1525 -38.65 -25.76 23.29
CA LEU A 1525 -38.06 -26.11 24.58
C LEU A 1525 -36.66 -25.51 24.62
N ALA A 1526 -36.51 -24.38 25.30
CA ALA A 1526 -35.22 -23.72 25.41
C ALA A 1526 -35.12 -23.04 26.77
N GLU A 1527 -33.88 -22.77 27.19
CA GLU A 1527 -33.62 -22.14 28.47
C GLU A 1527 -32.58 -21.03 28.36
N ASN A 1528 -32.51 -20.35 27.21
CA ASN A 1528 -31.58 -19.25 27.02
C ASN A 1528 -32.32 -17.93 27.10
N ALA A 1529 -31.79 -17.03 27.93
CA ALA A 1529 -32.44 -15.73 28.13
C ALA A 1529 -32.33 -14.86 26.89
N LYS A 1530 -31.14 -14.79 26.29
CA LYS A 1530 -30.95 -13.98 25.09
C LYS A 1530 -31.80 -14.48 23.94
N LEU A 1531 -31.85 -15.80 23.74
CA LEU A 1531 -32.65 -16.37 22.68
C LEU A 1531 -34.14 -16.07 22.90
N SER A 1532 -34.60 -16.21 24.13
CA SER A 1532 -36.00 -15.92 24.43
C SER A 1532 -36.33 -14.45 24.18
N GLU A 1533 -35.42 -13.55 24.56
CA GLU A 1533 -35.64 -12.13 24.32
C GLU A 1533 -35.69 -11.83 22.83
N ILE A 1534 -34.79 -12.45 22.05
CA ILE A 1534 -34.78 -12.24 20.61
C ILE A 1534 -36.08 -12.75 19.99
N ILE A 1535 -36.53 -13.92 20.42
CA ILE A 1535 -37.77 -14.49 19.89
C ILE A 1535 -38.95 -13.59 20.21
N SER A 1536 -39.01 -13.09 21.44
CA SER A 1536 -40.11 -12.21 21.82
C SER A 1536 -40.10 -10.92 21.01
N LYS A 1537 -38.92 -10.33 20.82
CA LYS A 1537 -38.83 -9.11 20.03
C LYS A 1537 -39.26 -9.37 18.58
N PHE A 1538 -38.81 -10.48 18.00
CA PHE A 1538 -39.17 -10.79 16.63
C PHE A 1538 -40.66 -11.04 16.47
N VAL A 1539 -41.27 -11.76 17.42
CA VAL A 1539 -42.70 -12.05 17.30
C VAL A 1539 -43.51 -10.78 17.51
N ASN A 1540 -43.05 -9.88 18.39
CA ASN A 1540 -43.73 -8.60 18.54
C ASN A 1540 -43.64 -7.78 17.25
N PHE A 1541 -42.47 -7.77 16.61
CA PHE A 1541 -42.32 -7.05 15.35
C PHE A 1541 -43.22 -7.65 14.27
N GLN A 1542 -43.30 -8.98 14.21
CA GLN A 1542 -44.17 -9.63 13.23
C GLN A 1542 -45.64 -9.31 13.50
N GLU A 1543 -46.06 -9.34 14.76
CA GLU A 1543 -47.44 -8.99 15.09
C GLU A 1543 -47.72 -7.53 14.74
N SER A 1544 -46.71 -6.67 14.81
CA SER A 1544 -46.89 -5.29 14.33
C SER A 1544 -47.20 -5.28 12.84
N GLN A 1545 -46.65 -6.22 12.08
CA GLN A 1545 -46.90 -6.32 10.65
C GLN A 1545 -48.04 -7.28 10.32
N GLY A 1546 -48.69 -7.87 11.32
CA GLY A 1546 -49.78 -8.80 11.07
C GLY A 1546 -49.37 -10.09 10.41
N HIS A 1547 -48.22 -10.64 10.80
CA HIS A 1547 -47.71 -11.91 10.27
C HIS A 1547 -47.56 -11.88 8.76
N ARG A 1548 -47.22 -10.72 8.21
CA ARG A 1548 -46.96 -10.59 6.79
C ARG A 1548 -45.46 -10.45 6.55
N VAL A 1549 -44.95 -11.19 5.57
CA VAL A 1549 -43.54 -11.15 5.25
C VAL A 1549 -43.21 -9.77 4.69
N THR A 1550 -42.50 -8.97 5.48
CA THR A 1550 -42.10 -7.62 5.06
C THR A 1550 -40.89 -7.76 4.12
N ASN A 1551 -40.15 -6.67 3.91
CA ASN A 1551 -39.01 -6.73 3.01
C ASN A 1551 -37.84 -7.47 3.67
N TYR A 1552 -37.76 -8.79 3.44
CA TYR A 1552 -36.71 -9.65 3.98
C TYR A 1552 -36.57 -9.48 5.49
N VAL A 1553 -37.70 -9.38 6.17
CA VAL A 1553 -37.72 -9.24 7.62
C VAL A 1553 -39.11 -9.59 8.15
N ASN A 1604 -34.63 -4.28 10.53
CA ASN A 1604 -33.80 -3.65 11.55
C ASN A 1604 -33.80 -4.47 12.83
N VAL A 1605 -34.51 -5.60 12.80
CA VAL A 1605 -34.59 -6.51 13.93
C VAL A 1605 -34.01 -7.85 13.51
N ASP A 1606 -33.13 -8.39 14.36
CA ASP A 1606 -32.49 -9.67 14.06
C ASP A 1606 -33.51 -10.80 14.04
N VAL A 1607 -33.22 -11.83 13.27
CA VAL A 1607 -34.09 -12.99 13.13
C VAL A 1607 -33.43 -14.18 13.81
N PRO A 1608 -34.04 -14.80 14.81
CA PRO A 1608 -33.45 -15.98 15.44
C PRO A 1608 -33.55 -17.18 14.50
N LYS A 1609 -32.40 -17.78 14.18
CA LYS A 1609 -32.39 -18.95 13.31
C LYS A 1609 -33.14 -20.12 13.92
N ALA A 1610 -33.31 -20.14 15.24
CA ALA A 1610 -33.96 -21.26 15.90
C ALA A 1610 -35.38 -21.48 15.39
N LEU A 1611 -36.07 -20.40 14.96
CA LEU A 1611 -37.42 -20.56 14.44
C LEU A 1611 -37.41 -21.34 13.14
N GLY A 1612 -36.55 -20.96 12.20
CA GLY A 1612 -36.45 -21.70 10.95
C GLY A 1612 -36.00 -23.14 11.18
N ASP A 1613 -35.02 -23.33 12.08
CA ASP A 1613 -34.54 -24.67 12.34
C ASP A 1613 -35.62 -25.54 12.98
N VAL A 1614 -36.42 -24.99 13.88
CA VAL A 1614 -37.48 -25.79 14.50
C VAL A 1614 -38.57 -26.07 13.49
N LEU A 1615 -38.85 -25.16 12.56
CA LEU A 1615 -39.80 -25.46 11.51
C LEU A 1615 -39.31 -26.60 10.63
N GLU A 1616 -38.04 -26.57 10.24
CA GLU A 1616 -37.48 -27.64 9.43
C GLU A 1616 -37.49 -28.97 10.18
N ALA A 1617 -37.14 -28.95 11.46
CA ALA A 1617 -37.16 -30.16 12.26
C ALA A 1617 -38.57 -30.70 12.42
N LEU A 1618 -39.56 -29.81 12.54
CA LEU A 1618 -40.96 -30.25 12.60
C LEU A 1618 -41.38 -30.91 11.29
N ILE A 1619 -40.94 -30.35 10.16
CA ILE A 1619 -41.23 -30.96 8.88
C ILE A 1619 -40.62 -32.36 8.80
N ALA A 1620 -39.37 -32.49 9.24
CA ALA A 1620 -38.71 -33.79 9.23
C ALA A 1620 -39.41 -34.78 10.15
N ALA A 1621 -39.84 -34.33 11.32
CA ALA A 1621 -40.57 -35.20 12.24
C ALA A 1621 -41.89 -35.64 11.62
N VAL A 1622 -42.58 -34.73 10.94
CA VAL A 1622 -43.81 -35.09 10.25
C VAL A 1622 -43.54 -36.20 9.23
N TYR A 1623 -42.50 -36.03 8.42
CA TYR A 1623 -42.18 -37.03 7.41
C TYR A 1623 -41.85 -38.37 8.05
N LEU A 1624 -41.02 -38.35 9.10
CA LEU A 1624 -40.59 -39.59 9.73
C LEU A 1624 -41.76 -40.32 10.38
N ASP A 1625 -42.68 -39.58 11.00
CA ASP A 1625 -43.85 -40.23 11.59
C ASP A 1625 -44.76 -40.81 10.51
N CYS A 1626 -44.98 -40.07 9.43
CA CYS A 1626 -45.91 -40.53 8.39
C CYS A 1626 -45.26 -41.48 7.40
N ARG A 1627 -43.98 -41.30 7.08
CA ARG A 1627 -43.29 -42.10 6.05
C ARG A 1627 -44.03 -42.02 4.71
N ASP A 1628 -44.57 -40.85 4.41
CA ASP A 1628 -45.30 -40.63 3.17
C ASP A 1628 -45.01 -39.21 2.71
N LEU A 1629 -44.30 -39.07 1.60
CA LEU A 1629 -43.97 -37.75 1.09
C LEU A 1629 -45.21 -36.97 0.66
N GLN A 1630 -46.31 -37.66 0.36
CA GLN A 1630 -47.53 -36.95 0.00
C GLN A 1630 -48.11 -36.19 1.19
N ARG A 1631 -48.17 -36.85 2.36
CA ARG A 1631 -48.66 -36.16 3.55
C ARG A 1631 -47.73 -35.03 3.95
N THR A 1632 -46.42 -35.25 3.83
CA THR A 1632 -45.45 -34.19 4.11
C THR A 1632 -45.66 -33.01 3.18
N TRP A 1633 -45.91 -33.27 1.90
CA TRP A 1633 -46.17 -32.18 0.97
C TRP A 1633 -47.47 -31.48 1.29
N GLU A 1634 -48.49 -32.22 1.72
CA GLU A 1634 -49.75 -31.60 2.13
C GLU A 1634 -49.51 -30.63 3.28
N VAL A 1635 -48.75 -31.06 4.28
CA VAL A 1635 -48.47 -30.21 5.43
C VAL A 1635 -47.69 -28.98 5.00
N ILE A 1636 -46.66 -29.18 4.16
CA ILE A 1636 -45.81 -28.07 3.75
C ILE A 1636 -46.60 -27.07 2.92
N PHE A 1637 -47.47 -27.57 2.03
CA PHE A 1637 -48.30 -26.66 1.23
C PHE A 1637 -49.28 -25.90 2.10
N ASN A 1638 -49.88 -26.56 3.09
CA ASN A 1638 -50.80 -25.87 3.97
C ASN A 1638 -50.07 -24.79 4.76
N LEU A 1639 -48.80 -25.02 5.09
CA LEU A 1639 -48.03 -24.01 5.80
C LEU A 1639 -47.61 -22.87 4.87
N PHE A 1640 -47.29 -23.19 3.61
CA PHE A 1640 -46.64 -22.23 2.72
C PHE A 1640 -47.59 -21.57 1.73
N GLU A 1641 -48.89 -21.90 1.75
CA GLU A 1641 -49.81 -21.38 0.75
C GLU A 1641 -49.80 -19.86 0.61
N PRO A 1642 -49.87 -19.05 1.68
CA PRO A 1642 -49.82 -17.60 1.47
C PRO A 1642 -48.51 -17.13 0.86
N GLU A 1643 -47.38 -17.60 1.39
CA GLU A 1643 -46.09 -17.20 0.87
C GLU A 1643 -45.88 -17.71 -0.55
N LEU A 1644 -46.35 -18.93 -0.84
CA LEU A 1644 -46.23 -19.46 -2.19
C LEU A 1644 -47.03 -18.62 -3.18
N GLN A 1645 -48.30 -18.32 -2.86
CA GLN A 1645 -49.12 -17.53 -3.77
C GLN A 1645 -48.56 -16.12 -3.95
N GLU A 1646 -48.06 -15.51 -2.87
CA GLU A 1646 -47.53 -14.16 -2.98
C GLU A 1646 -46.25 -14.14 -3.81
N PHE A 1647 -45.32 -15.05 -3.54
CA PHE A 1647 -44.03 -15.04 -4.23
C PHE A 1647 -44.13 -15.52 -5.67
N THR A 1648 -45.14 -16.30 -6.03
CA THR A 1648 -45.33 -16.66 -7.43
C THR A 1648 -45.78 -15.48 -8.27
N ARG A 1649 -46.35 -14.44 -7.66
CA ARG A 1649 -46.75 -13.24 -8.38
C ARG A 1649 -45.62 -12.23 -8.51
N LYS A 1650 -44.91 -11.97 -7.43
CA LYS A 1650 -43.73 -11.10 -7.45
C LYS A 1650 -42.55 -11.84 -6.87
N VAL A 1651 -41.39 -11.66 -7.49
CA VAL A 1651 -40.17 -12.37 -7.12
C VAL A 1651 -39.32 -11.41 -6.29
N PRO A 1652 -39.08 -11.70 -5.00
CA PRO A 1652 -38.19 -10.84 -4.21
C PRO A 1652 -36.74 -10.95 -4.65
N ILE A 1653 -36.20 -9.85 -5.17
CA ILE A 1653 -34.82 -9.80 -5.66
C ILE A 1653 -34.06 -8.75 -4.86
N ASN A 1654 -32.92 -9.16 -4.31
CA ASN A 1654 -32.10 -8.26 -3.51
C ASN A 1654 -30.61 -8.44 -3.84
N LYS B 246 -12.50 -8.46 80.80
CA LYS B 246 -12.50 -8.86 82.20
C LYS B 246 -12.90 -10.32 82.35
N THR B 247 -13.03 -11.01 81.22
CA THR B 247 -13.39 -12.43 81.19
C THR B 247 -12.13 -13.30 81.27
N VAL B 248 -11.41 -13.15 82.39
CA VAL B 248 -10.16 -13.87 82.59
C VAL B 248 -10.43 -15.21 83.25
N GLY B 249 -10.50 -16.26 82.45
CA GLY B 249 -10.70 -17.60 82.96
C GLY B 249 -11.64 -18.39 82.06
N ASN B 250 -12.19 -19.45 82.62
CA ASN B 250 -13.17 -20.29 81.92
C ASN B 250 -14.51 -20.16 82.61
N PRO B 251 -15.31 -19.13 82.27
CA PRO B 251 -16.57 -18.90 82.99
C PRO B 251 -17.58 -20.02 82.84
N ILE B 252 -17.55 -20.80 81.75
CA ILE B 252 -18.48 -21.91 81.62
C ILE B 252 -18.16 -23.00 82.63
N GLY B 253 -16.87 -23.26 82.85
CA GLY B 253 -16.48 -24.19 83.89
C GLY B 253 -16.94 -23.75 85.27
N TRP B 254 -16.81 -22.46 85.57
CA TRP B 254 -17.28 -21.94 86.85
C TRP B 254 -18.80 -22.06 86.96
N LEU B 255 -19.51 -21.80 85.86
CA LEU B 255 -20.97 -21.90 85.85
C LEU B 255 -21.41 -23.32 86.17
N GLN B 256 -20.84 -24.30 85.46
CA GLN B 256 -21.20 -25.69 85.71
C GLN B 256 -20.73 -26.15 87.09
N GLU B 257 -19.64 -25.57 87.58
CA GLU B 257 -19.18 -25.86 88.94
C GLU B 257 -20.22 -25.42 89.95
N MET B 258 -20.74 -24.20 89.79
CA MET B 258 -21.79 -23.73 90.69
C MET B 258 -23.04 -24.59 90.56
N CYS B 259 -23.39 -24.97 89.33
CA CYS B 259 -24.59 -25.78 89.12
C CYS B 259 -24.49 -27.12 89.85
N MET B 260 -23.39 -27.84 89.63
CA MET B 260 -23.32 -29.22 90.09
C MET B 260 -22.88 -29.30 91.55
N GLN B 261 -22.17 -28.27 92.04
CA GLN B 261 -21.83 -28.20 93.46
C GLN B 261 -23.08 -28.02 94.32
N ARG B 262 -23.95 -27.10 93.92
CA ARG B 262 -25.19 -26.80 94.65
C ARG B 262 -26.31 -27.75 94.27
N ARG B 263 -26.04 -28.72 93.39
CA ARG B 263 -27.05 -29.68 92.91
C ARG B 263 -28.16 -28.96 92.15
N TRP B 264 -27.88 -27.74 91.70
CA TRP B 264 -28.77 -27.03 90.78
C TRP B 264 -28.71 -27.73 89.44
N PRO B 265 -29.75 -27.60 88.59
CA PRO B 265 -29.74 -28.32 87.32
C PRO B 265 -28.56 -27.88 86.47
N PRO B 266 -27.99 -28.80 85.69
CA PRO B 266 -26.82 -28.44 84.89
C PRO B 266 -27.16 -27.40 83.86
N PRO B 267 -26.21 -26.57 83.44
CA PRO B 267 -26.53 -25.46 82.53
C PRO B 267 -26.93 -25.95 81.15
N SER B 268 -28.18 -25.69 80.78
CA SER B 268 -28.66 -25.96 79.44
C SER B 268 -28.29 -24.81 78.52
N TYR B 269 -27.92 -25.16 77.28
CA TYR B 269 -27.43 -24.17 76.32
C TYR B 269 -28.21 -24.33 75.02
N GLU B 270 -28.73 -23.21 74.51
CA GLU B 270 -29.54 -23.19 73.31
C GLU B 270 -29.01 -22.17 72.32
N THR B 271 -29.07 -22.51 71.03
CA THR B 271 -28.66 -21.63 69.94
C THR B 271 -29.91 -21.19 69.20
N GLU B 272 -30.29 -19.92 69.37
CA GLU B 272 -31.50 -19.42 68.74
C GLU B 272 -31.26 -18.98 67.30
N THR B 273 -30.38 -18.01 67.11
CA THR B 273 -30.26 -17.35 65.81
C THR B 273 -28.82 -17.39 65.32
N GLU B 274 -28.67 -17.49 63.99
CA GLU B 274 -27.39 -17.36 63.31
C GLU B 274 -27.59 -16.35 62.20
N VAL B 275 -27.13 -15.11 62.42
CA VAL B 275 -27.41 -14.01 61.51
C VAL B 275 -26.10 -13.44 60.97
N GLY B 276 -26.16 -12.94 59.75
CA GLY B 276 -25.03 -12.28 59.11
C GLY B 276 -24.50 -13.07 57.93
N LEU B 277 -23.67 -12.38 57.14
CA LEU B 277 -23.03 -13.00 55.99
C LEU B 277 -22.04 -14.06 56.45
N PRO B 278 -21.76 -15.06 55.61
CA PRO B 278 -20.88 -16.16 56.06
C PRO B 278 -19.52 -15.72 56.56
N HIS B 279 -18.99 -14.59 56.09
CA HIS B 279 -17.74 -14.07 56.62
C HIS B 279 -17.95 -13.09 57.77
N GLU B 280 -19.21 -12.78 58.14
CA GLU B 280 -19.50 -11.97 59.31
C GLU B 280 -20.72 -12.48 60.07
N ARG B 281 -20.88 -13.81 60.12
CA ARG B 281 -21.99 -14.38 60.88
C ARG B 281 -21.80 -14.12 62.38
N LEU B 282 -22.87 -13.71 63.04
CA LEU B 282 -22.90 -13.54 64.48
C LEU B 282 -23.71 -14.68 65.10
N PHE B 283 -23.24 -15.19 66.23
CA PHE B 283 -23.86 -16.32 66.89
C PHE B 283 -24.45 -15.90 68.24
N THR B 284 -25.62 -16.44 68.55
CA THR B 284 -26.37 -16.12 69.75
C THR B 284 -26.62 -17.40 70.54
N ILE B 285 -26.04 -17.48 71.75
CA ILE B 285 -26.10 -18.68 72.57
C ILE B 285 -26.87 -18.35 73.85
N ALA B 286 -27.81 -19.22 74.20
CA ALA B 286 -28.60 -19.07 75.42
C ALA B 286 -28.07 -19.99 76.51
N CYS B 287 -28.27 -19.59 77.76
CA CYS B 287 -27.99 -20.42 78.92
C CYS B 287 -29.17 -20.33 79.87
N SER B 288 -29.71 -21.49 80.27
CA SER B 288 -30.90 -21.55 81.11
C SER B 288 -30.66 -22.50 82.27
N ILE B 289 -30.82 -21.98 83.49
CA ILE B 289 -30.73 -22.76 84.72
C ILE B 289 -31.83 -22.31 85.65
N LEU B 290 -32.77 -23.21 85.96
CA LEU B 290 -33.97 -22.89 86.74
C LEU B 290 -34.71 -21.77 86.02
N ASN B 291 -35.00 -20.64 86.68
CA ASN B 291 -35.77 -19.56 86.08
C ASN B 291 -34.91 -18.46 85.49
N TYR B 292 -33.59 -18.60 85.50
CA TYR B 292 -32.69 -17.60 84.97
C TYR B 292 -32.27 -17.96 83.55
N ARG B 293 -32.35 -16.97 82.65
CA ARG B 293 -31.97 -17.16 81.25
C ARG B 293 -31.21 -15.92 80.81
N GLU B 294 -30.01 -16.12 80.27
CA GLU B 294 -29.14 -15.02 79.90
C GLU B 294 -28.60 -15.24 78.48
N MET B 295 -28.16 -14.15 77.86
CA MET B 295 -27.78 -14.15 76.46
C MET B 295 -26.29 -13.83 76.32
N GLY B 296 -25.66 -14.44 75.31
CA GLY B 296 -24.28 -14.16 74.97
C GLY B 296 -24.08 -14.18 73.47
N LYS B 297 -23.45 -13.14 72.95
CA LYS B 297 -23.25 -12.98 71.52
C LYS B 297 -21.75 -12.91 71.21
N GLY B 298 -21.38 -13.43 70.04
CA GLY B 298 -19.99 -13.40 69.62
C GLY B 298 -19.87 -13.89 68.19
N LYS B 299 -18.70 -13.62 67.62
CA LYS B 299 -18.36 -14.02 66.25
C LYS B 299 -18.28 -15.52 66.07
N SER B 300 -18.14 -16.26 67.17
CA SER B 300 -18.08 -17.71 67.13
C SER B 300 -19.07 -18.27 68.12
N LYS B 301 -19.52 -19.51 67.88
CA LYS B 301 -20.36 -20.20 68.84
C LYS B 301 -19.63 -20.38 70.16
N LYS B 302 -18.34 -20.70 70.10
CA LYS B 302 -17.52 -20.79 71.31
C LYS B 302 -17.52 -19.48 72.08
N ILE B 303 -17.29 -18.36 71.39
CA ILE B 303 -17.19 -17.06 72.06
C ILE B 303 -18.53 -16.65 72.63
N ALA B 304 -19.62 -16.85 71.87
CA ALA B 304 -20.94 -16.48 72.35
C ALA B 304 -21.34 -17.33 73.55
N LYS B 305 -21.03 -18.62 73.51
CA LYS B 305 -21.29 -19.50 74.64
C LYS B 305 -20.52 -19.04 75.87
N ARG B 306 -19.25 -18.71 75.71
CA ARG B 306 -18.43 -18.25 76.83
C ARG B 306 -18.98 -16.95 77.40
N LEU B 307 -19.40 -16.02 76.52
CA LEU B 307 -19.93 -14.75 76.99
C LEU B 307 -21.25 -14.93 77.73
N ALA B 308 -22.14 -15.80 77.23
CA ALA B 308 -23.39 -16.06 77.93
C ALA B 308 -23.13 -16.67 79.31
N ALA B 309 -22.21 -17.64 79.37
CA ALA B 309 -21.89 -18.26 80.65
C ALA B 309 -21.32 -17.25 81.63
N HIS B 310 -20.41 -16.39 81.16
CA HIS B 310 -19.85 -15.36 82.02
C HIS B 310 -20.93 -14.41 82.51
N ARG B 311 -21.82 -13.99 81.60
CA ARG B 311 -22.87 -13.04 81.97
C ARG B 311 -23.75 -13.62 83.06
N MET B 312 -24.19 -14.87 82.90
CA MET B 312 -25.10 -15.41 83.91
C MET B 312 -24.34 -15.78 85.18
N TRP B 313 -23.02 -16.01 85.06
CA TRP B 313 -22.20 -16.24 86.25
C TRP B 313 -22.13 -14.97 87.10
N MET B 314 -21.97 -13.80 86.46
CA MET B 314 -22.09 -12.55 87.21
C MET B 314 -23.51 -12.37 87.73
N ARG B 315 -24.51 -12.72 86.93
CA ARG B 315 -25.90 -12.52 87.33
C ARG B 315 -26.25 -13.28 88.59
N LEU B 316 -25.85 -14.55 88.68
CA LEU B 316 -26.19 -15.37 89.84
C LEU B 316 -25.44 -14.95 91.11
N GLN B 317 -24.27 -14.33 90.96
CA GLN B 317 -23.58 -13.75 92.11
C GLN B 317 -24.21 -12.42 92.54
N GLU B 318 -24.67 -11.63 91.58
CA GLU B 318 -25.31 -10.37 91.90
C GLU B 318 -26.68 -10.60 92.56
N THR B 319 -27.41 -11.61 92.12
CA THR B 319 -28.73 -11.93 92.65
C THR B 319 -28.70 -13.36 93.18
N PRO B 320 -28.39 -13.56 94.47
CA PRO B 320 -28.34 -14.88 95.09
C PRO B 320 -29.71 -15.52 95.24
N ILE B 344 -20.07 12.34 65.88
CA ILE B 344 -18.74 12.94 65.94
C ILE B 344 -18.48 13.77 64.68
N ASP B 345 -18.88 13.24 63.52
CA ASP B 345 -18.84 13.94 62.24
C ASP B 345 -17.43 14.27 61.78
N ARG B 346 -16.42 13.86 62.56
CA ARG B 346 -15.03 14.22 62.27
C ARG B 346 -14.13 13.03 62.52
N TYR B 347 -13.12 12.86 61.68
CA TYR B 347 -12.03 11.93 61.98
C TYR B 347 -11.03 12.61 62.91
N GLU B 348 -10.60 11.89 63.94
CA GLU B 348 -9.60 12.44 64.83
C GLU B 348 -8.27 12.62 64.10
N GLN B 349 -7.60 13.73 64.35
CA GLN B 349 -6.37 14.05 63.67
C GLN B 349 -5.20 13.32 64.32
N VAL B 350 -4.10 13.22 63.58
CA VAL B 350 -2.90 12.56 64.04
C VAL B 350 -1.79 13.59 64.15
N SER B 351 -0.91 13.39 65.14
CA SER B 351 0.21 14.29 65.35
C SER B 351 1.26 14.11 64.26
N LYS B 352 2.04 15.15 64.03
CA LYS B 352 3.12 15.13 63.06
C LYS B 352 4.43 14.67 63.67
N ASP B 353 4.47 14.39 64.97
CA ASP B 353 5.68 13.96 65.65
C ASP B 353 5.92 12.47 65.51
N PHE B 354 5.24 11.82 64.56
CA PHE B 354 5.47 10.41 64.32
C PHE B 354 6.86 10.20 63.74
N GLU B 355 7.49 9.11 64.15
CA GLU B 355 8.84 8.78 63.70
C GLU B 355 8.84 7.39 63.11
N PHE B 356 9.97 7.03 62.51
CA PHE B 356 10.14 5.72 61.88
C PHE B 356 10.84 4.80 62.87
N ILE B 357 10.07 3.89 63.46
CA ILE B 357 10.62 2.98 64.45
C ILE B 357 11.17 1.75 63.75
N LYS B 358 12.46 1.48 63.96
CA LYS B 358 13.09 0.31 63.36
C LYS B 358 12.49 -0.96 63.93
N ILE B 359 12.35 -1.97 63.08
CA ILE B 359 11.84 -3.26 63.51
C ILE B 359 12.93 -4.31 63.38
N LYS C 246 2.55 16.41 -80.60
CA LYS C 246 2.83 16.42 -82.03
C LYS C 246 4.16 17.09 -82.32
N THR C 247 4.86 17.50 -81.25
CA THR C 247 6.18 18.11 -81.37
C THR C 247 7.28 17.05 -81.37
N VAL C 248 7.39 16.35 -82.49
CA VAL C 248 8.34 15.26 -82.63
C VAL C 248 9.66 15.77 -83.21
N GLY C 249 10.58 16.16 -82.35
CA GLY C 249 11.88 16.61 -82.78
C GLY C 249 12.35 17.78 -81.95
N ASN C 250 13.17 18.63 -82.56
CA ASN C 250 13.69 19.82 -81.91
C ASN C 250 13.03 21.05 -82.52
N PRO C 251 11.91 21.51 -81.96
CA PRO C 251 11.19 22.64 -82.56
C PRO C 251 12.00 23.93 -82.60
N ILE C 252 12.89 24.17 -81.64
CA ILE C 252 13.58 25.46 -81.60
C ILE C 252 14.82 25.44 -82.49
N GLY C 253 15.45 24.27 -82.66
CA GLY C 253 16.44 24.15 -83.71
C GLY C 253 15.86 24.47 -85.07
N TRP C 254 14.69 23.90 -85.37
CA TRP C 254 14.00 24.25 -86.61
C TRP C 254 13.62 25.72 -86.64
N LEU C 255 13.23 26.28 -85.49
CA LEU C 255 12.85 27.69 -85.48
C LEU C 255 14.02 28.57 -85.88
N GLN C 256 15.17 28.39 -85.23
CA GLN C 256 16.38 29.13 -85.60
C GLN C 256 16.73 28.87 -87.06
N GLU C 257 16.47 27.65 -87.55
CA GLU C 257 16.71 27.34 -88.95
C GLU C 257 15.88 28.23 -89.89
N MET C 258 14.56 28.25 -89.71
CA MET C 258 13.73 29.08 -90.59
C MET C 258 14.03 30.57 -90.42
N CYS C 259 14.33 31.02 -89.21
CA CYS C 259 14.70 32.43 -89.05
C CYS C 259 15.97 32.75 -89.84
N MET C 260 17.11 32.15 -89.47
CA MET C 260 18.36 32.63 -90.04
C MET C 260 18.91 31.72 -91.14
N GLN C 261 18.00 31.10 -91.93
CA GLN C 261 18.20 31.06 -93.39
C GLN C 261 17.86 32.39 -94.05
N ARG C 262 16.77 33.01 -93.63
CA ARG C 262 16.21 34.13 -94.35
C ARG C 262 16.90 35.45 -94.02
N ARG C 263 18.13 35.41 -93.49
CA ARG C 263 18.80 36.62 -93.00
C ARG C 263 17.97 37.35 -91.95
N TRP C 264 16.94 36.69 -91.41
CA TRP C 264 16.08 37.23 -90.37
C TRP C 264 16.87 37.29 -89.06
N PRO C 265 16.54 38.21 -88.15
CA PRO C 265 17.28 38.29 -86.89
C PRO C 265 17.13 37.00 -86.10
N PRO C 266 18.17 36.63 -85.33
CA PRO C 266 18.08 35.39 -84.56
C PRO C 266 16.95 35.47 -83.55
N PRO C 267 16.30 34.35 -83.23
CA PRO C 267 15.16 34.38 -82.31
C PRO C 267 15.59 34.79 -80.91
N SER C 268 14.96 35.84 -80.39
CA SER C 268 15.21 36.27 -79.02
C SER C 268 14.27 35.54 -78.06
N TYR C 269 14.80 35.22 -76.88
CA TYR C 269 14.04 34.50 -75.86
C TYR C 269 13.95 35.37 -74.63
N GLU C 270 12.77 35.45 -74.03
CA GLU C 270 12.55 36.22 -72.82
C GLU C 270 11.76 35.41 -71.80
N THR C 271 12.30 35.34 -70.58
CA THR C 271 11.65 34.67 -69.46
C THR C 271 10.79 35.70 -68.74
N GLU C 272 9.47 35.63 -68.95
CA GLU C 272 8.59 36.67 -68.45
C GLU C 272 8.23 36.46 -66.99
N THR C 273 7.58 35.34 -66.67
CA THR C 273 7.04 35.13 -65.34
C THR C 273 7.45 33.77 -64.81
N GLU C 274 7.54 33.66 -63.49
CA GLU C 274 7.77 32.41 -62.78
C GLU C 274 6.73 32.32 -61.67
N VAL C 275 5.70 31.50 -61.87
CA VAL C 275 4.55 31.46 -60.98
C VAL C 275 4.41 30.08 -60.38
N GLY C 276 3.71 30.00 -59.24
CA GLY C 276 3.43 28.76 -58.56
C GLY C 276 4.39 28.51 -57.41
N LEU C 277 4.13 27.40 -56.71
CA LEU C 277 4.99 26.98 -55.62
C LEU C 277 6.28 26.37 -56.17
N PRO C 278 7.33 26.32 -55.36
CA PRO C 278 8.61 25.78 -55.85
C PRO C 278 8.52 24.35 -56.38
N HIS C 279 7.65 23.52 -55.80
CA HIS C 279 7.47 22.16 -56.30
C HIS C 279 6.49 22.09 -57.46
N GLU C 280 5.82 23.19 -57.81
CA GLU C 280 4.93 23.22 -58.95
C GLU C 280 5.08 24.51 -59.76
N ARG C 281 6.29 25.06 -59.81
CA ARG C 281 6.51 26.31 -60.56
C ARG C 281 6.20 26.11 -62.04
N LEU C 282 5.48 27.07 -62.60
CA LEU C 282 5.18 27.10 -64.03
C LEU C 282 5.86 28.32 -64.64
N PHE C 283 6.65 28.11 -65.68
CA PHE C 283 7.58 29.12 -66.19
C PHE C 283 7.07 29.64 -67.52
N THR C 284 7.32 30.93 -67.80
CA THR C 284 6.83 31.58 -69.01
C THR C 284 8.01 32.15 -69.80
N ILE C 285 8.22 31.58 -70.99
CA ILE C 285 9.25 31.99 -71.92
C ILE C 285 8.58 32.61 -73.14
N ALA C 286 9.05 33.79 -73.54
CA ALA C 286 8.54 34.45 -74.74
C ALA C 286 9.61 34.50 -75.82
N CYS C 287 9.18 34.35 -77.07
CA CYS C 287 10.08 34.37 -78.22
C CYS C 287 9.65 35.47 -79.19
N SER C 288 10.61 36.29 -79.61
CA SER C 288 10.35 37.42 -80.49
C SER C 288 11.23 37.31 -81.73
N ILE C 289 10.61 37.39 -82.90
CA ILE C 289 11.32 37.30 -84.18
C ILE C 289 10.72 38.36 -85.10
N LEU C 290 11.46 39.45 -85.30
CA LEU C 290 10.94 40.70 -85.90
C LEU C 290 9.67 41.06 -85.15
N ASN C 291 8.54 41.25 -85.83
CA ASN C 291 7.32 41.74 -85.22
C ASN C 291 6.43 40.62 -84.67
N TYR C 292 6.85 39.36 -84.79
CA TYR C 292 6.05 38.23 -84.35
C TYR C 292 6.54 37.73 -83.01
N ARG C 293 5.60 37.40 -82.12
CA ARG C 293 5.93 36.95 -80.77
C ARG C 293 4.91 35.90 -80.35
N GLU C 294 5.41 34.71 -80.00
CA GLU C 294 4.56 33.61 -79.55
C GLU C 294 4.87 33.29 -78.10
N MET C 295 3.88 32.79 -77.39
CA MET C 295 3.97 32.56 -75.95
C MET C 295 4.28 31.10 -75.69
N GLY C 296 4.98 30.85 -74.57
CA GLY C 296 5.35 29.51 -74.18
C GLY C 296 5.13 29.30 -72.70
N LYS C 297 4.27 28.34 -72.39
CA LYS C 297 4.02 27.94 -71.01
C LYS C 297 4.50 26.51 -70.86
N GLY C 298 5.20 26.25 -69.76
CA GLY C 298 5.68 24.92 -69.50
C GLY C 298 5.97 24.80 -68.02
N LYS C 299 6.08 23.56 -67.56
CA LYS C 299 6.34 23.40 -66.13
C LYS C 299 7.79 23.74 -65.80
N SER C 300 8.62 23.71 -66.83
CA SER C 300 10.02 24.09 -66.69
C SER C 300 10.35 25.08 -67.79
N LYS C 301 11.37 25.91 -67.54
CA LYS C 301 11.84 26.83 -68.57
C LYS C 301 12.23 26.05 -69.83
N LYS C 302 12.74 24.84 -69.63
CA LYS C 302 13.07 23.94 -70.74
C LYS C 302 11.87 23.75 -71.67
N ILE C 303 10.82 23.08 -71.19
CA ILE C 303 9.72 22.71 -72.07
C ILE C 303 8.90 23.94 -72.44
N ALA C 304 8.90 24.96 -71.57
CA ALA C 304 8.22 26.21 -71.91
C ALA C 304 8.86 26.88 -73.12
N LYS C 305 10.18 27.01 -73.11
CA LYS C 305 10.89 27.58 -74.25
C LYS C 305 10.70 26.72 -75.49
N ARG C 306 10.77 25.39 -75.32
CA ARG C 306 10.60 24.50 -76.47
C ARG C 306 9.23 24.68 -77.11
N LEU C 307 8.18 24.76 -76.30
CA LEU C 307 6.83 24.91 -76.85
C LEU C 307 6.62 26.30 -77.43
N ALA C 308 7.18 27.33 -76.80
CA ALA C 308 7.12 28.68 -77.38
C ALA C 308 7.72 28.68 -78.77
N ALA C 309 8.90 28.07 -78.91
CA ALA C 309 9.55 28.03 -80.21
C ALA C 309 8.76 27.19 -81.21
N HIS C 310 8.09 26.14 -80.73
CA HIS C 310 7.23 25.36 -81.63
C HIS C 310 6.07 26.21 -82.14
N ARG C 311 5.48 27.02 -81.26
CA ARG C 311 4.41 27.92 -81.68
C ARG C 311 4.91 28.94 -82.70
N MET C 312 6.08 29.53 -82.43
CA MET C 312 6.72 30.40 -83.41
C MET C 312 6.93 29.67 -84.73
N TRP C 313 7.32 28.40 -84.66
CA TRP C 313 7.72 27.66 -85.85
C TRP C 313 6.54 27.39 -86.77
N MET C 314 5.44 26.86 -86.23
CA MET C 314 4.34 26.54 -87.14
C MET C 314 3.47 27.78 -87.40
N ARG C 315 3.67 28.85 -86.62
CA ARG C 315 3.06 30.12 -86.98
C ARG C 315 3.83 30.78 -88.13
N LEU C 316 5.12 30.53 -88.23
CA LEU C 316 5.90 30.92 -89.41
C LEU C 316 5.44 30.22 -90.67
N GLN C 317 4.90 29.01 -90.56
CA GLN C 317 4.41 28.27 -91.71
C GLN C 317 2.97 28.65 -92.04
N GLU C 318 2.13 28.84 -91.02
CA GLU C 318 0.74 29.22 -91.28
C GLU C 318 0.65 30.61 -91.89
N THR C 319 1.47 31.55 -91.43
CA THR C 319 1.48 32.93 -91.92
C THR C 319 2.85 33.25 -92.48
N PRO C 320 3.06 33.06 -93.79
CA PRO C 320 4.34 33.34 -94.44
C PRO C 320 4.64 34.84 -94.55
N ILE C 344 -18.55 17.76 -65.20
CA ILE C 344 -18.40 16.32 -65.11
C ILE C 344 -19.24 15.73 -63.97
N ASP C 345 -19.07 16.27 -62.76
CA ASP C 345 -19.95 15.99 -61.63
C ASP C 345 -19.84 14.53 -61.16
N ARG C 346 -19.07 13.70 -61.86
CA ARG C 346 -19.10 12.29 -61.55
C ARG C 346 -17.78 11.63 -61.95
N TYR C 347 -17.20 10.86 -61.04
CA TYR C 347 -16.07 10.02 -61.41
C TYR C 347 -16.54 8.86 -62.29
N GLU C 348 -15.84 8.63 -63.39
CA GLU C 348 -16.21 7.56 -64.30
C GLU C 348 -16.12 6.21 -63.60
N GLN C 349 -17.16 5.39 -63.77
CA GLN C 349 -17.19 4.09 -63.13
C GLN C 349 -16.24 3.12 -63.83
N VAL C 350 -15.81 2.10 -63.08
CA VAL C 350 -14.88 1.11 -63.58
C VAL C 350 -15.58 -0.23 -63.67
N SER C 351 -15.30 -0.95 -64.75
CA SER C 351 -15.89 -2.27 -64.95
C SER C 351 -15.33 -3.27 -63.95
N LYS C 352 -16.08 -4.33 -63.73
CA LYS C 352 -15.71 -5.37 -62.76
C LYS C 352 -14.94 -6.51 -63.41
N ASP C 353 -14.67 -6.45 -64.71
CA ASP C 353 -13.98 -7.53 -65.42
C ASP C 353 -12.47 -7.39 -65.34
N PHE C 354 -11.96 -6.64 -64.37
CA PHE C 354 -10.52 -6.50 -64.20
C PHE C 354 -9.94 -7.79 -63.63
N GLU C 355 -8.68 -8.05 -63.98
CA GLU C 355 -7.98 -9.24 -63.53
C GLU C 355 -6.60 -8.84 -63.02
N PHE C 356 -5.97 -9.78 -62.31
CA PHE C 356 -4.63 -9.57 -61.76
C PHE C 356 -3.61 -10.00 -62.81
N ILE C 357 -3.08 -9.03 -63.55
CA ILE C 357 -2.11 -9.33 -64.59
C ILE C 357 -0.76 -9.65 -63.96
N LYS C 358 -0.17 -10.76 -64.39
CA LYS C 358 1.14 -11.15 -63.89
C LYS C 358 2.21 -10.19 -64.42
N ILE C 359 3.23 -9.96 -63.60
CA ILE C 359 4.35 -9.10 -64.00
C ILE C 359 5.66 -9.84 -63.85
N GLU E 1 10.68 -34.52 -35.42
CA GLU E 1 9.66 -34.65 -34.39
C GLU E 1 10.14 -34.01 -33.09
N ASP E 2 10.46 -32.73 -33.14
CA ASP E 2 10.95 -32.01 -31.98
C ASP E 2 10.59 -30.54 -32.11
N VAL E 3 10.61 -29.85 -30.97
CA VAL E 3 10.20 -28.45 -30.93
C VAL E 3 11.39 -27.52 -31.11
N GLU E 4 12.48 -27.75 -30.39
CA GLU E 4 13.63 -26.86 -30.46
C GLU E 4 14.21 -26.84 -31.86
N ILE E 5 14.56 -25.65 -32.32
CA ILE E 5 15.07 -25.46 -33.67
C ILE E 5 16.58 -25.66 -33.68
N LYS E 6 17.03 -26.53 -34.57
CA LYS E 6 18.45 -26.79 -34.73
C LYS E 6 19.03 -25.91 -35.84
N PRO E 7 20.26 -25.44 -35.68
CA PRO E 7 20.89 -24.66 -36.75
C PRO E 7 21.03 -25.49 -38.02
N ARG E 8 20.85 -24.83 -39.16
CA ARG E 8 20.95 -25.50 -40.45
C ARG E 8 22.39 -25.45 -40.95
N GLY E 9 22.64 -26.15 -42.06
CA GLY E 9 23.99 -26.21 -42.60
C GLY E 9 24.50 -24.85 -43.05
N TYR E 10 23.65 -24.08 -43.73
CA TYR E 10 24.07 -22.77 -44.21
C TYR E 10 24.31 -21.81 -43.04
N GLN E 11 23.47 -21.88 -42.01
CA GLN E 11 23.69 -21.04 -40.83
C GLN E 11 24.99 -21.38 -40.15
N LEU E 12 25.30 -22.68 -40.01
CA LEU E 12 26.56 -23.09 -39.42
C LEU E 12 27.73 -22.62 -40.27
N ARG E 13 27.62 -22.72 -41.60
CA ARG E 13 28.69 -22.25 -42.47
C ARG E 13 28.91 -20.75 -42.32
N LEU E 14 27.83 -19.98 -42.25
CA LEU E 14 27.95 -18.54 -42.07
C LEU E 14 28.60 -18.21 -40.74
N VAL E 15 28.21 -18.92 -39.67
CA VAL E 15 28.80 -18.67 -38.36
C VAL E 15 30.28 -18.99 -38.36
N ASP E 16 30.67 -20.13 -38.95
CA ASP E 16 32.08 -20.48 -39.01
C ASP E 16 32.87 -19.46 -39.81
N HIS E 17 32.29 -18.96 -40.91
CA HIS E 17 32.97 -17.91 -41.67
C HIS E 17 33.12 -16.64 -40.86
N LEU E 18 32.07 -16.27 -40.11
CA LEU E 18 32.10 -15.01 -39.37
C LEU E 18 33.07 -15.06 -38.20
N THR E 19 33.18 -16.21 -37.54
CA THR E 19 34.05 -16.29 -36.36
C THR E 19 35.52 -16.05 -36.70
N LYS E 20 35.99 -16.49 -37.87
CA LYS E 20 37.39 -16.29 -38.23
C LYS E 20 37.62 -14.94 -38.90
N SER E 21 36.65 -14.47 -39.69
CA SER E 21 36.77 -13.20 -40.39
C SER E 21 35.45 -12.47 -40.35
N ASN E 22 35.49 -11.16 -40.11
CA ASN E 22 34.28 -10.36 -40.06
C ASN E 22 33.71 -10.16 -41.46
N GLY E 23 32.44 -9.77 -41.51
CA GLY E 23 31.79 -9.57 -42.79
C GLY E 23 30.34 -9.20 -42.62
N ILE E 24 29.61 -9.25 -43.73
CA ILE E 24 28.20 -8.90 -43.80
C ILE E 24 27.43 -10.11 -44.32
N VAL E 25 26.37 -10.48 -43.60
CA VAL E 25 25.50 -11.58 -44.02
C VAL E 25 24.26 -11.00 -44.67
N TYR E 26 23.99 -11.43 -45.89
CA TYR E 26 22.87 -10.93 -46.70
C TYR E 26 21.89 -12.09 -46.91
N LEU E 27 20.82 -12.08 -46.13
CA LEU E 27 19.82 -13.14 -46.18
C LEU E 27 18.43 -12.53 -46.24
N PRO E 28 17.46 -13.24 -46.82
CA PRO E 28 16.08 -12.73 -46.83
C PRO E 28 15.55 -12.57 -45.41
N THR E 29 14.72 -11.54 -45.23
CA THR E 29 14.17 -11.24 -43.92
C THR E 29 13.35 -12.40 -43.39
N GLY E 30 13.55 -12.74 -42.12
CA GLY E 30 12.79 -13.80 -41.50
C GLY E 30 13.54 -14.37 -40.31
N SER E 31 13.18 -15.61 -39.96
CA SER E 31 13.75 -16.25 -38.78
C SER E 31 15.21 -16.65 -38.96
N GLY E 32 15.62 -16.98 -40.18
CA GLY E 32 17.01 -17.34 -40.39
C GLY E 32 17.97 -16.20 -40.10
N LYS E 33 17.59 -14.99 -40.51
CA LYS E 33 18.47 -13.83 -40.33
C LYS E 33 18.68 -13.47 -38.87
N THR E 34 17.71 -13.74 -38.00
CA THR E 34 17.91 -13.52 -36.58
C THR E 34 18.52 -14.72 -35.88
N PHE E 35 18.25 -15.94 -36.38
CA PHE E 35 18.88 -17.12 -35.80
C PHE E 35 20.38 -17.10 -36.02
N VAL E 36 20.83 -16.67 -37.21
CA VAL E 36 22.27 -16.59 -37.44
C VAL E 36 22.89 -15.54 -36.54
N ALA E 37 22.18 -14.43 -36.30
CA ALA E 37 22.67 -13.41 -35.38
C ALA E 37 22.81 -13.98 -33.98
N ILE E 38 21.82 -14.75 -33.53
CA ILE E 38 21.90 -15.35 -32.19
C ILE E 38 23.06 -16.33 -32.11
N LEU E 39 23.28 -17.10 -33.17
CA LEU E 39 24.38 -18.07 -33.15
C LEU E 39 25.74 -17.37 -33.07
N VAL E 40 25.95 -16.32 -33.87
CA VAL E 40 27.22 -15.60 -33.80
C VAL E 40 27.35 -14.87 -32.48
N LEU E 41 26.22 -14.46 -31.88
CA LEU E 41 26.26 -13.89 -30.54
C LEU E 41 26.71 -14.93 -29.53
N LYS E 42 26.24 -16.17 -29.68
CA LYS E 42 26.63 -17.23 -28.75
C LYS E 42 28.09 -17.63 -28.93
N ARG E 43 28.61 -17.58 -30.16
CA ARG E 43 29.98 -18.04 -30.40
C ARG E 43 31.00 -17.12 -29.76
N PHE E 44 30.67 -15.85 -29.58
CA PHE E 44 31.57 -14.87 -28.99
C PHE E 44 31.26 -14.61 -27.51
N SER E 45 30.87 -15.65 -26.77
CA SER E 45 30.50 -15.51 -25.37
C SER E 45 31.52 -16.15 -24.43
N GLN E 46 32.77 -16.28 -24.88
CA GLN E 46 33.80 -16.88 -24.03
C GLN E 46 34.10 -16.04 -22.80
N ASP E 47 34.19 -14.73 -22.97
CA ASP E 47 34.59 -13.82 -21.89
C ASP E 47 33.43 -13.00 -21.36
N PHE E 48 32.21 -13.55 -21.39
CA PHE E 48 31.05 -12.80 -20.90
C PHE E 48 31.08 -12.65 -19.39
N ASP E 49 31.36 -13.75 -18.68
CA ASP E 49 31.26 -13.75 -17.22
C ASP E 49 32.35 -12.90 -16.57
N LYS E 50 33.57 -12.98 -17.07
CA LYS E 50 34.68 -12.29 -16.43
C LYS E 50 34.50 -10.78 -16.55
N PRO E 51 34.76 -10.01 -15.49
CA PRO E 51 34.59 -8.56 -15.56
C PRO E 51 35.63 -7.91 -16.46
N ILE E 52 35.34 -6.67 -16.85
CA ILE E 52 36.21 -5.95 -17.77
C ILE E 52 37.60 -5.74 -17.16
N GLU E 53 37.65 -5.42 -15.87
CA GLU E 53 38.93 -5.20 -15.21
C GLU E 53 39.80 -6.45 -15.21
N SER E 54 39.19 -7.63 -15.33
CA SER E 54 39.92 -8.89 -15.39
C SER E 54 40.03 -9.42 -16.81
N GLY E 55 40.06 -8.55 -17.81
CA GLY E 55 40.18 -8.98 -19.18
C GLY E 55 38.90 -9.45 -19.82
N GLY E 56 37.75 -9.13 -19.24
CA GLY E 56 36.48 -9.56 -19.79
C GLY E 56 36.07 -8.76 -21.02
N LYS E 57 35.00 -9.21 -21.65
CA LYS E 57 34.49 -8.60 -22.86
C LYS E 57 32.97 -8.71 -22.87
N ARG E 58 32.34 -7.93 -23.73
CA ARG E 58 30.89 -7.91 -23.86
C ARG E 58 30.51 -8.02 -25.34
N ALA E 59 29.21 -8.11 -25.59
CA ALA E 59 28.66 -8.15 -26.94
C ALA E 59 27.66 -7.02 -27.11
N LEU E 60 27.73 -6.35 -28.26
CA LEU E 60 26.93 -5.18 -28.53
C LEU E 60 25.98 -5.47 -29.68
N PHE E 61 24.68 -5.27 -29.44
CA PHE E 61 23.66 -5.47 -30.46
C PHE E 61 23.03 -4.10 -30.72
N MET E 62 23.53 -3.40 -31.73
CA MET E 62 23.10 -2.05 -32.03
C MET E 62 22.16 -2.04 -33.23
N CYS E 63 20.97 -1.48 -33.05
CA CYS E 63 19.91 -1.50 -34.03
C CYS E 63 19.71 -0.12 -34.65
N ASN E 64 18.65 -0.01 -35.44
CA ASN E 64 18.37 1.25 -36.13
C ASN E 64 17.27 2.03 -35.43
N THR E 65 16.21 1.36 -35.01
CA THR E 65 15.08 2.01 -34.35
C THR E 65 14.84 1.38 -32.98
N VAL E 66 14.15 2.12 -32.12
CA VAL E 66 13.96 1.69 -30.74
C VAL E 66 13.11 0.43 -30.68
N GLU E 67 12.08 0.34 -31.52
CA GLU E 67 11.20 -0.82 -31.50
C GLU E 67 11.95 -2.06 -31.94
N LEU E 68 12.79 -1.95 -32.97
CA LEU E 68 13.61 -3.09 -33.37
C LEU E 68 14.60 -3.47 -32.28
N ALA E 69 15.13 -2.47 -31.56
CA ALA E 69 16.04 -2.78 -30.46
C ALA E 69 15.33 -3.56 -29.36
N ARG E 70 14.12 -3.13 -28.98
CA ARG E 70 13.35 -3.86 -27.98
C ARG E 70 13.00 -5.25 -28.47
N GLN E 71 12.64 -5.37 -29.75
CA GLN E 71 12.29 -6.65 -30.35
C GLN E 71 13.45 -7.62 -30.29
N GLN E 72 14.63 -7.20 -30.75
CA GLN E 72 15.80 -8.08 -30.75
C GLN E 72 16.27 -8.38 -29.34
N ALA E 73 16.15 -7.41 -28.42
CA ALA E 73 16.51 -7.67 -27.03
C ALA E 73 15.62 -8.75 -26.43
N MET E 74 14.31 -8.67 -26.67
CA MET E 74 13.41 -9.71 -26.19
C MET E 74 13.72 -11.06 -26.84
N ALA E 75 14.03 -11.05 -28.14
CA ALA E 75 14.34 -12.30 -28.82
C ALA E 75 15.56 -12.97 -28.23
N VAL E 76 16.65 -12.21 -28.06
CA VAL E 76 17.87 -12.80 -27.53
C VAL E 76 17.70 -13.17 -26.06
N ARG E 77 16.87 -12.42 -25.32
CA ARG E 77 16.58 -12.79 -23.94
C ARG E 77 15.86 -14.12 -23.85
N ARG E 78 14.90 -14.35 -24.73
CA ARG E 78 14.09 -15.56 -24.69
C ARG E 78 14.74 -16.73 -25.44
N CYS E 79 15.80 -16.50 -26.21
CA CYS E 79 16.46 -17.57 -26.94
C CYS E 79 17.81 -17.97 -26.37
N THR E 80 18.39 -17.17 -25.50
CA THR E 80 19.70 -17.45 -24.92
C THR E 80 19.62 -17.34 -23.40
N ASN E 81 20.61 -17.92 -22.74
CA ASN E 81 20.70 -17.89 -21.28
C ASN E 81 21.35 -16.61 -20.77
N PHE E 82 21.81 -15.73 -21.65
CA PHE E 82 22.41 -14.48 -21.25
C PHE E 82 21.35 -13.53 -20.70
N LYS E 83 21.80 -12.53 -19.95
CA LYS E 83 20.94 -11.43 -19.51
C LYS E 83 21.29 -10.20 -20.35
N VAL E 84 20.28 -9.65 -21.02
CA VAL E 84 20.48 -8.58 -21.98
C VAL E 84 19.86 -7.31 -21.43
N GLY E 85 20.44 -6.16 -21.80
CA GLY E 85 19.96 -4.87 -21.36
C GLY E 85 19.37 -4.09 -22.52
N PHE E 86 18.46 -3.18 -22.19
CA PHE E 86 17.80 -2.33 -23.18
C PHE E 86 18.17 -0.88 -22.89
N TYR E 87 18.84 -0.23 -23.83
CA TYR E 87 19.37 1.11 -23.64
C TYR E 87 18.96 1.98 -24.83
N VAL E 88 17.98 2.86 -24.61
CA VAL E 88 17.51 3.79 -25.62
C VAL E 88 17.34 5.16 -24.98
N GLY E 89 17.13 6.17 -25.83
CA GLY E 89 16.99 7.54 -25.36
C GLY E 89 15.81 7.75 -24.43
N GLU E 90 14.82 6.86 -24.47
CA GLU E 90 13.69 6.96 -23.55
C GLU E 90 14.10 6.64 -22.12
N GLN E 91 15.26 6.03 -21.91
CA GLN E 91 15.73 5.68 -20.58
C GLN E 91 16.44 6.83 -19.88
N GLY E 92 16.57 7.99 -20.54
CA GLY E 92 17.32 9.09 -19.95
C GLY E 92 18.80 8.80 -19.82
N VAL E 93 19.41 8.21 -20.85
CA VAL E 93 20.80 7.78 -20.78
C VAL E 93 21.77 8.97 -20.69
N ASP E 94 21.36 10.16 -21.13
CA ASP E 94 22.28 11.28 -21.20
C ASP E 94 22.85 11.63 -19.84
N ASP E 95 22.03 11.63 -18.80
CA ASP E 95 22.46 11.98 -17.45
C ASP E 95 23.02 10.80 -16.69
N TRP E 96 23.56 9.81 -17.39
CA TRP E 96 24.14 8.64 -16.75
C TRP E 96 25.60 8.87 -16.42
N THR E 97 26.01 8.51 -15.21
CA THR E 97 27.35 8.80 -14.72
C THR E 97 28.29 7.62 -14.98
N ARG E 98 29.54 7.77 -14.52
CA ARG E 98 30.54 6.73 -14.72
C ARG E 98 30.19 5.45 -13.97
N GLY E 99 29.91 5.57 -12.67
CA GLY E 99 29.74 4.38 -11.85
C GLY E 99 28.52 3.56 -12.21
N MET E 100 27.41 4.24 -12.57
CA MET E 100 26.20 3.49 -12.83
C MET E 100 26.11 3.05 -14.29
N TRP E 101 27.00 3.54 -15.16
CA TRP E 101 27.25 2.81 -16.40
C TRP E 101 28.15 1.60 -16.15
N SER E 102 29.13 1.74 -15.26
CA SER E 102 30.08 0.67 -15.01
C SER E 102 29.37 -0.55 -14.42
N ASP E 103 28.53 -0.33 -13.41
CA ASP E 103 27.77 -1.47 -12.90
C ASP E 103 26.75 -1.98 -13.91
N GLU E 104 26.27 -1.11 -14.82
CA GLU E 104 25.35 -1.57 -15.85
C GLU E 104 26.02 -2.55 -16.79
N ILE E 105 27.22 -2.21 -17.28
CA ILE E 105 27.94 -3.15 -18.14
C ILE E 105 28.36 -4.38 -17.35
N LYS E 106 28.71 -4.20 -16.07
CA LYS E 106 29.01 -5.34 -15.21
C LYS E 106 27.83 -6.30 -15.11
N LYS E 107 26.60 -5.77 -15.16
CA LYS E 107 25.42 -6.60 -14.96
C LYS E 107 25.06 -7.42 -16.20
N ASN E 108 24.94 -6.77 -17.35
CA ASN E 108 24.42 -7.39 -18.55
C ASN E 108 25.55 -7.90 -19.44
N GLN E 109 25.40 -9.12 -19.95
CA GLN E 109 26.36 -9.65 -20.91
C GLN E 109 26.20 -9.03 -22.29
N VAL E 110 24.96 -8.84 -22.74
CA VAL E 110 24.68 -8.32 -24.08
C VAL E 110 23.92 -7.01 -23.94
N LEU E 111 24.40 -5.98 -24.64
CA LEU E 111 23.80 -4.66 -24.61
C LEU E 111 23.08 -4.43 -25.93
N VAL E 112 21.78 -4.13 -25.86
CA VAL E 112 20.94 -3.93 -27.04
C VAL E 112 20.33 -2.54 -26.95
N GLY E 113 20.43 -1.79 -28.04
CA GLY E 113 19.89 -0.44 -28.05
C GLY E 113 20.10 0.21 -29.41
N THR E 114 19.73 1.49 -29.47
CA THR E 114 19.84 2.24 -30.71
C THR E 114 21.29 2.62 -30.98
N ALA E 115 21.55 3.04 -32.22
CA ALA E 115 22.92 3.33 -32.64
C ALA E 115 23.47 4.55 -31.92
N GLN E 116 22.66 5.60 -31.76
CA GLN E 116 23.15 6.84 -31.16
C GLN E 116 23.56 6.63 -29.70
N VAL E 117 22.81 5.80 -28.99
CA VAL E 117 23.13 5.54 -27.58
C VAL E 117 24.51 4.92 -27.46
N PHE E 118 24.80 3.89 -28.25
CA PHE E 118 26.11 3.27 -28.18
C PHE E 118 27.19 4.17 -28.76
N LEU E 119 26.83 5.05 -29.70
CA LEU E 119 27.82 5.99 -30.22
C LEU E 119 28.28 6.95 -29.13
N ASP E 120 27.35 7.53 -28.39
CA ASP E 120 27.73 8.42 -27.29
C ASP E 120 28.37 7.63 -26.16
N MET E 121 27.96 6.37 -26.00
CA MET E 121 28.59 5.47 -25.04
C MET E 121 30.09 5.34 -25.31
N VAL E 122 30.45 5.01 -26.54
CA VAL E 122 31.85 4.80 -26.89
C VAL E 122 32.61 6.13 -26.88
N THR E 123 32.02 7.18 -27.45
CA THR E 123 32.73 8.44 -27.58
C THR E 123 33.00 9.11 -26.24
N GLN E 124 32.28 8.71 -25.18
CA GLN E 124 32.49 9.26 -23.86
C GLN E 124 33.32 8.34 -22.96
N THR E 125 34.00 7.35 -23.54
CA THR E 125 34.90 6.45 -22.83
C THR E 125 34.20 5.70 -21.70
N TYR E 126 32.89 5.49 -21.82
CA TYR E 126 32.22 4.61 -20.87
C TYR E 126 32.65 3.17 -21.08
N VAL E 127 32.86 2.76 -22.32
CA VAL E 127 33.51 1.51 -22.65
C VAL E 127 34.54 1.77 -23.74
N ALA E 128 35.39 0.79 -23.98
CA ALA E 128 36.34 0.82 -25.07
C ALA E 128 35.99 -0.27 -26.08
N LEU E 129 36.42 -0.08 -27.32
CA LEU E 129 36.20 -1.12 -28.33
C LEU E 129 36.88 -2.42 -27.95
N SER E 130 37.98 -2.36 -27.20
CA SER E 130 38.62 -3.57 -26.69
C SER E 130 37.74 -4.31 -25.69
N SER E 131 36.74 -3.64 -25.12
CA SER E 131 35.86 -4.25 -24.14
C SER E 131 34.66 -4.95 -24.75
N LEU E 132 34.52 -4.92 -26.08
CA LEU E 132 33.44 -5.60 -26.78
C LEU E 132 34.00 -6.75 -27.59
N SER E 133 33.51 -7.96 -27.31
CA SER E 133 33.95 -9.12 -28.06
C SER E 133 33.41 -9.12 -29.49
N VAL E 134 32.13 -8.81 -29.65
CA VAL E 134 31.50 -8.76 -30.96
C VAL E 134 30.46 -7.67 -30.95
N VAL E 135 30.33 -6.98 -32.08
CA VAL E 135 29.29 -5.98 -32.29
C VAL E 135 28.40 -6.49 -33.41
N ILE E 136 27.09 -6.29 -33.27
CA ILE E 136 26.11 -6.78 -34.21
C ILE E 136 25.40 -5.59 -34.83
N ILE E 137 25.46 -5.49 -36.15
CA ILE E 137 24.75 -4.46 -36.89
C ILE E 137 23.67 -5.15 -37.70
N ASP E 138 22.42 -4.83 -37.42
CA ASP E 138 21.30 -5.27 -38.23
C ASP E 138 20.82 -4.10 -39.07
N GLU E 139 20.27 -4.40 -40.24
CA GLU E 139 19.85 -3.38 -41.21
C GLU E 139 21.03 -2.49 -41.60
N CYS E 140 22.12 -3.16 -41.98
CA CYS E 140 23.38 -2.47 -42.24
C CYS E 140 23.32 -1.57 -43.47
N HIS E 141 22.29 -1.69 -44.30
CA HIS E 141 22.16 -0.83 -45.46
C HIS E 141 21.92 0.63 -45.08
N HIS E 142 21.56 0.91 -43.83
CA HIS E 142 21.41 2.28 -43.38
C HIS E 142 22.74 2.99 -43.15
N GLY E 143 23.83 2.24 -43.00
CA GLY E 143 25.11 2.84 -42.69
C GLY E 143 25.78 3.49 -43.88
N THR E 144 25.23 4.60 -44.34
CA THR E 144 25.82 5.36 -45.43
C THR E 144 25.80 6.84 -45.07
N GLY E 145 26.73 7.58 -45.65
CA GLY E 145 26.80 9.00 -45.37
C GLY E 145 27.15 9.26 -43.92
N HIS E 146 26.33 10.09 -43.26
CA HIS E 146 26.55 10.46 -41.87
C HIS E 146 25.61 9.74 -40.92
N HIS E 147 25.13 8.56 -41.30
CA HIS E 147 24.28 7.79 -40.41
C HIS E 147 25.08 7.33 -39.20
N PRO E 148 24.44 7.16 -38.03
CA PRO E 148 25.19 6.73 -36.84
C PRO E 148 25.95 5.43 -37.02
N PHE E 149 25.49 4.52 -37.87
CA PHE E 149 26.26 3.31 -38.15
C PHE E 149 27.62 3.65 -38.75
N ARG E 150 27.64 4.58 -39.71
CA ARG E 150 28.90 4.94 -40.33
C ARG E 150 29.81 5.67 -39.36
N GLU E 151 29.25 6.49 -38.47
CA GLU E 151 30.08 7.13 -37.44
C GLU E 151 30.66 6.10 -36.47
N PHE E 152 29.86 5.09 -36.11
CA PHE E 152 30.36 4.03 -35.25
C PHE E 152 31.50 3.28 -35.94
N MET E 153 31.36 3.03 -37.25
CA MET E 153 32.44 2.41 -37.99
C MET E 153 33.66 3.33 -38.10
N ARG E 154 33.43 4.64 -38.18
CA ARG E 154 34.53 5.60 -38.19
C ARG E 154 35.31 5.55 -36.89
N LEU E 155 34.62 5.30 -35.78
CA LEU E 155 35.30 5.15 -34.50
C LEU E 155 36.34 4.03 -34.51
N PHE E 156 36.18 3.04 -35.40
CA PHE E 156 37.16 1.96 -35.48
C PHE E 156 38.50 2.42 -36.05
N THR E 157 38.52 3.52 -36.82
CA THR E 157 39.74 4.00 -37.43
C THR E 157 40.65 4.74 -36.45
N ILE E 158 40.16 4.99 -35.23
CA ILE E 158 40.91 5.74 -34.24
C ILE E 158 41.45 4.83 -33.13
N ALA E 159 40.67 3.84 -32.71
CA ALA E 159 41.06 2.99 -31.60
C ALA E 159 42.18 2.04 -32.03
N ASN E 160 42.62 1.22 -31.09
CA ASN E 160 43.71 0.28 -31.35
C ASN E 160 43.27 -0.77 -32.37
N GLN E 161 44.15 -1.08 -33.31
CA GLN E 161 43.82 -2.02 -34.37
C GLN E 161 43.87 -3.48 -33.93
N THR E 162 44.77 -3.82 -32.99
CA THR E 162 44.95 -5.19 -32.56
C THR E 162 43.91 -5.63 -31.53
N LYS E 163 43.07 -4.71 -31.04
CA LYS E 163 42.06 -5.02 -30.04
C LYS E 163 40.67 -4.62 -30.50
N LEU E 164 40.40 -4.70 -31.79
CA LEU E 164 39.10 -4.30 -32.32
C LEU E 164 38.10 -5.44 -32.15
N PRO E 165 36.81 -5.13 -32.07
CA PRO E 165 35.78 -6.18 -31.96
C PRO E 165 35.53 -6.84 -33.31
N ARG E 166 34.58 -7.77 -33.31
CA ARG E 166 34.12 -8.42 -34.54
C ARG E 166 32.86 -7.73 -35.02
N VAL E 167 32.85 -7.33 -36.29
CA VAL E 167 31.75 -6.60 -36.89
C VAL E 167 30.95 -7.53 -37.77
N VAL E 168 29.64 -7.58 -37.54
CA VAL E 168 28.73 -8.44 -38.29
C VAL E 168 27.55 -7.61 -38.76
N GLY E 169 27.25 -7.67 -40.06
CA GLY E 169 26.16 -6.89 -40.61
C GLY E 169 25.00 -7.74 -41.10
N LEU E 170 23.83 -7.56 -40.49
CA LEU E 170 22.62 -8.25 -40.89
C LEU E 170 21.78 -7.35 -41.79
N THR E 171 21.35 -7.89 -42.92
CA THR E 171 20.51 -7.11 -43.82
C THR E 171 19.67 -8.05 -44.68
N GLY E 172 18.53 -7.53 -45.15
CA GLY E 172 17.71 -8.24 -46.11
C GLY E 172 17.85 -7.62 -47.49
N VAL E 173 18.29 -6.37 -47.52
CA VAL E 173 18.56 -5.65 -48.76
C VAL E 173 19.84 -4.85 -48.59
N LEU E 174 20.69 -4.87 -49.63
CA LEU E 174 21.97 -4.19 -49.56
C LEU E 174 21.89 -2.74 -50.00
N ILE E 175 21.12 -2.43 -51.02
CA ILE E 175 21.04 -1.08 -51.57
C ILE E 175 19.88 -0.36 -50.93
N LYS E 176 20.12 0.89 -50.52
CA LYS E 176 19.14 1.71 -49.83
C LYS E 176 18.28 2.53 -50.79
N GLY E 177 18.89 3.16 -51.79
CA GLY E 177 18.19 4.04 -52.70
C GLY E 177 17.97 3.41 -54.06
N ASN E 178 18.00 4.24 -55.10
CA ASN E 178 17.77 3.81 -56.47
C ASN E 178 19.05 3.71 -57.28
N GLU E 179 20.22 3.66 -56.64
CA GLU E 179 21.47 3.50 -57.36
C GLU E 179 21.67 2.02 -57.72
N ILE E 180 20.66 1.47 -58.39
CA ILE E 180 20.69 0.08 -58.80
C ILE E 180 21.74 -0.19 -59.86
N THR E 181 21.97 0.75 -60.76
CA THR E 181 23.00 0.60 -61.78
C THR E 181 24.38 0.58 -61.12
N ASN E 182 25.28 -0.22 -61.70
CA ASN E 182 26.65 -0.36 -61.23
C ASN E 182 26.67 -0.82 -59.78
N VAL E 183 26.18 -2.05 -59.58
CA VAL E 183 26.07 -2.62 -58.24
C VAL E 183 27.45 -2.80 -57.60
N ALA E 184 28.45 -3.12 -58.42
CA ALA E 184 29.74 -3.55 -57.89
C ALA E 184 30.37 -2.51 -56.97
N THR E 185 30.41 -1.24 -57.42
CA THR E 185 31.05 -0.21 -56.60
C THR E 185 30.24 0.08 -55.34
N LYS E 186 28.91 0.01 -55.45
CA LYS E 186 28.08 0.20 -54.25
C LYS E 186 28.36 -0.88 -53.21
N LEU E 187 28.43 -2.14 -53.65
CA LEU E 187 28.71 -3.24 -52.73
C LEU E 187 30.11 -3.12 -52.16
N LYS E 188 31.09 -2.72 -52.99
CA LYS E 188 32.44 -2.52 -52.50
C LYS E 188 32.49 -1.43 -51.45
N GLU E 189 31.75 -0.33 -51.67
CA GLU E 189 31.71 0.74 -50.69
C GLU E 189 31.07 0.29 -49.39
N LEU E 190 29.99 -0.49 -49.49
CA LEU E 190 29.35 -1.01 -48.28
C LEU E 190 30.30 -1.92 -47.51
N GLU E 191 31.03 -2.79 -48.21
CA GLU E 191 32.00 -3.66 -47.56
C GLU E 191 33.16 -2.87 -46.97
N ILE E 192 33.53 -1.75 -47.58
CA ILE E 192 34.60 -0.91 -47.05
C ILE E 192 34.13 -0.14 -45.81
N THR E 193 32.85 0.25 -45.77
CA THR E 193 32.33 0.94 -44.60
C THR E 193 32.47 0.08 -43.35
N TYR E 194 32.12 -1.19 -43.46
CA TYR E 194 32.43 -2.16 -42.42
C TYR E 194 33.81 -2.74 -42.71
N ARG E 195 34.20 -3.79 -41.99
CA ARG E 195 35.54 -4.34 -42.12
C ARG E 195 35.50 -5.78 -42.61
N GLY E 196 34.54 -6.08 -43.48
CA GLY E 196 34.42 -7.42 -44.02
C GLY E 196 33.62 -7.42 -45.30
N ASN E 197 33.66 -8.56 -45.99
CA ASN E 197 32.98 -8.74 -47.25
C ASN E 197 31.60 -9.38 -47.01
N ILE E 198 30.77 -9.33 -48.04
CA ILE E 198 29.42 -9.89 -47.96
C ILE E 198 29.46 -11.38 -48.27
N ILE E 199 28.76 -12.16 -47.44
CA ILE E 199 28.65 -13.60 -47.62
C ILE E 199 27.18 -13.97 -47.69
N THR E 200 26.85 -14.90 -48.57
CA THR E 200 25.47 -15.34 -48.76
C THR E 200 25.46 -16.82 -49.11
N VAL E 201 24.27 -17.40 -49.09
CA VAL E 201 24.13 -18.83 -49.36
C VAL E 201 24.48 -19.13 -50.81
N SER E 202 25.15 -20.27 -51.02
CA SER E 202 25.66 -20.63 -52.34
C SER E 202 25.17 -21.98 -52.86
N ASP E 203 25.13 -23.02 -52.03
CA ASP E 203 24.76 -24.34 -52.50
C ASP E 203 23.25 -24.40 -52.75
N THR E 204 22.86 -25.22 -53.73
CA THR E 204 21.44 -25.37 -54.04
C THR E 204 20.67 -25.92 -52.86
N LYS E 205 21.25 -26.88 -52.14
CA LYS E 205 20.61 -27.38 -50.92
C LYS E 205 20.50 -26.28 -49.88
N GLU E 206 21.54 -25.43 -49.78
CA GLU E 206 21.46 -24.30 -48.87
C GLU E 206 20.34 -23.35 -49.26
N MET E 207 20.19 -23.07 -50.56
CA MET E 207 19.13 -22.19 -51.02
C MET E 207 17.77 -22.80 -50.71
N GLU E 208 17.63 -24.12 -50.93
CA GLU E 208 16.38 -24.79 -50.62
C GLU E 208 16.06 -24.74 -49.13
N ASN E 209 17.07 -24.93 -48.28
CA ASN E 209 16.87 -24.86 -46.84
C ASN E 209 16.46 -23.44 -46.43
N VAL E 210 17.07 -22.43 -47.04
CA VAL E 210 16.65 -21.05 -46.80
C VAL E 210 15.21 -20.83 -47.24
N MET E 211 14.82 -21.49 -48.33
CA MET E 211 13.49 -21.30 -48.89
C MET E 211 12.39 -21.70 -47.93
N LEU E 212 12.70 -22.52 -46.92
CA LEU E 212 11.72 -22.99 -45.96
C LEU E 212 11.17 -21.88 -45.08
N TYR E 213 11.85 -20.75 -44.97
CA TYR E 213 11.41 -19.63 -44.15
C TYR E 213 11.15 -18.37 -44.95
N ALA E 214 11.81 -18.19 -46.09
CA ALA E 214 11.52 -17.10 -47.00
C ALA E 214 10.51 -17.55 -48.04
N THR E 215 9.96 -16.58 -48.77
CA THR E 215 8.99 -16.87 -49.82
C THR E 215 9.16 -15.86 -50.94
N LYS E 216 8.96 -16.32 -52.18
CA LYS E 216 8.86 -15.46 -53.34
C LYS E 216 7.39 -15.36 -53.71
N PRO E 217 6.62 -14.45 -53.12
CA PRO E 217 5.18 -14.40 -53.40
C PRO E 217 4.92 -13.96 -54.83
N THR E 218 3.79 -14.43 -55.36
CA THR E 218 3.39 -14.04 -56.71
C THR E 218 2.99 -12.57 -56.70
N GLU E 219 3.53 -11.81 -57.64
CA GLU E 219 3.29 -10.39 -57.75
C GLU E 219 2.40 -10.12 -58.95
N VAL E 220 1.33 -9.36 -58.75
CA VAL E 220 0.34 -9.10 -59.78
C VAL E 220 0.10 -7.60 -59.89
N MET E 221 -0.42 -7.19 -61.04
CA MET E 221 -0.67 -5.79 -61.35
C MET E 221 -2.16 -5.58 -61.50
N VAL E 222 -2.66 -4.50 -60.91
CA VAL E 222 -4.08 -4.17 -60.96
C VAL E 222 -4.18 -2.80 -61.64
N SER E 223 -4.52 -2.82 -62.93
CA SER E 223 -4.62 -1.58 -63.69
C SER E 223 -5.94 -0.89 -63.42
N PHE E 224 -5.90 0.43 -63.27
CA PHE E 224 -7.09 1.24 -63.17
C PHE E 224 -6.94 2.45 -64.08
N PRO E 225 -8.04 2.90 -64.70
CA PRO E 225 -7.94 4.04 -65.63
C PRO E 225 -7.58 5.32 -64.89
N HIS E 226 -6.85 6.19 -65.57
CA HIS E 226 -6.44 7.47 -65.01
C HIS E 226 -7.13 8.59 -65.75
N GLN E 227 -7.83 9.45 -65.00
CA GLN E 227 -8.56 10.56 -65.56
C GLN E 227 -8.09 11.87 -64.92
N GLU E 228 -8.22 12.96 -65.67
CA GLU E 228 -7.72 14.26 -65.23
C GLU E 228 -8.82 15.24 -64.85
N GLN E 229 -10.05 15.03 -65.32
CA GLN E 229 -11.12 15.97 -65.02
C GLN E 229 -11.44 15.97 -63.53
N VAL E 230 -11.83 17.14 -63.02
CA VAL E 230 -12.06 17.33 -61.59
C VAL E 230 -13.42 17.96 -61.39
N LEU E 231 -13.94 17.82 -60.17
CA LEU E 231 -15.26 18.33 -59.84
C LEU E 231 -15.21 19.84 -59.57
N THR E 232 -16.39 20.45 -59.60
CA THR E 232 -16.50 21.89 -59.35
C THR E 232 -16.28 22.21 -57.88
N VAL E 233 -16.77 21.35 -56.99
CA VAL E 233 -16.58 21.57 -55.56
C VAL E 233 -15.10 21.59 -55.21
N THR E 234 -14.29 20.81 -55.93
CA THR E 234 -12.85 20.88 -55.74
C THR E 234 -12.31 22.26 -56.07
N ARG E 235 -12.79 22.85 -57.17
CA ARG E 235 -12.37 24.21 -57.51
C ARG E 235 -12.80 25.21 -56.44
N LEU E 236 -14.02 25.05 -55.92
CA LEU E 236 -14.47 25.97 -54.87
C LEU E 236 -13.61 25.85 -53.62
N ILE E 237 -13.30 24.63 -53.21
CA ILE E 237 -12.48 24.43 -52.01
C ILE E 237 -11.06 24.95 -52.23
N SER E 238 -10.53 24.75 -53.44
CA SER E 238 -9.20 25.28 -53.74
C SER E 238 -9.18 26.80 -53.67
N ALA E 239 -10.22 27.45 -54.21
CA ALA E 239 -10.31 28.91 -54.11
C ALA E 239 -10.42 29.35 -52.66
N GLU E 240 -11.21 28.62 -51.86
CA GLU E 240 -11.32 28.95 -50.44
C GLU E 240 -9.98 28.83 -49.74
N ILE E 241 -9.22 27.78 -50.05
CA ILE E 241 -7.93 27.58 -49.40
C ILE E 241 -6.93 28.66 -49.85
N GLU E 242 -6.98 29.05 -51.12
CA GLU E 242 -6.11 30.13 -51.57
C GLU E 242 -6.43 31.44 -50.87
N LYS E 243 -7.72 31.75 -50.73
CA LYS E 243 -8.11 32.95 -50.00
C LYS E 243 -7.67 32.89 -48.55
N PHE E 244 -7.79 31.72 -47.93
CA PHE E 244 -7.34 31.58 -46.55
C PHE E 244 -5.84 31.72 -46.43
N TYR E 245 -5.09 31.24 -47.41
CA TYR E 245 -3.64 31.44 -47.40
C TYR E 245 -3.30 32.93 -47.48
N VAL E 246 -4.00 33.65 -48.36
CA VAL E 246 -3.79 35.09 -48.46
C VAL E 246 -4.09 35.76 -47.13
N SER E 247 -5.18 35.35 -46.48
CA SER E 247 -5.54 35.95 -45.20
C SER E 247 -4.54 35.60 -44.11
N LEU E 248 -4.01 34.37 -44.14
CA LEU E 248 -3.09 33.93 -43.09
C LEU E 248 -1.72 34.54 -43.26
N ASP E 249 -1.34 34.91 -44.48
CA ASP E 249 -0.04 35.54 -44.70
C ASP E 249 0.10 36.85 -43.92
N LEU E 250 -1.01 37.47 -43.54
CA LEU E 250 -1.00 38.67 -42.70
C LEU E 250 -1.73 38.44 -41.38
N MET E 251 -1.68 37.20 -40.86
CA MET E 251 -2.37 36.89 -39.61
C MET E 251 -1.78 37.67 -38.44
N ASN E 252 -0.48 37.99 -38.50
CA ASN E 252 0.18 38.80 -37.49
C ASN E 252 0.12 38.15 -36.11
N ILE E 253 0.74 36.96 -36.01
CA ILE E 253 0.94 36.31 -34.72
C ILE E 253 2.11 37.00 -34.02
N GLY E 254 2.33 36.64 -32.75
CA GLY E 254 3.46 37.18 -32.02
C GLY E 254 4.78 36.90 -32.71
N VAL E 255 5.83 37.55 -32.20
CA VAL E 255 7.15 37.41 -32.80
C VAL E 255 7.60 35.97 -32.72
N GLN E 256 8.10 35.45 -33.84
CA GLN E 256 8.44 34.05 -33.96
C GLN E 256 9.91 33.89 -34.31
N PRO E 257 10.52 32.75 -33.98
CA PRO E 257 11.91 32.51 -34.37
C PRO E 257 12.06 32.52 -35.89
N ILE E 258 13.18 33.04 -36.35
CA ILE E 258 13.44 33.15 -37.78
C ILE E 258 13.75 31.77 -38.33
N ARG E 259 13.01 31.37 -39.36
CA ARG E 259 13.22 30.10 -40.05
C ARG E 259 13.80 30.37 -41.43
N ARG E 260 14.80 29.59 -41.81
CA ARG E 260 15.45 29.74 -43.09
C ARG E 260 15.58 28.38 -43.77
N SER E 261 16.11 28.40 -44.98
CA SER E 261 16.27 27.17 -45.74
C SER E 261 17.37 26.31 -45.12
N LYS E 262 17.49 25.09 -45.64
CA LYS E 262 18.45 24.14 -45.09
C LYS E 262 19.88 24.65 -45.19
N SER E 263 20.20 25.34 -46.28
CA SER E 263 21.54 25.89 -46.48
C SER E 263 21.60 27.38 -46.15
N LEU E 264 20.49 27.96 -45.71
CA LEU E 264 20.42 29.32 -45.21
C LEU E 264 20.53 30.41 -46.28
N GLN E 265 20.24 30.12 -47.56
CA GLN E 265 20.06 31.26 -48.47
C GLN E 265 18.67 31.88 -48.35
N CYS E 266 17.62 31.07 -48.33
CA CYS E 266 16.26 31.57 -48.52
C CYS E 266 15.48 31.54 -47.21
N LEU E 267 14.58 32.51 -47.03
CA LEU E 267 13.81 32.61 -45.81
C LEU E 267 12.61 31.66 -45.83
N ARG E 268 12.10 31.36 -44.64
CA ARG E 268 10.97 30.48 -44.45
C ARG E 268 9.86 31.22 -43.73
N ASP E 269 8.64 30.72 -43.89
CA ASP E 269 7.53 31.15 -43.07
C ASP E 269 7.70 30.60 -41.65
N PRO E 270 7.05 31.22 -40.67
CA PRO E 270 7.09 30.68 -39.30
C PRO E 270 6.53 29.27 -39.26
N SER E 271 7.13 28.46 -38.38
CA SER E 271 6.76 27.04 -38.32
C SER E 271 5.28 26.85 -38.04
N LYS E 272 4.68 27.73 -37.23
CA LYS E 272 3.27 27.58 -36.89
C LYS E 272 2.39 27.75 -38.13
N LYS E 273 2.70 28.73 -38.98
CA LYS E 273 1.97 28.90 -40.23
C LYS E 273 2.30 27.81 -41.24
N SER E 274 3.56 27.36 -41.24
CA SER E 274 3.95 26.29 -42.16
C SER E 274 3.20 25.01 -41.85
N PHE E 275 2.92 24.75 -40.58
CA PHE E 275 2.16 23.57 -40.21
C PHE E 275 0.76 23.60 -40.82
N VAL E 276 0.08 24.74 -40.72
CA VAL E 276 -1.27 24.87 -41.27
C VAL E 276 -1.24 24.75 -42.79
N LYS E 277 -0.28 25.41 -43.42
CA LYS E 277 -0.17 25.34 -44.87
C LYS E 277 0.11 23.91 -45.32
N GLN E 278 0.98 23.20 -44.61
CA GLN E 278 1.27 21.81 -44.94
C GLN E 278 0.03 20.94 -44.80
N LEU E 279 -0.73 21.13 -43.73
CA LEU E 279 -1.94 20.33 -43.54
C LEU E 279 -2.94 20.56 -44.65
N PHE E 280 -3.15 21.82 -45.03
CA PHE E 280 -4.13 22.10 -46.07
C PHE E 280 -3.66 21.63 -47.43
N ASN E 281 -2.36 21.73 -47.72
CA ASN E 281 -1.85 21.21 -48.98
C ASN E 281 -1.97 19.69 -49.04
N ASP E 282 -1.72 19.02 -47.92
CA ASP E 282 -1.91 17.57 -47.88
C ASP E 282 -3.37 17.19 -48.11
N PHE E 283 -4.28 17.95 -47.49
CA PHE E 283 -5.70 17.70 -47.73
C PHE E 283 -6.06 17.90 -49.19
N LEU E 284 -5.52 18.94 -49.82
CA LEU E 284 -5.79 19.17 -51.23
C LEU E 284 -5.27 18.02 -52.08
N TYR E 285 -4.07 17.51 -51.76
CA TYR E 285 -3.51 16.39 -52.49
C TYR E 285 -4.42 15.17 -52.38
N GLN E 286 -4.88 14.88 -51.15
CA GLN E 286 -5.75 13.72 -50.96
C GLN E 286 -7.08 13.89 -51.69
N MET E 287 -7.63 15.10 -51.68
CA MET E 287 -8.85 15.36 -52.42
C MET E 287 -8.66 15.11 -53.90
N LYS E 288 -7.54 15.57 -54.46
CA LYS E 288 -7.27 15.35 -55.88
C LYS E 288 -7.01 13.89 -56.19
N GLU E 289 -6.45 13.14 -55.23
CA GLU E 289 -6.00 11.80 -55.53
C GLU E 289 -7.05 10.72 -55.31
N TYR E 290 -7.80 10.79 -54.21
CA TYR E 290 -8.66 9.67 -53.81
C TYR E 290 -10.15 9.94 -53.93
N GLY E 291 -10.61 11.18 -53.86
CA GLY E 291 -11.99 11.49 -54.15
C GLY E 291 -12.66 12.29 -53.05
N ILE E 292 -13.96 12.53 -53.26
CA ILE E 292 -14.72 13.43 -52.40
C ILE E 292 -14.96 12.80 -51.03
N TYR E 293 -15.28 11.49 -50.99
CA TYR E 293 -15.45 10.82 -49.69
C TYR E 293 -14.14 10.80 -48.92
N ALA E 294 -13.03 10.56 -49.61
CA ALA E 294 -11.73 10.64 -48.98
C ALA E 294 -11.48 12.03 -48.41
N ALA E 295 -11.87 13.06 -49.16
CA ALA E 295 -11.76 14.42 -48.64
C ALA E 295 -12.65 14.63 -47.42
N SER E 296 -13.83 13.99 -47.40
CA SER E 296 -14.72 14.10 -46.25
C SER E 296 -14.10 13.52 -45.00
N ILE E 297 -13.39 12.39 -45.14
CA ILE E 297 -12.70 11.82 -43.99
C ILE E 297 -11.49 12.67 -43.60
N ALA E 298 -10.74 13.15 -44.60
CA ALA E 298 -9.51 13.89 -44.32
C ALA E 298 -9.80 15.23 -43.67
N ILE E 299 -10.94 15.85 -44.01
CA ILE E 299 -11.28 17.12 -43.39
C ILE E 299 -11.64 16.91 -41.92
N ILE E 300 -12.23 15.76 -41.57
CA ILE E 300 -12.45 15.45 -40.16
C ILE E 300 -11.12 15.24 -39.45
N SER E 301 -10.17 14.57 -40.12
CA SER E 301 -8.84 14.42 -39.54
C SER E 301 -8.20 15.79 -39.29
N LEU E 302 -8.33 16.70 -40.24
CA LEU E 302 -7.79 18.04 -40.08
C LEU E 302 -8.49 18.79 -38.96
N ILE E 303 -9.81 18.60 -38.83
CA ILE E 303 -10.55 19.20 -37.72
C ILE E 303 -9.95 18.76 -36.40
N VAL E 304 -9.71 17.45 -36.27
CA VAL E 304 -9.14 16.92 -35.03
C VAL E 304 -7.76 17.51 -34.78
N GLU E 305 -6.93 17.55 -35.81
CA GLU E 305 -5.56 18.05 -35.65
C GLU E 305 -5.55 19.52 -35.26
N PHE E 306 -6.36 20.34 -35.92
CA PHE E 306 -6.40 21.76 -35.59
C PHE E 306 -6.98 22.01 -34.21
N ASP E 307 -7.99 21.23 -33.82
CA ASP E 307 -8.54 21.36 -32.47
C ASP E 307 -7.47 21.01 -31.44
N ILE E 308 -6.69 19.96 -31.68
CA ILE E 308 -5.62 19.58 -30.76
C ILE E 308 -4.58 20.69 -30.67
N LYS E 309 -4.18 21.25 -31.82
CA LYS E 309 -3.19 22.33 -31.81
C LYS E 309 -3.71 23.56 -31.08
N ARG E 310 -4.98 23.88 -31.28
CA ARG E 310 -5.57 25.01 -30.57
C ARG E 310 -5.59 24.77 -29.06
N ARG E 311 -5.92 23.54 -28.65
CA ARG E 311 -5.86 23.21 -27.22
C ARG E 311 -4.45 23.36 -26.67
N GLN E 312 -3.44 22.92 -27.44
CA GLN E 312 -2.07 23.02 -26.97
C GLN E 312 -1.48 24.42 -27.12
N ALA E 313 -2.18 25.32 -27.81
CA ALA E 313 -1.65 26.66 -28.04
C ALA E 313 -1.55 27.44 -26.73
N GLU E 314 -0.51 28.27 -26.64
CA GLU E 314 -0.25 29.07 -25.45
C GLU E 314 -0.58 30.54 -25.63
N THR E 315 -0.43 31.07 -26.84
CA THR E 315 -0.69 32.48 -27.10
C THR E 315 -2.08 32.67 -27.67
N LEU E 316 -2.69 33.83 -27.36
CA LEU E 316 -4.03 34.11 -27.84
C LEU E 316 -4.06 34.24 -29.36
N SER E 317 -3.02 34.81 -29.95
CA SER E 317 -2.97 34.94 -31.41
C SER E 317 -2.91 33.58 -32.08
N VAL E 318 -2.15 32.65 -31.51
CA VAL E 318 -2.10 31.29 -32.05
C VAL E 318 -3.46 30.63 -31.97
N LYS E 319 -4.15 30.82 -30.84
CA LYS E 319 -5.50 30.27 -30.71
C LYS E 319 -6.45 30.88 -31.74
N LEU E 320 -6.32 32.17 -32.01
CA LEU E 320 -7.15 32.80 -33.03
C LEU E 320 -6.85 32.23 -34.40
N MET E 321 -5.57 32.02 -34.72
CA MET E 321 -5.20 31.44 -36.01
C MET E 321 -5.79 30.04 -36.15
N HIS E 322 -5.68 29.23 -35.10
CA HIS E 322 -6.24 27.89 -35.16
C HIS E 322 -7.77 27.91 -35.22
N ARG E 323 -8.40 28.91 -34.60
CA ARG E 323 -9.84 29.04 -34.71
C ARG E 323 -10.24 29.36 -36.14
N THR E 324 -9.50 30.23 -36.81
CA THR E 324 -9.77 30.53 -38.22
C THR E 324 -9.59 29.28 -39.07
N ALA E 325 -8.53 28.51 -38.79
CA ALA E 325 -8.31 27.27 -39.53
C ALA E 325 -9.44 26.28 -39.31
N LEU E 326 -9.92 26.18 -38.08
CA LEU E 326 -11.04 25.29 -37.78
C LEU E 326 -12.30 25.75 -38.48
N THR E 327 -12.51 27.07 -38.57
CA THR E 327 -13.66 27.59 -39.31
C THR E 327 -13.58 27.19 -40.77
N LEU E 328 -12.40 27.33 -41.38
CA LEU E 328 -12.24 26.88 -42.77
C LEU E 328 -12.51 25.40 -42.91
N CYS E 329 -11.97 24.59 -41.99
CA CYS E 329 -12.14 23.15 -42.10
C CYS E 329 -13.60 22.76 -41.95
N GLU E 330 -14.32 23.42 -41.05
CA GLU E 330 -15.75 23.15 -40.92
C GLU E 330 -16.52 23.55 -42.16
N LYS E 331 -16.17 24.70 -42.77
CA LYS E 331 -16.83 25.09 -44.01
C LYS E 331 -16.57 24.08 -45.12
N ILE E 332 -15.33 23.61 -45.24
CA ILE E 332 -14.99 22.63 -46.26
C ILE E 332 -15.75 21.33 -46.02
N ARG E 333 -15.82 20.89 -44.77
CA ARG E 333 -16.55 19.67 -44.45
C ARG E 333 -18.03 19.81 -44.78
N HIS E 334 -18.61 20.98 -44.48
CA HIS E 334 -20.02 21.20 -44.79
C HIS E 334 -20.25 21.16 -46.30
N LEU E 335 -19.35 21.76 -47.07
CA LEU E 335 -19.47 21.72 -48.53
C LEU E 335 -19.38 20.29 -49.05
N LEU E 336 -18.43 19.52 -48.52
CA LEU E 336 -18.26 18.13 -48.97
C LEU E 336 -19.48 17.30 -48.61
N VAL E 337 -20.03 17.48 -47.42
CA VAL E 337 -21.22 16.75 -47.01
C VAL E 337 -22.39 17.12 -47.90
N GLN E 338 -22.54 18.41 -48.22
CA GLN E 338 -23.59 18.82 -49.14
C GLN E 338 -23.43 18.13 -50.49
N LYS E 339 -22.20 18.07 -51.01
CA LYS E 339 -21.99 17.41 -52.28
C LYS E 339 -22.32 15.93 -52.20
N LEU E 340 -21.99 15.28 -51.09
CA LEU E 340 -22.29 13.86 -50.92
C LEU E 340 -23.79 13.61 -50.87
N GLN E 341 -24.54 14.49 -50.18
CA GLN E 341 -25.95 14.22 -49.94
C GLN E 341 -26.81 14.40 -51.19
N ASP E 342 -26.30 15.06 -52.23
CA ASP E 342 -27.10 15.23 -53.44
C ASP E 342 -27.02 14.02 -54.34
N MET E 343 -27.18 12.84 -53.76
CA MET E 343 -27.36 11.60 -54.50
C MET E 343 -28.46 10.69 -53.95
N THR E 344 -29.02 11.01 -52.78
CA THR E 344 -29.91 10.11 -52.07
C THR E 344 -31.25 9.91 -52.78
N TYR E 345 -31.45 10.60 -53.90
CA TYR E 345 -32.66 10.43 -54.68
C TYR E 345 -32.74 9.08 -55.38
N ASP E 346 -31.65 8.31 -55.40
CA ASP E 346 -31.64 7.04 -56.12
C ASP E 346 -32.52 6.01 -55.42
N ASP E 347 -32.36 5.85 -54.11
CA ASP E 347 -33.09 4.83 -53.37
C ASP E 347 -33.11 5.21 -51.90
N ASP E 348 -33.74 4.36 -51.09
CA ASP E 348 -33.89 4.61 -49.66
C ASP E 348 -33.06 3.66 -48.80
N ASP E 349 -32.63 2.53 -49.34
CA ASP E 349 -31.83 1.57 -48.57
C ASP E 349 -30.45 2.17 -48.29
N ASP E 350 -30.21 2.55 -47.03
CA ASP E 350 -28.98 3.26 -46.71
C ASP E 350 -27.77 2.33 -46.74
N ASN E 351 -27.95 1.04 -46.45
CA ASN E 351 -26.81 0.13 -46.42
C ASN E 351 -26.16 0.02 -47.79
N VAL E 352 -26.96 -0.07 -48.85
CA VAL E 352 -26.40 -0.06 -50.20
C VAL E 352 -26.15 1.36 -50.68
N ASN E 353 -26.85 2.35 -50.11
CA ASN E 353 -26.61 3.73 -50.50
C ASN E 353 -25.20 4.17 -50.12
N THR E 354 -24.72 3.74 -48.95
CA THR E 354 -23.37 4.09 -48.53
C THR E 354 -22.34 3.52 -49.50
N GLU E 355 -22.50 2.25 -49.89
CA GLU E 355 -21.58 1.65 -50.85
C GLU E 355 -21.65 2.37 -52.18
N GLU E 356 -22.86 2.71 -52.64
CA GLU E 356 -23.02 3.34 -53.94
C GLU E 356 -22.43 4.74 -53.96
N VAL E 357 -22.60 5.51 -52.88
CA VAL E 357 -22.02 6.85 -52.84
C VAL E 357 -20.50 6.76 -52.71
N ILE E 358 -20.00 5.77 -51.97
CA ILE E 358 -18.54 5.60 -51.87
C ILE E 358 -17.96 5.26 -53.22
N MET E 359 -18.63 4.38 -53.97
CA MET E 359 -18.13 3.97 -55.27
C MET E 359 -18.35 5.06 -56.32
N ASN E 360 -19.26 6.00 -56.07
CA ASN E 360 -19.53 7.08 -57.00
C ASN E 360 -18.76 8.35 -56.70
N PHE E 361 -18.26 8.50 -55.47
CA PHE E 361 -17.53 9.70 -55.06
C PHE E 361 -16.06 9.39 -54.76
N SER E 362 -15.47 8.46 -55.51
CA SER E 362 -14.07 8.13 -55.37
C SER E 362 -13.46 7.94 -56.75
N THR E 363 -12.17 8.25 -56.86
CA THR E 363 -11.46 8.10 -58.12
C THR E 363 -11.35 6.63 -58.48
N PRO E 364 -11.11 6.33 -59.77
CA PRO E 364 -11.01 4.91 -60.16
C PRO E 364 -9.98 4.13 -59.38
N LYS E 365 -8.95 4.79 -58.86
CA LYS E 365 -7.98 4.11 -58.00
C LYS E 365 -8.67 3.50 -56.79
N VAL E 366 -9.45 4.30 -56.06
CA VAL E 366 -10.10 3.83 -54.85
C VAL E 366 -11.18 2.80 -55.19
N GLN E 367 -11.93 3.03 -56.28
CA GLN E 367 -12.96 2.09 -56.67
C GLN E 367 -12.35 0.73 -56.99
N ARG E 368 -11.29 0.70 -57.79
CA ARG E 368 -10.64 -0.55 -58.12
C ARG E 368 -10.04 -1.20 -56.88
N PHE E 369 -9.49 -0.39 -55.97
CA PHE E 369 -8.96 -0.93 -54.71
C PHE E 369 -10.05 -1.62 -53.92
N LEU E 370 -11.22 -0.99 -53.81
CA LEU E 370 -12.31 -1.60 -53.05
C LEU E 370 -12.84 -2.85 -53.74
N MET E 371 -12.93 -2.84 -55.07
CA MET E 371 -13.36 -4.05 -55.77
C MET E 371 -12.39 -5.20 -55.56
N SER E 372 -11.08 -4.91 -55.62
CA SER E 372 -10.09 -5.94 -55.37
C SER E 372 -10.19 -6.46 -53.94
N LEU E 373 -10.39 -5.56 -52.98
CA LEU E 373 -10.54 -5.97 -51.59
C LEU E 373 -11.75 -6.86 -51.41
N LYS E 374 -12.85 -6.53 -52.08
CA LYS E 374 -14.07 -7.33 -51.96
C LYS E 374 -13.88 -8.70 -52.61
N VAL E 375 -13.32 -8.74 -53.82
CA VAL E 375 -13.17 -10.03 -54.50
C VAL E 375 -12.07 -10.89 -53.88
N SER E 376 -11.18 -10.30 -53.07
CA SER E 376 -10.13 -11.10 -52.46
C SER E 376 -10.56 -11.67 -51.11
N PHE E 377 -11.42 -10.96 -50.39
CA PHE E 377 -11.91 -11.38 -49.07
C PHE E 377 -13.42 -11.40 -49.05
N ALA E 378 -14.04 -12.02 -50.04
CA ALA E 378 -15.49 -12.03 -50.18
C ALA E 378 -16.19 -12.57 -48.95
N ASP E 379 -16.03 -13.86 -48.68
CA ASP E 379 -16.70 -14.51 -47.56
C ASP E 379 -15.73 -15.42 -46.82
N LYS E 380 -14.52 -14.93 -46.57
CA LYS E 380 -13.49 -15.74 -45.95
C LYS E 380 -13.53 -15.62 -44.43
N ASP E 381 -12.67 -16.40 -43.78
CA ASP E 381 -12.57 -16.40 -42.33
C ASP E 381 -11.69 -15.25 -41.86
N PRO E 382 -12.16 -14.40 -40.96
CA PRO E 382 -11.30 -13.30 -40.47
C PRO E 382 -9.98 -13.78 -39.88
N LYS E 383 -9.97 -14.94 -39.24
CA LYS E 383 -8.72 -15.50 -38.73
C LYS E 383 -7.77 -15.94 -39.84
N ASP E 384 -8.27 -16.12 -41.06
CA ASP E 384 -7.48 -16.65 -42.15
C ASP E 384 -6.83 -15.57 -43.00
N ILE E 385 -7.32 -14.34 -42.94
CA ILE E 385 -6.83 -13.25 -43.76
C ILE E 385 -6.00 -12.32 -42.89
N CYS E 386 -4.85 -11.89 -43.42
CA CYS E 386 -3.95 -10.99 -42.70
C CYS E 386 -3.14 -10.24 -43.75
N CYS E 387 -3.51 -9.00 -44.02
CA CYS E 387 -2.94 -8.25 -45.13
C CYS E 387 -2.54 -6.85 -44.71
N LEU E 388 -1.57 -6.29 -45.43
CA LEU E 388 -1.11 -4.93 -45.23
C LEU E 388 -1.40 -4.08 -46.46
N VAL E 389 -1.73 -2.82 -46.23
CA VAL E 389 -1.93 -1.85 -47.30
C VAL E 389 -0.88 -0.75 -47.13
N PHE E 390 -0.06 -0.56 -48.15
CA PHE E 390 1.02 0.41 -48.10
C PHE E 390 0.64 1.66 -48.90
N VAL E 391 0.69 2.81 -48.25
CA VAL E 391 0.42 4.09 -48.89
C VAL E 391 1.55 5.05 -48.54
N GLU E 392 1.66 6.13 -49.31
CA GLU E 392 2.80 7.02 -49.15
C GLU E 392 2.59 8.00 -48.00
N ARG E 393 1.60 8.87 -48.10
CA ARG E 393 1.45 9.96 -47.15
C ARG E 393 0.90 9.45 -45.81
N ARG E 394 1.23 10.19 -44.75
CA ARG E 394 0.78 9.81 -43.42
C ARG E 394 -0.73 9.93 -43.28
N TYR E 395 -1.28 11.06 -43.72
CA TYR E 395 -2.72 11.27 -43.62
C TYR E 395 -3.51 10.35 -44.55
N THR E 396 -2.87 9.85 -45.60
CA THR E 396 -3.53 8.86 -46.44
C THR E 396 -3.87 7.61 -45.64
N CYS E 397 -3.00 7.23 -44.69
CA CYS E 397 -3.31 6.10 -43.83
C CYS E 397 -4.62 6.31 -43.09
N LYS E 398 -4.76 7.45 -42.42
CA LYS E 398 -5.97 7.71 -41.64
C LYS E 398 -7.20 7.85 -42.52
N CYS E 399 -7.05 8.54 -43.65
CA CYS E 399 -8.17 8.74 -44.57
C CYS E 399 -8.68 7.41 -45.13
N ILE E 400 -7.76 6.57 -45.60
CA ILE E 400 -8.14 5.26 -46.11
C ILE E 400 -8.69 4.40 -44.99
N TYR E 401 -8.17 4.54 -43.76
CA TYR E 401 -8.72 3.79 -42.64
C TYR E 401 -10.18 4.15 -42.39
N GLY E 402 -10.51 5.44 -42.40
CA GLY E 402 -11.90 5.83 -42.22
C GLY E 402 -12.80 5.39 -43.36
N LEU E 403 -12.33 5.58 -44.60
CA LEU E 403 -13.10 5.13 -45.75
C LEU E 403 -13.34 3.63 -45.70
N LEU E 404 -12.33 2.88 -45.26
CA LEU E 404 -12.45 1.44 -45.20
C LEU E 404 -13.38 1.01 -44.08
N LEU E 405 -13.36 1.72 -42.96
CA LEU E 405 -14.34 1.47 -41.91
C LEU E 405 -15.76 1.63 -42.43
N ASN E 406 -16.02 2.73 -43.15
CA ASN E 406 -17.36 2.94 -43.69
C ASN E 406 -17.73 1.87 -44.71
N TYR E 407 -16.81 1.54 -45.61
CA TYR E 407 -17.10 0.52 -46.63
C TYR E 407 -17.36 -0.83 -45.99
N ILE E 408 -16.60 -1.18 -44.95
CA ILE E 408 -16.80 -2.44 -44.26
C ILE E 408 -18.15 -2.47 -43.57
N GLN E 409 -18.50 -1.40 -42.87
CA GLN E 409 -19.87 -1.29 -42.35
C GLN E 409 -20.77 -0.61 -43.38
N SER E 410 -20.62 -1.04 -44.63
CA SER E 410 -21.57 -0.75 -45.70
C SER E 410 -21.92 -1.95 -46.56
N THR E 411 -21.09 -2.99 -46.61
CA THR E 411 -21.34 -4.15 -47.47
C THR E 411 -21.60 -5.37 -46.62
N PRO E 412 -22.63 -6.17 -46.95
CA PRO E 412 -22.93 -7.35 -46.13
C PRO E 412 -21.82 -8.39 -46.10
N GLU E 413 -21.10 -8.61 -47.21
CA GLU E 413 -20.12 -9.68 -47.24
C GLU E 413 -18.83 -9.36 -46.50
N LEU E 414 -18.42 -8.09 -46.48
CA LEU E 414 -17.18 -7.69 -45.82
C LEU E 414 -17.39 -7.21 -44.39
N ARG E 415 -18.62 -7.31 -43.87
CA ARG E 415 -18.92 -6.72 -42.58
C ARG E 415 -18.19 -7.40 -41.43
N ASN E 416 -18.07 -8.72 -41.47
CA ASN E 416 -17.54 -9.48 -40.34
C ASN E 416 -16.23 -10.19 -40.66
N VAL E 417 -15.52 -9.78 -41.71
CA VAL E 417 -14.28 -10.43 -42.11
C VAL E 417 -13.08 -9.52 -41.92
N LEU E 418 -13.22 -8.23 -42.17
CA LEU E 418 -12.11 -7.30 -42.14
C LEU E 418 -12.26 -6.30 -41.01
N THR E 419 -11.20 -6.14 -40.21
CA THR E 419 -11.15 -5.16 -39.14
C THR E 419 -9.97 -4.24 -39.41
N PRO E 420 -10.22 -3.06 -39.96
CA PRO E 420 -9.12 -2.21 -40.41
C PRO E 420 -8.37 -1.58 -39.24
N GLN E 421 -7.11 -1.24 -39.51
CA GLN E 421 -6.25 -0.57 -38.54
C GLN E 421 -5.15 0.15 -39.30
N PHE E 422 -4.56 1.15 -38.65
CA PHE E 422 -3.56 1.97 -39.32
C PHE E 422 -2.53 2.46 -38.32
N MET E 423 -1.35 2.76 -38.82
CA MET E 423 -0.30 3.39 -38.03
C MET E 423 0.64 4.16 -38.95
N VAL E 424 1.30 5.17 -38.38
CA VAL E 424 2.29 5.95 -39.08
C VAL E 424 3.54 6.04 -38.20
N GLY E 425 4.59 6.65 -38.76
CA GLY E 425 5.87 6.70 -38.09
C GLY E 425 5.94 7.75 -36.99
N ARG E 426 7.11 8.37 -36.87
CA ARG E 426 7.29 9.43 -35.90
C ARG E 426 6.40 10.63 -36.24
N ASN E 427 6.24 11.52 -35.27
CA ASN E 427 5.22 12.57 -35.32
C ASN E 427 3.85 11.92 -35.58
N ASN E 428 3.44 11.10 -34.63
CA ASN E 428 2.26 10.26 -34.80
C ASN E 428 1.01 11.10 -34.95
N ILE E 429 0.04 10.58 -35.69
CA ILE E 429 -1.21 11.28 -35.93
C ILE E 429 -2.26 10.75 -34.97
N SER E 430 -3.10 11.64 -34.47
CA SER E 430 -4.15 11.24 -33.54
C SER E 430 -5.05 10.21 -34.20
N PRO E 431 -5.24 9.04 -33.60
CA PRO E 431 -6.02 7.99 -34.25
C PRO E 431 -7.52 8.12 -34.02
N ASP E 432 -7.96 9.28 -33.55
CA ASP E 432 -9.36 9.51 -33.22
C ASP E 432 -9.94 10.55 -34.18
N PHE E 433 -11.17 10.31 -34.60
CA PHE E 433 -11.89 11.20 -35.51
C PHE E 433 -12.84 12.15 -34.79
N GLU E 434 -12.90 12.10 -33.46
CA GLU E 434 -13.85 12.90 -32.71
C GLU E 434 -13.20 13.96 -31.82
N SER E 435 -11.87 14.01 -31.77
CA SER E 435 -11.15 15.03 -31.00
C SER E 435 -11.51 14.98 -29.52
N VAL E 436 -11.72 13.79 -29.00
CA VAL E 436 -12.00 13.61 -27.59
C VAL E 436 -10.71 13.83 -26.80
N LEU E 437 -10.84 14.46 -25.64
CA LEU E 437 -9.65 14.81 -24.85
C LEU E 437 -8.90 13.56 -24.37
N GLU E 438 -9.60 12.45 -24.18
CA GLU E 438 -8.95 11.21 -23.75
C GLU E 438 -9.84 10.03 -24.11
N ARG E 439 -9.19 8.92 -24.47
CA ARG E 439 -9.88 7.69 -24.83
C ARG E 439 -9.34 6.54 -23.99
N LYS E 440 -10.19 5.56 -23.73
CA LYS E 440 -9.83 4.41 -22.92
C LYS E 440 -9.15 3.31 -23.72
N TRP E 441 -9.11 3.41 -25.04
CA TRP E 441 -8.44 2.39 -25.84
C TRP E 441 -6.94 2.51 -25.66
N GLN E 442 -6.29 1.39 -25.33
CA GLN E 442 -4.87 1.42 -24.99
C GLN E 442 -4.06 0.52 -25.90
N LYS E 443 -4.70 -0.49 -26.50
CA LYS E 443 -3.99 -1.42 -27.35
C LYS E 443 -3.49 -0.71 -28.60
N SER E 444 -2.18 -0.81 -28.86
CA SER E 444 -1.61 -0.16 -30.02
C SER E 444 -2.03 -0.89 -31.30
N ALA E 445 -1.94 -0.17 -32.42
CA ALA E 445 -2.36 -0.73 -33.70
C ALA E 445 -1.53 -1.95 -34.06
N ILE E 446 -0.21 -1.87 -33.87
CA ILE E 446 0.65 -3.01 -34.21
C ILE E 446 0.37 -4.18 -33.27
N GLN E 447 0.07 -3.90 -32.01
CA GLN E 447 -0.25 -4.98 -31.08
C GLN E 447 -1.56 -5.64 -31.45
N GLN E 448 -2.57 -4.85 -31.87
CA GLN E 448 -3.82 -5.44 -32.32
C GLN E 448 -3.61 -6.30 -33.55
N PHE E 449 -2.80 -5.82 -34.49
CA PHE E 449 -2.54 -6.60 -35.70
C PHE E 449 -1.80 -7.89 -35.36
N ARG E 450 -0.86 -7.83 -34.41
CA ARG E 450 -0.13 -9.02 -33.99
C ARG E 450 -1.07 -10.02 -33.31
N ASP E 451 -1.97 -9.54 -32.46
CA ASP E 451 -2.86 -10.40 -31.69
C ASP E 451 -3.98 -10.99 -32.53
N GLY E 452 -4.15 -10.53 -33.78
CA GLY E 452 -5.20 -11.02 -34.63
C GLY E 452 -6.53 -10.33 -34.50
N ASN E 453 -6.64 -9.34 -33.60
CA ASN E 453 -7.88 -8.57 -33.50
C ASN E 453 -8.17 -7.83 -34.80
N ALA E 454 -7.16 -7.22 -35.39
CA ALA E 454 -7.28 -6.54 -36.66
C ALA E 454 -6.51 -7.31 -37.73
N ASN E 455 -7.14 -7.49 -38.88
CA ASN E 455 -6.53 -8.24 -39.97
C ASN E 455 -6.20 -7.37 -41.18
N LEU E 456 -6.47 -6.07 -41.11
CA LEU E 456 -6.29 -5.16 -42.24
C LEU E 456 -5.50 -3.96 -41.75
N MET E 457 -4.25 -3.84 -42.21
CA MET E 457 -3.33 -2.81 -41.76
C MET E 457 -3.11 -1.81 -42.89
N ILE E 458 -3.24 -0.52 -42.59
CA ILE E 458 -2.94 0.55 -43.52
C ILE E 458 -1.76 1.32 -42.94
N CYS E 459 -0.56 1.07 -43.48
CA CYS E 459 0.66 1.64 -42.94
C CYS E 459 1.39 2.40 -44.04
N SER E 460 2.25 3.33 -43.62
CA SER E 460 2.99 4.19 -44.54
C SER E 460 4.49 3.95 -44.32
N SER E 461 5.01 2.92 -44.99
CA SER E 461 6.45 2.64 -45.01
C SER E 461 7.01 2.35 -43.62
N VAL E 462 6.15 2.34 -42.60
CA VAL E 462 6.61 2.03 -41.25
C VAL E 462 6.86 0.53 -41.09
N LEU E 463 5.95 -0.29 -41.59
CA LEU E 463 6.05 -1.73 -41.46
C LEU E 463 6.93 -2.36 -42.53
N GLU E 464 7.45 -1.56 -43.46
CA GLU E 464 8.41 -2.08 -44.43
C GLU E 464 9.68 -2.54 -43.73
N GLU E 465 10.10 -1.82 -42.71
CA GLU E 465 11.40 -2.03 -42.08
C GLU E 465 11.25 -2.25 -40.57
N GLY E 466 12.08 -3.14 -40.04
CA GLY E 466 12.22 -3.30 -38.59
C GLY E 466 11.23 -4.22 -37.91
N ILE E 467 10.00 -3.76 -37.73
CA ILE E 467 9.03 -4.46 -36.89
C ILE E 467 8.76 -5.85 -37.47
N ASP E 468 8.70 -6.86 -36.59
CA ASP E 468 8.30 -8.19 -37.03
C ASP E 468 6.79 -8.20 -37.19
N VAL E 469 6.32 -8.73 -38.30
CA VAL E 469 4.90 -8.94 -38.55
C VAL E 469 4.73 -10.38 -39.03
N GLN E 470 3.70 -11.04 -38.51
CA GLN E 470 3.40 -12.39 -38.94
C GLN E 470 3.19 -12.42 -40.45
N ALA E 471 3.41 -13.60 -41.04
CA ALA E 471 3.36 -13.74 -42.48
C ALA E 471 1.99 -13.30 -43.01
N CYS E 472 2.02 -12.46 -44.04
CA CYS E 472 0.81 -11.88 -44.61
C CYS E 472 0.55 -12.50 -45.98
N ASN E 473 -0.68 -12.96 -46.19
CA ASN E 473 -1.02 -13.59 -47.46
C ASN E 473 -1.16 -12.55 -48.57
N HIS E 474 -1.65 -11.36 -48.23
CA HIS E 474 -1.87 -10.29 -49.20
C HIS E 474 -1.12 -9.04 -48.77
N VAL E 475 -0.56 -8.35 -49.76
CA VAL E 475 0.11 -7.06 -49.54
C VAL E 475 -0.34 -6.14 -50.67
N PHE E 476 -1.01 -5.05 -50.33
CA PHE E 476 -1.51 -4.10 -51.31
C PHE E 476 -0.65 -2.85 -51.29
N ILE E 477 0.14 -2.65 -52.35
CA ILE E 477 0.93 -1.42 -52.51
C ILE E 477 0.04 -0.45 -53.28
N LEU E 478 -0.79 0.27 -52.54
CA LEU E 478 -1.75 1.17 -53.17
C LEU E 478 -1.05 2.31 -53.91
N ASP E 479 -0.06 2.91 -53.27
CA ASP E 479 0.72 3.96 -53.91
C ASP E 479 1.88 3.37 -54.70
N PRO E 480 2.33 4.04 -55.75
CA PRO E 480 3.41 3.49 -56.58
C PRO E 480 4.69 3.28 -55.78
N VAL E 481 5.39 2.19 -56.09
CA VAL E 481 6.67 1.93 -55.45
C VAL E 481 7.69 2.93 -55.92
N LYS E 482 8.54 3.39 -55.01
CA LYS E 482 9.51 4.42 -55.33
C LYS E 482 10.96 3.96 -55.22
N THR E 483 11.28 3.11 -54.26
CA THR E 483 12.66 2.72 -54.00
C THR E 483 12.82 1.22 -54.12
N PHE E 484 14.04 0.79 -54.47
CA PHE E 484 14.33 -0.62 -54.62
C PHE E 484 14.18 -1.36 -53.30
N ASN E 485 14.68 -0.78 -52.21
CA ASN E 485 14.57 -1.44 -50.91
C ASN E 485 13.12 -1.57 -50.48
N MET E 486 12.30 -0.55 -50.76
CA MET E 486 10.88 -0.63 -50.41
C MET E 486 10.22 -1.78 -51.16
N TYR E 487 10.47 -1.89 -52.46
CA TYR E 487 9.91 -2.99 -53.23
C TYR E 487 10.35 -4.33 -52.68
N VAL E 488 11.65 -4.49 -52.43
CA VAL E 488 12.18 -5.77 -51.98
C VAL E 488 11.59 -6.15 -50.62
N GLN E 489 11.54 -5.20 -49.69
CA GLN E 489 11.10 -5.51 -48.33
C GLN E 489 9.59 -5.67 -48.23
N SER E 490 8.81 -4.89 -48.98
CA SER E 490 7.38 -5.14 -49.03
C SER E 490 7.06 -6.47 -49.69
N LYS E 491 7.82 -6.85 -50.72
CA LYS E 491 7.66 -8.17 -51.30
C LYS E 491 8.00 -9.26 -50.29
N GLY E 492 9.03 -9.05 -49.47
CA GLY E 492 9.36 -9.98 -48.41
C GLY E 492 8.40 -10.01 -47.26
N ARG E 493 7.57 -8.97 -47.11
CA ARG E 493 6.55 -9.00 -46.06
C ARG E 493 5.54 -10.11 -46.29
N ALA E 494 5.14 -10.34 -47.54
CA ALA E 494 4.22 -11.43 -47.89
C ALA E 494 5.00 -12.75 -47.87
N ARG E 495 5.33 -13.19 -46.65
CA ARG E 495 6.22 -14.31 -46.44
C ARG E 495 5.52 -15.65 -46.35
N THR E 496 4.19 -15.69 -46.34
CA THR E 496 3.50 -16.96 -46.25
C THR E 496 3.49 -17.65 -47.62
N THR E 497 3.13 -18.93 -47.60
CA THR E 497 3.07 -19.70 -48.83
C THR E 497 1.95 -19.21 -49.72
N GLU E 498 2.24 -19.12 -51.02
CA GLU E 498 1.27 -18.80 -52.06
C GLU E 498 0.71 -17.38 -51.87
N ALA E 499 1.42 -16.57 -51.08
CA ALA E 499 1.01 -15.21 -50.82
C ALA E 499 0.92 -14.39 -52.10
N LYS E 500 0.10 -13.34 -52.06
CA LYS E 500 -0.20 -12.51 -53.21
C LYS E 500 0.31 -11.09 -52.99
N PHE E 501 1.06 -10.59 -53.96
CA PHE E 501 1.61 -9.24 -53.93
C PHE E 501 0.92 -8.41 -55.01
N VAL E 502 0.32 -7.29 -54.62
CA VAL E 502 -0.57 -6.54 -55.48
C VAL E 502 -0.02 -5.14 -55.69
N LEU E 503 0.04 -4.71 -56.94
CA LEU E 503 0.50 -3.37 -57.32
C LEU E 503 -0.65 -2.61 -57.95
N PHE E 504 -0.89 -1.38 -57.48
CA PHE E 504 -1.91 -0.51 -58.04
C PHE E 504 -1.24 0.60 -58.83
N THR E 505 -1.31 0.53 -60.16
CA THR E 505 -0.76 1.55 -61.03
C THR E 505 -1.79 1.95 -62.08
N ALA E 506 -1.75 3.23 -62.47
CA ALA E 506 -2.67 3.74 -63.45
C ALA E 506 -2.27 3.26 -64.86
N ASP E 507 -3.17 3.51 -65.81
CA ASP E 507 -2.94 3.03 -67.18
C ASP E 507 -1.75 3.74 -67.82
N LYS E 508 -1.64 5.05 -67.64
CA LYS E 508 -0.60 5.83 -68.32
C LYS E 508 0.81 5.52 -67.81
N GLU E 509 0.94 4.96 -66.61
CA GLU E 509 2.24 4.66 -66.03
C GLU E 509 2.54 3.17 -66.02
N ARG E 510 1.76 2.36 -66.74
CA ARG E 510 2.00 0.93 -66.77
C ARG E 510 3.37 0.60 -67.33
N GLU E 511 3.74 1.20 -68.45
CA GLU E 511 5.05 0.93 -69.03
C GLU E 511 6.17 1.33 -68.08
N LYS E 512 6.06 2.50 -67.47
CA LYS E 512 7.13 2.99 -66.61
C LYS E 512 7.26 2.14 -65.36
N THR E 513 6.13 1.70 -64.79
CA THR E 513 6.23 0.87 -63.58
C THR E 513 6.71 -0.54 -63.91
N ILE E 514 6.35 -1.07 -65.09
CA ILE E 514 6.87 -2.36 -65.49
C ILE E 514 8.38 -2.28 -65.70
N GLN E 515 8.84 -1.21 -66.34
CA GLN E 515 10.28 -1.03 -66.50
C GLN E 515 10.98 -0.87 -65.16
N GLN E 516 10.37 -0.14 -64.23
CA GLN E 516 10.97 0.02 -62.91
C GLN E 516 11.09 -1.33 -62.18
N ILE E 517 10.03 -2.14 -62.22
CA ILE E 517 10.10 -3.45 -61.60
C ILE E 517 11.13 -4.32 -62.29
N TYR E 518 11.26 -4.20 -63.61
CA TYR E 518 12.26 -4.97 -64.33
C TYR E 518 13.67 -4.57 -63.93
N GLN E 519 13.92 -3.27 -63.75
CA GLN E 519 15.22 -2.82 -63.27
C GLN E 519 15.48 -3.32 -61.85
N TYR E 520 14.45 -3.32 -61.00
CA TYR E 520 14.64 -3.85 -59.66
C TYR E 520 15.01 -5.33 -59.69
N ARG E 521 14.32 -6.12 -60.52
CA ARG E 521 14.62 -7.54 -60.61
C ARG E 521 16.01 -7.76 -61.18
N LYS E 522 16.40 -6.99 -62.20
CA LYS E 522 17.72 -7.15 -62.78
C LYS E 522 18.81 -6.73 -61.80
N ALA E 523 18.52 -5.72 -60.97
CA ALA E 523 19.47 -5.35 -59.92
C ALA E 523 19.63 -6.48 -58.91
N HIS E 524 18.52 -7.12 -58.55
CA HIS E 524 18.60 -8.28 -57.67
C HIS E 524 19.44 -9.38 -58.28
N ASN E 525 19.25 -9.64 -59.58
CA ASN E 525 20.02 -10.70 -60.25
C ASN E 525 21.51 -10.35 -60.33
N ASP E 526 21.85 -9.10 -60.63
CA ASP E 526 23.24 -8.70 -60.63
C ASP E 526 23.86 -8.79 -59.23
N ILE E 527 23.10 -8.42 -58.20
CA ILE E 527 23.60 -8.61 -56.84
C ILE E 527 23.91 -10.07 -56.59
N ALA E 528 22.98 -10.95 -56.96
CA ALA E 528 23.18 -12.38 -56.75
C ALA E 528 24.41 -12.89 -57.50
N GLU E 529 24.53 -12.52 -58.78
CA GLU E 529 25.63 -13.05 -59.58
C GLU E 529 26.98 -12.46 -59.18
N TYR E 530 26.99 -11.19 -58.76
CA TYR E 530 28.24 -10.59 -58.28
C TYR E 530 28.69 -11.24 -56.99
N LEU E 531 27.75 -11.52 -56.07
CA LEU E 531 28.10 -12.28 -54.88
C LEU E 531 28.43 -13.73 -55.25
N LYS E 532 28.01 -14.17 -56.43
CA LYS E 532 28.21 -15.54 -56.85
C LYS E 532 29.64 -15.76 -57.33
N ASP E 533 30.02 -15.10 -58.42
CA ASP E 533 31.27 -15.41 -59.11
C ASP E 533 32.49 -14.85 -58.39
N ARG E 534 32.34 -13.77 -57.63
CA ARG E 534 33.49 -13.09 -57.04
C ARG E 534 34.18 -13.99 -56.01
N VAL E 535 35.51 -14.06 -56.09
CA VAL E 535 36.33 -14.86 -55.20
C VAL E 535 37.49 -14.00 -54.71
N LEU E 536 37.77 -14.06 -53.41
CA LEU E 536 38.88 -13.31 -52.83
C LEU E 536 39.48 -14.11 -51.69
N GLU E 537 40.81 -14.25 -51.72
CA GLU E 537 41.49 -14.99 -50.65
C GLU E 537 41.57 -14.16 -49.37
N LYS E 538 41.85 -12.86 -49.49
CA LYS E 538 42.00 -12.01 -48.31
C LYS E 538 40.67 -11.76 -47.62
N THR E 539 39.57 -11.71 -48.39
CA THR E 539 38.19 -11.62 -47.90
C THR E 539 37.97 -10.47 -46.92
N GLU E 540 38.93 -9.54 -46.85
CA GLU E 540 38.83 -8.39 -45.97
C GLU E 540 39.47 -7.19 -46.67
N PRO E 541 38.83 -6.03 -46.65
CA PRO E 541 39.43 -4.85 -47.28
C PRO E 541 40.71 -4.44 -46.57
N GLU E 542 41.66 -3.92 -47.34
CA GLU E 542 42.94 -3.50 -46.79
C GLU E 542 42.80 -2.20 -46.02
N LEU E 543 43.85 -1.87 -45.27
CA LEU E 543 43.82 -0.67 -44.43
C LEU E 543 43.79 0.60 -45.27
N TYR E 544 44.47 0.58 -46.42
CA TYR E 544 44.61 1.80 -47.22
C TYR E 544 43.26 2.29 -47.73
N GLU E 545 42.41 1.38 -48.21
CA GLU E 545 41.12 1.80 -48.73
C GLU E 545 40.17 2.19 -47.61
N ILE E 546 40.28 1.53 -46.45
CA ILE E 546 39.48 1.92 -45.30
C ILE E 546 39.83 3.33 -44.86
N LYS E 547 41.13 3.65 -44.83
CA LYS E 547 41.55 5.01 -44.51
C LYS E 547 41.06 6.00 -45.56
N GLY E 548 41.19 5.66 -46.85
CA GLY E 548 40.74 6.54 -47.90
C GLY E 548 39.24 6.78 -47.90
N HIS E 549 38.46 5.82 -47.37
CA HIS E 549 37.01 5.98 -47.33
C HIS E 549 36.59 7.12 -46.40
N PHE E 550 37.30 7.30 -45.29
CA PHE E 550 36.89 8.23 -44.25
C PHE E 550 37.67 9.54 -44.26
N GLN E 551 38.76 9.64 -45.03
CA GLN E 551 39.59 10.83 -44.97
C GLN E 551 38.95 12.06 -45.62
N ASP E 552 37.84 11.88 -46.33
CA ASP E 552 37.19 13.01 -47.00
C ASP E 552 36.67 14.02 -45.98
N ASP E 553 36.12 13.54 -44.87
CA ASP E 553 35.49 14.41 -43.88
C ASP E 553 36.55 15.01 -42.95
N ILE E 554 36.09 15.81 -41.99
CA ILE E 554 36.99 16.47 -41.06
C ILE E 554 37.55 15.47 -40.06
N ASP E 555 38.84 15.57 -39.80
CA ASP E 555 39.48 14.69 -38.83
C ASP E 555 38.90 14.93 -37.44
N PRO E 556 38.48 13.87 -36.74
CA PRO E 556 37.93 14.05 -35.39
C PRO E 556 38.99 14.47 -34.38
N PHE E 557 38.55 14.91 -33.20
CA PHE E 557 39.44 15.42 -32.17
C PHE E 557 39.33 14.53 -30.93
N THR E 558 40.49 14.09 -30.43
CA THR E 558 40.57 13.28 -29.22
C THR E 558 41.50 13.95 -28.23
N ASN E 559 41.17 13.84 -26.95
CA ASN E 559 41.99 14.40 -25.89
C ASN E 559 42.86 13.30 -25.27
N GLU E 560 43.62 13.67 -24.23
CA GLU E 560 44.50 12.72 -23.58
C GLU E 560 43.73 11.63 -22.83
N ASN E 561 42.45 11.85 -22.53
CA ASN E 561 41.65 10.87 -21.83
C ASN E 561 41.02 9.83 -22.75
N GLY E 562 41.12 10.02 -24.06
CA GLY E 562 40.57 9.06 -25.01
C GLY E 562 39.21 9.43 -25.57
N ALA E 563 38.52 10.40 -24.97
CA ALA E 563 37.23 10.83 -25.51
C ALA E 563 37.42 11.47 -26.88
N VAL E 564 36.50 11.17 -27.79
CA VAL E 564 36.59 11.61 -29.18
C VAL E 564 35.40 12.51 -29.49
N LEU E 565 35.67 13.66 -30.08
CA LEU E 565 34.65 14.61 -30.49
C LEU E 565 34.45 14.45 -31.99
N LEU E 566 33.38 13.77 -32.39
CA LEU E 566 33.10 13.59 -33.80
C LEU E 566 32.55 14.89 -34.38
N PRO E 567 33.13 15.40 -35.48
CA PRO E 567 32.62 16.66 -36.04
C PRO E 567 31.16 16.58 -36.45
N ASN E 568 30.68 15.41 -36.85
CA ASN E 568 29.27 15.25 -37.19
C ASN E 568 28.37 15.32 -35.96
N ASN E 569 28.91 15.06 -34.77
CA ASN E 569 28.17 15.21 -33.52
C ASN E 569 28.37 16.57 -32.88
N ALA E 570 29.19 17.44 -33.48
CA ALA E 570 29.51 18.71 -32.86
C ALA E 570 28.28 19.61 -32.75
N LEU E 571 27.46 19.66 -33.80
CA LEU E 571 26.27 20.50 -33.75
C LEU E 571 25.29 19.99 -32.70
N ALA E 572 25.13 18.67 -32.61
CA ALA E 572 24.25 18.11 -31.59
C ALA E 572 24.76 18.43 -30.19
N ILE E 573 26.07 18.30 -29.97
CA ILE E 573 26.64 18.62 -28.66
C ILE E 573 26.47 20.09 -28.33
N LEU E 574 26.68 20.96 -29.32
CA LEU E 574 26.56 22.39 -29.09
C LEU E 574 25.12 22.77 -28.74
N HIS E 575 24.16 22.21 -29.47
CA HIS E 575 22.76 22.47 -29.13
C HIS E 575 22.39 21.88 -27.79
N ARG E 576 23.02 20.77 -27.42
CA ARG E 576 22.83 20.20 -26.08
C ARG E 576 23.33 21.16 -25.01
N TYR E 577 24.50 21.76 -25.24
CA TYR E 577 25.04 22.72 -24.28
C TYR E 577 24.17 23.97 -24.17
N CYS E 578 23.73 24.49 -25.31
CA CYS E 578 22.90 25.69 -25.28
C CYS E 578 21.57 25.43 -24.58
N GLN E 579 21.19 24.17 -24.44
CA GLN E 579 19.96 23.76 -23.74
C GLN E 579 20.08 23.80 -22.22
N THR E 580 21.24 23.43 -21.64
CA THR E 580 21.41 23.43 -20.20
C THR E 580 21.77 24.79 -19.62
N ILE E 581 22.29 25.71 -20.44
CA ILE E 581 22.66 27.03 -19.93
C ILE E 581 21.46 27.86 -19.47
N PRO E 582 20.33 27.94 -20.18
CA PRO E 582 19.26 28.82 -19.72
C PRO E 582 18.71 28.36 -18.38
N THR E 583 18.33 29.32 -17.56
CA THR E 583 17.78 29.08 -16.24
C THR E 583 16.34 29.55 -16.16
N ASP E 584 15.65 29.53 -17.29
CA ASP E 584 14.27 30.00 -17.36
C ASP E 584 13.57 29.30 -18.51
N ALA E 585 12.24 29.28 -18.45
CA ALA E 585 11.45 28.66 -19.51
C ALA E 585 11.58 29.42 -20.82
N PHE E 586 11.64 30.75 -20.76
CA PHE E 586 11.72 31.58 -21.95
C PHE E 586 13.15 31.94 -22.33
N GLY E 587 14.14 31.41 -21.62
CA GLY E 587 15.53 31.73 -21.88
C GLY E 587 16.18 30.92 -22.97
N PHE E 588 15.45 30.05 -23.64
CA PHE E 588 16.01 29.21 -24.69
C PHE E 588 16.22 30.01 -25.96
N VAL E 589 17.47 30.11 -26.40
CA VAL E 589 17.81 30.65 -27.70
C VAL E 589 18.91 29.78 -28.31
N ILE E 590 18.67 29.29 -29.52
CA ILE E 590 19.64 28.46 -30.23
C ILE E 590 20.69 29.37 -30.84
N PRO E 591 21.90 28.86 -31.12
CA PRO E 591 22.91 29.71 -31.76
C PRO E 591 22.45 30.24 -33.10
N TRP E 592 22.84 31.47 -33.41
CA TRP E 592 22.48 32.11 -34.66
C TRP E 592 23.56 31.79 -35.69
N PHE E 593 23.22 31.01 -36.70
CA PHE E 593 24.14 30.69 -37.79
C PHE E 593 24.00 31.73 -38.88
N HIS E 594 25.12 32.30 -39.31
CA HIS E 594 25.13 33.34 -40.32
C HIS E 594 26.14 32.97 -41.40
N VAL E 595 25.74 33.11 -42.66
CA VAL E 595 26.64 32.85 -43.79
C VAL E 595 27.24 34.17 -44.23
N LEU E 596 28.58 34.22 -44.26
CA LEU E 596 29.27 35.45 -44.61
C LEU E 596 29.13 35.75 -46.10
N GLN E 597 28.97 37.02 -46.42
CA GLN E 597 28.86 37.44 -47.81
C GLN E 597 30.24 37.45 -48.47
N GLU E 598 30.26 37.72 -49.77
CA GLU E 598 31.51 37.73 -50.52
C GLU E 598 32.48 38.77 -49.97
N ASP E 599 32.00 40.01 -49.80
CA ASP E 599 32.86 41.08 -49.32
C ASP E 599 33.38 40.79 -47.91
N GLU E 600 32.50 40.32 -47.02
CA GLU E 600 32.91 39.99 -45.66
C GLU E 600 33.92 38.85 -45.66
N ARG E 601 33.67 37.82 -46.47
CA ARG E 601 34.59 36.69 -46.54
C ARG E 601 35.96 37.13 -47.03
N ASP E 602 36.00 37.96 -48.07
CA ASP E 602 37.29 38.47 -48.55
C ASP E 602 37.98 39.28 -47.47
N ARG E 603 37.28 40.25 -46.87
CA ARG E 603 37.87 41.12 -45.88
C ARG E 603 38.44 40.32 -44.70
N ILE E 604 37.79 39.22 -44.34
CA ILE E 604 38.24 38.45 -43.18
C ILE E 604 39.39 37.53 -43.55
N PHE E 605 39.23 36.76 -44.64
CA PHE E 605 40.13 35.65 -44.91
C PHE E 605 41.17 35.95 -45.99
N GLY E 606 41.30 37.19 -46.46
CA GLY E 606 42.31 37.39 -47.47
C GLY E 606 41.91 36.76 -48.79
N VAL E 607 42.94 36.42 -49.58
CA VAL E 607 42.71 35.81 -50.90
C VAL E 607 42.66 34.29 -50.84
N SER E 608 42.61 33.69 -49.65
CA SER E 608 42.68 32.25 -49.51
C SER E 608 41.33 31.57 -49.45
N ALA E 609 40.23 32.29 -49.63
CA ALA E 609 38.89 31.74 -49.46
C ALA E 609 37.99 32.05 -50.65
N LYS E 610 38.57 32.23 -51.82
CA LYS E 610 37.80 32.38 -53.05
C LYS E 610 37.28 31.03 -53.49
N GLY E 611 36.00 30.97 -53.86
CA GLY E 611 35.38 29.73 -54.28
C GLY E 611 34.94 28.82 -53.15
N LYS E 612 35.04 29.27 -51.91
CA LYS E 612 34.70 28.45 -50.75
C LYS E 612 33.71 29.20 -49.87
N HIS E 613 33.00 28.45 -49.03
CA HIS E 613 31.97 29.01 -48.18
C HIS E 613 32.43 29.01 -46.73
N VAL E 614 32.04 30.07 -46.01
CA VAL E 614 32.38 30.22 -44.60
C VAL E 614 31.12 30.54 -43.81
N ILE E 615 31.05 30.02 -42.60
CA ILE E 615 29.89 30.17 -41.73
C ILE E 615 30.35 30.76 -40.40
N SER E 616 29.71 31.84 -39.97
CA SER E 616 29.96 32.45 -38.68
C SER E 616 28.79 32.15 -37.75
N ILE E 617 29.11 31.77 -36.52
CA ILE E 617 28.11 31.37 -35.53
C ILE E 617 28.15 32.35 -34.37
N ASN E 618 26.98 32.83 -33.96
CA ASN E 618 26.84 33.76 -32.85
C ASN E 618 26.23 33.03 -31.67
N MET E 619 27.03 32.80 -30.64
CA MET E 619 26.58 32.14 -29.43
C MET E 619 25.60 33.06 -28.70
N PRO E 620 24.64 32.51 -27.96
CA PRO E 620 23.72 33.35 -27.21
C PRO E 620 24.45 34.23 -26.20
N VAL E 621 23.74 35.28 -25.78
CA VAL E 621 24.33 36.32 -24.94
C VAL E 621 24.79 35.74 -23.61
N ASN E 622 24.05 34.78 -23.06
CA ASN E 622 24.37 34.25 -21.73
C ASN E 622 25.73 33.56 -21.72
N CYS E 623 26.06 32.80 -22.76
CA CYS E 623 27.24 31.96 -22.73
C CYS E 623 28.52 32.78 -22.79
N MET E 624 29.63 32.12 -22.44
CA MET E 624 30.92 32.80 -22.38
C MET E 624 31.43 33.18 -23.76
N LEU E 625 31.14 32.38 -24.78
CA LEU E 625 31.61 32.67 -26.13
C LEU E 625 30.87 33.89 -26.68
N ARG E 626 31.64 34.90 -27.07
CA ARG E 626 31.10 36.07 -27.76
C ARG E 626 32.07 36.52 -28.84
N ASP E 627 32.81 35.58 -29.40
CA ASP E 627 33.86 35.89 -30.36
C ASP E 627 33.48 35.57 -31.79
N THR E 628 32.24 35.14 -32.05
CA THR E 628 31.75 34.87 -33.40
C THR E 628 32.67 33.88 -34.13
N ILE E 629 32.68 32.65 -33.61
CA ILE E 629 33.55 31.62 -34.15
C ILE E 629 33.33 31.48 -35.65
N TYR E 630 34.41 31.51 -36.40
CA TYR E 630 34.38 31.45 -37.85
C TYR E 630 34.82 30.07 -38.31
N SER E 631 34.01 29.45 -39.16
CA SER E 631 34.37 28.17 -39.73
C SER E 631 35.50 28.32 -40.75
N ASP E 632 36.19 27.21 -41.00
CA ASP E 632 37.20 27.19 -42.04
C ASP E 632 36.53 27.30 -43.42
N PRO E 633 37.27 27.78 -44.42
CA PRO E 633 36.71 27.79 -45.78
C PRO E 633 36.51 26.39 -46.32
N MET E 634 35.25 25.99 -46.53
CA MET E 634 34.93 24.66 -47.03
C MET E 634 34.21 24.77 -48.36
N ASP E 635 34.05 23.60 -49.01
CA ASP E 635 33.50 23.56 -50.35
C ASP E 635 32.03 23.97 -50.39
N ASN E 636 31.23 23.44 -49.47
CA ASN E 636 29.81 23.73 -49.45
C ASN E 636 29.39 24.21 -48.06
N VAL E 637 28.12 24.57 -47.94
CA VAL E 637 27.61 25.18 -46.73
C VAL E 637 27.53 24.17 -45.59
N LYS E 638 27.17 22.92 -45.89
CA LYS E 638 27.02 21.93 -44.82
C LYS E 638 28.35 21.66 -44.13
N THR E 639 29.43 21.51 -44.91
CA THR E 639 30.75 21.32 -44.33
C THR E 639 31.17 22.53 -43.51
N ALA E 640 30.83 23.73 -44.00
CA ALA E 640 31.16 24.95 -43.24
C ALA E 640 30.43 24.97 -41.90
N LYS E 641 29.14 24.62 -41.91
CA LYS E 641 28.38 24.58 -40.66
C LYS E 641 28.95 23.55 -39.70
N ILE E 642 29.31 22.38 -40.21
CA ILE E 642 29.90 21.35 -39.36
C ILE E 642 31.21 21.83 -38.77
N SER E 643 32.05 22.47 -39.58
CA SER E 643 33.33 22.99 -39.09
C SER E 643 33.11 24.07 -38.04
N ALA E 644 32.12 24.93 -38.24
CA ALA E 644 31.83 25.97 -37.25
C ALA E 644 31.40 25.36 -35.93
N ALA E 645 30.51 24.37 -35.97
CA ALA E 645 30.09 23.71 -34.74
C ALA E 645 31.26 23.00 -34.07
N PHE E 646 32.13 22.38 -34.87
CA PHE E 646 33.29 21.68 -34.32
C PHE E 646 34.23 22.64 -33.63
N LYS E 647 34.51 23.79 -34.26
CA LYS E 647 35.37 24.79 -33.64
C LYS E 647 34.74 25.35 -32.38
N ALA E 648 33.42 25.58 -32.40
CA ALA E 648 32.74 26.07 -31.20
C ALA E 648 32.85 25.08 -30.06
N CYS E 649 32.63 23.80 -30.34
CA CYS E 649 32.75 22.79 -29.30
C CYS E 649 34.17 22.68 -28.78
N LYS E 650 35.17 22.76 -29.67
CA LYS E 650 36.56 22.72 -29.23
C LYS E 650 36.91 23.89 -28.34
N VAL E 651 36.46 25.10 -28.72
CA VAL E 651 36.79 26.27 -27.91
C VAL E 651 36.03 26.24 -26.59
N LEU E 652 34.84 25.64 -26.57
CA LEU E 652 34.13 25.46 -25.32
C LEU E 652 34.86 24.49 -24.40
N TYR E 653 35.36 23.39 -24.97
CA TYR E 653 36.12 22.43 -24.19
C TYR E 653 37.38 23.05 -23.63
N SER E 654 38.06 23.88 -24.42
CA SER E 654 39.24 24.59 -23.92
C SER E 654 38.86 25.55 -22.80
N LEU E 655 37.61 26.03 -22.79
CA LEU E 655 37.14 26.91 -21.73
C LEU E 655 36.61 26.14 -20.52
N GLY E 656 36.61 24.82 -20.56
CA GLY E 656 36.17 24.01 -19.44
C GLY E 656 34.68 23.77 -19.35
N GLU E 657 33.91 24.16 -20.35
CA GLU E 657 32.47 23.94 -20.33
C GLU E 657 32.09 22.50 -20.67
N LEU E 658 33.00 21.73 -21.24
CA LEU E 658 32.83 20.30 -21.44
C LEU E 658 33.71 19.56 -20.44
N ASN E 659 33.12 18.60 -19.74
CA ASN E 659 33.80 17.90 -18.64
C ASN E 659 34.72 16.81 -19.18
N GLU E 660 35.69 17.25 -20.00
CA GLU E 660 36.73 16.40 -20.58
C GLU E 660 36.16 15.15 -21.26
N ARG E 661 34.85 15.15 -21.51
CA ARG E 661 34.19 14.10 -22.28
C ARG E 661 33.29 14.68 -23.37
N PHE E 662 33.37 15.99 -23.61
CA PHE E 662 32.58 16.65 -24.64
C PHE E 662 31.08 16.46 -24.42
N VAL E 663 30.68 16.46 -23.15
CA VAL E 663 29.27 16.52 -22.76
C VAL E 663 29.18 17.65 -21.74
N PRO E 664 28.17 18.53 -21.83
CA PRO E 664 28.17 19.75 -21.01
C PRO E 664 28.24 19.44 -19.52
N LYS E 665 29.01 20.25 -18.81
CA LYS E 665 29.18 20.07 -17.37
C LYS E 665 27.86 20.27 -16.64
N THR E 666 27.56 19.36 -15.73
CA THR E 666 26.38 19.53 -14.88
C THR E 666 26.76 20.29 -13.62
N LEU E 667 25.75 20.56 -12.79
CA LEU E 667 25.98 21.31 -11.56
C LEU E 667 26.86 20.53 -10.60
N LYS E 668 26.71 19.21 -10.57
CA LYS E 668 27.46 18.40 -9.62
C LYS E 668 28.96 18.47 -9.87
N GLU E 669 29.38 18.41 -11.14
CA GLU E 669 30.81 18.53 -11.41
C GLU E 669 31.32 19.93 -11.09
N ARG E 670 30.49 20.96 -11.33
CA ARG E 670 30.89 22.32 -11.02
C ARG E 670 31.12 22.50 -9.53
N VAL E 671 30.24 21.93 -8.69
CA VAL E 671 30.45 22.06 -7.25
C VAL E 671 31.53 21.11 -6.74
N ALA E 672 31.76 19.98 -7.41
CA ALA E 672 32.85 19.11 -7.01
C ALA E 672 34.20 19.75 -7.30
N SER E 673 34.30 20.51 -8.39
CA SER E 673 35.52 21.22 -8.71
C SER E 673 35.82 22.34 -7.71
N ILE E 674 34.86 22.70 -6.86
CA ILE E 674 35.03 23.80 -5.91
C ILE E 674 35.00 23.32 -4.47
N ALA E 675 34.60 22.09 -4.21
CA ALA E 675 34.53 21.58 -2.84
C ALA E 675 35.89 21.62 -2.16
N ASP E 676 36.94 21.16 -2.85
CA ASP E 676 38.25 21.04 -2.23
C ASP E 676 38.87 22.38 -1.85
N VAL E 677 38.38 23.49 -2.39
CA VAL E 677 38.92 24.81 -2.08
C VAL E 677 37.99 25.59 -1.16
N HIS E 678 36.67 25.41 -1.29
CA HIS E 678 35.74 26.18 -0.48
C HIS E 678 35.13 25.39 0.67
N PHE E 679 35.15 24.06 0.62
CA PHE E 679 34.56 23.23 1.66
C PHE E 679 35.57 22.21 2.17
N GLU E 680 36.82 22.66 2.35
CA GLU E 680 37.87 21.75 2.80
C GLU E 680 37.66 21.30 4.24
N HIS E 681 37.02 22.14 5.06
CA HIS E 681 36.84 21.82 6.47
C HIS E 681 35.78 20.75 6.71
N TRP E 682 34.97 20.41 5.70
CA TRP E 682 33.96 19.38 5.87
C TRP E 682 34.57 18.00 6.05
N ASN E 683 35.79 17.79 5.54
CA ASN E 683 36.38 16.45 5.51
C ASN E 683 36.62 15.89 6.91
N LYS E 684 37.06 16.72 7.86
CA LYS E 684 37.38 16.22 9.20
C LYS E 684 36.15 15.70 9.92
N TYR E 685 34.95 16.08 9.50
CA TYR E 685 33.72 15.62 10.10
C TYR E 685 33.06 14.49 9.31
N GLY E 686 33.76 13.92 8.35
CA GLY E 686 33.23 12.79 7.61
C GLY E 686 32.14 13.13 6.63
N ASP E 687 32.06 14.38 6.18
CA ASP E 687 31.05 14.80 5.23
C ASP E 687 31.70 15.56 4.09
N SER E 688 31.03 15.53 2.93
CA SER E 688 31.45 16.29 1.76
C SER E 688 30.24 16.96 1.14
N VAL E 689 30.45 18.15 0.58
CA VAL E 689 29.35 18.89 -0.03
C VAL E 689 28.84 18.19 -1.28
N THR E 690 29.67 17.37 -1.93
CA THR E 690 29.24 16.67 -3.14
C THR E 690 28.18 15.62 -2.83
N ALA E 691 28.38 14.87 -1.76
CA ALA E 691 27.46 13.80 -1.41
C ALA E 691 26.10 14.36 -0.99
N THR E 692 25.04 13.66 -1.38
CA THR E 692 23.67 14.08 -1.08
C THR E 692 23.00 13.17 -0.06
N VAL E 693 23.74 12.24 0.55
CA VAL E 693 23.14 11.32 1.51
C VAL E 693 22.71 12.06 2.78
N ASN E 694 23.52 13.03 3.22
CA ASN E 694 23.27 13.73 4.46
C ASN E 694 22.30 14.89 4.31
N LYS E 695 21.73 15.09 3.13
CA LYS E 695 20.72 16.13 2.95
C LYS E 695 19.35 15.73 3.48
N ALA E 696 19.13 14.44 3.73
CA ALA E 696 17.82 13.99 4.20
C ALA E 696 17.58 14.33 5.66
N ASP E 697 18.58 14.13 6.52
CA ASP E 697 18.42 14.35 7.96
C ASP E 697 18.73 15.81 8.30
N LYS E 698 17.76 16.67 7.98
CA LYS E 698 17.88 18.10 8.24
C LYS E 698 17.69 18.45 9.72
N SER E 699 17.08 17.57 10.51
CA SER E 699 16.77 17.85 11.91
C SER E 699 17.68 17.05 12.84
N LYS E 700 18.95 16.94 12.49
CA LYS E 700 19.91 16.24 13.34
C LYS E 700 20.40 17.16 14.44
N ASP E 701 21.14 16.59 15.39
CA ASP E 701 21.75 17.36 16.47
C ASP E 701 22.95 16.60 16.98
N ARG E 702 23.82 17.32 17.69
CA ARG E 702 25.08 16.75 18.16
C ARG E 702 25.26 17.09 19.63
N THR E 703 26.15 16.35 20.27
CA THR E 703 26.46 16.54 21.69
C THR E 703 27.79 17.26 21.83
N TYR E 704 27.79 18.35 22.58
CA TYR E 704 28.95 19.20 22.75
C TYR E 704 29.37 19.24 24.20
N LYS E 705 30.68 19.15 24.44
CA LYS E 705 31.22 19.19 25.80
C LYS E 705 31.33 20.64 26.25
N THR E 706 30.42 21.05 27.12
CA THR E 706 30.43 22.43 27.61
C THR E 706 31.65 22.68 28.47
N GLU E 707 32.16 23.90 28.40
CA GLU E 707 33.34 24.32 29.14
C GLU E 707 33.05 25.64 29.85
N CYS E 708 33.47 25.73 31.12
CA CYS E 708 33.23 26.92 31.91
C CYS E 708 34.09 28.07 31.41
N PRO E 709 33.69 29.31 31.68
CA PRO E 709 34.55 30.44 31.35
C PRO E 709 35.88 30.34 32.08
N LEU E 710 36.94 30.84 31.42
CA LEU E 710 38.29 30.68 31.94
C LEU E 710 38.43 31.22 33.35
N GLU E 711 37.65 32.24 33.71
CA GLU E 711 37.67 32.75 35.08
C GLU E 711 37.18 31.71 36.07
N PHE E 712 36.15 30.95 35.71
CA PHE E 712 35.61 29.95 36.61
C PHE E 712 36.48 28.71 36.71
N TYR E 713 37.37 28.48 35.74
CA TYR E 713 38.26 27.34 35.80
C TYR E 713 39.37 27.59 36.80
N ASP E 714 39.60 26.61 37.69
CA ASP E 714 40.66 26.68 38.69
C ASP E 714 40.55 27.95 39.54
N ALA E 715 39.33 28.29 39.93
CA ALA E 715 39.08 29.49 40.71
C ALA E 715 38.86 29.22 42.19
N LEU E 716 39.10 27.99 42.65
CA LEU E 716 38.91 27.67 44.05
C LEU E 716 39.96 28.38 44.90
N PRO E 717 39.57 29.21 45.88
CA PRO E 717 40.57 29.91 46.68
C PRO E 717 41.43 28.95 47.48
N ARG E 718 42.68 29.35 47.71
CA ARG E 718 43.65 28.52 48.38
C ARG E 718 44.22 29.24 49.60
N VAL E 719 44.69 28.45 50.55
CA VAL E 719 45.25 28.99 51.79
C VAL E 719 46.60 29.63 51.48
N GLY E 720 46.82 30.84 51.98
CA GLY E 720 48.07 31.53 51.75
C GLY E 720 48.18 32.21 50.42
N GLU E 721 47.09 32.31 49.67
CA GLU E 721 47.09 32.94 48.36
C GLU E 721 46.04 34.05 48.33
N ILE E 722 46.27 35.02 47.44
CA ILE E 722 45.33 36.11 47.27
C ILE E 722 44.08 35.60 46.56
N CYS E 723 42.92 35.96 47.10
CA CYS E 723 41.64 35.61 46.51
C CYS E 723 40.76 36.85 46.46
N TYR E 724 39.92 36.92 45.43
CA TYR E 724 39.10 38.10 45.17
C TYR E 724 37.63 37.76 45.35
N ALA E 725 36.92 38.57 46.12
CA ALA E 725 35.50 38.42 46.36
C ALA E 725 34.76 39.59 45.74
N TYR E 726 33.78 39.29 44.89
CA TYR E 726 33.00 40.31 44.19
C TYR E 726 31.62 40.37 44.81
N GLU E 727 31.34 41.43 45.55
CA GLU E 727 30.05 41.57 46.21
C GLU E 727 28.94 41.73 45.18
N ILE E 728 27.85 41.01 45.38
CA ILE E 728 26.71 41.05 44.48
C ILE E 728 25.67 41.97 45.09
N PHE E 729 25.31 43.02 44.36
CA PHE E 729 24.34 44.01 44.82
C PHE E 729 23.02 43.80 44.07
N LEU E 730 21.94 43.69 44.81
CA LEU E 730 20.61 43.57 44.25
C LEU E 730 19.83 44.84 44.53
N GLU E 731 19.37 45.50 43.46
CA GLU E 731 18.63 46.75 43.60
C GLU E 731 17.17 46.53 43.21
N PRO E 732 16.23 46.64 44.15
CA PRO E 732 14.81 46.50 43.78
C PRO E 732 14.35 47.72 42.99
N GLN E 733 13.69 47.46 41.86
CA GLN E 733 13.19 48.53 41.01
C GLN E 733 11.73 48.86 41.28
N PHE E 734 10.98 47.95 41.89
CA PHE E 734 9.58 48.19 42.15
C PHE E 734 9.40 49.23 43.25
N GLU E 735 8.29 49.96 43.19
CA GLU E 735 7.98 50.95 44.20
C GLU E 735 7.60 50.27 45.51
N SER E 736 7.97 50.90 46.62
CA SER E 736 7.66 50.35 47.93
C SER E 736 6.19 50.57 48.27
N CYS E 737 5.55 49.49 48.71
CA CYS E 737 4.16 49.55 49.16
C CYS E 737 3.98 48.56 50.31
N GLU E 738 2.76 48.45 50.81
CA GLU E 738 2.49 47.56 51.93
C GLU E 738 2.76 46.10 51.54
N TYR E 739 2.47 45.74 50.30
CA TYR E 739 2.65 44.36 49.86
C TYR E 739 4.13 44.05 49.62
N THR E 740 4.89 45.00 49.06
CA THR E 740 6.27 44.79 48.69
C THR E 740 7.25 45.40 49.69
N GLU E 741 6.77 45.79 50.88
CA GLU E 741 7.65 46.44 51.85
C GLU E 741 8.76 45.51 52.29
N HIS E 742 8.45 44.25 52.55
CA HIS E 742 9.45 43.33 53.10
C HIS E 742 10.61 43.13 52.15
N MET E 743 10.31 42.82 50.88
CA MET E 743 11.38 42.56 49.91
C MET E 743 12.19 43.82 49.63
N TYR E 744 11.51 44.95 49.43
CA TYR E 744 12.19 46.20 49.13
C TYR E 744 13.09 46.62 50.28
N LEU E 745 12.66 46.42 51.51
CA LEU E 745 13.50 46.78 52.66
C LEU E 745 14.65 45.79 52.83
N ASN E 746 14.38 44.50 52.68
CA ASN E 746 15.39 43.49 52.98
C ASN E 746 16.51 43.47 51.95
N LEU E 747 16.16 43.63 50.66
CA LEU E 747 17.18 43.50 49.63
C LEU E 747 18.16 44.66 49.60
N GLN E 748 17.84 45.78 50.25
CA GLN E 748 18.76 46.91 50.28
C GLN E 748 19.66 46.91 51.51
N THR E 749 19.57 45.89 52.36
CA THR E 749 20.44 45.81 53.51
C THR E 749 21.88 45.60 53.07
N PRO E 750 22.86 46.13 53.82
CA PRO E 750 24.27 45.96 53.45
C PRO E 750 24.81 44.56 53.67
N ARG E 751 24.01 43.64 54.20
CA ARG E 751 24.44 42.26 54.43
C ARG E 751 24.26 41.45 53.15
N ASN E 752 25.18 41.68 52.22
CA ASN E 752 25.16 41.01 50.94
C ASN E 752 26.12 39.82 50.95
N TYR E 753 26.11 39.06 49.86
CA TYR E 753 27.04 37.96 49.68
C TYR E 753 27.88 38.21 48.44
N ALA E 754 29.12 37.74 48.49
CA ALA E 754 30.05 37.91 47.38
C ALA E 754 30.31 36.55 46.73
N ILE E 755 31.10 36.57 45.66
CA ILE E 755 31.52 35.38 44.96
C ILE E 755 33.05 35.35 44.97
N LEU E 756 33.63 34.24 45.41
CA LEU E 756 35.06 34.14 45.66
C LEU E 756 35.73 33.39 44.53
N LEU E 757 36.83 33.94 44.02
CA LEU E 757 37.59 33.31 42.96
C LEU E 757 39.07 33.57 43.20
N ARG E 758 39.91 32.65 42.70
CA ARG E 758 41.33 32.93 42.61
C ARG E 758 41.62 33.89 41.45
N ASN E 759 40.85 33.79 40.37
CA ASN E 759 41.02 34.64 39.21
C ASN E 759 40.33 35.97 39.43
N LYS E 760 40.65 36.94 38.57
CA LYS E 760 40.06 38.27 38.61
C LYS E 760 38.97 38.37 37.56
N LEU E 761 37.78 38.76 37.98
CA LEU E 761 36.67 38.89 37.04
C LEU E 761 36.77 40.22 36.28
N PRO E 762 36.27 40.26 35.06
CA PRO E 762 36.16 41.53 34.34
C PRO E 762 34.91 42.28 34.79
N ARG E 763 34.73 43.48 34.24
CA ARG E 763 33.52 44.24 34.52
C ARG E 763 32.33 43.57 33.85
N LEU E 764 31.26 43.38 34.60
CA LEU E 764 30.08 42.66 34.13
C LEU E 764 28.90 43.61 34.00
N ALA E 765 28.06 43.35 33.02
CA ALA E 765 26.91 44.22 32.76
C ALA E 765 25.88 44.08 33.86
N GLU E 766 25.14 45.17 34.09
CA GLU E 766 24.08 45.16 35.09
C GLU E 766 22.97 44.20 34.64
N MET E 767 22.38 43.51 35.61
CA MET E 767 21.57 42.33 35.34
C MET E 767 20.12 42.54 35.75
N PRO E 768 19.17 42.21 34.87
CA PRO E 768 17.76 42.28 35.26
C PRO E 768 17.20 40.94 35.72
N LEU E 769 16.37 40.97 36.77
CA LEU E 769 15.69 39.78 37.26
C LEU E 769 14.25 40.12 37.58
N PHE E 770 13.38 39.12 37.51
CA PHE E 770 11.93 39.32 37.66
C PHE E 770 11.42 38.44 38.80
N SER E 771 11.27 39.03 39.98
CA SER E 771 10.64 38.33 41.09
C SER E 771 9.13 38.55 41.07
N ASN E 772 8.47 38.02 42.09
CA ASN E 772 7.03 38.21 42.21
C ASN E 772 6.65 39.66 42.52
N GLN E 773 7.53 40.40 43.18
CA GLN E 773 7.23 41.79 43.54
C GLN E 773 7.59 42.78 42.43
N GLY E 774 8.26 42.33 41.39
CA GLY E 774 8.58 43.19 40.28
C GLY E 774 9.97 42.90 39.75
N LYS E 775 10.54 43.90 39.07
CA LYS E 775 11.84 43.76 38.43
C LYS E 775 12.96 44.07 39.42
N LEU E 776 14.13 43.48 39.18
CA LEU E 776 15.30 43.68 40.00
C LEU E 776 16.48 44.05 39.11
N HIS E 777 17.44 44.77 39.68
CA HIS E 777 18.68 45.10 39.00
C HIS E 777 19.83 44.53 39.81
N VAL E 778 20.63 43.68 39.19
CA VAL E 778 21.75 43.01 39.84
C VAL E 778 23.03 43.51 39.21
N ARG E 779 23.96 43.96 40.05
CA ARG E 779 25.26 44.42 39.60
C ARG E 779 26.35 43.77 40.44
N VAL E 780 27.51 43.55 39.82
CA VAL E 780 28.66 42.96 40.47
C VAL E 780 29.70 44.05 40.67
N ALA E 781 30.21 44.17 41.90
CA ALA E 781 31.17 45.23 42.21
C ALA E 781 32.41 45.10 41.35
N ASN E 782 32.83 46.22 40.77
CA ASN E 782 34.00 46.20 39.88
C ASN E 782 35.29 46.07 40.66
N ALA E 783 35.32 46.53 41.90
CA ALA E 783 36.52 46.43 42.73
C ALA E 783 36.40 45.21 43.63
N PRO E 784 37.21 44.18 43.41
CA PRO E 784 37.11 42.99 44.26
C PRO E 784 37.66 43.24 45.65
N LEU E 785 37.20 42.41 46.59
CA LEU E 785 37.70 42.45 47.96
C LEU E 785 38.85 41.45 48.09
N GLU E 786 40.04 41.97 48.38
CA GLU E 786 41.25 41.16 48.45
C GLU E 786 41.48 40.74 49.89
N VAL E 787 41.43 39.43 50.14
CA VAL E 787 41.65 38.86 51.46
C VAL E 787 42.55 37.65 51.33
N ILE E 788 43.16 37.26 52.44
CA ILE E 788 44.03 36.10 52.51
C ILE E 788 43.44 35.10 53.48
N ILE E 789 43.29 33.86 53.03
CA ILE E 789 42.88 32.76 53.90
C ILE E 789 44.14 32.11 54.46
N GLN E 790 44.34 32.22 55.77
CA GLN E 790 45.55 31.74 56.41
C GLN E 790 45.34 30.44 57.16
N ASN E 791 44.15 29.86 57.12
CA ASN E 791 43.85 28.62 57.83
C ASN E 791 43.16 27.64 56.91
N SER E 792 43.64 26.40 56.88
CA SER E 792 42.97 25.37 56.11
C SER E 792 41.58 25.09 56.66
N GLU E 793 41.44 25.07 57.98
CA GLU E 793 40.12 24.89 58.58
C GLU E 793 39.19 26.05 58.23
N GLN E 794 39.73 27.25 58.05
CA GLN E 794 38.91 28.38 57.61
C GLN E 794 38.36 28.14 56.21
N LEU E 795 39.20 27.63 55.31
CA LEU E 795 38.74 27.29 53.97
C LEU E 795 37.70 26.18 54.01
N GLU E 796 37.90 25.18 54.87
CA GLU E 796 36.92 24.12 55.02
C GLU E 796 35.59 24.68 55.51
N LEU E 797 35.64 25.59 56.47
CA LEU E 797 34.43 26.25 56.95
C LEU E 797 33.71 26.99 55.83
N LEU E 798 34.47 27.75 55.04
CA LEU E 798 33.87 28.51 53.94
C LEU E 798 33.19 27.58 52.94
N HIS E 799 33.89 26.51 52.54
CA HIS E 799 33.31 25.57 51.59
C HIS E 799 32.11 24.85 52.19
N GLN E 800 32.15 24.54 53.48
CA GLN E 800 31.01 23.90 54.13
C GLN E 800 29.79 24.79 54.08
N PHE E 801 29.95 26.09 54.36
CA PHE E 801 28.82 27.00 54.25
C PHE E 801 28.31 27.08 52.82
N HIS E 802 29.23 27.16 51.84
CA HIS E 802 28.81 27.23 50.45
C HIS E 802 27.99 26.02 50.06
N GLY E 803 28.43 24.83 50.47
CA GLY E 803 27.67 23.63 50.18
C GLY E 803 26.34 23.59 50.91
N MET E 804 26.32 24.05 52.17
CA MET E 804 25.10 24.05 52.96
C MET E 804 24.04 24.92 52.32
N VAL E 805 24.45 26.04 51.72
CA VAL E 805 23.49 26.94 51.09
C VAL E 805 22.65 26.19 50.06
N PHE E 806 23.32 25.50 49.14
CA PHE E 806 22.60 24.75 48.10
C PHE E 806 21.91 23.52 48.66
N ARG E 807 22.51 22.87 49.67
CA ARG E 807 21.93 21.63 50.18
C ARG E 807 20.62 21.89 50.90
N ASP E 808 20.55 22.95 51.69
CA ASP E 808 19.40 23.20 52.56
C ASP E 808 18.58 24.39 52.11
N ILE E 809 19.20 25.56 51.92
CA ILE E 809 18.43 26.77 51.66
C ILE E 809 17.74 26.70 50.30
N LEU E 810 18.47 26.30 49.27
CA LEU E 810 17.91 26.23 47.93
C LEU E 810 17.45 24.83 47.54
N LYS E 811 17.91 23.80 48.25
CA LYS E 811 17.53 22.42 47.99
C LYS E 811 17.84 22.00 46.55
N ILE E 812 19.04 22.36 46.08
CA ILE E 812 19.52 21.89 44.79
C ILE E 812 20.24 20.56 44.90
N TRP E 813 20.45 20.08 46.11
CA TRP E 813 21.30 18.91 46.33
C TRP E 813 20.70 17.66 45.68
N HIS E 814 21.58 16.74 45.33
CA HIS E 814 21.25 15.42 44.82
C HIS E 814 22.05 14.40 45.61
N PRO E 815 21.56 13.16 45.70
CA PRO E 815 22.28 12.16 46.52
C PRO E 815 23.71 11.94 46.09
N PHE E 816 24.02 12.04 44.80
CA PHE E 816 25.37 11.84 44.31
C PHE E 816 26.20 13.12 44.33
N PHE E 817 25.63 14.25 44.76
CA PHE E 817 26.41 15.47 44.84
C PHE E 817 27.42 15.39 45.97
N VAL E 818 28.61 15.93 45.75
CA VAL E 818 29.69 15.91 46.72
C VAL E 818 30.44 17.24 46.64
N LEU E 819 30.88 17.73 47.80
CA LEU E 819 31.71 18.93 47.82
C LEU E 819 32.95 18.73 46.96
N ASP E 820 33.22 19.69 46.09
CA ASP E 820 34.31 19.60 45.13
C ASP E 820 35.51 20.36 45.66
N ARG E 821 36.67 19.71 45.68
CA ARG E 821 37.92 20.33 46.06
C ARG E 821 38.99 20.15 44.98
N ARG E 822 38.60 19.69 43.80
CA ARG E 822 39.57 19.37 42.75
C ARG E 822 40.22 20.61 42.15
N SER E 823 39.66 21.80 42.40
CA SER E 823 40.14 23.04 41.80
C SER E 823 40.18 22.91 40.28
N LYS E 824 38.99 22.71 39.71
CA LYS E 824 38.85 22.43 38.29
C LYS E 824 37.63 23.21 37.80
N GLU E 825 37.08 22.81 36.66
CA GLU E 825 36.05 23.58 35.99
C GLU E 825 34.90 23.92 36.94
N ASN E 826 34.40 25.16 36.82
CA ASN E 826 33.24 25.64 37.57
C ASN E 826 33.43 25.46 39.07
N SER E 827 34.52 26.01 39.60
CA SER E 827 34.86 25.89 41.01
C SER E 827 35.06 27.28 41.59
N TYR E 828 34.06 27.78 42.31
CA TYR E 828 34.17 29.02 43.05
C TYR E 828 33.21 28.98 44.22
N LEU E 829 33.39 29.89 45.17
CA LEU E 829 32.65 29.87 46.41
C LEU E 829 31.80 31.13 46.55
N VAL E 830 30.76 31.01 47.38
CA VAL E 830 29.87 32.13 47.70
C VAL E 830 29.95 32.36 49.20
N VAL E 831 30.23 33.59 49.60
CA VAL E 831 30.48 33.90 51.00
C VAL E 831 29.56 35.04 51.46
N PRO E 832 28.99 34.97 52.66
CA PRO E 832 28.30 36.12 53.21
C PRO E 832 29.28 37.18 53.70
N LEU E 833 28.80 38.43 53.72
CA LEU E 833 29.61 39.57 54.11
C LEU E 833 28.89 40.39 55.16
N ILE E 834 29.68 41.02 56.04
CA ILE E 834 29.16 41.87 57.09
C ILE E 834 30.04 43.12 57.18
N LEU E 835 29.49 44.16 57.82
CA LEU E 835 30.25 45.39 57.99
C LEU E 835 31.25 45.25 59.13
N GLY E 836 32.46 45.74 58.91
CA GLY E 836 33.49 45.70 59.93
C GLY E 836 33.95 47.07 60.37
N ALA E 837 35.24 47.35 60.23
CA ALA E 837 35.81 48.63 60.59
C ALA E 837 35.74 49.56 59.38
N GLY E 838 35.05 50.68 59.53
CA GLY E 838 34.87 51.59 58.42
C GLY E 838 33.93 51.01 57.39
N GLU E 839 33.98 51.59 56.18
CA GLU E 839 33.15 51.14 55.09
C GLU E 839 33.61 49.80 54.51
N GLN E 840 34.80 49.34 54.85
CA GLN E 840 35.30 48.07 54.35
C GLN E 840 34.48 46.91 54.90
N LYS E 841 34.28 45.91 54.08
CA LYS E 841 33.53 44.71 54.45
C LYS E 841 34.49 43.56 54.66
N CYS E 842 34.01 42.54 55.38
CA CYS E 842 34.81 41.37 55.68
C CYS E 842 33.90 40.14 55.68
N PHE E 843 34.52 38.97 55.74
CA PHE E 843 33.76 37.73 55.74
C PHE E 843 32.95 37.61 57.02
N ASP E 844 31.77 37.00 56.91
CA ASP E 844 30.88 36.82 58.05
C ASP E 844 31.17 35.45 58.66
N TRP E 845 32.23 35.43 59.49
CA TRP E 845 32.73 34.17 60.03
C TRP E 845 31.73 33.50 60.96
N GLU E 846 31.04 34.28 61.79
CA GLU E 846 30.20 33.71 62.83
C GLU E 846 29.04 32.91 62.26
N LEU E 847 28.40 33.42 61.21
CA LEU E 847 27.24 32.70 60.66
C LEU E 847 27.64 31.34 60.12
N MET E 848 28.74 31.27 59.36
CA MET E 848 29.15 29.99 58.80
C MET E 848 29.72 29.06 59.86
N THR E 849 30.43 29.62 60.85
CA THR E 849 30.90 28.78 61.95
C THR E 849 29.74 28.32 62.83
N ASN E 850 28.56 28.91 62.68
CA ASN E 850 27.36 28.44 63.34
C ASN E 850 26.50 27.57 62.43
N PHE E 851 26.31 28.00 61.19
CA PHE E 851 25.42 27.31 60.26
C PHE E 851 26.20 26.41 59.31
N ARG E 852 26.84 25.39 59.89
CA ARG E 852 27.37 24.31 59.07
C ARG E 852 26.25 23.57 58.35
N ARG E 853 25.14 23.32 59.04
CA ARG E 853 23.94 22.74 58.45
C ARG E 853 22.74 23.47 59.04
N LEU E 854 21.66 23.52 58.26
CA LEU E 854 20.44 24.12 58.77
C LEU E 854 19.84 23.21 59.84
N PRO E 855 19.58 23.72 61.03
CA PRO E 855 18.96 22.89 62.08
C PRO E 855 17.59 22.39 61.63
N GLN E 856 17.29 21.15 61.98
CA GLN E 856 16.05 20.53 61.57
C GLN E 856 14.90 21.08 62.41
N SER E 857 13.75 21.28 61.77
CA SER E 857 12.60 21.85 62.45
C SER E 857 11.91 20.79 63.30
N HIS E 858 11.92 20.97 64.61
CA HIS E 858 11.29 20.03 65.54
C HIS E 858 10.35 20.79 66.46
N GLY E 859 9.18 20.19 66.72
CA GLY E 859 8.24 20.78 67.64
C GLY E 859 8.64 20.57 69.09
N SER E 860 7.98 21.31 69.97
CA SER E 860 8.23 21.25 71.41
C SER E 860 6.91 21.06 72.14
N ASN E 861 6.88 20.07 73.03
CA ASN E 861 5.71 19.86 73.87
C ASN E 861 5.73 20.82 75.06
N VAL E 862 4.59 20.90 75.75
CA VAL E 862 4.46 21.83 76.87
C VAL E 862 5.46 21.48 77.97
N GLN E 863 5.69 20.19 78.19
CA GLN E 863 6.60 19.76 79.25
C GLN E 863 7.99 20.34 79.05
N GLN E 864 8.57 20.18 77.86
CA GLN E 864 9.90 20.72 77.60
C GLN E 864 9.86 22.22 77.30
N ARG E 865 8.72 22.75 76.88
CA ARG E 865 8.60 24.19 76.66
C ARG E 865 8.54 24.96 77.97
N GLU E 866 8.13 24.30 79.05
CA GLU E 866 7.93 25.00 80.32
C GLU E 866 9.22 25.61 80.84
N GLN E 867 10.31 24.85 80.83
CA GLN E 867 11.58 25.33 81.37
C GLN E 867 12.48 25.96 80.31
N GLN E 868 12.04 26.00 79.05
CA GLN E 868 12.81 26.68 78.03
C GLN E 868 12.81 28.18 78.30
N PRO E 869 13.87 28.91 77.92
CA PRO E 869 13.89 30.35 78.16
C PRO E 869 12.77 31.05 77.40
N ALA E 870 12.24 32.09 78.02
CA ALA E 870 11.15 32.85 77.43
C ALA E 870 11.63 33.52 76.14
N PRO E 871 10.88 33.40 75.04
CA PRO E 871 11.29 34.07 73.80
C PRO E 871 11.42 35.56 73.99
N ARG E 872 12.48 36.12 73.42
CA ARG E 872 12.77 37.54 73.53
C ARG E 872 12.76 38.18 72.14
N PRO E 873 12.17 39.37 72.01
CA PRO E 873 11.85 39.90 70.67
C PRO E 873 13.04 40.05 69.75
N GLU E 874 14.21 40.46 70.24
CA GLU E 874 15.31 40.74 69.33
C GLU E 874 15.91 39.46 68.73
N ASP E 875 15.65 38.30 69.35
CA ASP E 875 16.01 37.05 68.70
C ASP E 875 15.03 36.67 67.59
N PHE E 876 13.84 37.26 67.57
CA PHE E 876 12.86 37.00 66.54
C PHE E 876 12.74 38.11 65.51
N GLU E 877 13.55 39.15 65.62
CA GLU E 877 13.47 40.27 64.68
C GLU E 877 14.38 40.03 63.49
N GLY E 878 13.80 40.05 62.29
CA GLY E 878 14.58 39.86 61.08
C GLY E 878 15.20 38.48 60.95
N LYS E 879 14.48 37.43 61.33
CA LYS E 879 14.98 36.07 61.25
C LYS E 879 14.03 35.24 60.39
N ILE E 880 14.31 33.93 60.34
CA ILE E 880 13.52 32.98 59.58
C ILE E 880 12.92 31.97 60.55
N VAL E 881 11.60 31.77 60.45
CA VAL E 881 10.88 30.84 61.30
C VAL E 881 10.00 29.94 60.43
N THR E 882 9.55 28.84 61.02
CA THR E 882 8.67 27.91 60.33
C THR E 882 7.65 27.35 61.31
N GLN E 883 6.48 26.99 60.78
CA GLN E 883 5.40 26.45 61.60
C GLN E 883 5.55 24.93 61.65
N TRP E 884 5.96 24.42 62.81
CA TRP E 884 6.09 22.97 62.95
C TRP E 884 4.77 22.28 63.24
N TYR E 885 3.75 23.03 63.66
CA TYR E 885 2.47 22.41 64.00
C TYR E 885 1.55 22.23 62.80
N ALA E 886 1.71 23.06 61.78
CA ALA E 886 0.81 23.01 60.63
C ALA E 886 1.38 22.08 59.56
N ASN E 887 0.48 21.67 58.66
CA ASN E 887 0.90 20.87 57.51
C ASN E 887 1.76 21.67 56.53
N TYR E 888 1.76 23.00 56.64
CA TYR E 888 2.63 23.84 55.82
C TYR E 888 3.94 24.02 56.57
N ASP E 889 4.90 23.15 56.27
CA ASP E 889 6.19 23.12 56.96
C ASP E 889 7.25 23.99 56.28
N LYS E 890 6.89 24.73 55.25
CA LYS E 890 7.87 25.52 54.52
C LYS E 890 8.39 26.66 55.40
N PRO E 891 9.67 27.03 55.25
CA PRO E 891 10.20 28.17 56.01
C PRO E 891 9.58 29.47 55.56
N MET E 892 9.58 30.45 56.46
CA MET E 892 8.90 31.71 56.22
C MET E 892 9.62 32.82 56.97
N LEU E 893 9.40 34.04 56.52
CA LEU E 893 10.15 35.21 56.99
C LEU E 893 9.28 36.07 57.89
N VAL E 894 9.86 36.52 59.00
CA VAL E 894 9.21 37.48 59.88
C VAL E 894 9.54 38.89 59.38
N THR E 895 8.59 39.80 59.54
CA THR E 895 8.82 41.19 59.15
C THR E 895 8.95 42.10 60.36
N LYS E 896 8.13 41.89 61.38
CA LYS E 896 8.17 42.69 62.59
C LYS E 896 7.55 41.91 63.73
N VAL E 897 7.86 42.34 64.95
CA VAL E 897 7.31 41.77 66.17
C VAL E 897 6.36 42.79 66.80
N HIS E 898 5.14 42.36 67.09
CA HIS E 898 4.12 43.22 67.66
C HIS E 898 4.22 43.11 69.18
N ARG E 899 5.02 43.99 69.78
CA ARG E 899 5.17 43.98 71.23
C ARG E 899 3.86 44.30 71.92
N GLU E 900 3.10 45.26 71.39
CA GLU E 900 1.81 45.61 71.97
C GLU E 900 0.79 44.48 71.85
N LEU E 901 0.92 43.62 70.85
CA LEU E 901 0.03 42.49 70.71
C LEU E 901 0.42 41.38 71.68
N THR E 902 -0.55 40.52 71.97
CA THR E 902 -0.38 39.42 72.91
C THR E 902 -1.43 38.37 72.60
N PRO E 903 -1.21 37.11 72.96
CA PRO E 903 -2.28 36.11 72.86
C PRO E 903 -3.52 36.56 73.63
N LEU E 904 -4.67 36.03 73.19
CA LEU E 904 -6.02 36.39 73.63
C LEU E 904 -6.46 37.72 73.05
N SER E 905 -5.57 38.46 72.39
CA SER E 905 -5.99 39.66 71.67
C SER E 905 -6.88 39.26 70.51
N TYR E 906 -7.88 40.09 70.24
CA TYR E 906 -8.95 39.69 69.35
C TYR E 906 -8.53 39.90 67.90
N MET E 907 -8.89 38.96 67.03
CA MET E 907 -8.47 39.06 65.63
C MET E 907 -9.11 40.28 64.98
N GLU E 908 -8.38 40.86 64.02
CA GLU E 908 -8.75 42.18 63.50
C GLU E 908 -9.88 42.09 62.47
N LYS E 909 -9.76 41.18 61.51
CA LYS E 909 -10.57 41.20 60.29
C LYS E 909 -11.39 39.92 60.18
N ASN E 910 -12.71 40.08 60.08
CA ASN E 910 -13.62 38.98 59.74
C ASN E 910 -13.68 37.89 60.81
N GLN E 911 -12.88 38.04 61.87
CA GLN E 911 -12.95 37.18 63.06
C GLN E 911 -12.91 38.02 64.32
N GLN E 912 -13.76 39.04 64.38
CA GLN E 912 -13.90 39.86 65.58
C GLN E 912 -14.44 39.06 66.75
N ASP E 913 -14.99 37.87 66.49
CA ASP E 913 -15.45 37.01 67.57
C ASP E 913 -14.47 35.88 67.88
N LYS E 914 -13.27 35.89 67.29
CA LYS E 914 -12.28 34.85 67.47
C LYS E 914 -10.98 35.46 67.96
N THR E 915 -10.36 34.84 68.97
CA THR E 915 -9.06 35.26 69.47
C THR E 915 -7.98 34.27 69.07
N TYR E 916 -6.73 34.72 69.10
CA TYR E 916 -5.61 33.90 68.66
C TYR E 916 -5.49 32.63 69.48
N TYR E 917 -5.59 32.73 70.81
CA TYR E 917 -5.39 31.56 71.66
C TYR E 917 -6.44 30.50 71.37
N GLU E 918 -7.72 30.88 71.38
CA GLU E 918 -8.76 29.86 71.21
C GLU E 918 -8.78 29.32 69.79
N PHE E 919 -8.46 30.15 68.79
CA PHE E 919 -8.37 29.65 67.42
C PHE E 919 -7.23 28.65 67.27
N THR E 920 -6.07 28.97 67.84
CA THR E 920 -4.94 28.04 67.81
C THR E 920 -5.29 26.74 68.51
N MET E 921 -5.98 26.82 69.65
CA MET E 921 -6.45 25.61 70.30
C MET E 921 -7.40 24.82 69.40
N SER E 922 -8.46 25.46 68.91
CA SER E 922 -9.44 24.77 68.10
C SER E 922 -8.85 24.17 66.83
N LYS E 923 -7.71 24.68 66.37
CA LYS E 923 -7.09 24.12 65.17
C LYS E 923 -6.07 23.03 65.47
N TYR E 924 -5.16 23.24 66.43
CA TYR E 924 -4.11 22.26 66.66
C TYR E 924 -3.85 22.00 68.15
N GLY E 925 -4.91 21.88 68.95
CA GLY E 925 -4.70 21.67 70.38
C GLY E 925 -4.17 20.30 70.72
N ASN E 926 -4.70 19.27 70.04
CA ASN E 926 -4.18 17.92 70.23
C ASN E 926 -2.73 17.78 69.76
N ARG E 927 -2.23 18.75 69.00
CA ARG E 927 -0.84 18.74 68.54
C ARG E 927 0.07 19.61 69.40
N ILE E 928 -0.45 20.68 69.98
CA ILE E 928 0.37 21.57 70.80
C ILE E 928 0.13 21.39 72.30
N GLY E 929 -1.09 21.02 72.71
CA GLY E 929 -1.39 20.91 74.12
C GLY E 929 -1.79 22.21 74.77
N ASP E 930 -0.84 23.15 74.87
CA ASP E 930 -1.08 24.41 75.54
C ASP E 930 -0.03 25.41 75.09
N VAL E 931 -0.21 26.67 75.50
CA VAL E 931 0.70 27.76 75.16
C VAL E 931 1.27 28.32 76.45
N VAL E 932 2.60 28.44 76.51
CA VAL E 932 3.28 29.00 77.66
C VAL E 932 3.61 30.45 77.36
N HIS E 933 3.81 31.24 78.42
CA HIS E 933 4.04 32.68 78.32
C HIS E 933 2.93 33.35 77.52
N LYS E 934 1.73 33.29 78.10
CA LYS E 934 0.52 33.76 77.42
C LYS E 934 0.52 35.26 77.18
N ASP E 935 1.26 36.02 77.98
CA ASP E 935 1.21 37.48 77.92
C ASP E 935 2.36 38.10 77.14
N LYS E 936 3.18 37.31 76.46
CA LYS E 936 4.34 37.84 75.76
C LYS E 936 3.94 38.33 74.37
N PHE E 937 4.94 38.78 73.62
CA PHE E 937 4.73 39.37 72.31
C PHE E 937 4.37 38.30 71.28
N MET E 938 4.01 38.75 70.08
CA MET E 938 3.82 37.87 68.94
C MET E 938 4.54 38.46 67.74
N ILE E 939 4.50 37.73 66.63
CA ILE E 939 5.25 38.09 65.42
C ILE E 939 4.31 38.13 64.23
N GLU E 940 4.77 38.80 63.17
CA GLU E 940 4.07 38.85 61.90
C GLU E 940 5.00 38.27 60.83
N VAL E 941 4.45 37.40 59.99
CA VAL E 941 5.27 36.58 59.09
C VAL E 941 4.71 36.68 57.67
N ARG E 942 5.62 36.83 56.72
CA ARG E 942 5.28 36.86 55.30
C ARG E 942 5.96 35.70 54.60
N ASP E 943 5.22 35.06 53.69
CA ASP E 943 5.66 33.85 53.01
C ASP E 943 6.65 34.17 51.90
N LEU E 944 7.57 33.23 51.67
CA LEU E 944 8.56 33.34 50.61
C LEU E 944 8.10 32.60 49.37
N THR E 945 8.67 32.97 48.23
CA THR E 945 8.38 32.27 46.98
C THR E 945 9.11 30.94 46.94
N GLU E 946 8.56 30.00 46.18
CA GLU E 946 9.15 28.68 46.01
C GLU E 946 9.84 28.50 44.67
N GLN E 947 9.81 29.52 43.82
CA GLN E 947 10.45 29.42 42.52
C GLN E 947 11.96 29.61 42.64
N LEU E 948 12.68 29.18 41.61
CA LEU E 948 14.13 29.36 41.56
C LEU E 948 14.63 29.98 40.28
N THR E 949 13.80 30.11 39.24
CA THR E 949 14.17 30.81 38.02
C THR E 949 13.39 32.13 37.99
N PHE E 950 14.10 33.21 37.71
CA PHE E 950 13.49 34.54 37.70
C PHE E 950 13.82 35.31 36.44
N TYR E 951 13.96 34.61 35.32
CA TYR E 951 14.29 35.26 34.06
C TYR E 951 13.08 35.82 33.36
N VAL E 952 11.96 35.10 33.38
CA VAL E 952 10.75 35.50 32.68
C VAL E 952 9.86 36.31 33.61
N HIS E 953 8.99 37.12 33.04
CA HIS E 953 8.06 37.92 33.84
C HIS E 953 6.90 37.05 34.31
N ASN E 954 6.57 37.17 35.60
CA ASN E 954 5.43 36.45 36.18
C ASN E 954 4.19 37.31 36.01
N ARG E 955 3.69 37.33 34.77
CA ARG E 955 2.52 38.13 34.45
C ARG E 955 1.25 37.42 34.90
N GLY E 956 0.38 38.15 35.59
CA GLY E 956 -0.88 37.58 36.05
C GLY E 956 -1.64 38.59 36.86
N LYS E 957 -2.92 38.28 37.09
CA LYS E 957 -3.81 39.14 37.87
C LYS E 957 -3.72 38.71 39.33
N PHE E 958 -2.72 39.23 40.03
CA PHE E 958 -2.45 38.79 41.39
C PHE E 958 -3.46 39.33 42.39
N ASN E 959 -4.10 40.47 42.10
CA ASN E 959 -5.02 41.13 43.03
C ASN E 959 -4.30 41.46 44.33
N ALA E 960 -3.33 42.37 44.21
CA ALA E 960 -2.35 42.60 45.26
C ALA E 960 -3.01 42.89 46.60
N LYS E 961 -4.13 43.60 46.60
CA LYS E 961 -4.83 43.82 47.87
C LYS E 961 -5.34 42.51 48.45
N SER E 962 -5.89 41.64 47.60
CA SER E 962 -6.33 40.32 48.07
C SER E 962 -5.14 39.47 48.50
N LYS E 963 -4.01 39.60 47.81
CA LYS E 963 -2.82 38.85 48.20
C LYS E 963 -2.33 39.28 49.58
N ALA E 964 -2.35 40.59 49.85
CA ALA E 964 -1.97 41.10 51.16
C ALA E 964 -3.08 40.99 52.18
N LYS E 965 -4.27 40.54 51.78
CA LYS E 965 -5.39 40.46 52.71
C LYS E 965 -5.09 39.51 53.87
N MET E 966 -4.62 38.30 53.59
CA MET E 966 -4.34 37.33 54.65
C MET E 966 -3.02 37.70 55.31
N LYS E 967 -3.11 38.58 56.30
CA LYS E 967 -1.98 38.89 57.15
C LYS E 967 -1.79 37.78 58.18
N VAL E 968 -0.56 37.32 58.32
CA VAL E 968 -0.24 36.19 59.19
C VAL E 968 0.38 36.71 60.48
N ILE E 969 -0.28 36.40 61.59
CA ILE E 969 0.23 36.73 62.92
C ILE E 969 0.43 35.42 63.67
N LEU E 970 1.64 35.23 64.21
CA LEU E 970 2.01 33.96 64.81
C LEU E 970 2.54 34.18 66.21
N ILE E 971 2.24 33.22 67.09
CA ILE E 971 2.78 33.22 68.44
C ILE E 971 4.18 32.61 68.41
N PRO E 972 5.19 33.30 68.96
CA PRO E 972 6.58 32.85 68.73
C PRO E 972 6.89 31.45 69.20
N GLU E 973 6.32 31.01 70.33
CA GLU E 973 6.74 29.73 70.91
C GLU E 973 6.37 28.53 70.08
N LEU E 974 5.37 28.63 69.22
CA LEU E 974 4.94 27.49 68.41
C LEU E 974 5.51 27.50 67.00
N CYS E 975 6.43 28.42 66.68
CA CYS E 975 7.13 28.38 65.40
C CYS E 975 8.61 28.23 65.66
N PHE E 976 9.22 27.22 65.06
CA PHE E 976 10.66 27.00 65.21
C PHE E 976 11.43 28.13 64.56
N ASN E 977 12.42 28.65 65.27
CA ASN E 977 13.14 29.84 64.86
C ASN E 977 14.57 29.47 64.51
N PHE E 978 14.98 29.78 63.29
CA PHE E 978 16.38 29.71 62.92
C PHE E 978 17.10 30.97 63.38
N ASN E 979 18.42 30.86 63.49
CA ASN E 979 19.26 32.03 63.74
C ASN E 979 19.76 32.66 62.45
N PHE E 980 19.26 32.20 61.30
CA PHE E 980 19.72 32.67 60.01
C PHE E 980 18.99 33.96 59.63
N PRO E 981 19.71 35.02 59.25
CA PRO E 981 19.04 36.27 58.90
C PRO E 981 18.16 36.10 57.67
N GLY E 982 17.05 36.85 57.67
CA GLY E 982 16.07 36.73 56.60
C GLY E 982 16.46 37.45 55.33
N ASP E 983 17.12 38.61 55.45
CA ASP E 983 17.54 39.35 54.28
C ASP E 983 18.54 38.55 53.46
N LEU E 984 19.48 37.88 54.13
CA LEU E 984 20.44 37.05 53.42
C LEU E 984 19.75 35.87 52.74
N TRP E 985 18.74 35.29 53.38
CA TRP E 985 17.97 34.22 52.75
C TRP E 985 17.28 34.72 51.48
N LEU E 986 16.66 35.90 51.57
CA LEU E 986 15.97 36.46 50.41
C LEU E 986 16.95 36.72 49.27
N LYS E 987 18.12 37.28 49.59
CA LYS E 987 19.12 37.53 48.56
C LYS E 987 19.64 36.22 47.97
N LEU E 988 19.84 35.20 48.81
CA LEU E 988 20.34 33.92 48.34
C LEU E 988 19.32 33.16 47.51
N ILE E 989 18.04 33.50 47.63
CA ILE E 989 17.02 32.86 46.81
C ILE E 989 17.33 33.06 45.32
N PHE E 990 17.81 34.25 44.95
CA PHE E 990 18.11 34.59 43.57
C PHE E 990 19.49 34.14 43.13
N LEU E 991 20.25 33.48 44.00
CA LEU E 991 21.63 33.12 43.66
C LEU E 991 21.75 32.22 42.42
N PRO E 992 20.94 31.17 42.25
CA PRO E 992 21.12 30.33 41.05
C PRO E 992 20.96 31.09 39.75
N SER E 993 19.96 31.98 39.66
CA SER E 993 19.76 32.74 38.44
C SER E 993 20.93 33.68 38.17
N ILE E 994 21.43 34.35 39.22
CA ILE E 994 22.57 35.25 39.06
C ILE E 994 23.79 34.48 38.59
N LEU E 995 24.05 33.32 39.20
CA LEU E 995 25.23 32.54 38.82
C LEU E 995 25.12 32.03 37.39
N ASN E 996 23.96 31.52 37.00
CA ASN E 996 23.78 31.06 35.64
C ASN E 996 23.93 32.18 34.63
N ARG E 997 23.45 33.38 34.96
CA ARG E 997 23.61 34.50 34.04
C ARG E 997 25.06 34.95 33.97
N MET E 998 25.78 34.95 35.10
CA MET E 998 27.18 35.36 35.08
C MET E 998 28.04 34.38 34.29
N TYR E 999 27.69 33.10 34.33
CA TYR E 999 28.35 32.11 33.47
C TYR E 999 28.41 32.58 32.02
N PHE E 1000 27.24 32.78 31.41
CA PHE E 1000 27.19 33.15 30.01
C PHE E 1000 27.57 34.61 29.78
N LEU E 1001 27.49 35.46 30.80
CA LEU E 1001 28.03 36.81 30.67
C LEU E 1001 29.55 36.78 30.53
N LEU E 1002 30.21 35.93 31.31
CA LEU E 1002 31.65 35.76 31.15
C LEU E 1002 31.99 35.15 29.79
N HIS E 1003 31.18 34.20 29.33
CA HIS E 1003 31.38 33.66 27.98
C HIS E 1003 31.26 34.76 26.93
N ALA E 1004 30.24 35.61 27.05
CA ALA E 1004 30.05 36.71 26.10
C ALA E 1004 31.19 37.71 26.17
N GLU E 1005 31.68 38.00 27.37
CA GLU E 1005 32.81 38.91 27.52
C GLU E 1005 34.06 38.35 26.85
N ALA E 1006 34.30 37.04 27.02
CA ALA E 1006 35.43 36.42 26.36
C ALA E 1006 35.30 36.53 24.85
N LEU E 1007 34.10 36.26 24.32
CA LEU E 1007 33.89 36.40 22.88
C LEU E 1007 34.10 37.83 22.42
N ARG E 1008 33.61 38.81 23.20
CA ARG E 1008 33.76 40.21 22.84
C ARG E 1008 35.23 40.59 22.75
N LYS E 1009 36.00 40.25 23.78
CA LYS E 1009 37.43 40.57 23.76
C LYS E 1009 38.14 39.88 22.61
N ARG E 1010 37.81 38.61 22.38
CA ARG E 1010 38.46 37.86 21.30
C ARG E 1010 38.19 38.49 19.94
N PHE E 1011 36.92 38.79 19.64
CA PHE E 1011 36.58 39.35 18.35
C PHE E 1011 37.15 40.75 18.19
N ASN E 1012 37.13 41.55 19.26
CA ASN E 1012 37.71 42.89 19.17
C ASN E 1012 39.21 42.82 18.93
N THR E 1013 39.89 41.87 19.56
CA THR E 1013 41.32 41.70 19.31
C THR E 1013 41.57 41.27 17.88
N TYR E 1014 40.72 40.37 17.34
CA TYR E 1014 40.93 39.90 15.97
C TYR E 1014 40.79 41.02 14.95
N LEU E 1015 39.92 42.00 15.23
CA LEU E 1015 39.68 43.10 14.31
C LEU E 1015 40.57 44.30 14.58
N ASN E 1016 41.54 44.18 15.49
CA ASN E 1016 42.45 45.26 15.86
C ASN E 1016 41.71 46.48 16.40
N LEU E 1017 40.50 46.28 16.91
CA LEU E 1017 39.70 47.35 17.50
C LEU E 1017 39.81 47.38 19.01
N HIS E 1018 40.67 46.56 19.61
CA HIS E 1018 40.79 46.49 21.06
C HIS E 1018 41.63 47.61 21.64
N LEU E 1019 42.31 48.40 20.82
CA LEU E 1019 43.01 49.59 21.29
C LEU E 1019 42.11 50.81 21.34
N LEU E 1020 40.86 50.70 20.88
CA LEU E 1020 39.95 51.82 20.91
C LEU E 1020 39.58 52.18 22.35
N PRO E 1021 39.32 53.46 22.62
CA PRO E 1021 38.94 53.84 24.00
C PRO E 1021 37.69 53.16 24.50
N PHE E 1022 36.74 52.85 23.61
CA PHE E 1022 35.54 52.15 24.04
C PHE E 1022 35.84 50.70 24.41
N ASN E 1023 36.67 50.03 23.62
CA ASN E 1023 36.94 48.62 23.78
C ASN E 1023 38.19 48.35 24.62
N GLY E 1024 38.86 49.39 25.11
CA GLY E 1024 40.07 49.22 25.89
C GLY E 1024 39.78 48.77 27.30
N THR E 1025 40.74 49.01 28.19
CA THR E 1025 40.57 48.67 29.59
C THR E 1025 39.50 49.52 30.27
N ASP E 1026 39.09 50.63 29.66
CA ASP E 1026 38.06 51.50 30.20
C ASP E 1026 36.67 51.15 29.68
N TYR E 1027 36.45 49.92 29.25
CA TYR E 1027 35.14 49.50 28.76
C TYR E 1027 34.15 49.48 29.91
N MET E 1028 32.96 50.03 29.67
CA MET E 1028 31.90 50.05 30.67
C MET E 1028 30.69 49.32 30.10
N PRO E 1029 30.41 48.09 30.52
CA PRO E 1029 29.30 47.34 29.93
C PRO E 1029 27.97 47.99 30.26
N ARG E 1030 27.18 48.25 29.23
CA ARG E 1030 25.83 48.78 29.43
C ARG E 1030 24.92 47.68 29.96
N PRO E 1031 23.91 48.04 30.74
CA PRO E 1031 23.01 47.03 31.30
C PRO E 1031 22.26 46.28 30.19
N LEU E 1032 21.96 45.01 30.47
CA LEU E 1032 21.19 44.21 29.52
C LEU E 1032 19.80 44.83 29.33
N GLU E 1033 19.33 44.78 28.09
CA GLU E 1033 18.05 45.38 27.73
C GLU E 1033 17.01 44.31 27.47
N ILE E 1034 15.84 44.48 28.09
CA ILE E 1034 14.75 43.54 27.91
C ILE E 1034 14.21 43.66 26.50
N ASP E 1035 14.08 42.53 25.82
CA ASP E 1035 13.49 42.51 24.47
C ASP E 1035 11.98 42.32 24.63
N TYR E 1036 11.27 43.43 24.77
CA TYR E 1036 9.83 43.38 24.99
C TYR E 1036 9.07 42.86 23.78
N SER E 1037 9.70 42.81 22.60
CA SER E 1037 9.04 42.25 21.44
C SER E 1037 8.81 40.75 21.58
N LEU E 1038 9.57 40.07 22.43
CA LEU E 1038 9.40 38.65 22.64
C LEU E 1038 8.03 38.37 23.25
N LYS E 1039 7.45 37.22 22.90
CA LYS E 1039 6.08 36.93 23.31
C LYS E 1039 5.96 36.77 24.81
N ARG E 1040 6.93 36.11 25.45
CA ARG E 1040 6.88 35.86 26.88
C ARG E 1040 7.39 37.04 27.70
N ASN E 1041 7.47 38.22 27.11
CA ASN E 1041 7.91 39.42 27.82
C ASN E 1041 6.75 40.41 27.98
N GLY E 1168 9.89 63.11 0.74
CA GLY E 1168 10.70 64.31 0.94
C GLY E 1168 12.18 64.01 1.07
N LYS E 1169 12.57 63.43 2.21
CA LYS E 1169 13.96 63.10 2.48
C LYS E 1169 14.03 61.69 3.05
N VAL E 1170 15.19 61.07 2.89
CA VAL E 1170 15.43 59.71 3.36
C VAL E 1170 16.20 59.77 4.67
N LYS E 1171 15.91 58.83 5.57
CA LYS E 1171 16.71 58.69 6.78
C LYS E 1171 17.95 57.87 6.46
N PRO E 1172 19.15 58.40 6.65
CA PRO E 1172 20.37 57.62 6.35
C PRO E 1172 20.43 56.37 7.21
N LEU E 1173 20.89 55.28 6.60
CA LEU E 1173 20.98 54.02 7.31
C LEU E 1173 22.22 54.01 8.19
N LEU E 1174 22.03 53.63 9.46
CA LEU E 1174 23.11 53.77 10.44
C LEU E 1174 24.26 52.82 10.15
N ILE E 1175 23.95 51.60 9.69
CA ILE E 1175 25.01 50.62 9.44
C ILE E 1175 25.94 51.12 8.34
N LEU E 1176 25.37 51.59 7.23
CA LEU E 1176 26.20 52.17 6.17
C LEU E 1176 26.90 53.43 6.64
N GLN E 1177 26.24 54.23 7.49
CA GLN E 1177 26.83 55.47 7.96
C GLN E 1177 28.10 55.19 8.77
N LYS E 1178 28.08 54.17 9.62
CA LYS E 1178 29.28 53.79 10.34
C LYS E 1178 30.22 52.93 9.51
N THR E 1179 29.76 52.37 8.40
CA THR E 1179 30.66 51.71 7.47
C THR E 1179 31.56 52.71 6.77
N VAL E 1180 30.98 53.81 6.29
CA VAL E 1180 31.76 54.79 5.55
C VAL E 1180 32.54 55.74 6.46
N SER E 1181 32.10 55.92 7.70
CA SER E 1181 32.72 56.85 8.63
C SER E 1181 33.03 56.13 9.93
N LYS E 1182 34.24 56.35 10.46
CA LYS E 1182 34.65 55.71 11.71
C LYS E 1182 34.20 56.46 12.95
N GLU E 1183 33.63 57.66 12.80
CA GLU E 1183 33.18 58.41 13.96
C GLU E 1183 31.91 57.83 14.57
N HIS E 1184 31.21 56.97 13.85
CA HIS E 1184 29.96 56.39 14.31
C HIS E 1184 30.12 54.96 14.82
N ILE E 1185 31.36 54.50 15.03
CA ILE E 1185 31.58 53.16 15.53
C ILE E 1185 31.19 53.08 16.99
N THR E 1186 30.28 52.16 17.31
CA THR E 1186 29.87 51.93 18.68
C THR E 1186 30.50 50.64 19.21
N PRO E 1187 30.89 50.60 20.48
CA PRO E 1187 31.53 49.40 21.01
C PRO E 1187 30.60 48.19 20.96
N ALA E 1188 31.19 47.03 20.67
CA ALA E 1188 30.44 45.79 20.65
C ALA E 1188 30.03 45.44 22.08
N GLU E 1189 28.73 45.53 22.36
CA GLU E 1189 28.24 45.40 23.72
C GLU E 1189 28.29 43.95 24.19
N GLN E 1190 28.67 43.78 25.46
CA GLN E 1190 28.70 42.45 26.06
C GLN E 1190 27.30 41.84 26.11
N GLY E 1191 26.29 42.66 26.43
CA GLY E 1191 24.93 42.15 26.44
C GLY E 1191 24.46 41.70 25.07
N GLU E 1192 24.90 42.40 24.02
CA GLU E 1192 24.57 41.99 22.66
C GLU E 1192 25.16 40.62 22.34
N PHE E 1193 26.42 40.40 22.73
CA PHE E 1193 27.03 39.09 22.52
C PHE E 1193 26.32 38.01 23.31
N LEU E 1194 25.92 38.32 24.54
CA LEU E 1194 25.16 37.35 25.33
C LEU E 1194 23.83 37.01 24.65
N ALA E 1195 23.15 38.03 24.12
CA ALA E 1195 21.90 37.78 23.40
C ALA E 1195 22.14 36.92 22.17
N ALA E 1196 23.25 37.16 21.47
CA ALA E 1196 23.60 36.33 20.32
C ALA E 1196 23.87 34.89 20.73
N ILE E 1197 24.50 34.68 21.88
CA ILE E 1197 24.78 33.33 22.35
C ILE E 1197 23.50 32.63 22.79
N THR E 1198 22.63 33.33 23.51
CA THR E 1198 21.46 32.71 24.09
C THR E 1198 20.48 32.27 23.01
N ALA E 1199 20.16 30.98 23.00
CA ALA E 1199 19.21 30.46 22.04
C ALA E 1199 17.77 30.66 22.53
N SER E 1200 16.82 30.44 21.62
CA SER E 1200 15.41 30.59 21.98
C SER E 1200 14.93 29.45 22.84
N SER E 1201 15.60 28.29 22.79
CA SER E 1201 15.19 27.16 23.62
C SER E 1201 15.29 27.50 25.10
N ALA E 1202 16.38 28.15 25.50
CA ALA E 1202 16.50 28.65 26.87
C ALA E 1202 15.49 29.77 27.05
N ALA E 1203 14.50 29.55 27.92
CA ALA E 1203 13.42 30.50 28.08
C ALA E 1203 13.90 31.73 28.84
N ASP E 1204 14.77 32.51 28.22
CA ASP E 1204 15.32 33.71 28.83
C ASP E 1204 14.55 34.93 28.32
N VAL E 1205 14.95 36.13 28.80
CA VAL E 1205 14.26 37.35 28.42
C VAL E 1205 14.76 37.90 27.09
N PHE E 1206 15.88 37.41 26.58
CA PHE E 1206 16.38 37.80 25.28
C PHE E 1206 16.81 36.54 24.54
N ASP E 1207 16.92 36.65 23.22
CA ASP E 1207 17.36 35.53 22.40
C ASP E 1207 18.26 36.07 21.30
N MET E 1208 18.46 35.24 20.28
CA MET E 1208 19.40 35.50 19.20
C MET E 1208 18.72 35.57 17.83
N GLU E 1209 17.40 35.63 17.79
CA GLU E 1209 16.69 35.63 16.51
C GLU E 1209 16.84 36.96 15.78
N ARG E 1210 16.63 38.07 16.49
CA ARG E 1210 16.70 39.39 15.85
C ARG E 1210 18.08 39.66 15.30
N LEU E 1211 19.12 39.34 16.07
CA LEU E 1211 20.48 39.46 15.57
C LEU E 1211 20.71 38.49 14.42
N GLU E 1212 20.10 37.31 14.47
CA GLU E 1212 20.27 36.31 13.43
C GLU E 1212 19.72 36.78 12.09
N ILE E 1213 18.63 37.56 12.10
CA ILE E 1213 18.08 38.03 10.83
C ILE E 1213 19.11 38.89 10.10
N LEU E 1214 19.66 39.89 10.80
CA LEU E 1214 20.66 40.76 10.20
C LEU E 1214 21.91 39.98 9.82
N GLY E 1215 22.32 39.04 10.67
CA GLY E 1215 23.50 38.25 10.36
C GLY E 1215 23.32 37.39 9.13
N ASN E 1216 22.15 36.77 9.00
CA ASN E 1216 21.86 35.96 7.82
C ASN E 1216 21.85 36.80 6.56
N SER E 1217 21.22 37.97 6.61
CA SER E 1217 21.19 38.83 5.43
C SER E 1217 22.60 39.30 5.05
N PHE E 1218 23.40 39.69 6.04
CA PHE E 1218 24.76 40.11 5.76
C PHE E 1218 25.58 38.96 5.20
N LEU E 1219 25.42 37.75 5.74
CA LEU E 1219 26.15 36.61 5.24
C LEU E 1219 25.77 36.31 3.80
N LYS E 1220 24.48 36.39 3.48
CA LYS E 1220 24.05 36.16 2.11
C LYS E 1220 24.64 37.21 1.18
N LEU E 1221 24.60 38.48 1.58
CA LEU E 1221 25.16 39.53 0.73
C LEU E 1221 26.65 39.35 0.53
N SER E 1222 27.38 39.05 1.60
CA SER E 1222 28.83 38.89 1.50
C SER E 1222 29.20 37.69 0.66
N ALA E 1223 28.49 36.56 0.83
CA ALA E 1223 28.75 35.40 0.01
C ALA E 1223 28.47 35.69 -1.46
N THR E 1224 27.38 36.39 -1.75
CA THR E 1224 27.06 36.74 -3.13
C THR E 1224 28.15 37.60 -3.73
N LEU E 1225 28.57 38.64 -3.03
CA LEU E 1225 29.62 39.52 -3.55
C LEU E 1225 30.94 38.77 -3.72
N TYR E 1226 31.29 37.91 -2.76
CA TYR E 1226 32.54 37.17 -2.83
C TYR E 1226 32.54 36.22 -4.03
N LEU E 1227 31.43 35.51 -4.24
CA LEU E 1227 31.36 34.60 -5.39
C LEU E 1227 31.36 35.37 -6.69
N ALA E 1228 30.66 36.50 -6.77
CA ALA E 1228 30.62 37.28 -7.99
C ALA E 1228 31.99 37.84 -8.34
N SER E 1229 32.73 38.30 -7.33
CA SER E 1229 34.07 38.82 -7.58
C SER E 1229 35.08 37.71 -7.85
N LYS E 1230 34.80 36.49 -7.35
CA LYS E 1230 35.75 35.39 -7.52
C LYS E 1230 35.50 34.61 -8.81
N TYR E 1231 34.24 34.43 -9.19
CA TYR E 1231 33.86 33.57 -10.30
C TYR E 1231 32.96 34.31 -11.27
N SER E 1232 33.40 35.50 -11.69
CA SER E 1232 32.59 36.37 -12.52
C SER E 1232 32.23 35.74 -13.87
N ASP E 1233 32.95 34.70 -14.29
CA ASP E 1233 32.71 34.06 -15.59
C ASP E 1233 31.87 32.80 -15.47
N TRP E 1234 30.93 32.78 -14.53
CA TRP E 1234 30.03 31.65 -14.35
C TRP E 1234 28.60 32.10 -14.57
N ASN E 1235 27.75 31.15 -14.99
CA ASN E 1235 26.34 31.47 -15.14
C ASN E 1235 25.68 31.59 -13.77
N GLU E 1236 24.47 32.15 -13.77
CA GLU E 1236 23.78 32.45 -12.51
C GLU E 1236 23.40 31.19 -11.76
N GLY E 1237 23.10 30.10 -12.47
CA GLY E 1237 22.65 28.89 -11.80
C GLY E 1237 23.70 28.29 -10.88
N THR E 1238 24.94 28.17 -11.38
CA THR E 1238 25.98 27.58 -10.55
C THR E 1238 26.41 28.53 -9.44
N LEU E 1239 26.37 29.84 -9.68
CA LEU E 1239 26.64 30.79 -8.61
C LEU E 1239 25.60 30.67 -7.51
N THR E 1240 24.32 30.53 -7.88
CA THR E 1240 23.26 30.34 -6.89
C THR E 1240 23.47 29.05 -6.12
N GLU E 1241 23.84 27.98 -6.81
CA GLU E 1241 24.07 26.70 -6.13
C GLU E 1241 25.22 26.80 -5.14
N VAL E 1242 26.33 27.39 -5.55
CA VAL E 1242 27.48 27.50 -4.66
C VAL E 1242 27.16 28.42 -3.48
N LYS E 1243 26.41 29.49 -3.72
CA LYS E 1243 26.00 30.36 -2.62
C LYS E 1243 25.11 29.62 -1.63
N SER E 1244 24.14 28.86 -2.13
CA SER E 1244 23.28 28.10 -1.23
C SER E 1244 24.07 27.07 -0.44
N LYS E 1245 25.11 26.48 -1.06
CA LYS E 1245 25.98 25.59 -0.32
C LYS E 1245 26.74 26.33 0.77
N LEU E 1246 27.23 27.53 0.45
CA LEU E 1246 28.04 28.29 1.41
C LEU E 1246 27.22 28.70 2.63
N VAL E 1247 25.99 29.17 2.42
CA VAL E 1247 25.18 29.69 3.51
C VAL E 1247 24.27 28.59 4.02
N SER E 1248 24.55 27.35 3.65
CA SER E 1248 23.74 26.24 4.12
C SER E 1248 23.96 26.02 5.61
N ASN E 1249 23.02 25.29 6.22
CA ASN E 1249 23.12 25.01 7.65
C ASN E 1249 24.37 24.20 7.96
N ARG E 1250 24.70 23.22 7.11
CA ARG E 1250 25.81 22.33 7.40
C ARG E 1250 27.14 23.09 7.37
N ASN E 1251 27.33 23.98 6.41
CA ASN E 1251 28.59 24.71 6.32
C ASN E 1251 28.79 25.63 7.53
N LEU E 1252 27.73 26.32 7.92
CA LEU E 1252 27.81 27.17 9.11
C LEU E 1252 28.06 26.34 10.36
N LEU E 1253 27.40 25.19 10.47
CA LEU E 1253 27.60 24.30 11.60
C LEU E 1253 29.06 23.86 11.69
N PHE E 1254 29.65 23.45 10.56
CA PHE E 1254 31.02 22.96 10.60
C PHE E 1254 32.01 24.08 10.87
N CYS E 1255 31.84 25.24 10.23
CA CYS E 1255 32.77 26.34 10.41
C CYS E 1255 32.58 27.06 11.74
N LEU E 1256 31.50 26.77 12.47
CA LEU E 1256 31.41 27.22 13.86
C LEU E 1256 31.92 26.18 14.84
N ILE E 1257 31.74 24.89 14.54
CA ILE E 1257 32.31 23.85 15.39
C ILE E 1257 33.83 23.93 15.39
N ASP E 1258 34.43 24.14 14.21
CA ASP E 1258 35.88 24.28 14.25
C ASP E 1258 36.32 25.62 14.84
N ALA E 1259 35.40 26.55 15.06
CA ALA E 1259 35.71 27.80 15.74
C ALA E 1259 35.64 27.67 17.25
N ASP E 1260 35.26 26.49 17.77
CA ASP E 1260 35.25 26.18 19.20
C ASP E 1260 34.29 27.11 19.93
N ILE E 1261 33.21 27.51 19.24
CA ILE E 1261 32.14 28.31 19.84
C ILE E 1261 31.09 27.48 20.55
N PRO E 1262 30.55 26.40 19.95
CA PRO E 1262 29.32 25.81 20.50
C PRO E 1262 29.44 25.23 21.90
N LYS E 1263 30.64 25.16 22.47
CA LYS E 1263 30.75 24.71 23.85
C LYS E 1263 30.33 25.78 24.85
N THR E 1264 30.10 27.02 24.40
CA THR E 1264 29.74 28.12 25.28
C THR E 1264 28.35 28.66 25.00
N LEU E 1265 27.49 27.89 24.35
CA LEU E 1265 26.16 28.36 24.02
C LEU E 1265 25.19 28.15 25.17
N ASN E 1266 24.27 29.10 25.33
CA ASN E 1266 23.20 29.03 26.32
C ASN E 1266 21.95 28.58 25.58
N THR E 1267 21.61 27.29 25.68
CA THR E 1267 20.56 26.72 24.88
C THR E 1267 19.63 25.79 25.66
N ILE E 1268 19.81 25.66 26.96
CA ILE E 1268 18.94 24.82 27.79
C ILE E 1268 18.25 25.71 28.82
N GLN E 1269 16.97 25.45 29.04
CA GLN E 1269 16.21 26.20 30.04
C GLN E 1269 16.80 25.97 31.42
N PHE E 1270 16.86 27.02 32.21
CA PHE E 1270 17.47 26.95 33.54
C PHE E 1270 16.46 26.37 34.51
N THR E 1271 16.67 25.11 34.90
CA THR E 1271 15.92 24.43 35.95
C THR E 1271 16.93 23.98 36.98
N PRO E 1272 17.31 24.85 37.92
CA PRO E 1272 18.43 24.53 38.81
C PRO E 1272 18.23 23.28 39.64
N ARG E 1273 16.99 23.01 40.06
CA ARG E 1273 16.76 21.88 40.95
C ARG E 1273 16.88 20.54 40.22
N TYR E 1274 16.82 20.55 38.89
CA TYR E 1274 16.77 19.30 38.12
C TYR E 1274 18.02 19.07 37.28
N THR E 1275 18.40 20.04 36.46
CA THR E 1275 19.44 19.86 35.46
C THR E 1275 20.52 20.93 35.55
N TRP E 1276 21.04 21.16 36.76
CA TRP E 1276 22.07 22.15 36.97
C TRP E 1276 23.09 21.62 37.97
N LEU E 1277 24.37 21.91 37.72
CA LEU E 1277 25.43 21.57 38.65
C LEU E 1277 25.95 22.83 39.32
N PRO E 1278 25.66 23.04 40.60
CA PRO E 1278 26.19 24.22 41.29
C PRO E 1278 27.70 24.20 41.32
N PRO E 1279 28.34 25.37 41.45
CA PRO E 1279 29.80 25.44 41.29
C PRO E 1279 30.59 24.54 42.23
N GLY E 1280 30.43 24.73 43.53
CA GLY E 1280 31.31 24.06 44.46
C GLY E 1280 31.07 22.58 44.65
N ILE E 1281 30.11 21.99 43.93
CA ILE E 1281 29.77 20.59 44.07
C ILE E 1281 29.72 19.93 42.70
N SER E 1282 29.93 18.62 42.68
CA SER E 1282 29.92 17.84 41.44
C SER E 1282 29.62 16.39 41.78
N LEU E 1283 29.84 15.51 40.80
CA LEU E 1283 29.76 14.09 41.04
C LEU E 1283 31.03 13.61 41.77
N PRO E 1284 30.98 12.43 42.39
CA PRO E 1284 32.19 11.91 43.03
C PRO E 1284 33.32 11.72 42.03
N HIS E 1285 34.54 11.86 42.53
CA HIS E 1285 35.71 11.88 41.64
C HIS E 1285 35.89 10.53 40.93
N ASN E 1286 35.73 9.43 41.66
CA ASN E 1286 35.97 8.11 41.06
C ASN E 1286 34.95 7.79 39.98
N VAL E 1287 33.67 8.07 40.24
CA VAL E 1287 32.65 7.80 39.23
C VAL E 1287 32.82 8.73 38.04
N LEU E 1288 33.24 9.97 38.26
CA LEU E 1288 33.54 10.87 37.14
C LEU E 1288 34.69 10.33 36.30
N ALA E 1289 35.74 9.84 36.95
CA ALA E 1289 36.87 9.28 36.21
C ALA E 1289 36.44 8.06 35.40
N LEU E 1290 35.62 7.20 35.99
CA LEU E 1290 35.12 6.05 35.25
C LEU E 1290 34.25 6.48 34.08
N TRP E 1291 33.41 7.50 34.28
CA TRP E 1291 32.49 7.95 33.24
C TRP E 1291 33.25 8.58 32.07
N ARG E 1292 34.20 9.47 32.36
CA ARG E 1292 34.88 10.20 31.29
C ARG E 1292 35.93 9.34 30.58
N GLU E 1293 36.64 8.49 31.33
CA GLU E 1293 37.72 7.69 30.77
C GLU E 1293 37.26 6.31 30.32
N ASN E 1294 36.00 6.17 29.94
CA ASN E 1294 35.49 4.90 29.43
C ASN E 1294 34.30 5.17 28.51
N PRO E 1295 34.55 5.51 27.24
CA PRO E 1295 33.44 5.87 26.35
C PRO E 1295 32.42 4.76 26.18
N GLU E 1296 32.84 3.49 26.16
CA GLU E 1296 31.89 2.40 26.03
C GLU E 1296 31.01 2.27 27.28
N PHE E 1297 31.57 2.56 28.45
CA PHE E 1297 30.83 2.49 29.70
C PHE E 1297 29.96 3.71 29.95
N ALA E 1298 30.17 4.79 29.20
CA ALA E 1298 29.42 6.02 29.42
C ALA E 1298 28.00 5.97 28.84
N LYS E 1299 27.71 5.01 27.97
CA LYS E 1299 26.42 4.95 27.30
C LYS E 1299 25.41 4.10 28.06
N ILE E 1300 25.79 3.50 29.18
CA ILE E 1300 24.88 2.64 29.94
C ILE E 1300 24.51 3.23 31.29
N ILE E 1301 25.16 4.31 31.73
CA ILE E 1301 24.83 4.93 33.00
C ILE E 1301 23.53 5.71 32.84
N GLY E 1302 22.56 5.41 33.68
CA GLY E 1302 21.26 6.03 33.60
C GLY E 1302 20.81 6.60 34.93
N PRO E 1303 19.66 7.27 34.93
CA PRO E 1303 19.16 7.87 36.18
C PRO E 1303 18.93 6.84 37.29
N HIS E 1304 18.45 5.65 36.93
CA HIS E 1304 18.23 4.61 37.93
C HIS E 1304 19.55 4.12 38.52
N ASN E 1305 20.61 4.08 37.71
CA ASN E 1305 21.91 3.69 38.23
C ASN E 1305 22.48 4.75 39.16
N LEU E 1306 22.09 6.02 38.98
CA LEU E 1306 22.59 7.07 39.84
C LEU E 1306 21.93 7.04 41.22
N ARG E 1307 20.75 6.42 41.32
CA ARG E 1307 20.09 6.31 42.62
C ARG E 1307 20.88 5.43 43.57
N ASP E 1308 21.70 4.53 43.04
CA ASP E 1308 22.57 3.70 43.88
C ASP E 1308 23.66 4.50 44.57
N LEU E 1309 23.87 5.75 44.16
CA LEU E 1309 24.90 6.60 44.75
C LEU E 1309 24.28 7.49 45.84
N ALA E 1310 23.87 6.84 46.93
CA ALA E 1310 23.36 7.55 48.10
C ALA E 1310 24.46 7.62 49.13
N LEU E 1311 25.39 8.55 48.96
CA LEU E 1311 26.50 8.69 49.87
C LEU E 1311 26.08 9.38 51.16
N GLY E 1312 26.81 9.08 52.23
CA GLY E 1312 26.58 9.71 53.51
C GLY E 1312 27.28 11.05 53.61
N ASP E 1313 27.21 11.62 54.81
CA ASP E 1313 27.82 12.92 55.06
C ASP E 1313 29.33 12.87 54.89
N GLU E 1314 29.96 11.81 55.40
CA GLU E 1314 31.42 11.71 55.35
C GLU E 1314 31.92 11.67 53.90
N GLU E 1315 31.31 10.81 53.08
CA GLU E 1315 31.74 10.71 51.68
C GLU E 1315 31.51 12.01 50.93
N SER E 1316 30.37 12.67 51.18
CA SER E 1316 30.04 13.87 50.43
C SER E 1316 30.80 15.09 50.95
N LEU E 1317 31.42 14.97 52.12
CA LEU E 1317 32.02 16.15 52.75
C LEU E 1317 33.54 16.09 52.77
N VAL E 1318 34.13 14.98 53.23
CA VAL E 1318 35.57 14.91 53.42
C VAL E 1318 36.20 14.01 52.36
N LYS E 1319 35.69 12.77 52.26
CA LYS E 1319 36.31 11.80 51.36
C LYS E 1319 36.24 12.27 49.90
N GLY E 1320 35.10 12.78 49.48
CA GLY E 1320 34.93 13.30 48.15
C GLY E 1320 34.46 12.29 47.12
N ASN E 1321 34.56 10.99 47.41
CA ASN E 1321 34.16 9.97 46.47
C ASN E 1321 33.50 8.82 47.23
N CYS E 1322 32.70 8.05 46.52
CA CYS E 1322 31.95 6.96 47.13
C CYS E 1322 32.89 5.87 47.64
N SER E 1323 32.39 5.08 48.60
CA SER E 1323 33.18 4.01 49.18
C SER E 1323 33.34 2.88 48.17
N ASP E 1324 34.21 1.93 48.52
CA ASP E 1324 34.51 0.82 47.62
C ASP E 1324 33.26 -0.01 47.34
N ILE E 1325 32.47 -0.30 48.36
CA ILE E 1325 31.29 -1.15 48.17
C ILE E 1325 30.25 -0.41 47.35
N ASN E 1326 30.09 0.90 47.56
CA ASN E 1326 29.13 1.67 46.77
C ASN E 1326 29.57 1.72 45.31
N TYR E 1327 30.86 1.93 45.06
CA TYR E 1327 31.36 1.95 43.70
C TYR E 1327 31.17 0.59 43.03
N ASN E 1328 31.44 -0.49 43.75
CA ASN E 1328 31.24 -1.82 43.20
C ASN E 1328 29.77 -2.07 42.85
N ARG E 1329 28.86 -1.68 43.75
CA ARG E 1329 27.44 -1.85 43.47
C ARG E 1329 27.02 -1.02 42.27
N PHE E 1330 27.52 0.21 42.16
CA PHE E 1330 27.13 1.08 41.06
C PHE E 1330 27.62 0.52 39.73
N VAL E 1331 28.87 0.07 39.67
CA VAL E 1331 29.39 -0.48 38.42
C VAL E 1331 28.69 -1.79 38.08
N GLU E 1332 28.35 -2.59 39.10
CA GLU E 1332 27.63 -3.83 38.85
C GLU E 1332 26.25 -3.55 38.25
N GLY E 1333 25.53 -2.56 38.81
CA GLY E 1333 24.26 -2.20 38.23
C GLY E 1333 24.38 -1.65 36.82
N CYS E 1334 25.41 -0.83 36.58
CA CYS E 1334 25.61 -0.30 35.24
C CYS E 1334 25.89 -1.41 34.23
N ARG E 1335 26.72 -2.39 34.61
CA ARG E 1335 26.99 -3.51 33.73
C ARG E 1335 25.73 -4.35 33.51
N ALA E 1336 24.95 -4.57 34.57
CA ALA E 1336 23.72 -5.34 34.45
C ALA E 1336 22.65 -4.62 33.64
N ASN E 1337 22.79 -3.31 33.44
CA ASN E 1337 21.87 -2.61 32.56
C ASN E 1337 21.82 -3.21 31.16
N GLY E 1338 22.92 -3.81 30.69
CA GLY E 1338 22.96 -4.33 29.34
C GLY E 1338 22.20 -5.61 29.13
N GLN E 1339 21.73 -6.25 30.20
CA GLN E 1339 20.94 -7.46 30.09
C GLN E 1339 19.50 -7.30 30.52
N SER E 1340 19.15 -6.22 31.21
CA SER E 1340 17.78 -5.98 31.62
C SER E 1340 17.01 -5.32 30.48
N PHE E 1341 15.81 -4.84 30.77
CA PHE E 1341 14.99 -4.18 29.75
C PHE E 1341 15.53 -2.81 29.37
N TYR E 1342 16.50 -2.28 30.10
CA TYR E 1342 17.09 -0.99 29.79
C TYR E 1342 18.15 -1.06 28.69
N ALA E 1343 18.47 -2.26 28.21
CA ALA E 1343 19.51 -2.41 27.20
C ALA E 1343 19.14 -1.69 25.92
N GLY E 1344 20.09 -0.95 25.36
CA GLY E 1344 19.88 -0.23 24.13
C GLY E 1344 19.19 1.11 24.25
N ALA E 1345 18.72 1.47 25.45
CA ALA E 1345 18.10 2.76 25.65
C ALA E 1345 19.17 3.84 25.82
N ASP E 1346 18.75 5.08 25.61
CA ASP E 1346 19.62 6.24 25.80
C ASP E 1346 19.18 6.98 27.07
N PHE E 1347 20.16 7.32 27.91
CA PHE E 1347 19.89 8.09 29.12
C PHE E 1347 20.47 9.48 29.06
N SER E 1348 21.07 9.87 27.92
CA SER E 1348 21.79 11.14 27.86
C SER E 1348 20.89 12.32 28.19
N SER E 1349 19.63 12.26 27.78
CA SER E 1349 18.73 13.38 28.01
C SER E 1349 18.49 13.66 29.48
N GLU E 1350 18.84 12.73 30.37
CA GLU E 1350 18.64 12.92 31.80
C GLU E 1350 19.93 12.90 32.60
N VAL E 1351 21.06 12.51 32.01
CA VAL E 1351 22.32 12.46 32.73
C VAL E 1351 23.41 13.29 32.07
N ASN E 1352 23.09 14.05 31.01
CA ASN E 1352 24.12 14.83 30.33
C ASN E 1352 24.69 15.90 31.24
N PHE E 1353 23.84 16.56 32.03
CA PHE E 1353 24.31 17.64 32.89
C PHE E 1353 25.32 17.16 33.92
N CYS E 1354 25.32 15.87 34.25
CA CYS E 1354 26.27 15.35 35.24
C CYS E 1354 27.70 15.46 34.73
N VAL E 1355 27.93 15.17 33.45
CA VAL E 1355 29.25 15.19 32.86
C VAL E 1355 29.51 16.44 32.04
N GLY E 1356 28.56 17.35 31.97
CA GLY E 1356 28.73 18.59 31.25
C GLY E 1356 28.37 18.54 29.78
N LEU E 1357 28.03 17.37 29.25
CA LEU E 1357 27.61 17.30 27.86
C LEU E 1357 26.22 17.89 27.68
N VAL E 1358 25.93 18.30 26.45
CA VAL E 1358 24.63 18.86 26.10
C VAL E 1358 24.41 18.67 24.61
N THR E 1359 23.14 18.53 24.23
CA THR E 1359 22.75 18.33 22.84
C THR E 1359 22.13 19.62 22.30
N ILE E 1360 22.63 20.07 21.16
CA ILE E 1360 22.15 21.30 20.53
C ILE E 1360 21.80 21.01 19.08
N PRO E 1361 20.64 21.45 18.60
CA PRO E 1361 20.30 21.26 17.18
C PRO E 1361 21.25 22.04 16.28
N ASN E 1362 21.43 21.52 15.06
CA ASN E 1362 22.32 22.18 14.11
C ASN E 1362 21.79 23.56 13.72
N LYS E 1363 20.47 23.73 13.69
CA LYS E 1363 19.89 25.02 13.36
C LYS E 1363 20.33 26.08 14.37
N VAL E 1364 20.39 25.71 15.65
CA VAL E 1364 20.82 26.66 16.68
C VAL E 1364 22.27 27.08 16.42
N ILE E 1365 23.11 26.14 16.01
CA ILE E 1365 24.52 26.46 15.76
C ILE E 1365 24.64 27.42 14.58
N ALA E 1366 23.94 27.13 13.49
CA ALA E 1366 23.97 28.03 12.33
C ALA E 1366 23.44 29.41 12.70
N ASP E 1367 22.35 29.45 13.46
CA ASP E 1367 21.74 30.72 13.81
C ASP E 1367 22.61 31.52 14.78
N THR E 1368 23.35 30.86 15.67
CA THR E 1368 24.21 31.62 16.56
C THR E 1368 25.45 32.13 15.84
N LEU E 1369 25.95 31.39 14.85
CA LEU E 1369 27.00 31.94 14.00
C LEU E 1369 26.49 33.18 13.28
N GLU E 1370 25.28 33.10 12.73
CA GLU E 1370 24.72 34.27 12.06
C GLU E 1370 24.47 35.41 13.03
N ALA E 1371 24.11 35.12 14.27
CA ALA E 1371 23.88 36.17 15.26
C ALA E 1371 25.19 36.86 15.63
N LEU E 1372 26.28 36.10 15.74
CA LEU E 1372 27.59 36.73 15.94
C LEU E 1372 27.94 37.63 14.77
N LEU E 1373 27.70 37.15 13.55
CA LEU E 1373 27.93 38.01 12.38
C LEU E 1373 27.08 39.27 12.46
N GLY E 1374 25.83 39.13 12.90
CA GLY E 1374 24.94 40.28 12.97
C GLY E 1374 25.37 41.32 13.99
N VAL E 1375 25.82 40.86 15.16
CA VAL E 1375 26.27 41.82 16.16
C VAL E 1375 27.54 42.52 15.69
N ILE E 1376 28.45 41.77 15.06
CA ILE E 1376 29.65 42.41 14.52
C ILE E 1376 29.28 43.44 13.48
N VAL E 1377 28.33 43.12 12.60
CA VAL E 1377 27.87 44.08 11.60
C VAL E 1377 27.32 45.32 12.29
N LYS E 1378 26.29 45.13 13.13
CA LYS E 1378 25.60 46.26 13.75
C LYS E 1378 26.54 47.16 14.52
N ASN E 1379 27.63 46.61 15.05
CA ASN E 1379 28.54 47.44 15.84
C ASN E 1379 29.69 48.03 15.04
N TYR E 1380 30.13 47.41 13.94
CA TYR E 1380 31.36 47.85 13.30
C TYR E 1380 31.27 48.03 11.80
N GLY E 1381 30.09 47.98 11.20
CA GLY E 1381 29.98 48.20 9.77
C GLY E 1381 30.45 47.03 8.94
N LEU E 1382 30.11 47.08 7.65
CA LEU E 1382 30.41 46.00 6.74
C LEU E 1382 31.90 45.84 6.52
N GLN E 1383 32.63 46.95 6.48
CA GLN E 1383 34.07 46.89 6.24
C GLN E 1383 34.76 46.06 7.31
N HIS E 1384 34.40 46.28 8.58
CA HIS E 1384 34.99 45.48 9.66
C HIS E 1384 34.38 44.09 9.75
N ALA E 1385 33.10 43.95 9.41
CA ALA E 1385 32.46 42.64 9.52
C ALA E 1385 32.90 41.68 8.43
N PHE E 1386 33.47 42.18 7.34
CA PHE E 1386 33.95 41.28 6.30
C PHE E 1386 35.08 40.39 6.80
N LYS E 1387 35.95 40.91 7.68
CA LYS E 1387 37.03 40.09 8.22
C LYS E 1387 36.50 38.93 9.04
N MET E 1388 35.27 39.03 9.54
CA MET E 1388 34.71 37.94 10.32
C MET E 1388 34.58 36.67 9.51
N LEU E 1389 34.28 36.80 8.21
CA LEU E 1389 34.24 35.63 7.35
C LEU E 1389 35.62 35.04 7.11
N GLU E 1390 36.67 35.87 7.12
CA GLU E 1390 38.02 35.33 7.18
C GLU E 1390 38.23 34.55 8.47
N TYR E 1391 37.70 35.06 9.58
CA TYR E 1391 37.85 34.37 10.85
C TYR E 1391 37.19 33.00 10.84
N PHE E 1392 35.99 32.91 10.27
CA PHE E 1392 35.22 31.67 10.27
C PHE E 1392 35.53 30.79 9.06
N LYS E 1393 36.44 31.21 8.19
CA LYS E 1393 36.84 30.46 7.00
C LYS E 1393 35.68 30.16 6.07
N ILE E 1394 34.62 30.99 6.11
CA ILE E 1394 33.53 30.83 5.16
C ILE E 1394 33.98 31.25 3.77
N CYS E 1395 34.67 32.37 3.67
CA CYS E 1395 35.21 32.86 2.40
C CYS E 1395 36.73 32.86 2.48
N ARG E 1396 37.35 32.04 1.63
CA ARG E 1396 38.81 31.97 1.61
C ARG E 1396 39.39 33.27 1.08
N ALA E 1397 40.40 33.80 1.76
CA ALA E 1397 41.01 35.06 1.37
C ALA E 1397 42.05 34.83 0.27
N ASP E 1398 42.40 35.91 -0.42
CA ASP E 1398 43.39 35.85 -1.48
C ASP E 1398 44.20 37.13 -1.47
N ILE E 1399 45.42 37.03 -2.02
CA ILE E 1399 46.32 38.18 -2.04
C ILE E 1399 45.78 39.27 -2.96
N ASP E 1400 45.18 38.88 -4.09
CA ASP E 1400 44.72 39.86 -5.05
C ASP E 1400 43.44 40.56 -4.61
N LYS E 1401 42.55 39.83 -3.92
CA LYS E 1401 41.25 40.36 -3.51
C LYS E 1401 41.04 40.13 -2.03
N PRO E 1402 41.47 41.06 -1.18
CA PRO E 1402 41.17 40.94 0.25
C PRO E 1402 39.67 41.03 0.51
N LEU E 1403 39.24 40.33 1.55
CA LEU E 1403 37.81 40.29 1.88
C LEU E 1403 37.28 41.64 2.30
N THR E 1404 38.15 42.58 2.70
CA THR E 1404 37.71 43.91 3.08
C THR E 1404 37.30 44.76 1.89
N GLN E 1405 37.59 44.32 0.66
CA GLN E 1405 37.30 45.11 -0.53
C GLN E 1405 36.12 44.56 -1.32
N LEU E 1406 35.20 43.85 -0.66
CA LEU E 1406 34.03 43.32 -1.36
C LEU E 1406 33.10 44.42 -1.83
N LEU E 1407 33.16 45.60 -1.22
CA LEU E 1407 32.37 46.73 -1.72
C LEU E 1407 32.93 47.28 -3.03
N ASN E 1408 34.11 46.84 -3.45
CA ASN E 1408 34.72 47.22 -4.72
C ASN E 1408 34.52 46.15 -5.78
N LEU E 1409 33.34 45.54 -5.79
CA LEU E 1409 33.03 44.47 -6.73
C LEU E 1409 33.29 44.90 -8.17
N GLU E 1410 33.95 44.04 -8.93
CA GLU E 1410 34.28 44.30 -10.32
C GLU E 1410 33.37 43.46 -11.20
N LEU E 1411 32.72 44.10 -12.17
CA LEU E 1411 31.92 43.40 -13.17
C LEU E 1411 32.80 42.96 -14.33
N GLY E 1412 33.79 42.13 -13.99
CA GLY E 1412 34.82 41.74 -14.94
C GLY E 1412 34.38 40.62 -15.86
N GLY E 1413 35.37 40.07 -16.57
CA GLY E 1413 35.13 39.01 -17.52
C GLY E 1413 34.99 39.52 -18.95
N LYS E 1414 34.98 38.55 -19.87
CA LYS E 1414 34.84 38.86 -21.29
C LYS E 1414 33.47 39.40 -21.64
N LYS E 1415 32.49 39.28 -20.74
CA LYS E 1415 31.12 39.68 -21.03
C LYS E 1415 30.94 41.19 -21.11
N MET E 1416 31.95 41.98 -20.74
CA MET E 1416 31.89 43.43 -20.85
C MET E 1416 32.91 43.91 -21.88
N ARG E 1417 32.54 44.96 -22.62
CA ARG E 1417 33.41 45.59 -23.61
C ARG E 1417 33.42 47.08 -23.32
N ALA E 1418 34.50 47.56 -22.68
CA ALA E 1418 34.59 48.95 -22.28
C ALA E 1418 35.02 49.88 -23.41
N ASN E 1419 35.38 49.33 -24.57
CA ASN E 1419 35.79 50.14 -25.71
C ASN E 1419 34.62 50.50 -26.62
N VAL E 1420 33.40 50.11 -26.25
CA VAL E 1420 32.23 50.38 -27.08
C VAL E 1420 31.80 51.83 -26.88
N ASN E 1421 31.60 52.54 -27.99
CA ASN E 1421 31.16 53.93 -27.93
C ASN E 1421 29.71 54.01 -27.46
N THR E 1422 29.37 55.14 -26.84
CA THR E 1422 28.09 55.27 -26.15
C THR E 1422 26.91 55.39 -27.10
N THR E 1423 27.12 55.82 -28.34
CA THR E 1423 26.01 56.02 -29.27
C THR E 1423 25.31 54.70 -29.59
N GLU E 1424 26.08 53.62 -29.71
CA GLU E 1424 25.47 52.33 -30.02
C GLU E 1424 24.63 51.82 -28.85
N ILE E 1425 25.08 52.07 -27.61
CA ILE E 1425 24.25 51.74 -26.45
C ILE E 1425 22.98 52.59 -26.45
N ASP E 1426 23.13 53.89 -26.69
CA ASP E 1426 21.95 54.76 -26.74
C ASP E 1426 20.98 54.34 -27.83
N GLY E 1427 21.47 53.70 -28.89
CA GLY E 1427 20.57 53.13 -29.88
C GLY E 1427 19.66 52.08 -29.27
N PHE E 1428 20.20 51.28 -28.35
CA PHE E 1428 19.37 50.32 -27.62
C PHE E 1428 18.43 51.01 -26.64
N LEU E 1429 18.86 52.11 -26.05
CA LEU E 1429 18.11 52.76 -24.98
C LEU E 1429 17.22 53.84 -25.57
N ILE E 1430 15.92 53.57 -25.64
CA ILE E 1430 14.93 54.53 -26.10
C ILE E 1430 14.14 55.01 -24.89
N ASN E 1431 13.66 56.25 -24.96
CA ASN E 1431 13.01 56.91 -23.82
C ASN E 1431 13.91 56.84 -22.59
N HIS E 1432 15.18 57.18 -22.81
CA HIS E 1432 16.20 57.05 -21.77
C HIS E 1432 15.87 57.95 -20.57
N TYR E 1433 15.54 59.21 -20.83
CA TYR E 1433 15.18 60.14 -19.77
C TYR E 1433 13.94 59.67 -19.02
N TYR E 1434 12.99 59.09 -19.75
CA TYR E 1434 11.76 58.58 -19.12
C TYR E 1434 12.10 57.54 -18.06
N LEU E 1435 12.92 56.56 -18.42
CA LEU E 1435 13.31 55.51 -17.48
C LEU E 1435 14.12 56.07 -16.33
N GLU E 1436 15.07 56.96 -16.60
CA GLU E 1436 15.88 57.50 -15.51
C GLU E 1436 15.04 58.31 -14.54
N LYS E 1437 14.09 59.09 -15.05
CA LYS E 1437 13.22 59.86 -14.19
C LYS E 1437 12.34 58.96 -13.33
N ASN E 1438 11.75 57.91 -13.92
CA ASN E 1438 10.91 57.03 -13.12
C ASN E 1438 11.72 56.24 -12.09
N LEU E 1439 12.92 55.80 -12.45
CA LEU E 1439 13.72 55.01 -11.54
C LEU E 1439 14.24 55.84 -10.38
N GLY E 1440 14.51 57.12 -10.62
CA GLY E 1440 15.07 57.99 -9.61
C GLY E 1440 16.58 58.07 -9.58
N TYR E 1441 17.25 57.50 -10.56
CA TYR E 1441 18.70 57.55 -10.64
C TYR E 1441 19.13 57.97 -12.03
N THR E 1442 20.18 58.79 -12.09
CA THR E 1442 20.81 59.17 -13.35
C THR E 1442 22.13 58.42 -13.47
N PHE E 1443 22.37 57.84 -14.64
CA PHE E 1443 23.55 57.00 -14.83
C PHE E 1443 24.68 57.79 -15.47
N LYS E 1444 25.89 57.52 -15.00
CA LYS E 1444 27.10 58.02 -15.64
C LYS E 1444 27.63 57.05 -16.69
N ASP E 1445 27.48 55.76 -16.46
CA ASP E 1445 27.85 54.73 -17.41
C ASP E 1445 26.61 53.89 -17.71
N ARG E 1446 26.10 54.02 -18.93
CA ARG E 1446 24.80 53.45 -19.28
C ARG E 1446 24.85 51.95 -19.56
N ARG E 1447 26.04 51.37 -19.71
CA ARG E 1447 26.12 49.95 -20.05
C ARG E 1447 25.60 49.06 -18.92
N TYR E 1448 25.71 49.51 -17.67
CA TYR E 1448 25.10 48.77 -16.58
C TYR E 1448 23.59 48.70 -16.75
N LEU E 1449 22.98 49.82 -17.17
CA LEU E 1449 21.54 49.82 -17.42
C LEU E 1449 21.20 48.87 -18.56
N LEU E 1450 22.02 48.85 -19.61
CA LEU E 1450 21.78 47.93 -20.72
C LEU E 1450 21.84 46.49 -20.25
N GLN E 1451 22.82 46.16 -19.42
CA GLN E 1451 22.90 44.80 -18.87
C GLN E 1451 21.69 44.49 -18.00
N ALA E 1452 21.22 45.47 -17.23
CA ALA E 1452 20.06 45.25 -16.37
C ALA E 1452 18.81 44.96 -17.19
N LEU E 1453 18.63 45.66 -18.31
CA LEU E 1453 17.42 45.51 -19.11
C LEU E 1453 17.51 44.41 -20.16
N THR E 1454 18.63 43.70 -20.25
CA THR E 1454 18.85 42.72 -21.30
C THR E 1454 18.38 41.35 -20.83
N HIS E 1455 17.22 40.91 -21.32
CA HIS E 1455 16.78 39.56 -21.10
C HIS E 1455 17.65 38.60 -21.91
N PRO E 1456 17.88 37.38 -21.41
CA PRO E 1456 18.70 36.42 -22.18
C PRO E 1456 18.14 36.07 -23.55
N SER E 1457 16.84 36.23 -23.76
CA SER E 1457 16.23 35.90 -25.04
C SER E 1457 16.46 36.98 -26.10
N TYR E 1458 16.99 38.13 -25.71
CA TYR E 1458 17.20 39.22 -26.67
C TYR E 1458 18.46 38.93 -27.48
N PRO E 1459 18.36 38.75 -28.80
CA PRO E 1459 19.50 38.26 -29.57
C PRO E 1459 20.43 39.33 -30.11
N THR E 1460 19.95 40.56 -30.27
CA THR E 1460 20.71 41.57 -30.99
C THR E 1460 21.65 42.38 -30.10
N ASN E 1461 21.73 42.06 -28.81
CA ASN E 1461 22.66 42.71 -27.90
C ASN E 1461 23.91 41.84 -27.80
N ARG E 1462 24.99 42.26 -28.47
CA ARG E 1462 26.22 41.48 -28.53
C ARG E 1462 27.38 42.19 -27.86
N ILE E 1463 27.11 43.22 -27.06
CA ILE E 1463 28.18 43.97 -26.39
C ILE E 1463 28.14 43.83 -24.88
N THR E 1464 27.09 43.25 -24.31
CA THR E 1464 26.97 43.14 -22.87
C THR E 1464 26.02 41.98 -22.53
N GLY E 1465 26.36 41.26 -21.47
CA GLY E 1465 25.63 40.06 -21.10
C GLY E 1465 24.23 40.36 -20.58
N SER E 1466 23.53 39.28 -20.23
CA SER E 1466 22.16 39.37 -19.77
C SER E 1466 22.12 39.95 -18.35
N TYR E 1467 20.92 39.99 -17.78
CA TYR E 1467 20.76 40.57 -16.44
C TYR E 1467 20.96 39.56 -15.32
N GLN E 1468 21.19 38.28 -15.64
CA GLN E 1468 21.30 37.28 -14.58
C GLN E 1468 22.48 37.56 -13.67
N GLU E 1469 23.63 37.94 -14.24
CA GLU E 1469 24.75 38.35 -13.42
C GLU E 1469 24.37 39.51 -12.52
N LEU E 1470 23.77 40.55 -13.10
CA LEU E 1470 23.43 41.74 -12.33
C LEU E 1470 22.37 41.43 -11.28
N GLU E 1471 21.37 40.64 -11.66
CA GLU E 1471 20.29 40.32 -10.73
C GLU E 1471 20.78 39.46 -9.57
N PHE E 1472 21.79 38.61 -9.81
CA PHE E 1472 22.34 37.80 -8.73
C PHE E 1472 22.88 38.66 -7.60
N ILE E 1473 23.65 39.69 -7.94
CA ILE E 1473 24.17 40.61 -6.94
C ILE E 1473 23.05 41.49 -6.38
N GLY E 1474 22.14 41.94 -7.25
CA GLY E 1474 21.09 42.84 -6.79
C GLY E 1474 20.16 42.21 -5.80
N ASN E 1475 19.88 40.91 -5.94
CA ASN E 1475 19.03 40.21 -4.99
C ASN E 1475 19.61 40.32 -3.58
N ALA E 1476 20.89 39.97 -3.43
CA ALA E 1476 21.52 40.03 -2.12
C ALA E 1476 21.60 41.46 -1.62
N ILE E 1477 21.91 42.42 -2.49
CA ILE E 1477 22.03 43.81 -2.05
C ILE E 1477 20.70 44.32 -1.52
N LEU E 1478 19.63 44.11 -2.29
CA LEU E 1478 18.31 44.56 -1.88
C LEU E 1478 17.86 43.86 -0.60
N ASP E 1479 18.08 42.55 -0.52
CA ASP E 1479 17.68 41.81 0.67
C ASP E 1479 18.40 42.35 1.90
N PHE E 1480 19.71 42.58 1.79
CA PHE E 1480 20.46 43.08 2.93
C PHE E 1480 20.00 44.47 3.33
N LEU E 1481 19.77 45.35 2.37
CA LEU E 1481 19.34 46.70 2.71
C LEU E 1481 17.97 46.70 3.37
N ILE E 1482 17.03 45.92 2.83
CA ILE E 1482 15.70 45.85 3.42
C ILE E 1482 15.77 45.28 4.84
N SER E 1483 16.58 44.23 5.02
CA SER E 1483 16.73 43.64 6.34
C SER E 1483 17.34 44.64 7.32
N ALA E 1484 18.33 45.41 6.87
CA ALA E 1484 18.95 46.39 7.74
C ALA E 1484 17.95 47.47 8.16
N TYR E 1485 17.13 47.95 7.22
CA TYR E 1485 16.14 48.96 7.57
C TYR E 1485 15.11 48.41 8.55
N ILE E 1486 14.59 47.20 8.29
CA ILE E 1486 13.57 46.68 9.18
C ILE E 1486 14.16 46.34 10.54
N PHE E 1487 15.44 45.96 10.59
CA PHE E 1487 16.09 45.72 11.87
C PHE E 1487 16.27 47.01 12.66
N GLU E 1488 16.66 48.09 11.96
CA GLU E 1488 16.89 49.35 12.64
C GLU E 1488 15.59 49.98 13.13
N ASN E 1489 14.57 50.03 12.27
CA ASN E 1489 13.35 50.79 12.57
C ASN E 1489 12.26 49.95 13.22
N ASN E 1490 12.06 48.70 12.79
CA ASN E 1490 10.97 47.89 13.30
C ASN E 1490 11.46 47.04 14.47
N THR E 1491 11.69 47.72 15.59
CA THR E 1491 12.12 47.06 16.81
C THR E 1491 10.95 46.63 17.70
N LYS E 1492 9.73 47.07 17.39
CA LYS E 1492 8.58 46.73 18.21
C LYS E 1492 8.10 45.30 17.98
N MET E 1493 8.14 44.83 16.74
CA MET E 1493 7.59 43.52 16.41
C MET E 1493 8.60 42.41 16.67
N ASN E 1494 8.08 41.23 16.99
CA ASN E 1494 8.91 40.09 17.33
C ASN E 1494 9.66 39.59 16.11
N PRO E 1495 10.76 38.86 16.30
CA PRO E 1495 11.56 38.40 15.16
C PRO E 1495 10.80 37.56 14.15
N GLY E 1496 9.78 36.81 14.59
CA GLY E 1496 8.98 36.07 13.62
C GLY E 1496 8.26 37.00 12.66
N ALA E 1497 7.63 38.05 13.18
CA ALA E 1497 7.02 39.05 12.32
C ALA E 1497 8.07 39.77 11.49
N LEU E 1498 9.27 39.98 12.03
CA LEU E 1498 10.32 40.64 11.28
C LEU E 1498 10.74 39.82 10.07
N THR E 1499 10.93 38.51 10.25
CA THR E 1499 11.33 37.69 9.12
C THR E 1499 10.17 37.49 8.14
N ASP E 1500 8.93 37.46 8.63
CA ASP E 1500 7.79 37.44 7.71
C ASP E 1500 7.75 38.71 6.87
N LEU E 1501 7.97 39.86 7.49
CA LEU E 1501 8.02 41.11 6.74
C LEU E 1501 9.16 41.11 5.74
N ARG E 1502 10.31 40.60 6.13
CA ARG E 1502 11.45 40.53 5.22
C ARG E 1502 11.13 39.67 4.01
N SER E 1503 10.53 38.50 4.24
CA SER E 1503 10.19 37.62 3.14
C SER E 1503 9.11 38.24 2.25
N ALA E 1504 8.17 38.99 2.83
CA ALA E 1504 7.14 39.64 2.03
C ALA E 1504 7.70 40.77 1.18
N LEU E 1505 8.63 41.56 1.72
CA LEU E 1505 9.16 42.70 0.98
C LEU E 1505 10.02 42.29 -0.20
N VAL E 1506 10.74 41.17 -0.09
CA VAL E 1506 11.63 40.71 -1.15
C VAL E 1506 10.98 39.63 -2.00
N ASN E 1507 9.69 39.39 -1.83
CA ASN E 1507 8.98 38.43 -2.66
C ASN E 1507 9.00 38.86 -4.12
N ASN E 1508 9.08 37.86 -5.01
CA ASN E 1508 9.11 38.17 -6.44
C ASN E 1508 7.82 38.86 -6.87
N THR E 1509 6.70 38.51 -6.25
CA THR E 1509 5.44 39.19 -6.58
C THR E 1509 5.51 40.67 -6.22
N THR E 1510 6.03 40.99 -5.03
CA THR E 1510 6.14 42.39 -4.64
C THR E 1510 7.06 43.15 -5.57
N LEU E 1511 8.17 42.54 -5.96
CA LEU E 1511 9.07 43.17 -6.91
C LEU E 1511 8.40 43.39 -8.25
N ALA E 1512 7.55 42.43 -8.66
CA ALA E 1512 6.82 42.59 -9.92
C ALA E 1512 5.85 43.77 -9.84
N CYS E 1513 5.11 43.90 -8.73
CA CYS E 1513 4.20 45.03 -8.60
C CYS E 1513 4.96 46.35 -8.58
N ILE E 1514 6.12 46.38 -7.91
CA ILE E 1514 6.91 47.61 -7.88
C ILE E 1514 7.43 47.95 -9.27
N CYS E 1515 7.88 46.94 -10.02
CA CYS E 1515 8.37 47.18 -11.37
C CYS E 1515 7.27 47.69 -12.29
N VAL E 1516 6.07 47.10 -12.19
CA VAL E 1516 4.96 47.54 -13.01
C VAL E 1516 4.52 48.95 -12.63
N ARG E 1517 4.46 49.24 -11.32
CA ARG E 1517 4.00 50.53 -10.84
C ARG E 1517 4.88 51.67 -11.35
N HIS E 1518 6.19 51.43 -11.46
CA HIS E 1518 7.11 52.43 -11.96
C HIS E 1518 7.26 52.38 -13.48
N ARG E 1519 6.49 51.52 -14.14
CA ARG E 1519 6.50 51.41 -15.61
C ARG E 1519 7.90 51.09 -16.13
N LEU E 1520 8.61 50.21 -15.44
CA LEU E 1520 9.93 49.77 -15.87
C LEU E 1520 9.88 48.63 -16.88
N HIS E 1521 8.71 48.01 -17.08
CA HIS E 1521 8.61 46.92 -18.04
C HIS E 1521 8.62 47.40 -19.49
N PHE E 1522 8.48 48.71 -19.72
CA PHE E 1522 8.53 49.21 -21.09
C PHE E 1522 9.92 49.06 -21.69
N PHE E 1523 10.96 49.02 -20.85
CA PHE E 1523 12.34 49.05 -21.31
C PHE E 1523 13.01 47.69 -21.27
N ILE E 1524 12.27 46.61 -21.01
CA ILE E 1524 12.86 45.29 -21.00
C ILE E 1524 13.17 44.87 -22.42
N LEU E 1525 14.41 44.43 -22.65
CA LEU E 1525 14.86 44.01 -23.97
C LEU E 1525 14.68 42.49 -24.06
N ALA E 1526 13.58 42.06 -24.68
CA ALA E 1526 13.28 40.65 -24.81
C ALA E 1526 12.63 40.40 -26.17
N GLU E 1527 12.69 39.15 -26.61
CA GLU E 1527 12.11 38.75 -27.89
C GLU E 1527 11.30 37.47 -27.77
N ASN E 1528 10.61 37.27 -26.66
CA ASN E 1528 9.76 36.09 -26.48
C ASN E 1528 8.30 36.48 -26.54
N ALA E 1529 7.52 35.77 -27.35
CA ALA E 1529 6.11 36.08 -27.51
C ALA E 1529 5.32 35.72 -26.25
N LYS E 1530 5.55 34.53 -25.70
CA LYS E 1530 4.83 34.12 -24.50
C LYS E 1530 5.15 35.03 -23.32
N LEU E 1531 6.42 35.38 -23.15
CA LEU E 1531 6.80 36.28 -22.07
C LEU E 1531 6.15 37.65 -22.25
N SER E 1532 6.12 38.15 -23.47
CA SER E 1532 5.50 39.44 -23.73
C SER E 1532 4.00 39.40 -23.41
N GLU E 1533 3.32 38.32 -23.81
CA GLU E 1533 1.90 38.19 -23.50
C GLU E 1533 1.67 38.11 -22.00
N ILE E 1534 2.52 37.37 -21.29
CA ILE E 1534 2.38 37.25 -19.84
C ILE E 1534 2.56 38.61 -19.18
N ILE E 1535 3.57 39.36 -19.61
CA ILE E 1535 3.83 40.68 -19.04
C ILE E 1535 2.65 41.61 -19.32
N SER E 1536 2.11 41.56 -20.54
CA SER E 1536 0.98 42.42 -20.88
C SER E 1536 -0.24 42.08 -20.03
N LYS E 1537 -0.53 40.78 -19.86
CA LYS E 1537 -1.66 40.39 -19.04
C LYS E 1537 -1.47 40.83 -17.60
N PHE E 1538 -0.26 40.66 -17.06
CA PHE E 1538 -0.01 41.04 -15.68
C PHE E 1538 -0.12 42.54 -15.48
N VAL E 1539 0.39 43.34 -16.44
CA VAL E 1539 0.31 44.78 -16.29
C VAL E 1539 -1.14 45.25 -16.43
N ASN E 1540 -1.92 44.59 -17.29
CA ASN E 1540 -3.34 44.92 -17.36
C ASN E 1540 -4.04 44.62 -16.04
N PHE E 1541 -3.72 43.47 -15.43
CA PHE E 1541 -4.33 43.13 -14.15
C PHE E 1541 -3.90 44.11 -13.06
N GLN E 1542 -2.64 44.53 -13.08
CA GLN E 1542 -2.17 45.50 -12.10
C GLN E 1542 -2.86 46.85 -12.28
N GLU E 1543 -3.03 47.29 -13.52
CA GLU E 1543 -3.77 48.52 -13.78
C GLU E 1543 -5.22 48.39 -13.32
N SER E 1544 -5.79 47.20 -13.44
CA SER E 1544 -7.15 46.97 -12.94
C SER E 1544 -7.22 47.21 -11.44
N GLN E 1545 -6.15 46.92 -10.71
CA GLN E 1545 -6.08 47.17 -9.28
C GLN E 1545 -5.46 48.52 -8.94
N GLY E 1546 -5.12 49.32 -9.94
CA GLY E 1546 -4.52 50.62 -9.70
C GLY E 1546 -3.13 50.55 -9.10
N HIS E 1547 -2.30 49.60 -9.57
CA HIS E 1547 -0.93 49.44 -9.11
C HIS E 1547 -0.86 49.21 -7.60
N ARG E 1548 -1.88 48.57 -7.03
CA ARG E 1548 -1.91 48.26 -5.62
C ARG E 1548 -1.59 46.78 -5.41
N VAL E 1549 -0.75 46.51 -4.41
CA VAL E 1549 -0.39 45.12 -4.10
C VAL E 1549 -1.63 44.42 -3.56
N THR E 1550 -2.19 43.51 -4.36
CA THR E 1550 -3.36 42.75 -3.96
C THR E 1550 -2.91 41.60 -3.06
N ASN E 1551 -3.78 40.61 -2.86
CA ASN E 1551 -3.43 39.48 -2.00
C ASN E 1551 -2.44 38.56 -2.69
N TYR E 1552 -1.14 38.81 -2.46
CA TYR E 1552 -0.06 38.00 -3.05
C TYR E 1552 -0.19 37.90 -4.57
N VAL E 1553 -0.59 39.00 -5.19
CA VAL E 1553 -0.75 39.06 -6.64
C VAL E 1553 -0.80 40.51 -7.09
N ASN E 1604 -4.90 35.01 -9.52
CA ASN E 1604 -5.35 34.02 -10.49
C ASN E 1604 -4.57 34.15 -11.80
N VAL E 1605 -3.74 35.18 -11.89
CA VAL E 1605 -2.92 35.43 -13.07
C VAL E 1605 -1.47 35.15 -12.72
N ASP E 1606 -0.76 34.47 -13.61
CA ASP E 1606 0.63 34.14 -13.36
C ASP E 1606 1.50 35.39 -13.36
N VAL E 1607 2.50 35.40 -12.49
CA VAL E 1607 3.41 36.53 -12.35
C VAL E 1607 4.74 36.14 -12.99
N PRO E 1608 5.22 36.88 -13.99
CA PRO E 1608 6.51 36.55 -14.61
C PRO E 1608 7.66 36.95 -13.70
N LYS E 1609 8.61 36.04 -13.51
CA LYS E 1609 9.79 36.34 -12.70
C LYS E 1609 10.68 37.38 -13.36
N ALA E 1610 10.44 37.67 -14.64
CA ALA E 1610 11.28 38.61 -15.36
C ALA E 1610 11.22 40.01 -14.75
N LEU E 1611 10.05 40.45 -14.30
CA LEU E 1611 9.93 41.78 -13.73
C LEU E 1611 10.73 41.91 -12.43
N GLY E 1612 10.60 40.94 -11.53
CA GLY E 1612 11.38 40.98 -10.31
C GLY E 1612 12.88 40.90 -10.58
N ASP E 1613 13.26 40.00 -11.49
CA ASP E 1613 14.68 39.85 -11.81
C ASP E 1613 15.25 41.13 -12.41
N VAL E 1614 14.51 41.77 -13.32
CA VAL E 1614 15.01 42.99 -13.93
C VAL E 1614 15.05 44.11 -12.91
N LEU E 1615 14.09 44.18 -11.98
CA LEU E 1615 14.15 45.20 -10.94
C LEU E 1615 15.38 45.03 -10.07
N GLU E 1616 15.68 43.80 -9.66
CA GLU E 1616 16.91 43.53 -8.94
C GLU E 1616 18.13 43.91 -9.77
N ALA E 1617 18.04 43.66 -11.08
CA ALA E 1617 19.15 44.01 -11.97
C ALA E 1617 19.40 45.51 -12.00
N LEU E 1618 18.35 46.33 -12.12
CA LEU E 1618 18.60 47.78 -12.10
C LEU E 1618 19.08 48.23 -10.74
N ILE E 1619 18.63 47.59 -9.67
CA ILE E 1619 19.14 47.94 -8.34
C ILE E 1619 20.65 47.72 -8.29
N ALA E 1620 21.12 46.56 -8.75
CA ALA E 1620 22.54 46.30 -8.77
C ALA E 1620 23.27 47.23 -9.73
N ALA E 1621 22.60 47.62 -10.82
CA ALA E 1621 23.20 48.57 -11.76
C ALA E 1621 23.42 49.93 -11.10
N VAL E 1622 22.45 50.40 -10.33
CA VAL E 1622 22.63 51.63 -9.55
C VAL E 1622 23.81 51.47 -8.60
N TYR E 1623 23.87 50.35 -7.89
CA TYR E 1623 24.96 50.18 -6.93
C TYR E 1623 26.31 50.22 -7.62
N LEU E 1624 26.45 49.51 -8.74
CA LEU E 1624 27.73 49.45 -9.43
C LEU E 1624 28.09 50.79 -10.05
N ASP E 1625 27.10 51.54 -10.55
CA ASP E 1625 27.40 52.83 -11.14
C ASP E 1625 27.82 53.84 -10.08
N CYS E 1626 27.12 53.88 -8.94
CA CYS E 1626 27.40 54.88 -7.93
C CYS E 1626 28.49 54.47 -6.95
N ARG E 1627 28.66 53.17 -6.69
CA ARG E 1627 29.63 52.67 -5.72
C ARG E 1627 29.38 53.27 -4.34
N ASP E 1628 28.10 53.47 -4.00
CA ASP E 1628 27.71 54.08 -2.74
C ASP E 1628 26.43 53.40 -2.27
N LEU E 1629 26.53 52.66 -1.17
CA LEU E 1629 25.36 51.99 -0.63
C LEU E 1629 24.31 52.98 -0.12
N GLN E 1630 24.72 54.21 0.21
CA GLN E 1630 23.74 55.19 0.67
C GLN E 1630 22.84 55.67 -0.47
N ARG E 1631 23.43 55.96 -1.64
CA ARG E 1631 22.62 56.35 -2.79
C ARG E 1631 21.75 55.18 -3.25
N THR E 1632 22.31 53.97 -3.23
CA THR E 1632 21.52 52.78 -3.57
C THR E 1632 20.35 52.62 -2.60
N TRP E 1633 20.59 52.87 -1.31
CA TRP E 1633 19.51 52.80 -0.34
C TRP E 1633 18.46 53.87 -0.59
N GLU E 1634 18.90 55.07 -0.97
CA GLU E 1634 17.95 56.12 -1.30
C GLU E 1634 17.05 55.70 -2.45
N VAL E 1635 17.65 55.10 -3.48
CA VAL E 1635 16.87 54.63 -4.62
C VAL E 1635 15.89 53.55 -4.18
N ILE E 1636 16.36 52.58 -3.41
CA ILE E 1636 15.51 51.47 -3.00
C ILE E 1636 14.36 51.96 -2.12
N PHE E 1637 14.65 52.91 -1.22
CA PHE E 1637 13.60 53.44 -0.36
C PHE E 1637 12.59 54.24 -1.17
N ASN E 1638 13.05 55.00 -2.16
CA ASN E 1638 12.12 55.74 -3.00
C ASN E 1638 11.20 54.79 -3.75
N LEU E 1639 11.74 53.65 -4.20
CA LEU E 1639 10.89 52.66 -4.87
C LEU E 1639 9.94 51.98 -3.88
N PHE E 1640 10.41 51.70 -2.67
CA PHE E 1640 9.69 50.81 -1.75
C PHE E 1640 8.84 51.54 -0.71
N GLU E 1641 8.82 52.88 -0.71
CA GLU E 1641 8.12 53.62 0.34
C GLU E 1641 6.67 53.21 0.52
N PRO E 1642 5.84 53.10 -0.52
CA PRO E 1642 4.45 52.64 -0.27
C PRO E 1642 4.40 51.24 0.32
N GLU E 1643 5.14 50.30 -0.27
CA GLU E 1643 5.14 48.92 0.24
C GLU E 1643 5.72 48.85 1.65
N LEU E 1644 6.78 49.60 1.91
CA LEU E 1644 7.35 49.62 3.26
C LEU E 1644 6.34 50.15 4.27
N GLN E 1645 5.68 51.27 3.95
CA GLN E 1645 4.73 51.85 4.88
C GLN E 1645 3.54 50.93 5.12
N GLU E 1646 3.03 50.31 4.05
CA GLU E 1646 1.86 49.46 4.21
C GLU E 1646 2.18 48.17 4.95
N PHE E 1647 3.30 47.53 4.60
CA PHE E 1647 3.65 46.26 5.21
C PHE E 1647 4.13 46.40 6.65
N THR E 1648 4.51 47.60 7.08
CA THR E 1648 4.86 47.82 8.47
C THR E 1648 3.64 47.97 9.37
N ARG E 1649 2.46 48.25 8.79
CA ARG E 1649 1.24 48.36 9.58
C ARG E 1649 0.48 47.05 9.64
N LYS E 1650 0.61 46.21 8.63
CA LYS E 1650 0.05 44.87 8.63
C LYS E 1650 1.03 43.91 7.99
N VAL E 1651 1.12 42.71 8.57
CA VAL E 1651 2.08 41.69 8.12
C VAL E 1651 1.32 40.68 7.28
N PRO E 1652 1.67 40.50 6.01
CA PRO E 1652 0.97 39.50 5.19
C PRO E 1652 1.42 38.08 5.53
N ILE E 1653 0.51 37.29 6.10
CA ILE E 1653 0.82 35.94 6.56
C ILE E 1653 0.00 34.95 5.75
N ASN E 1654 0.69 34.00 5.12
CA ASN E 1654 0.02 32.99 4.31
C ASN E 1654 0.58 31.60 4.60
#